data_6N07
#
_entry.id   6N07
#
loop_
_entity.id
_entity.type
_entity.pdbx_description
1 polymer 'Microcompartments protein'
2 polymer 'Microcompartments protein'
#
loop_
_entity_poly.entity_id
_entity_poly.type
_entity_poly.pdbx_seq_one_letter_code
_entity_poly.pdbx_strand_id
1 'polypeptide(L)'
;MSITLRTYIFLDALQPQLATFIGKTARGFLPVPGQASLWVEIAPGIAINRVTDAALKATKVQPAVQVVERAYGLLEVHHF
DQGEVLAAGSTILDKLEVREEGRLKPQVMTHQIIRAVEAYQTQIINRNSQGMMILPGESLFILETQPAGYAVLAANEAEK
AANVHLVNVTPYGAFGRLYLAGSEAEIDAAAEAAEAAIRSVSGVA
;
A,B,C,D,E,F
2 'polypeptide(L)'
;MADALGMIEVRGFVGMVEAADAMVKAAKVELIGYEKTGGGYVTAVVRGDVAAVKAATEAGQRAAERVGEVVAVHVIPRPH
VNVDAALPLGRTPGMDKSA
;
GA,GB,GC,GD,GE,GF,HA,HB,HC,HD,HE,HF,IA,IB,IC,ID,IE,IF,JA,JB,JC,JD,JE,JF,KA,KB,KC,KD,KE,KF,LA,LB,LC,LD,LE,LF
#
# COMPACT_ATOMS: atom_id res chain seq x y z
N THR A 4 0.80 9.55 20.82
CA THR A 4 1.83 8.54 20.97
C THR A 4 3.04 8.83 20.09
N LEU A 5 4.20 9.00 20.71
CA LEU A 5 5.45 9.28 20.01
C LEU A 5 6.16 7.97 19.74
N ARG A 6 6.26 7.60 18.47
CA ARG A 6 7.00 6.40 18.11
C ARG A 6 8.48 6.67 17.91
N THR A 7 8.83 7.77 17.26
CA THR A 7 10.21 8.06 16.91
C THR A 7 10.47 9.54 16.98
N TYR A 8 11.44 9.95 17.79
CA TYR A 8 11.93 11.32 17.82
C TYR A 8 13.44 11.25 17.72
N ILE A 9 13.99 11.48 16.53
CA ILE A 9 15.43 11.37 16.38
C ILE A 9 15.96 12.65 15.74
N PHE A 10 17.17 13.01 16.14
CA PHE A 10 17.82 14.26 15.75
C PHE A 10 19.13 13.91 15.05
N LEU A 11 19.12 13.97 13.72
CA LEU A 11 20.32 13.71 12.93
C LEU A 11 21.12 15.00 12.89
N ASP A 12 22.16 15.09 13.70
CA ASP A 12 22.87 16.35 13.87
C ASP A 12 23.72 16.75 12.68
N ALA A 13 23.95 15.86 11.71
CA ALA A 13 24.61 16.22 10.47
C ALA A 13 24.19 15.24 9.39
N LEU A 14 23.66 15.74 8.28
CA LEU A 14 23.32 14.90 7.14
C LEU A 14 24.58 14.65 6.31
N GLN A 15 25.10 13.44 6.39
CA GLN A 15 26.22 13.05 5.55
C GLN A 15 25.75 12.94 4.10
N PRO A 16 26.62 13.24 3.12
CA PRO A 16 26.13 13.66 1.79
C PRO A 16 25.35 12.63 0.99
N GLN A 17 25.64 11.34 1.09
CA GLN A 17 24.83 10.38 0.35
C GLN A 17 23.44 10.25 0.95
N LEU A 18 23.33 10.40 2.28
CA LEU A 18 22.01 10.35 2.89
C LEU A 18 21.18 11.57 2.55
N ALA A 19 21.78 12.77 2.63
CA ALA A 19 21.07 13.99 2.25
C ALA A 19 20.73 13.98 0.77
N THR A 20 21.59 13.39 -0.05
CA THR A 20 21.31 13.28 -1.47
C THR A 20 20.18 12.30 -1.75
N PHE A 21 20.14 11.17 -1.02
CA PHE A 21 19.04 10.22 -1.19
C PHE A 21 17.73 10.78 -0.68
N ILE A 22 17.77 11.54 0.42
CA ILE A 22 16.58 12.21 0.91
C ILE A 22 16.09 13.22 -0.11
N GLY A 23 17.00 14.04 -0.66
CA GLY A 23 16.66 14.95 -1.72
C GLY A 23 16.30 14.30 -3.05
N LYS A 24 16.53 13.00 -3.19
CA LYS A 24 16.10 12.32 -4.41
C LYS A 24 14.65 11.85 -4.29
N THR A 25 14.19 11.50 -3.10
CA THR A 25 12.80 11.13 -2.88
C THR A 25 12.08 12.08 -1.92
N ALA A 26 12.48 13.34 -1.91
CA ALA A 26 11.86 14.31 -1.03
C ALA A 26 10.50 14.73 -1.59
N ARG A 27 9.48 14.64 -0.75
CA ARG A 27 8.20 15.21 -1.11
C ARG A 27 8.27 16.73 -1.10
N GLY A 28 8.57 17.31 0.06
CA GLY A 28 8.60 18.75 0.16
C GLY A 28 9.91 19.37 -0.26
N PHE A 29 10.38 20.33 0.54
CA PHE A 29 11.61 21.06 0.23
C PHE A 29 12.81 20.17 0.50
N LEU A 30 13.64 19.95 -0.49
CA LEU A 30 14.70 18.98 -0.34
C LEU A 30 15.95 19.59 0.29
N PRO A 31 16.71 18.82 1.08
CA PRO A 31 17.85 19.37 1.81
C PRO A 31 19.17 19.24 1.06
N VAL A 32 20.18 19.92 1.61
CA VAL A 32 21.56 19.84 1.14
C VAL A 32 22.39 19.25 2.27
N PRO A 33 23.54 18.65 1.97
CA PRO A 33 24.35 18.05 3.04
C PRO A 33 24.98 19.10 3.94
N GLY A 34 25.38 18.63 5.13
CA GLY A 34 25.86 19.49 6.17
C GLY A 34 24.79 20.04 7.08
N GLN A 35 23.52 19.81 6.75
CA GLN A 35 22.41 20.35 7.53
C GLN A 35 22.03 19.42 8.67
N ALA A 36 21.41 20.00 9.69
CA ALA A 36 20.83 19.23 10.77
C ALA A 36 19.40 18.87 10.41
N SER A 37 18.99 17.67 10.82
CA SER A 37 17.70 17.12 10.47
C SER A 37 17.03 16.55 11.70
N LEU A 38 15.71 16.41 11.62
CA LEU A 38 14.94 15.86 12.72
C LEU A 38 13.76 15.09 12.17
N TRP A 39 13.57 13.87 12.66
CA TRP A 39 12.55 12.96 12.20
C TRP A 39 11.61 12.63 13.33
N VAL A 40 10.32 12.82 13.10
CA VAL A 40 9.27 12.54 14.07
C VAL A 40 8.26 11.59 13.44
N GLU A 41 8.04 10.44 14.07
CA GLU A 41 7.03 9.48 13.67
C GLU A 41 6.07 9.29 14.84
N ILE A 42 4.78 9.50 14.59
CA ILE A 42 3.77 9.46 15.63
C ILE A 42 2.63 8.53 15.21
N ALA A 43 1.79 8.21 16.20
CA ALA A 43 0.55 7.49 15.98
C ALA A 43 -0.54 8.22 16.76
N PRO A 44 -1.66 8.62 16.11
CA PRO A 44 -2.04 8.41 14.71
C PRO A 44 -1.37 9.35 13.73
N GLY A 45 -1.80 9.30 12.47
CA GLY A 45 -1.04 9.91 11.40
C GLY A 45 -1.44 11.32 11.01
N ILE A 46 -2.74 11.62 10.93
CA ILE A 46 -3.15 12.90 10.40
C ILE A 46 -2.88 14.04 11.37
N ALA A 47 -2.66 13.73 12.65
CA ALA A 47 -2.35 14.73 13.66
C ALA A 47 -1.01 15.41 13.44
N ILE A 48 -0.16 14.88 12.58
CA ILE A 48 1.09 15.56 12.28
C ILE A 48 0.84 16.76 11.37
N ASN A 49 -0.29 16.79 10.64
CA ASN A 49 -0.59 17.93 9.76
C ASN A 49 -0.75 19.22 10.53
N ARG A 50 -1.21 19.13 11.78
CA ARG A 50 -1.19 20.28 12.67
C ARG A 50 0.22 20.52 13.17
N VAL A 51 0.89 19.45 13.63
CA VAL A 51 2.13 19.55 14.40
C VAL A 51 3.26 20.12 13.54
N THR A 52 3.35 19.64 12.29
CA THR A 52 4.26 20.20 11.27
C THR A 52 4.15 21.71 11.19
N ASP A 53 2.91 22.20 11.11
CA ASP A 53 2.67 23.63 10.98
C ASP A 53 3.19 24.38 12.20
N ALA A 54 3.08 23.75 13.38
CA ALA A 54 3.58 24.35 14.62
C ALA A 54 5.07 24.59 14.53
N ALA A 55 5.82 23.59 14.03
CA ALA A 55 7.26 23.77 13.84
C ALA A 55 7.52 24.82 12.79
N LEU A 56 6.70 24.85 11.75
CA LEU A 56 6.85 25.85 10.71
C LEU A 56 6.43 27.23 11.17
N LYS A 57 5.67 27.33 12.26
CA LYS A 57 5.46 28.65 12.82
C LYS A 57 6.59 29.06 13.74
N ALA A 58 7.29 28.10 14.34
CA ALA A 58 8.22 28.46 15.39
C ALA A 58 9.58 28.85 14.85
N THR A 59 10.16 28.02 14.00
CA THR A 59 11.57 28.11 13.64
C THR A 59 11.72 28.37 12.15
N LYS A 60 12.97 28.52 11.73
CA LYS A 60 13.31 28.72 10.33
C LYS A 60 13.42 27.41 9.55
N VAL A 61 13.03 26.29 10.14
CA VAL A 61 13.31 25.00 9.51
C VAL A 61 12.40 24.80 8.31
N GLN A 62 12.82 23.87 7.45
CA GLN A 62 12.14 23.61 6.19
C GLN A 62 11.97 22.10 6.07
N PRO A 63 10.78 21.62 5.76
CA PRO A 63 10.52 20.17 5.76
C PRO A 63 10.77 19.51 4.42
N ALA A 64 11.07 18.22 4.47
CA ALA A 64 11.21 17.42 3.25
C ALA A 64 10.17 16.32 3.14
N VAL A 65 10.07 15.44 4.12
CA VAL A 65 9.24 14.25 4.02
C VAL A 65 8.19 14.33 5.10
N GLN A 66 6.92 14.42 4.69
CA GLN A 66 5.80 14.50 5.61
C GLN A 66 4.76 13.51 5.10
N VAL A 67 4.69 12.34 5.75
CA VAL A 67 3.91 11.21 5.29
C VAL A 67 2.82 10.89 6.30
N VAL A 68 1.57 10.89 5.85
CA VAL A 68 0.42 10.55 6.68
C VAL A 68 -0.14 9.21 6.21
N GLU A 69 -0.25 8.26 7.15
CA GLU A 69 -0.88 6.97 6.84
C GLU A 69 -1.76 6.50 8.00
N ARG A 70 -2.28 7.44 8.80
CA ARG A 70 -3.24 7.35 9.92
C ARG A 70 -2.76 6.51 11.10
N ALA A 71 -1.62 5.85 10.96
CA ALA A 71 -1.03 5.07 12.03
C ALA A 71 0.45 5.32 12.16
N TYR A 72 1.09 5.86 11.12
CA TYR A 72 2.50 6.24 11.16
C TYR A 72 2.60 7.59 10.45
N GLY A 73 2.42 8.67 11.21
CA GLY A 73 2.79 9.97 10.70
C GLY A 73 4.29 10.10 10.57
N LEU A 74 4.74 11.09 9.82
CA LEU A 74 6.17 11.30 9.69
C LEU A 74 6.44 12.75 9.36
N LEU A 75 7.56 13.26 9.87
CA LEU A 75 7.96 14.62 9.57
C LEU A 75 9.48 14.73 9.66
N GLU A 76 10.11 15.08 8.56
CA GLU A 76 11.49 15.51 8.55
C GLU A 76 11.51 17.02 8.49
N VAL A 77 12.40 17.62 9.28
CA VAL A 77 12.72 19.04 9.14
C VAL A 77 14.24 19.17 9.10
N HIS A 78 14.72 20.24 8.49
CA HIS A 78 16.17 20.41 8.35
C HIS A 78 16.53 21.88 8.21
N HIS A 79 17.67 22.25 8.79
CA HIS A 79 18.21 23.59 8.65
C HIS A 79 19.70 23.56 8.99
N PHE A 80 20.41 24.57 8.50
CA PHE A 80 21.82 24.82 8.84
C PHE A 80 22.04 24.89 10.35
N ASP A 81 21.36 25.81 11.01
CA ASP A 81 21.54 26.00 12.45
C ASP A 81 20.91 24.84 13.20
N GLN A 82 21.70 24.20 14.06
CA GLN A 82 21.20 23.07 14.83
C GLN A 82 20.27 23.53 15.94
N GLY A 83 20.40 24.77 16.39
CA GLY A 83 19.48 25.30 17.37
C GLY A 83 18.08 25.49 16.83
N GLU A 84 17.97 25.86 15.54
CA GLU A 84 16.67 25.94 14.89
C GLU A 84 15.97 24.60 14.86
N VAL A 85 16.72 23.55 14.55
CA VAL A 85 16.12 22.22 14.41
C VAL A 85 15.79 21.64 15.78
N LEU A 86 16.62 21.92 16.79
CA LEU A 86 16.30 21.50 18.15
C LEU A 86 15.08 22.24 18.70
N ALA A 87 14.94 23.52 18.36
CA ALA A 87 13.76 24.25 18.80
C ALA A 87 12.51 23.82 18.05
N ALA A 88 12.66 23.41 16.79
CA ALA A 88 11.55 22.84 16.05
C ALA A 88 11.11 21.52 16.67
N GLY A 89 12.07 20.70 17.10
CA GLY A 89 11.73 19.48 17.79
C GLY A 89 11.08 19.72 19.13
N SER A 90 11.51 20.77 19.84
CA SER A 90 10.86 21.13 21.10
C SER A 90 9.44 21.61 20.87
N THR A 91 9.21 22.35 19.78
CA THR A 91 7.86 22.78 19.43
C THR A 91 6.97 21.59 19.09
N ILE A 92 7.51 20.62 18.36
CA ILE A 92 6.77 19.40 18.03
C ILE A 92 6.42 18.61 19.30
N LEU A 93 7.39 18.45 20.21
CA LEU A 93 7.13 17.70 21.43
C LEU A 93 6.21 18.45 22.39
N ASP A 94 6.18 19.78 22.32
CA ASP A 94 5.24 20.54 23.15
C ASP A 94 3.84 20.53 22.57
N LYS A 95 3.70 20.47 21.25
CA LYS A 95 2.36 20.43 20.66
C LYS A 95 1.72 19.06 20.92
N LEU A 96 2.52 18.00 20.93
CA LEU A 96 2.03 16.67 21.23
C LEU A 96 1.84 16.44 22.72
N GLU A 97 2.38 17.34 23.56
CA GLU A 97 2.40 17.21 25.03
C GLU A 97 3.06 15.90 25.47
N VAL A 98 4.12 15.51 24.77
CA VAL A 98 4.91 14.36 25.17
C VAL A 98 6.31 14.84 25.47
N ARG A 99 7.19 13.93 25.86
CA ARG A 99 8.52 14.30 26.32
C ARG A 99 9.58 13.69 25.40
N GLU A 100 10.85 13.86 25.80
CA GLU A 100 11.96 13.31 25.03
C GLU A 100 11.97 11.79 25.10
N GLU A 101 11.77 11.23 26.29
CA GLU A 101 11.87 9.80 26.52
C GLU A 101 10.58 9.06 26.20
N GLY A 102 9.56 9.74 25.69
CA GLY A 102 8.35 9.05 25.28
C GLY A 102 8.47 8.28 23.99
N ARG A 103 9.57 8.44 23.27
CA ARG A 103 9.80 7.71 22.04
C ARG A 103 10.07 6.24 22.33
N LEU A 104 9.81 5.40 21.33
CA LEU A 104 10.06 3.97 21.46
C LEU A 104 11.53 3.69 21.23
N LYS A 105 12.10 2.85 22.09
CA LYS A 105 13.49 2.44 21.91
C LYS A 105 13.60 1.51 20.71
N PRO A 106 14.43 1.83 19.73
CA PRO A 106 14.47 1.03 18.50
C PRO A 106 15.16 -0.30 18.71
N GLN A 107 14.56 -1.35 18.15
CA GLN A 107 15.15 -2.67 18.16
C GLN A 107 15.62 -3.04 16.76
N VAL A 108 16.80 -3.65 16.69
CA VAL A 108 17.30 -4.21 15.44
C VAL A 108 16.70 -5.59 15.27
N MET A 109 16.01 -5.81 14.16
CA MET A 109 15.26 -7.04 13.99
C MET A 109 15.82 -7.96 12.91
N THR A 110 16.64 -7.44 12.01
CA THR A 110 17.36 -8.26 11.04
C THR A 110 18.57 -7.48 10.58
N HIS A 111 19.75 -8.08 10.65
CA HIS A 111 20.94 -7.50 10.05
C HIS A 111 21.73 -8.61 9.35
N GLN A 112 21.70 -8.58 8.02
CA GLN A 112 22.30 -9.63 7.22
C GLN A 112 23.29 -9.00 6.27
N ILE A 113 24.50 -9.56 6.22
CA ILE A 113 25.54 -9.10 5.32
C ILE A 113 25.71 -10.17 4.25
N ILE A 114 25.42 -9.82 3.01
CA ILE A 114 25.45 -10.77 1.91
C ILE A 114 26.72 -10.49 1.12
N ARG A 115 27.77 -11.28 1.37
CA ARG A 115 29.05 -11.04 0.74
C ARG A 115 29.01 -11.45 -0.73
N ALA A 116 29.45 -10.55 -1.60
CA ALA A 116 29.61 -10.76 -3.04
C ALA A 116 28.29 -11.18 -3.71
N VAL A 117 27.36 -10.22 -3.70
CA VAL A 117 26.06 -10.42 -4.35
C VAL A 117 26.26 -10.56 -5.85
N GLU A 118 25.68 -11.62 -6.41
CA GLU A 118 25.81 -11.85 -7.84
C GLU A 118 24.84 -10.96 -8.61
N ALA A 119 24.97 -10.99 -9.94
CA ALA A 119 24.45 -9.91 -10.79
C ALA A 119 22.93 -9.91 -10.84
N TYR A 120 22.33 -11.11 -10.93
CA TYR A 120 20.89 -11.25 -11.11
C TYR A 120 20.13 -10.68 -9.92
N GLN A 121 20.70 -10.79 -8.72
CA GLN A 121 20.08 -10.20 -7.55
C GLN A 121 20.24 -8.68 -7.57
N THR A 122 21.37 -8.19 -8.08
CA THR A 122 21.60 -6.75 -8.12
C THR A 122 20.65 -6.06 -9.07
N GLN A 123 20.20 -6.75 -10.12
CA GLN A 123 19.21 -6.17 -11.02
C GLN A 123 17.89 -5.92 -10.30
N ILE A 124 17.48 -6.85 -9.45
CA ILE A 124 16.24 -6.68 -8.70
C ILE A 124 16.42 -5.63 -7.61
N ILE A 125 17.60 -5.57 -7.01
CA ILE A 125 17.83 -4.64 -5.91
C ILE A 125 17.87 -3.20 -6.43
N ASN A 126 18.58 -2.95 -7.52
CA ASN A 126 18.61 -1.56 -7.99
C ASN A 126 17.39 -1.17 -8.79
N ARG A 127 16.67 -2.14 -9.40
CA ARG A 127 15.44 -1.77 -10.10
C ARG A 127 14.35 -1.34 -9.12
N ASN A 128 14.41 -1.78 -7.87
CA ASN A 128 13.42 -1.42 -6.86
C ASN A 128 14.06 -0.54 -5.78
N SER A 129 14.91 0.40 -6.18
CA SER A 129 15.53 1.32 -5.23
C SER A 129 15.87 2.61 -5.97
N GLN A 130 16.31 3.61 -5.20
CA GLN A 130 16.57 4.94 -5.74
C GLN A 130 18.00 5.43 -5.56
N GLY A 131 18.74 4.96 -4.57
CA GLY A 131 20.07 5.48 -4.28
C GLY A 131 21.14 5.04 -5.25
N MET A 132 22.37 4.93 -4.73
CA MET A 132 23.48 4.50 -5.57
C MET A 132 23.33 3.04 -5.95
N MET A 133 23.81 2.71 -7.15
CA MET A 133 23.66 1.38 -7.68
C MET A 133 24.55 0.40 -6.95
N ILE A 134 24.11 -0.84 -6.89
CA ILE A 134 24.92 -1.92 -6.33
C ILE A 134 25.61 -2.62 -7.48
N LEU A 135 26.84 -2.90 -7.30
CA LEU A 135 27.53 -3.57 -8.38
C LEU A 135 27.64 -5.06 -8.10
N PRO A 136 27.67 -5.90 -9.13
CA PRO A 136 27.79 -7.34 -8.90
C PRO A 136 29.13 -7.70 -8.29
N GLY A 137 29.09 -8.41 -7.17
CA GLY A 137 30.27 -8.75 -6.42
C GLY A 137 30.50 -7.92 -5.18
N GLU A 138 29.67 -6.91 -4.95
CA GLU A 138 29.82 -6.08 -3.76
C GLU A 138 28.94 -6.61 -2.63
N SER A 139 29.41 -6.41 -1.41
CA SER A 139 28.68 -6.82 -0.23
C SER A 139 27.47 -5.93 0.00
N LEU A 140 26.41 -6.54 0.52
CA LEU A 140 25.13 -5.87 0.78
C LEU A 140 24.78 -6.04 2.25
N PHE A 141 24.56 -4.93 2.93
CA PHE A 141 24.05 -4.93 4.30
C PHE A 141 22.59 -4.52 4.28
N ILE A 142 21.73 -5.39 4.79
CA ILE A 142 20.31 -5.09 4.92
C ILE A 142 19.98 -4.97 6.39
N LEU A 143 18.97 -4.16 6.69
CA LEU A 143 18.67 -3.85 8.08
C LEU A 143 17.19 -3.52 8.24
N GLU A 144 16.57 -4.09 9.26
CA GLU A 144 15.26 -3.67 9.73
C GLU A 144 15.36 -3.14 11.14
N THR A 145 14.82 -1.95 11.35
CA THR A 145 14.70 -1.36 12.68
C THR A 145 13.24 -1.11 13.01
N GLN A 146 12.86 -1.36 14.25
CA GLN A 146 11.53 -0.98 14.69
C GLN A 146 11.64 0.10 15.76
N PRO A 147 10.93 1.23 15.64
CA PRO A 147 10.02 1.67 14.58
C PRO A 147 10.74 2.09 13.31
N ALA A 148 9.97 2.51 12.31
CA ALA A 148 10.54 2.76 10.99
C ALA A 148 11.37 4.05 10.92
N GLY A 149 11.12 5.00 11.83
CA GLY A 149 11.76 6.30 11.72
C GLY A 149 13.22 6.33 12.09
N TYR A 150 13.72 5.28 12.75
CA TYR A 150 15.11 5.27 13.19
C TYR A 150 16.07 4.74 12.15
N ALA A 151 15.59 4.38 10.96
CA ALA A 151 16.47 3.84 9.94
C ALA A 151 17.36 4.91 9.33
N VAL A 152 16.90 6.17 9.32
CA VAL A 152 17.73 7.24 8.78
C VAL A 152 18.89 7.55 9.71
N LEU A 153 18.74 7.28 11.02
CA LEU A 153 19.85 7.42 11.95
C LEU A 153 20.94 6.38 11.65
N ALA A 154 20.54 5.14 11.39
CA ALA A 154 21.50 4.11 11.05
C ALA A 154 22.16 4.39 9.70
N ALA A 155 21.41 4.95 8.75
CA ALA A 155 21.99 5.32 7.47
C ALA A 155 22.98 6.46 7.61
N ASN A 156 22.65 7.45 8.45
CA ASN A 156 23.55 8.58 8.70
C ASN A 156 24.84 8.12 9.36
N GLU A 157 24.73 7.29 10.38
CA GLU A 157 25.92 6.85 11.09
C GLU A 157 26.74 5.85 10.27
N ALA A 158 26.09 5.04 9.44
CA ALA A 158 26.82 4.10 8.60
C ALA A 158 27.57 4.81 7.49
N GLU A 159 27.00 5.88 6.94
CA GLU A 159 27.75 6.69 6.00
C GLU A 159 28.86 7.46 6.72
N LYS A 160 28.58 7.94 7.93
CA LYS A 160 29.53 8.75 8.68
C LYS A 160 30.76 7.95 9.08
N ALA A 161 30.60 6.65 9.33
CA ALA A 161 31.73 5.85 9.75
C ALA A 161 32.51 5.26 8.58
N ALA A 162 31.82 4.61 7.65
CA ALA A 162 32.48 3.82 6.62
C ALA A 162 32.32 4.45 5.25
N ASN A 163 33.06 3.89 4.30
CA ASN A 163 33.08 4.41 2.92
C ASN A 163 32.19 3.53 2.03
N VAL A 164 30.90 3.57 2.31
CA VAL A 164 29.94 2.69 1.67
C VAL A 164 29.05 3.48 0.73
N HIS A 165 28.25 2.75 -0.05
CA HIS A 165 27.25 3.33 -0.95
C HIS A 165 25.87 3.08 -0.38
N LEU A 166 25.12 4.15 -0.15
CA LEU A 166 23.74 4.03 0.32
C LEU A 166 22.85 3.58 -0.82
N VAL A 167 22.42 2.33 -0.79
CA VAL A 167 21.50 1.85 -1.82
C VAL A 167 20.09 2.35 -1.54
N ASN A 168 19.60 2.13 -0.32
CA ASN A 168 18.22 2.47 -0.04
C ASN A 168 18.04 2.64 1.46
N VAL A 169 17.11 3.53 1.84
CA VAL A 169 16.60 3.55 3.21
C VAL A 169 15.13 3.93 3.15
N THR A 170 14.29 3.07 3.74
CA THR A 170 12.86 3.28 3.82
C THR A 170 12.51 3.61 5.26
N PRO A 171 12.23 4.88 5.59
CA PRO A 171 11.93 5.26 6.97
C PRO A 171 10.45 5.21 7.35
N TYR A 172 9.58 4.70 6.49
CA TYR A 172 8.15 4.62 6.79
C TYR A 172 7.70 3.17 6.84
N GLY A 173 6.41 2.98 7.02
CA GLY A 173 5.86 1.65 7.15
C GLY A 173 6.01 1.09 8.55
N ALA A 174 5.86 -0.23 8.64
CA ALA A 174 5.98 -0.89 9.93
C ALA A 174 7.44 -0.97 10.37
N PHE A 175 8.32 -1.44 9.49
CA PHE A 175 9.73 -1.59 9.79
C PHE A 175 10.55 -0.69 8.88
N GLY A 176 11.64 -0.16 9.43
CA GLY A 176 12.54 0.68 8.67
C GLY A 176 13.60 -0.16 7.98
N ARG A 177 13.78 0.09 6.69
CA ARG A 177 14.66 -0.70 5.84
C ARG A 177 15.93 0.06 5.55
N LEU A 178 17.04 -0.66 5.47
CA LEU A 178 18.33 -0.08 5.10
C LEU A 178 19.10 -1.06 4.22
N TYR A 179 19.44 -0.61 3.01
CA TYR A 179 20.29 -1.36 2.09
C TYR A 179 21.55 -0.55 1.84
N LEU A 180 22.71 -1.14 2.14
CA LEU A 180 24.02 -0.56 1.90
C LEU A 180 24.84 -1.51 1.06
N ALA A 181 25.81 -0.97 0.31
CA ALA A 181 26.65 -1.81 -0.54
C ALA A 181 28.06 -1.27 -0.59
N GLY A 182 29.01 -2.20 -0.69
CA GLY A 182 30.40 -1.82 -0.82
C GLY A 182 31.30 -3.01 -0.54
N SER A 183 32.59 -2.71 -0.44
CA SER A 183 33.58 -3.74 -0.17
C SER A 183 33.45 -4.26 1.25
N GLU A 184 34.08 -5.41 1.51
CA GLU A 184 33.70 -6.27 2.63
C GLU A 184 34.02 -5.65 3.98
N ALA A 185 35.23 -5.10 4.13
CA ALA A 185 35.61 -4.51 5.41
C ALA A 185 34.84 -3.23 5.70
N GLU A 186 34.52 -2.47 4.65
CA GLU A 186 33.76 -1.25 4.82
C GLU A 186 32.31 -1.56 5.17
N ILE A 187 31.76 -2.64 4.60
CA ILE A 187 30.41 -3.08 5.00
C ILE A 187 30.42 -3.61 6.42
N ASP A 188 31.50 -4.26 6.84
CA ASP A 188 31.61 -4.71 8.23
C ASP A 188 31.65 -3.52 9.19
N ALA A 189 32.42 -2.49 8.86
CA ALA A 189 32.49 -1.30 9.70
C ALA A 189 31.17 -0.54 9.72
N ALA A 190 30.47 -0.49 8.57
CA ALA A 190 29.17 0.17 8.52
C ALA A 190 28.11 -0.61 9.30
N ALA A 191 28.19 -1.94 9.27
CA ALA A 191 27.28 -2.76 10.05
C ALA A 191 27.50 -2.57 11.54
N GLU A 192 28.78 -2.53 11.95
CA GLU A 192 29.12 -2.25 13.35
C GLU A 192 28.62 -0.89 13.77
N ALA A 193 28.74 0.11 12.89
CA ALA A 193 28.30 1.47 13.19
C ALA A 193 26.78 1.55 13.31
N ALA A 194 26.06 0.88 12.42
CA ALA A 194 24.59 0.94 12.48
C ALA A 194 24.06 0.20 13.70
N GLU A 195 24.62 -0.97 14.02
CA GLU A 195 24.18 -1.70 15.22
C GLU A 195 24.54 -0.94 16.48
N ALA A 196 25.70 -0.28 16.51
CA ALA A 196 26.05 0.51 17.68
C ALA A 196 25.27 1.81 17.77
N ALA A 197 24.74 2.30 16.64
CA ALA A 197 24.00 3.54 16.64
C ALA A 197 22.53 3.35 16.97
N ILE A 198 21.94 2.21 16.62
CA ILE A 198 20.53 2.01 16.92
C ILE A 198 20.32 1.72 18.40
N ARG A 199 21.09 0.81 18.97
CA ARG A 199 20.86 0.42 20.36
C ARG A 199 21.50 1.38 21.36
N SER A 200 22.06 2.50 20.91
CA SER A 200 22.48 3.57 21.80
C SER A 200 21.43 4.68 21.88
N VAL A 201 20.16 4.34 21.70
CA VAL A 201 19.05 5.27 21.77
C VAL A 201 18.18 4.87 22.95
N SER A 202 17.89 5.83 23.84
CA SER A 202 17.08 5.58 25.02
C SER A 202 15.61 5.84 24.72
N GLY A 203 14.75 5.03 25.33
CA GLY A 203 13.32 5.21 25.13
C GLY A 203 12.54 4.09 25.78
N VAL A 204 11.23 4.13 25.56
CA VAL A 204 10.32 3.13 26.13
C VAL A 204 10.45 1.85 25.33
N ALA A 205 10.72 0.74 26.01
CA ALA A 205 10.85 -0.55 25.37
C ALA A 205 9.51 -1.09 24.91
N THR B 4 -21.05 -7.85 4.46
CA THR B 4 -21.04 -6.73 5.39
C THR B 4 -21.00 -5.41 4.63
N LEU B 5 -21.99 -4.56 4.91
CA LEU B 5 -22.09 -3.24 4.28
C LEU B 5 -21.47 -2.21 5.21
N ARG B 6 -20.39 -1.58 4.76
CA ARG B 6 -19.77 -0.52 5.55
C ARG B 6 -20.39 0.84 5.23
N THR B 7 -20.35 1.24 3.96
CA THR B 7 -20.80 2.55 3.54
C THR B 7 -21.79 2.43 2.41
N TYR B 8 -22.99 2.97 2.58
CA TYR B 8 -23.95 3.11 1.51
C TYR B 8 -24.41 4.56 1.54
N ILE B 9 -23.86 5.41 0.69
CA ILE B 9 -24.26 6.81 0.68
C ILE B 9 -24.70 7.20 -0.72
N PHE B 10 -25.72 8.04 -0.78
CA PHE B 10 -26.35 8.49 -2.01
C PHE B 10 -26.16 10.00 -2.11
N LEU B 11 -25.28 10.44 -3.00
CA LEU B 11 -25.05 11.85 -3.24
C LEU B 11 -26.09 12.30 -4.25
N ASP B 12 -27.10 13.04 -3.78
CA ASP B 12 -28.22 13.39 -4.64
C ASP B 12 -27.87 14.46 -5.67
N ALA B 13 -26.73 15.15 -5.53
CA ALA B 13 -26.22 16.04 -6.56
C ALA B 13 -24.72 16.18 -6.37
N LEU B 14 -23.97 16.06 -7.47
CA LEU B 14 -22.53 16.26 -7.43
C LEU B 14 -22.23 17.73 -7.68
N GLN B 15 -21.75 18.41 -6.66
CA GLN B 15 -21.29 19.79 -6.79
C GLN B 15 -20.01 19.81 -7.65
N PRO B 16 -19.73 20.93 -8.36
CA PRO B 16 -18.77 20.87 -9.48
C PRO B 16 -17.33 20.53 -9.13
N GLN B 17 -16.78 21.02 -8.02
CA GLN B 17 -15.41 20.64 -7.70
C GLN B 17 -15.31 19.19 -7.28
N LEU B 18 -16.37 18.64 -6.67
CA LEU B 18 -16.35 17.23 -6.31
C LEU B 18 -16.43 16.34 -7.54
N ALA B 19 -17.36 16.65 -8.46
CA ALA B 19 -17.48 15.87 -9.69
C ALA B 19 -16.24 16.01 -10.55
N THR B 20 -15.64 17.20 -10.54
CA THR B 20 -14.40 17.42 -11.26
C THR B 20 -13.23 16.64 -10.67
N PHE B 21 -13.14 16.61 -9.33
CA PHE B 21 -12.07 15.86 -8.68
C PHE B 21 -12.25 14.37 -8.85
N ILE B 22 -13.50 13.89 -8.83
CA ILE B 22 -13.76 12.48 -9.07
C ILE B 22 -13.40 12.11 -10.49
N GLY B 23 -13.77 12.97 -11.46
CA GLY B 23 -13.37 12.76 -12.84
C GLY B 23 -11.89 12.96 -13.09
N LYS B 24 -11.16 13.54 -12.15
CA LYS B 24 -9.73 13.66 -12.32
C LYS B 24 -9.01 12.37 -11.95
N THR B 25 -9.49 11.64 -10.96
CA THR B 25 -8.87 10.39 -10.52
C THR B 25 -9.83 9.21 -10.64
N ALA B 26 -10.51 9.09 -11.77
CA ALA B 26 -11.48 8.02 -11.98
C ALA B 26 -10.84 6.90 -12.79
N ARG B 27 -10.82 5.70 -12.22
CA ARG B 27 -10.49 4.49 -12.98
C ARG B 27 -11.79 3.94 -13.57
N GLY B 28 -12.32 4.67 -14.54
CA GLY B 28 -13.60 4.31 -15.12
C GLY B 28 -14.16 5.44 -15.96
N PHE B 29 -15.48 5.49 -16.05
CA PHE B 29 -16.10 6.57 -16.80
C PHE B 29 -16.18 7.82 -15.94
N LEU B 30 -16.03 8.96 -16.57
CA LEU B 30 -15.92 10.21 -15.83
C LEU B 30 -17.28 10.85 -15.61
N PRO B 31 -17.58 11.33 -14.41
CA PRO B 31 -18.84 12.05 -14.18
C PRO B 31 -18.73 13.53 -14.52
N VAL B 32 -19.89 14.15 -14.68
CA VAL B 32 -19.99 15.59 -14.91
C VAL B 32 -20.79 16.18 -13.76
N PRO B 33 -20.63 17.48 -13.49
CA PRO B 33 -21.41 18.10 -12.41
C PRO B 33 -22.90 18.16 -12.70
N GLY B 34 -23.68 18.09 -11.64
CA GLY B 34 -25.12 18.04 -11.72
C GLY B 34 -25.70 16.65 -11.64
N GLN B 35 -24.89 15.62 -11.86
CA GLN B 35 -25.38 14.26 -11.83
C GLN B 35 -25.55 13.78 -10.40
N ALA B 36 -26.32 12.70 -10.26
CA ALA B 36 -26.42 12.00 -8.99
C ALA B 36 -25.20 11.10 -8.82
N SER B 37 -25.13 10.42 -7.68
CA SER B 37 -23.98 9.58 -7.37
C SER B 37 -24.35 8.59 -6.28
N LEU B 38 -23.70 7.43 -6.33
CA LEU B 38 -23.87 6.41 -5.32
C LEU B 38 -22.53 5.80 -4.97
N TRP B 39 -22.21 5.75 -3.67
CA TRP B 39 -20.97 5.17 -3.18
C TRP B 39 -21.29 4.01 -2.26
N VAL B 40 -20.73 2.85 -2.58
CA VAL B 40 -20.94 1.61 -1.82
C VAL B 40 -19.57 1.04 -1.48
N GLU B 41 -19.31 0.87 -0.18
CA GLU B 41 -18.08 0.28 0.33
C GLU B 41 -18.46 -0.91 1.21
N ILE B 42 -17.94 -2.08 0.88
CA ILE B 42 -18.34 -3.33 1.52
C ILE B 42 -17.10 -4.06 2.04
N ALA B 43 -17.37 -5.09 2.85
CA ALA B 43 -16.36 -6.02 3.33
C ALA B 43 -16.91 -7.43 3.16
N PRO B 44 -16.19 -8.34 2.47
CA PRO B 44 -14.87 -8.20 1.86
C PRO B 44 -14.90 -7.47 0.51
N GLY B 45 -13.77 -7.49 -0.19
CA GLY B 45 -13.61 -6.59 -1.32
C GLY B 45 -13.96 -7.13 -2.68
N ILE B 46 -13.64 -8.40 -2.97
CA ILE B 46 -13.74 -8.87 -4.34
C ILE B 46 -15.19 -9.12 -4.74
N ALA B 47 -16.10 -9.27 -3.77
CA ALA B 47 -17.50 -9.54 -4.08
C ALA B 47 -18.18 -8.40 -4.82
N ILE B 48 -17.65 -7.18 -4.70
CA ILE B 48 -18.19 -6.05 -5.44
C ILE B 48 -18.00 -6.21 -6.93
N ASN B 49 -17.03 -7.05 -7.38
CA ASN B 49 -16.90 -7.37 -8.79
C ASN B 49 -18.15 -8.05 -9.33
N ARG B 50 -18.85 -8.81 -8.49
CA ARG B 50 -20.16 -9.28 -8.91
C ARG B 50 -21.18 -8.15 -8.85
N VAL B 51 -21.15 -7.38 -7.75
CA VAL B 51 -22.25 -6.50 -7.38
C VAL B 51 -22.37 -5.35 -8.37
N THR B 52 -21.23 -4.75 -8.73
CA THR B 52 -21.12 -3.75 -9.79
C THR B 52 -21.83 -4.21 -11.05
N ASP B 53 -21.57 -5.45 -11.46
CA ASP B 53 -22.15 -5.99 -12.68
C ASP B 53 -23.67 -6.06 -12.57
N ALA B 54 -24.17 -6.40 -11.38
CA ALA B 54 -25.62 -6.43 -11.15
C ALA B 54 -26.23 -5.06 -11.36
N ALA B 55 -25.57 -4.01 -10.86
CA ALA B 55 -26.04 -2.65 -11.08
C ALA B 55 -25.97 -2.30 -12.55
N LEU B 56 -24.91 -2.76 -13.23
CA LEU B 56 -24.78 -2.48 -14.64
C LEU B 56 -25.75 -3.32 -15.47
N LYS B 57 -26.29 -4.40 -14.90
CA LYS B 57 -27.34 -5.09 -15.64
C LYS B 57 -28.71 -4.50 -15.35
N ALA B 58 -28.84 -3.66 -14.33
CA ALA B 58 -30.16 -3.23 -13.91
C ALA B 58 -30.55 -1.87 -14.47
N THR B 59 -29.65 -0.90 -14.40
CA THR B 59 -29.99 0.50 -14.58
C THR B 59 -29.10 1.14 -15.64
N LYS B 60 -29.40 2.39 -15.95
CA LYS B 60 -28.63 3.18 -16.90
C LYS B 60 -27.39 3.81 -16.29
N VAL B 61 -27.03 3.45 -15.06
CA VAL B 61 -25.97 4.13 -14.33
C VAL B 61 -24.63 3.80 -14.95
N GLN B 62 -23.61 4.51 -14.55
CA GLN B 62 -22.36 4.47 -15.27
C GLN B 62 -21.25 4.64 -14.26
N PRO B 63 -20.36 3.66 -14.10
CA PRO B 63 -19.46 3.66 -12.95
C PRO B 63 -18.19 4.47 -13.16
N ALA B 64 -17.66 4.98 -12.04
CA ALA B 64 -16.42 5.75 -12.08
C ALA B 64 -15.29 5.07 -11.32
N VAL B 65 -15.47 4.79 -10.04
CA VAL B 65 -14.39 4.30 -9.19
C VAL B 65 -14.83 2.96 -8.63
N GLN B 66 -14.00 1.94 -8.82
CA GLN B 66 -14.31 0.60 -8.33
C GLN B 66 -12.99 0.00 -7.85
N VAL B 67 -12.83 -0.05 -6.54
CA VAL B 67 -11.57 -0.42 -5.89
C VAL B 67 -11.77 -1.69 -5.09
N VAL B 68 -10.93 -2.69 -5.34
CA VAL B 68 -10.97 -3.97 -4.63
C VAL B 68 -9.68 -4.13 -3.83
N GLU B 69 -9.82 -4.33 -2.51
CA GLU B 69 -8.66 -4.54 -1.65
C GLU B 69 -8.92 -5.62 -0.60
N ARG B 70 -9.84 -6.56 -0.88
CA ARG B 70 -10.28 -7.74 -0.13
C ARG B 70 -10.81 -7.44 1.28
N ALA B 71 -10.80 -6.19 1.69
CA ALA B 71 -11.44 -5.77 2.92
C ALA B 71 -12.26 -4.51 2.73
N TYR B 72 -12.04 -3.78 1.64
CA TYR B 72 -12.80 -2.57 1.33
C TYR B 72 -13.06 -2.58 -0.17
N GLY B 73 -14.19 -3.16 -0.56
CA GLY B 73 -14.69 -2.91 -1.90
C GLY B 73 -15.15 -1.49 -2.05
N LEU B 74 -15.32 -1.04 -3.29
CA LEU B 74 -15.81 0.32 -3.49
C LEU B 74 -16.50 0.37 -4.84
N LEU B 75 -17.54 1.20 -4.93
CA LEU B 75 -18.25 1.38 -6.19
C LEU B 75 -18.95 2.73 -6.17
N GLU B 76 -18.60 3.60 -7.11
CA GLU B 76 -19.39 4.78 -7.41
C GLU B 76 -20.12 4.53 -8.72
N VAL B 77 -21.41 4.82 -8.75
CA VAL B 77 -22.17 4.84 -9.99
C VAL B 77 -22.91 6.17 -10.10
N HIS B 78 -22.91 6.75 -11.30
CA HIS B 78 -23.47 8.07 -11.50
C HIS B 78 -24.31 8.13 -12.77
N HIS B 79 -25.44 8.84 -12.70
CA HIS B 79 -26.28 9.11 -13.85
C HIS B 79 -27.16 10.31 -13.50
N PHE B 80 -27.65 11.00 -14.54
CA PHE B 80 -28.49 12.18 -14.36
C PHE B 80 -29.78 11.85 -13.63
N ASP B 81 -30.50 10.84 -14.11
CA ASP B 81 -31.76 10.45 -13.49
C ASP B 81 -31.50 9.81 -12.14
N GLN B 82 -32.00 10.44 -11.07
CA GLN B 82 -31.77 9.93 -9.73
C GLN B 82 -32.54 8.65 -9.44
N GLY B 83 -33.61 8.39 -10.20
CA GLY B 83 -34.30 7.12 -10.07
C GLY B 83 -33.44 5.96 -10.52
N GLU B 84 -32.63 6.17 -11.56
CA GLU B 84 -31.67 5.16 -12.01
C GLU B 84 -30.67 4.83 -10.90
N VAL B 85 -30.19 5.86 -10.22
CA VAL B 85 -29.18 5.65 -9.19
C VAL B 85 -29.77 5.00 -7.95
N LEU B 86 -31.01 5.37 -7.61
CA LEU B 86 -31.67 4.72 -6.47
C LEU B 86 -32.03 3.27 -6.78
N ALA B 87 -32.40 2.98 -8.04
CA ALA B 87 -32.67 1.60 -8.39
C ALA B 87 -31.40 0.77 -8.47
N ALA B 88 -30.29 1.39 -8.86
CA ALA B 88 -28.99 0.73 -8.79
C ALA B 88 -28.61 0.46 -7.34
N GLY B 89 -28.98 1.36 -6.43
CA GLY B 89 -28.75 1.11 -5.02
C GLY B 89 -29.59 -0.03 -4.48
N SER B 90 -30.85 -0.13 -4.91
CA SER B 90 -31.69 -1.25 -4.53
C SER B 90 -31.16 -2.56 -5.10
N THR B 91 -30.60 -2.52 -6.31
CA THR B 91 -30.00 -3.71 -6.91
C THR B 91 -28.76 -4.15 -6.13
N ILE B 92 -27.92 -3.19 -5.73
CA ILE B 92 -26.74 -3.51 -4.94
C ILE B 92 -27.12 -4.07 -3.58
N LEU B 93 -28.13 -3.48 -2.92
CA LEU B 93 -28.54 -3.99 -1.62
C LEU B 93 -29.27 -5.33 -1.72
N ASP B 94 -29.89 -5.64 -2.86
CA ASP B 94 -30.50 -6.94 -3.02
C ASP B 94 -29.47 -8.01 -3.35
N LYS B 95 -28.42 -7.66 -4.08
CA LYS B 95 -27.37 -8.63 -4.38
C LYS B 95 -26.59 -8.99 -3.11
N LEU B 96 -26.33 -8.00 -2.26
CA LEU B 96 -25.65 -8.23 -1.00
C LEU B 96 -26.55 -8.87 0.05
N GLU B 97 -27.86 -8.84 -0.16
CA GLU B 97 -28.89 -9.28 0.80
C GLU B 97 -28.73 -8.56 2.14
N VAL B 98 -28.49 -7.26 2.08
CA VAL B 98 -28.43 -6.43 3.28
C VAL B 98 -29.50 -5.36 3.13
N ARG B 99 -29.59 -4.46 4.10
CA ARG B 99 -30.65 -3.47 4.13
C ARG B 99 -30.05 -2.07 4.09
N GLU B 100 -30.95 -1.08 4.14
CA GLU B 100 -30.52 0.32 4.13
C GLU B 100 -29.81 0.69 5.43
N GLU B 101 -30.39 0.30 6.57
CA GLU B 101 -29.86 0.64 7.88
C GLU B 101 -28.69 -0.23 8.30
N GLY B 102 -28.31 -1.22 7.49
CA GLY B 102 -27.18 -2.07 7.82
C GLY B 102 -25.83 -1.43 7.62
N ARG B 103 -25.78 -0.23 7.07
CA ARG B 103 -24.52 0.47 6.89
C ARG B 103 -23.97 0.94 8.22
N LEU B 104 -22.64 1.08 8.28
CA LEU B 104 -21.99 1.58 9.48
C LEU B 104 -22.22 3.08 9.59
N LYS B 105 -22.63 3.52 10.77
CA LYS B 105 -22.81 4.94 11.02
C LYS B 105 -21.45 5.63 11.07
N PRO B 106 -21.24 6.69 10.29
CA PRO B 106 -19.92 7.33 10.26
C PRO B 106 -19.65 8.13 11.53
N GLN B 107 -18.42 8.03 12.01
CA GLN B 107 -17.98 8.81 13.14
C GLN B 107 -16.83 9.71 12.68
N VAL B 108 -16.71 10.88 13.30
CA VAL B 108 -15.66 11.83 12.95
C VAL B 108 -14.48 11.57 13.87
N MET B 109 -13.36 11.13 13.29
CA MET B 109 -12.17 10.89 14.10
C MET B 109 -11.48 12.20 14.48
N THR B 110 -11.11 13.01 13.49
CA THR B 110 -10.31 14.20 13.73
C THR B 110 -10.68 15.27 12.72
N HIS B 111 -11.14 16.41 13.20
CA HIS B 111 -11.31 17.60 12.38
C HIS B 111 -10.41 18.71 12.91
N GLN B 112 -9.56 19.26 12.04
CA GLN B 112 -8.60 20.27 12.45
C GLN B 112 -8.56 21.39 11.42
N ILE B 113 -8.52 22.63 11.90
CA ILE B 113 -8.44 23.81 11.06
C ILE B 113 -7.10 24.49 11.32
N ILE B 114 -6.29 24.59 10.28
CA ILE B 114 -4.85 24.85 10.40
C ILE B 114 -4.56 26.20 9.74
N ARG B 115 -5.40 27.20 10.03
CA ARG B 115 -5.43 28.52 9.40
C ARG B 115 -4.06 29.17 9.22
N ALA B 116 -3.90 29.84 8.08
CA ALA B 116 -2.67 30.50 7.62
C ALA B 116 -1.51 29.51 7.53
N VAL B 117 -1.66 28.59 6.57
CA VAL B 117 -0.61 27.62 6.29
C VAL B 117 0.59 28.34 5.68
N GLU B 118 1.79 28.04 6.18
CA GLU B 118 2.99 28.58 5.56
C GLU B 118 3.24 27.87 4.24
N ALA B 119 4.02 28.51 3.36
CA ALA B 119 4.24 28.02 2.00
C ALA B 119 4.92 26.66 1.96
N TYR B 120 5.85 26.41 2.89
CA TYR B 120 6.59 25.16 2.90
C TYR B 120 5.68 23.97 3.13
N GLN B 121 4.64 24.14 3.94
CA GLN B 121 3.67 23.07 4.12
C GLN B 121 2.77 22.94 2.90
N THR B 122 2.50 24.06 2.21
CA THR B 122 1.68 23.98 1.00
C THR B 122 2.37 23.18 -0.09
N GLN B 123 3.71 23.20 -0.12
CA GLN B 123 4.42 22.41 -1.12
C GLN B 123 4.18 20.91 -0.90
N ILE B 124 4.23 20.47 0.36
CA ILE B 124 4.01 19.05 0.66
C ILE B 124 2.56 18.69 0.41
N ILE B 125 1.63 19.59 0.73
CA ILE B 125 0.22 19.25 0.59
C ILE B 125 -0.18 19.19 -0.88
N ASN B 126 0.26 20.15 -1.69
CA ASN B 126 -0.20 20.11 -3.07
C ASN B 126 0.60 19.14 -3.94
N ARG B 127 1.82 18.77 -3.54
CA ARG B 127 2.50 17.75 -4.33
C ARG B 127 1.86 16.37 -4.11
N ASN B 128 1.31 16.14 -2.94
CA ASN B 128 0.67 14.86 -2.61
C ASN B 128 -0.86 14.97 -2.65
N SER B 129 -1.38 15.71 -3.64
CA SER B 129 -2.82 15.83 -3.83
C SER B 129 -3.09 16.03 -5.31
N GLN B 130 -4.38 16.00 -5.67
CA GLN B 130 -4.79 16.17 -7.05
C GLN B 130 -5.75 17.32 -7.30
N GLY B 131 -6.44 17.82 -6.28
CA GLY B 131 -7.46 18.84 -6.47
C GLY B 131 -6.91 20.23 -6.73
N MET B 132 -7.67 21.23 -6.32
CA MET B 132 -7.21 22.61 -6.46
C MET B 132 -6.05 22.88 -5.51
N MET B 133 -5.13 23.71 -5.98
CA MET B 133 -3.92 23.99 -5.23
C MET B 133 -4.24 24.84 -4.00
N ILE B 134 -3.50 24.60 -2.94
CA ILE B 134 -3.61 25.39 -1.73
C ILE B 134 -2.63 26.55 -1.80
N LEU B 135 -3.11 27.69 -1.59
CA LEU B 135 -2.23 28.84 -1.64
C LEU B 135 -1.70 29.15 -0.24
N PRO B 136 -0.48 29.67 -0.15
CA PRO B 136 0.07 30.01 1.17
C PRO B 136 -0.69 31.15 1.82
N GLY B 137 -1.03 30.97 3.09
CA GLY B 137 -1.83 31.92 3.83
C GLY B 137 -3.28 31.54 3.94
N GLU B 138 -3.78 30.69 3.05
CA GLU B 138 -5.14 30.21 3.15
C GLU B 138 -5.26 29.19 4.27
N SER B 139 -6.49 28.96 4.71
CA SER B 139 -6.75 28.00 5.77
C SER B 139 -6.71 26.59 5.23
N LEU B 140 -6.88 25.62 6.13
CA LEU B 140 -6.84 24.21 5.77
C LEU B 140 -7.72 23.44 6.73
N PHE B 141 -8.74 22.79 6.21
CA PHE B 141 -9.59 21.90 7.01
C PHE B 141 -9.28 20.47 6.64
N ILE B 142 -8.83 19.68 7.62
CA ILE B 142 -8.56 18.27 7.42
C ILE B 142 -9.59 17.47 8.21
N LEU B 143 -9.89 16.27 7.71
CA LEU B 143 -10.97 15.49 8.27
C LEU B 143 -10.70 14.00 8.07
N GLU B 144 -10.97 13.21 9.11
CA GLU B 144 -11.04 11.76 9.00
C GLU B 144 -12.42 11.28 9.42
N THR B 145 -13.01 10.40 8.62
CA THR B 145 -14.30 9.80 8.91
C THR B 145 -14.17 8.28 8.92
N GLN B 146 -15.00 7.61 9.71
CA GLN B 146 -15.13 6.17 9.69
C GLN B 146 -16.54 5.78 9.28
N PRO B 147 -16.70 4.93 8.26
CA PRO B 147 -15.67 4.36 7.38
C PRO B 147 -15.18 5.33 6.32
N ALA B 148 -14.47 4.82 5.33
CA ALA B 148 -13.75 5.70 4.41
C ALA B 148 -14.68 6.30 3.37
N GLY B 149 -15.85 5.69 3.15
CA GLY B 149 -16.71 6.09 2.05
C GLY B 149 -17.48 7.37 2.25
N TYR B 150 -17.63 7.84 3.48
CA TYR B 150 -18.44 9.02 3.76
C TYR B 150 -17.68 10.32 3.60
N ALA B 151 -16.37 10.25 3.30
CA ALA B 151 -15.60 11.47 3.09
C ALA B 151 -16.03 12.20 1.82
N VAL B 152 -16.55 11.47 0.84
CA VAL B 152 -17.06 12.12 -0.37
C VAL B 152 -18.36 12.85 -0.06
N LEU B 153 -19.17 12.29 0.86
CA LEU B 153 -20.36 13.01 1.33
C LEU B 153 -19.99 14.28 2.06
N ALA B 154 -18.96 14.22 2.92
CA ALA B 154 -18.48 15.41 3.61
C ALA B 154 -17.98 16.45 2.62
N ALA B 155 -17.25 16.02 1.59
CA ALA B 155 -16.75 16.94 0.57
C ALA B 155 -17.88 17.56 -0.23
N ASN B 156 -18.92 16.77 -0.52
CA ASN B 156 -20.07 17.25 -1.28
C ASN B 156 -20.82 18.34 -0.51
N GLU B 157 -21.15 18.08 0.75
CA GLU B 157 -21.89 19.08 1.51
C GLU B 157 -21.02 20.28 1.87
N ALA B 158 -19.71 20.08 2.03
CA ALA B 158 -18.82 21.19 2.33
C ALA B 158 -18.65 22.10 1.12
N GLU B 159 -18.62 21.54 -0.08
CA GLU B 159 -18.62 22.37 -1.27
C GLU B 159 -19.98 23.03 -1.48
N LYS B 160 -21.06 22.31 -1.17
CA LYS B 160 -22.41 22.81 -1.40
C LYS B 160 -22.76 23.97 -0.49
N ALA B 161 -22.20 24.00 0.72
CA ALA B 161 -22.49 25.10 1.63
C ALA B 161 -21.62 26.32 1.40
N ALA B 162 -20.31 26.14 1.34
CA ALA B 162 -19.34 27.22 1.39
C ALA B 162 -18.68 27.45 0.04
N ASN B 163 -17.65 28.29 0.04
CA ASN B 163 -16.99 28.72 -1.19
C ASN B 163 -15.52 28.29 -1.17
N VAL B 164 -15.27 27.04 -0.82
CA VAL B 164 -13.93 26.58 -0.53
C VAL B 164 -13.35 25.84 -1.71
N HIS B 165 -12.04 25.59 -1.68
CA HIS B 165 -11.33 24.82 -2.69
C HIS B 165 -11.15 23.39 -2.20
N LEU B 166 -11.63 22.44 -2.98
CA LEU B 166 -11.45 21.02 -2.67
C LEU B 166 -10.03 20.60 -3.00
N VAL B 167 -9.27 20.20 -2.00
CA VAL B 167 -7.87 19.84 -2.20
C VAL B 167 -7.69 18.36 -2.43
N ASN B 168 -8.25 17.52 -1.55
CA ASN B 168 -8.03 16.10 -1.63
C ASN B 168 -9.17 15.40 -0.88
N VAL B 169 -9.61 14.26 -1.40
CA VAL B 169 -10.53 13.41 -0.67
C VAL B 169 -10.15 11.96 -0.96
N THR B 170 -10.31 11.11 0.05
CA THR B 170 -9.87 9.72 -0.04
C THR B 170 -11.02 8.80 0.37
N PRO B 171 -11.77 8.26 -0.59
CA PRO B 171 -12.91 7.41 -0.25
C PRO B 171 -12.53 5.99 0.15
N TYR B 172 -11.26 5.63 0.09
CA TYR B 172 -10.81 4.27 0.36
C TYR B 172 -9.88 4.26 1.56
N GLY B 173 -9.28 3.11 1.80
CA GLY B 173 -8.37 2.93 2.91
C GLY B 173 -9.10 2.64 4.20
N ALA B 174 -8.37 2.80 5.30
CA ALA B 174 -8.94 2.52 6.61
C ALA B 174 -9.94 3.60 7.01
N PHE B 175 -9.59 4.87 6.78
CA PHE B 175 -10.46 5.98 7.14
C PHE B 175 -10.40 7.05 6.05
N GLY B 176 -11.49 7.79 5.92
CA GLY B 176 -11.62 8.74 4.83
C GLY B 176 -11.05 10.08 5.19
N ARG B 177 -10.13 10.57 4.36
CA ARG B 177 -9.51 11.86 4.55
C ARG B 177 -10.14 12.91 3.66
N LEU B 178 -10.14 14.14 4.15
CA LEU B 178 -10.68 15.28 3.41
C LEU B 178 -9.84 16.52 3.71
N TYR B 179 -9.38 17.20 2.67
CA TYR B 179 -8.67 18.46 2.78
C TYR B 179 -9.47 19.55 2.08
N LEU B 180 -9.49 20.74 2.68
CA LEU B 180 -10.16 21.89 2.09
C LEU B 180 -9.33 23.14 2.33
N ALA B 181 -9.40 24.08 1.39
CA ALA B 181 -8.67 25.33 1.47
C ALA B 181 -9.59 26.49 1.15
N GLY B 182 -9.18 27.68 1.57
CA GLY B 182 -9.94 28.88 1.32
C GLY B 182 -9.74 29.87 2.45
N SER B 183 -10.52 30.95 2.40
CA SER B 183 -10.48 31.96 3.46
C SER B 183 -11.12 31.41 4.72
N GLU B 184 -10.92 32.14 5.83
CA GLU B 184 -11.15 31.57 7.16
C GLU B 184 -12.63 31.35 7.45
N ALA B 185 -13.49 32.31 7.09
CA ALA B 185 -14.91 32.17 7.38
C ALA B 185 -15.55 31.10 6.51
N GLU B 186 -15.10 30.97 5.27
CA GLU B 186 -15.64 29.95 4.38
C GLU B 186 -15.19 28.56 4.82
N ILE B 187 -13.96 28.45 5.35
CA ILE B 187 -13.50 27.20 5.93
C ILE B 187 -14.28 26.88 7.21
N ASP B 188 -14.67 27.89 7.99
CA ASP B 188 -15.52 27.64 9.15
C ASP B 188 -16.89 27.14 8.74
N ALA B 189 -17.49 27.75 7.71
CA ALA B 189 -18.80 27.30 7.24
C ALA B 189 -18.74 25.90 6.63
N ALA B 190 -17.64 25.60 5.93
CA ALA B 190 -17.48 24.26 5.36
C ALA B 190 -17.21 23.22 6.44
N ALA B 191 -16.52 23.60 7.52
CA ALA B 191 -16.33 22.70 8.64
C ALA B 191 -17.65 22.39 9.34
N GLU B 192 -18.48 23.42 9.51
CA GLU B 192 -19.83 23.23 10.05
C GLU B 192 -20.65 22.32 9.15
N ALA B 193 -20.50 22.48 7.83
CA ALA B 193 -21.23 21.64 6.88
C ALA B 193 -20.77 20.18 6.95
N ALA B 194 -19.47 19.95 7.04
CA ALA B 194 -18.97 18.58 7.08
C ALA B 194 -19.34 17.89 8.38
N GLU B 195 -19.24 18.59 9.51
CA GLU B 195 -19.63 17.99 10.78
C GLU B 195 -21.13 17.77 10.87
N ALA B 196 -21.94 18.68 10.32
CA ALA B 196 -23.38 18.47 10.32
C ALA B 196 -23.82 17.44 9.29
N ALA B 197 -22.98 17.15 8.30
CA ALA B 197 -23.33 16.17 7.29
C ALA B 197 -22.91 14.76 7.64
N ILE B 198 -21.83 14.59 8.40
CA ILE B 198 -21.41 13.24 8.75
C ILE B 198 -22.29 12.66 9.84
N ARG B 199 -22.49 13.38 10.94
CA ARG B 199 -23.23 12.81 12.06
C ARG B 199 -24.74 12.91 11.91
N SER B 200 -25.24 13.33 10.75
CA SER B 200 -26.66 13.23 10.43
C SER B 200 -26.96 12.05 9.53
N VAL B 201 -26.22 10.95 9.69
CA VAL B 201 -26.37 9.75 8.87
C VAL B 201 -26.73 8.61 9.80
N SER B 202 -27.85 7.94 9.51
CA SER B 202 -28.30 6.82 10.33
C SER B 202 -27.57 5.55 9.96
N GLY B 203 -27.24 4.75 10.96
CA GLY B 203 -26.57 3.49 10.72
C GLY B 203 -26.23 2.77 12.00
N VAL B 204 -25.57 1.64 11.84
CA VAL B 204 -25.15 0.81 12.96
C VAL B 204 -23.90 1.43 13.57
N ALA B 205 -23.94 1.65 14.89
CA ALA B 205 -22.80 2.23 15.60
C ALA B 205 -21.66 1.22 15.72
N THR C 4 8.74 -19.13 8.54
CA THR C 4 7.43 -19.65 8.17
C THR C 4 7.25 -19.67 6.66
N LEU C 5 6.97 -20.83 6.11
CA LEU C 5 6.75 -21.01 4.67
C LEU C 5 5.26 -20.96 4.39
N ARG C 6 4.84 -20.05 3.53
CA ARG C 6 3.44 -19.92 3.15
C ARG C 6 3.13 -20.61 1.84
N THR C 7 3.89 -20.32 0.79
CA THR C 7 3.65 -20.86 -0.53
C THR C 7 4.95 -21.41 -1.09
N TYR C 8 4.97 -22.69 -1.41
CA TYR C 8 6.07 -23.32 -2.13
C TYR C 8 5.45 -24.10 -3.28
N ILE C 9 5.51 -23.55 -4.48
CA ILE C 9 4.90 -24.22 -5.63
C ILE C 9 5.91 -24.25 -6.77
N PHE C 10 5.85 -25.31 -7.56
CA PHE C 10 6.78 -25.60 -8.64
C PHE C 10 5.98 -25.66 -9.94
N LEU C 11 5.94 -24.54 -10.66
CA LEU C 11 5.31 -24.52 -11.98
C LEU C 11 6.27 -25.21 -12.94
N ASP C 12 5.96 -26.45 -13.29
CA ASP C 12 6.87 -27.25 -14.10
C ASP C 12 6.91 -26.80 -15.56
N ALA C 13 5.95 -26.01 -16.02
CA ALA C 13 5.99 -25.45 -17.37
C ALA C 13 5.16 -24.17 -17.38
N LEU C 14 5.77 -23.06 -17.79
CA LEU C 14 5.04 -21.81 -17.93
C LEU C 14 4.31 -21.81 -19.26
N GLN C 15 2.99 -21.84 -19.21
CA GLN C 15 2.18 -21.67 -20.40
C GLN C 15 2.30 -20.23 -20.89
N PRO C 16 2.13 -19.99 -22.22
CA PRO C 16 2.65 -18.74 -22.81
C PRO C 16 2.03 -17.43 -22.34
N GLN C 17 0.73 -17.37 -22.05
CA GLN C 17 0.18 -16.12 -21.56
C GLN C 17 0.63 -15.83 -20.15
N LEU C 18 0.85 -16.85 -19.33
CA LEU C 18 1.34 -16.63 -17.97
C LEU C 18 2.78 -16.13 -17.99
N ALA C 19 3.64 -16.79 -18.77
CA ALA C 19 5.03 -16.35 -18.89
C ALA C 19 5.13 -14.98 -19.52
N THR C 20 4.24 -14.69 -20.46
CA THR C 20 4.15 -13.36 -21.07
C THR C 20 3.74 -12.31 -20.04
N PHE C 21 2.74 -12.61 -19.21
CA PHE C 21 2.27 -11.67 -18.20
C PHE C 21 3.31 -11.46 -17.10
N ILE C 22 4.02 -12.51 -16.73
CA ILE C 22 5.09 -12.38 -15.75
C ILE C 22 6.22 -11.54 -16.30
N GLY C 23 6.66 -11.83 -17.53
CA GLY C 23 7.67 -11.02 -18.18
C GLY C 23 7.21 -9.63 -18.58
N LYS C 24 5.93 -9.33 -18.44
CA LYS C 24 5.47 -7.95 -18.62
C LYS C 24 5.67 -7.13 -17.35
N THR C 25 5.41 -7.72 -16.17
CA THR C 25 5.48 -6.96 -14.93
C THR C 25 6.46 -7.57 -13.92
N ALA C 26 7.66 -7.92 -14.35
CA ALA C 26 8.68 -8.46 -13.45
C ALA C 26 9.76 -7.43 -13.21
N ARG C 27 10.01 -7.15 -11.93
CA ARG C 27 11.19 -6.39 -11.53
C ARG C 27 12.35 -7.37 -11.40
N GLY C 28 12.87 -7.77 -12.56
CA GLY C 28 13.95 -8.75 -12.58
C GLY C 28 14.18 -9.24 -13.99
N PHE C 29 14.81 -10.40 -14.09
CA PHE C 29 15.06 -10.99 -15.40
C PHE C 29 13.76 -11.57 -15.95
N LEU C 30 13.67 -11.64 -17.27
CA LEU C 30 12.34 -12.02 -17.74
C LEU C 30 12.31 -13.48 -18.19
N PRO C 31 11.20 -14.18 -17.95
CA PRO C 31 11.08 -15.56 -18.41
C PRO C 31 10.51 -15.65 -19.81
N VAL C 32 10.67 -16.82 -20.40
CA VAL C 32 10.10 -17.14 -21.71
C VAL C 32 9.18 -18.33 -21.53
N PRO C 33 8.21 -18.53 -22.44
CA PRO C 33 7.32 -19.69 -22.31
C PRO C 33 8.06 -21.00 -22.53
N GLY C 34 7.74 -21.98 -21.68
CA GLY C 34 8.34 -23.29 -21.73
C GLY C 34 9.25 -23.60 -20.56
N GLN C 35 9.63 -22.60 -19.78
CA GLN C 35 10.55 -22.79 -18.67
C GLN C 35 9.81 -23.25 -17.43
N ALA C 36 10.57 -23.78 -16.48
CA ALA C 36 10.03 -24.12 -15.17
C ALA C 36 9.95 -22.85 -14.32
N SER C 37 9.40 -22.98 -13.12
CA SER C 37 9.25 -21.84 -12.22
C SER C 37 9.15 -22.32 -10.79
N LEU C 38 9.28 -21.38 -9.86
CA LEU C 38 9.31 -21.72 -8.44
C LEU C 38 8.90 -20.50 -7.64
N TRP C 39 7.71 -20.51 -7.08
CA TRP C 39 7.19 -19.38 -6.33
C TRP C 39 7.28 -19.70 -4.84
N VAL C 40 8.31 -19.17 -4.18
CA VAL C 40 8.52 -19.36 -2.75
C VAL C 40 8.07 -18.10 -2.04
N GLU C 41 7.13 -18.25 -1.10
CA GLU C 41 6.66 -17.15 -0.28
C GLU C 41 6.88 -17.48 1.18
N ILE C 42 7.54 -16.57 1.90
CA ILE C 42 7.92 -16.82 3.28
C ILE C 42 7.38 -15.72 4.18
N ALA C 43 7.40 -16.00 5.48
CA ALA C 43 7.07 -15.03 6.52
C ALA C 43 8.16 -15.10 7.57
N PRO C 44 8.83 -13.99 7.92
CA PRO C 44 8.65 -12.61 7.44
C PRO C 44 9.29 -12.32 6.10
N GLY C 45 9.47 -11.04 5.79
CA GLY C 45 9.76 -10.63 4.43
C GLY C 45 11.21 -10.50 4.03
N ILE C 46 12.02 -9.82 4.84
CA ILE C 46 13.35 -9.41 4.39
C ILE C 46 14.33 -10.58 4.33
N ALA C 47 14.01 -11.69 5.01
CA ALA C 47 14.88 -12.86 5.03
C ALA C 47 15.08 -13.47 3.65
N ILE C 48 14.14 -13.26 2.73
CA ILE C 48 14.25 -13.77 1.38
C ILE C 48 15.40 -13.09 0.62
N ASN C 49 15.85 -11.90 1.08
CA ASN C 49 17.04 -11.28 0.51
C ASN C 49 18.28 -12.14 0.71
N ARG C 50 18.33 -12.91 1.80
CA ARG C 50 19.37 -13.93 1.89
C ARG C 50 19.03 -15.11 0.99
N VAL C 51 17.76 -15.52 1.02
CA VAL C 51 17.36 -16.82 0.48
C VAL C 51 17.44 -16.82 -1.05
N THR C 52 17.07 -15.70 -1.68
CA THR C 52 17.28 -15.49 -3.10
C THR C 52 18.74 -15.69 -3.48
N ASP C 53 19.65 -15.13 -2.67
CA ASP C 53 21.07 -15.31 -2.92
C ASP C 53 21.47 -16.77 -2.78
N ALA C 54 20.81 -17.49 -1.85
CA ALA C 54 21.09 -18.91 -1.67
C ALA C 54 20.72 -19.71 -2.92
N ALA C 55 19.74 -19.24 -3.68
CA ALA C 55 19.48 -19.88 -4.97
C ALA C 55 20.55 -19.50 -5.97
N LEU C 56 20.90 -18.21 -6.04
CA LEU C 56 21.63 -17.71 -7.19
C LEU C 56 23.10 -18.13 -7.14
N LYS C 57 23.63 -18.34 -5.95
CA LYS C 57 24.97 -18.92 -5.85
C LYS C 57 24.96 -20.38 -6.29
N ALA C 58 23.88 -21.11 -5.98
CA ALA C 58 23.95 -22.56 -6.06
C ALA C 58 23.68 -23.07 -7.46
N THR C 59 22.62 -22.58 -8.10
CA THR C 59 22.10 -23.15 -9.33
C THR C 59 22.17 -22.13 -10.46
N LYS C 60 21.80 -22.59 -11.65
CA LYS C 60 21.74 -21.76 -12.85
C LYS C 60 20.43 -21.00 -12.98
N VAL C 61 19.57 -21.01 -11.96
CA VAL C 61 18.24 -20.43 -12.08
C VAL C 61 18.37 -18.91 -12.09
N GLN C 62 17.30 -18.25 -12.43
CA GLN C 62 17.41 -16.85 -12.76
C GLN C 62 16.09 -16.18 -12.42
N PRO C 63 16.07 -15.17 -11.55
CA PRO C 63 14.82 -14.75 -10.93
C PRO C 63 14.10 -13.66 -11.69
N ALA C 64 12.80 -13.56 -11.43
CA ALA C 64 11.98 -12.51 -12.01
C ALA C 64 11.38 -11.58 -10.96
N VAL C 65 10.69 -12.14 -9.97
CA VAL C 65 9.93 -11.36 -9.01
C VAL C 65 10.49 -11.63 -7.62
N GLN C 66 10.83 -10.56 -6.90
CA GLN C 66 11.38 -10.68 -5.55
C GLN C 66 10.82 -9.52 -4.75
N VAL C 67 9.85 -9.79 -3.89
CA VAL C 67 9.07 -8.76 -3.20
C VAL C 67 9.26 -8.95 -1.70
N VAL C 68 9.65 -7.87 -1.00
CA VAL C 68 9.81 -7.86 0.44
C VAL C 68 8.81 -6.88 1.05
N GLU C 69 7.96 -7.39 1.96
CA GLU C 69 6.98 -6.52 2.61
C GLU C 69 6.82 -6.82 4.10
N ARG C 70 7.81 -7.45 4.73
CA ARG C 70 7.93 -7.86 6.14
C ARG C 70 6.74 -8.65 6.69
N ALA C 71 5.85 -9.13 5.83
CA ALA C 71 4.83 -10.08 6.21
C ALA C 71 4.76 -11.15 5.15
N TYR C 72 5.11 -10.78 3.92
CA TYR C 72 5.02 -11.67 2.75
C TYR C 72 6.26 -11.44 1.90
N GLY C 73 7.32 -12.20 2.17
CA GLY C 73 8.48 -12.17 1.30
C GLY C 73 8.39 -13.24 0.24
N LEU C 74 8.48 -12.82 -1.02
CA LEU C 74 8.15 -13.70 -2.13
C LEU C 74 9.30 -13.72 -3.14
N LEU C 75 9.42 -14.84 -3.85
CA LEU C 75 10.51 -15.05 -4.80
C LEU C 75 10.07 -15.98 -5.92
N GLU C 76 10.32 -15.58 -7.16
CA GLU C 76 10.22 -16.47 -8.31
C GLU C 76 11.58 -16.65 -8.93
N VAL C 77 11.91 -17.89 -9.31
CA VAL C 77 13.08 -18.20 -10.12
C VAL C 77 12.66 -19.10 -11.26
N HIS C 78 13.33 -18.97 -12.40
CA HIS C 78 12.95 -19.69 -13.60
C HIS C 78 14.18 -20.07 -14.42
N HIS C 79 14.17 -21.28 -14.98
CA HIS C 79 15.21 -21.76 -15.88
C HIS C 79 14.61 -22.91 -16.69
N PHE C 80 15.21 -23.16 -17.86
CA PHE C 80 14.73 -24.24 -18.74
C PHE C 80 14.82 -25.61 -18.09
N ASP C 81 15.98 -25.93 -17.52
CA ASP C 81 16.17 -27.24 -16.91
C ASP C 81 15.40 -27.33 -15.61
N GLN C 82 14.45 -28.27 -15.55
CA GLN C 82 13.62 -28.39 -14.36
C GLN C 82 14.39 -28.95 -13.18
N GLY C 83 15.49 -29.66 -13.43
CA GLY C 83 16.36 -30.07 -12.35
C GLY C 83 17.03 -28.92 -11.66
N GLU C 84 17.38 -27.87 -12.42
CA GLU C 84 17.93 -26.65 -11.83
C GLU C 84 16.94 -26.00 -10.88
N VAL C 85 15.68 -25.93 -11.29
CA VAL C 85 14.67 -25.26 -10.48
C VAL C 85 14.33 -26.09 -9.25
N LEU C 86 14.30 -27.42 -9.38
CA LEU C 86 14.12 -28.27 -8.21
C LEU C 86 15.31 -28.20 -7.26
N ALA C 87 16.53 -28.04 -7.80
CA ALA C 87 17.69 -27.90 -6.94
C ALA C 87 17.69 -26.56 -6.22
N ALA C 88 17.21 -25.51 -6.91
CA ALA C 88 17.03 -24.22 -6.26
C ALA C 88 15.98 -24.29 -5.17
N GLY C 89 14.93 -25.07 -5.39
CA GLY C 89 13.94 -25.28 -4.35
C GLY C 89 14.49 -26.03 -3.14
N SER C 90 15.30 -27.05 -3.40
CA SER C 90 15.94 -27.78 -2.31
C SER C 90 16.91 -26.89 -1.54
N THR C 91 17.61 -26.00 -2.24
CA THR C 91 18.55 -25.09 -1.58
C THR C 91 17.80 -24.06 -0.75
N ILE C 92 16.67 -23.56 -1.25
CA ILE C 92 15.85 -22.62 -0.50
C ILE C 92 15.27 -23.26 0.74
N LEU C 93 14.74 -24.49 0.60
CA LEU C 93 14.18 -25.17 1.77
C LEU C 93 15.24 -25.63 2.75
N ASP C 94 16.49 -25.82 2.30
CA ASP C 94 17.56 -26.10 3.25
C ASP C 94 18.05 -24.84 3.96
N LYS C 95 17.97 -23.69 3.28
CA LYS C 95 18.37 -22.44 3.93
C LYS C 95 17.39 -22.05 5.03
N LEU C 96 16.09 -22.28 4.80
CA LEU C 96 15.07 -21.96 5.77
C LEU C 96 14.95 -23.00 6.88
N GLU C 97 15.54 -24.18 6.68
CA GLU C 97 15.38 -25.36 7.54
C GLU C 97 13.91 -25.74 7.73
N VAL C 98 13.12 -25.58 6.66
CA VAL C 98 11.75 -26.08 6.65
C VAL C 98 11.70 -27.18 5.61
N ARG C 99 10.54 -27.81 5.46
CA ARG C 99 10.41 -28.96 4.58
C ARG C 99 9.39 -28.66 3.48
N GLU C 100 9.08 -29.69 2.69
CA GLU C 100 8.11 -29.56 1.62
C GLU C 100 6.71 -29.30 2.16
N GLU C 101 6.32 -30.02 3.21
CA GLU C 101 4.99 -29.94 3.77
C GLU C 101 4.84 -28.83 4.79
N GLY C 102 5.86 -27.99 4.97
CA GLY C 102 5.72 -26.83 5.84
C GLY C 102 4.90 -25.71 5.24
N ARG C 103 4.58 -25.79 3.94
CA ARG C 103 3.79 -24.77 3.29
C ARG C 103 2.34 -24.84 3.74
N LEU C 104 1.65 -23.71 3.64
CA LEU C 104 0.23 -23.67 3.95
C LEU C 104 -0.57 -24.23 2.78
N LYS C 105 -1.54 -25.07 3.09
CA LYS C 105 -2.42 -25.62 2.06
C LYS C 105 -3.33 -24.52 1.54
N PRO C 106 -3.38 -24.30 0.23
CA PRO C 106 -4.21 -23.19 -0.30
C PRO C 106 -5.68 -23.51 -0.22
N GLN C 107 -6.46 -22.54 0.24
CA GLN C 107 -7.91 -22.65 0.23
C GLN C 107 -8.47 -21.63 -0.75
N VAL C 108 -9.64 -21.93 -1.30
CA VAL C 108 -10.29 -21.06 -2.26
C VAL C 108 -11.25 -20.16 -1.51
N MET C 109 -11.01 -18.85 -1.53
CA MET C 109 -11.86 -17.94 -0.79
C MET C 109 -13.13 -17.58 -1.56
N THR C 110 -12.97 -17.14 -2.81
CA THR C 110 -14.10 -16.66 -3.60
C THR C 110 -13.81 -16.93 -5.07
N HIS C 111 -14.57 -17.84 -5.67
CA HIS C 111 -14.56 -18.03 -7.11
C HIS C 111 -15.90 -17.60 -7.70
N GLN C 112 -15.84 -16.72 -8.69
CA GLN C 112 -17.07 -16.19 -9.28
C GLN C 112 -16.90 -16.17 -10.79
N ILE C 113 -17.90 -16.66 -11.51
CA ILE C 113 -17.93 -16.60 -12.96
C ILE C 113 -18.93 -15.52 -13.35
N ILE C 114 -18.44 -14.38 -13.82
CA ILE C 114 -19.28 -13.26 -14.21
C ILE C 114 -19.39 -13.28 -15.72
N ARG C 115 -20.57 -13.68 -16.22
CA ARG C 115 -20.78 -13.94 -17.62
C ARG C 115 -21.38 -12.73 -18.31
N ALA C 116 -20.89 -12.45 -19.53
CA ALA C 116 -21.31 -11.33 -20.37
C ALA C 116 -21.18 -9.99 -19.65
N VAL C 117 -19.92 -9.65 -19.38
CA VAL C 117 -19.58 -8.39 -18.73
C VAL C 117 -19.91 -7.23 -19.67
N GLU C 118 -20.61 -6.23 -19.14
CA GLU C 118 -20.97 -5.08 -19.96
C GLU C 118 -19.73 -4.22 -20.18
N ALA C 119 -19.79 -3.38 -21.21
CA ALA C 119 -18.67 -2.55 -21.65
C ALA C 119 -18.22 -1.54 -20.61
N TYR C 120 -19.09 -1.12 -19.70
CA TYR C 120 -18.68 -0.15 -18.71
C TYR C 120 -17.78 -0.77 -17.66
N GLN C 121 -18.01 -2.04 -17.32
CA GLN C 121 -17.17 -2.71 -16.33
C GLN C 121 -15.82 -3.09 -16.91
N THR C 122 -15.77 -3.33 -18.23
CA THR C 122 -14.52 -3.71 -18.88
C THR C 122 -13.49 -2.61 -18.81
N GLN C 123 -13.94 -1.35 -18.77
CA GLN C 123 -13.01 -0.22 -18.67
C GLN C 123 -12.30 -0.22 -17.32
N ILE C 124 -13.05 -0.47 -16.25
CA ILE C 124 -12.47 -0.51 -14.92
C ILE C 124 -11.59 -1.73 -14.76
N ILE C 125 -11.97 -2.85 -15.40
CA ILE C 125 -11.18 -4.06 -15.25
C ILE C 125 -9.86 -3.96 -16.00
N ASN C 126 -9.89 -3.50 -17.26
CA ASN C 126 -8.64 -3.48 -18.00
C ASN C 126 -7.76 -2.29 -17.66
N ARG C 127 -8.34 -1.19 -17.14
CA ARG C 127 -7.51 -0.07 -16.72
C ARG C 127 -6.70 -0.41 -15.49
N ASN C 128 -7.18 -1.33 -14.66
CA ASN C 128 -6.49 -1.78 -13.45
C ASN C 128 -5.92 -3.17 -13.64
N SER C 129 -5.40 -3.46 -14.84
CA SER C 129 -4.79 -4.74 -15.11
C SER C 129 -3.72 -4.57 -16.19
N GLN C 130 -2.96 -5.63 -16.44
CA GLN C 130 -1.87 -5.57 -17.41
C GLN C 130 -1.93 -6.63 -18.51
N GLY C 131 -2.67 -7.73 -18.33
CA GLY C 131 -2.69 -8.80 -19.30
C GLY C 131 -3.51 -8.49 -20.54
N MET C 132 -4.10 -9.54 -21.11
CA MET C 132 -4.92 -9.37 -22.29
C MET C 132 -6.21 -8.65 -21.95
N MET C 133 -6.68 -7.82 -22.87
CA MET C 133 -7.84 -6.98 -22.63
C MET C 133 -9.09 -7.82 -22.59
N ILE C 134 -9.93 -7.58 -21.58
CA ILE C 134 -11.24 -8.21 -21.54
C ILE C 134 -12.15 -7.48 -22.51
N LEU C 135 -12.84 -8.21 -23.27
CA LEU C 135 -13.76 -7.59 -24.21
C LEU C 135 -15.18 -7.64 -23.66
N PRO C 136 -16.03 -6.69 -24.01
CA PRO C 136 -17.42 -6.72 -23.55
C PRO C 136 -18.18 -7.90 -24.12
N GLY C 137 -19.07 -8.47 -23.30
CA GLY C 137 -19.79 -9.66 -23.68
C GLY C 137 -19.06 -10.95 -23.41
N GLU C 138 -17.81 -10.89 -22.95
CA GLU C 138 -17.06 -12.08 -22.60
C GLU C 138 -17.19 -12.36 -21.11
N SER C 139 -17.03 -13.63 -20.75
CA SER C 139 -17.17 -14.03 -19.37
C SER C 139 -15.95 -13.60 -18.56
N LEU C 140 -16.07 -13.70 -17.25
CA LEU C 140 -15.03 -13.27 -16.33
C LEU C 140 -14.98 -14.22 -15.15
N PHE C 141 -13.82 -14.82 -14.93
CA PHE C 141 -13.60 -15.68 -13.77
C PHE C 141 -12.64 -14.98 -12.82
N ILE C 142 -13.09 -14.72 -11.61
CA ILE C 142 -12.26 -14.10 -10.58
C ILE C 142 -12.05 -15.13 -9.48
N LEU C 143 -10.89 -15.04 -8.83
CA LEU C 143 -10.49 -16.07 -7.88
C LEU C 143 -9.60 -15.46 -6.80
N GLU C 144 -9.81 -15.89 -5.56
CA GLU C 144 -8.89 -15.62 -4.46
C GLU C 144 -8.41 -16.93 -3.87
N THR C 145 -7.11 -17.03 -3.66
CA THR C 145 -6.50 -18.17 -3.00
C THR C 145 -5.78 -17.71 -1.74
N GLN C 146 -5.78 -18.57 -0.72
CA GLN C 146 -4.96 -18.39 0.47
C GLN C 146 -3.91 -19.47 0.54
N PRO C 147 -2.61 -19.13 0.68
CA PRO C 147 -2.04 -17.78 0.71
C PRO C 147 -1.92 -17.12 -0.65
N ALA C 148 -1.16 -16.03 -0.71
CA ALA C 148 -1.20 -15.17 -1.89
C ALA C 148 -0.44 -15.78 -3.06
N GLY C 149 0.53 -16.62 -2.79
CA GLY C 149 1.41 -17.10 -3.82
C GLY C 149 0.85 -18.15 -4.77
N TYR C 150 -0.26 -18.79 -4.39
CA TYR C 150 -0.80 -19.89 -5.18
C TYR C 150 -1.69 -19.44 -6.32
N ALA C 151 -1.80 -18.14 -6.60
CA ALA C 151 -2.64 -17.71 -7.70
C ALA C 151 -2.00 -17.98 -9.05
N VAL C 152 -0.67 -17.99 -9.11
CA VAL C 152 0.00 -18.27 -10.38
C VAL C 152 -0.12 -19.74 -10.74
N LEU C 153 -0.29 -20.62 -9.75
CA LEU C 153 -0.54 -22.03 -10.03
C LEU C 153 -1.87 -22.23 -10.75
N ALA C 154 -2.93 -21.58 -10.24
CA ALA C 154 -4.23 -21.65 -10.88
C ALA C 154 -4.22 -20.95 -12.22
N ALA C 155 -3.44 -19.87 -12.36
CA ALA C 155 -3.31 -19.20 -13.65
C ALA C 155 -2.64 -20.11 -14.68
N ASN C 156 -1.57 -20.81 -14.27
CA ASN C 156 -0.86 -21.71 -15.17
C ASN C 156 -1.73 -22.88 -15.59
N GLU C 157 -2.41 -23.50 -14.63
CA GLU C 157 -3.22 -24.67 -14.96
C GLU C 157 -4.48 -24.30 -15.74
N ALA C 158 -5.07 -23.13 -15.47
CA ALA C 158 -6.26 -22.72 -16.21
C ALA C 158 -5.92 -22.29 -17.63
N GLU C 159 -4.74 -21.70 -17.83
CA GLU C 159 -4.30 -21.49 -19.21
C GLU C 159 -3.96 -22.81 -19.88
N LYS C 160 -3.39 -23.75 -19.13
CA LYS C 160 -2.98 -25.03 -19.68
C LYS C 160 -4.17 -25.87 -20.12
N ALA C 161 -5.31 -25.72 -19.44
CA ALA C 161 -6.49 -26.49 -19.81
C ALA C 161 -7.28 -25.85 -20.94
N ALA C 162 -7.75 -24.63 -20.74
CA ALA C 162 -8.73 -24.02 -21.62
C ALA C 162 -8.11 -22.89 -22.44
N ASN C 163 -8.90 -22.39 -23.38
CA ASN C 163 -8.42 -21.39 -24.34
C ASN C 163 -8.89 -20.00 -23.91
N VAL C 164 -8.34 -19.53 -22.80
CA VAL C 164 -8.78 -18.31 -22.17
C VAL C 164 -7.71 -17.23 -22.31
N HIS C 165 -8.05 -16.01 -21.90
CA HIS C 165 -7.15 -14.87 -21.89
C HIS C 165 -6.85 -14.51 -20.44
N LEU C 166 -5.57 -14.53 -20.08
CA LEU C 166 -5.16 -14.14 -18.74
C LEU C 166 -5.23 -12.62 -18.62
N VAL C 167 -5.95 -12.14 -17.62
CA VAL C 167 -6.18 -10.70 -17.48
C VAL C 167 -5.27 -10.12 -16.41
N ASN C 168 -5.35 -10.65 -15.19
CA ASN C 168 -4.54 -10.11 -14.10
C ASN C 168 -4.42 -11.19 -13.03
N VAL C 169 -3.23 -11.72 -12.83
CA VAL C 169 -2.95 -12.57 -11.67
C VAL C 169 -2.05 -11.78 -10.72
N THR C 170 -2.49 -11.69 -9.47
CA THR C 170 -1.80 -10.91 -8.44
C THR C 170 -1.36 -11.87 -7.36
N PRO C 171 -0.09 -12.27 -7.33
CA PRO C 171 0.40 -13.21 -6.32
C PRO C 171 0.97 -12.56 -5.08
N TYR C 172 1.11 -11.24 -5.04
CA TYR C 172 1.66 -10.53 -3.90
C TYR C 172 0.56 -9.82 -3.15
N GLY C 173 0.60 -9.89 -1.82
CA GLY C 173 -0.38 -9.22 -1.02
C GLY C 173 -1.04 -10.11 0.01
N ALA C 174 -2.26 -9.78 0.40
CA ALA C 174 -2.95 -10.55 1.42
C ALA C 174 -3.38 -11.91 0.88
N PHE C 175 -4.11 -11.92 -0.24
CA PHE C 175 -4.53 -13.17 -0.86
C PHE C 175 -4.39 -13.05 -2.37
N GLY C 176 -4.20 -14.19 -3.01
CA GLY C 176 -3.85 -14.20 -4.42
C GLY C 176 -5.07 -14.04 -5.29
N ARG C 177 -5.02 -13.07 -6.21
CA ARG C 177 -6.13 -12.81 -7.10
C ARG C 177 -5.86 -13.36 -8.49
N LEU C 178 -6.94 -13.72 -9.18
CA LEU C 178 -6.86 -14.25 -10.53
C LEU C 178 -8.06 -13.76 -11.33
N TYR C 179 -7.79 -13.14 -12.49
CA TYR C 179 -8.83 -12.77 -13.44
C TYR C 179 -8.61 -13.54 -14.73
N LEU C 180 -9.70 -14.01 -15.33
CA LEU C 180 -9.66 -14.70 -16.61
C LEU C 180 -10.84 -14.26 -17.47
N ALA C 181 -10.62 -14.25 -18.78
CA ALA C 181 -11.65 -13.81 -19.72
C ALA C 181 -11.72 -14.79 -20.88
N GLY C 182 -12.81 -14.70 -21.64
CA GLY C 182 -13.01 -15.51 -22.81
C GLY C 182 -14.46 -15.92 -22.94
N SER C 183 -14.71 -16.86 -23.85
CA SER C 183 -16.06 -17.36 -24.06
C SER C 183 -16.50 -18.23 -22.88
N GLU C 184 -17.77 -18.62 -22.90
CA GLU C 184 -18.43 -19.09 -21.68
C GLU C 184 -17.98 -20.51 -21.30
N ALA C 185 -17.99 -21.44 -22.25
CA ALA C 185 -17.60 -22.81 -21.93
C ALA C 185 -16.13 -22.93 -21.62
N GLU C 186 -15.31 -22.07 -22.24
CA GLU C 186 -13.88 -22.09 -21.96
C GLU C 186 -13.58 -21.53 -20.58
N ILE C 187 -14.32 -20.49 -20.17
CA ILE C 187 -14.22 -20.01 -18.78
C ILE C 187 -14.74 -21.05 -17.80
N ASP C 188 -15.73 -21.85 -18.20
CA ASP C 188 -16.20 -22.93 -17.33
C ASP C 188 -15.12 -24.00 -17.14
N ALA C 189 -14.48 -24.41 -18.23
CA ALA C 189 -13.42 -25.42 -18.14
C ALA C 189 -12.20 -24.89 -17.40
N ALA C 190 -11.89 -23.60 -17.57
CA ALA C 190 -10.78 -23.01 -16.84
C ALA C 190 -11.08 -22.85 -15.36
N ALA C 191 -12.34 -22.56 -15.01
CA ALA C 191 -12.73 -22.50 -13.61
C ALA C 191 -12.64 -23.87 -12.95
N GLU C 192 -13.08 -24.91 -13.67
CA GLU C 192 -12.95 -26.28 -13.19
C GLU C 192 -11.49 -26.65 -13.00
N ALA C 193 -10.62 -26.22 -13.92
CA ALA C 193 -9.20 -26.53 -13.83
C ALA C 193 -8.54 -25.80 -12.67
N ALA C 194 -8.91 -24.54 -12.44
CA ALA C 194 -8.33 -23.78 -11.34
C ALA C 194 -8.76 -24.33 -9.99
N GLU C 195 -10.04 -24.70 -9.86
CA GLU C 195 -10.50 -25.30 -8.61
C GLU C 195 -9.90 -26.68 -8.40
N ALA C 196 -9.68 -27.45 -9.47
CA ALA C 196 -9.03 -28.75 -9.31
C ALA C 196 -7.54 -28.61 -9.06
N ALA C 197 -6.94 -27.50 -9.45
CA ALA C 197 -5.51 -27.31 -9.25
C ALA C 197 -5.16 -26.72 -7.90
N ILE C 198 -6.06 -25.93 -7.30
CA ILE C 198 -5.75 -25.37 -6.00
C ILE C 198 -5.90 -26.41 -4.89
N ARG C 199 -7.03 -27.10 -4.85
CA ARG C 199 -7.28 -28.00 -3.73
C ARG C 199 -6.63 -29.37 -3.91
N SER C 200 -5.79 -29.56 -4.93
CA SER C 200 -4.95 -30.74 -5.05
C SER C 200 -3.52 -30.48 -4.61
N VAL C 201 -3.33 -29.63 -3.62
CA VAL C 201 -2.01 -29.25 -3.12
C VAL C 201 -1.95 -29.61 -1.64
N SER C 202 -0.91 -30.35 -1.25
CA SER C 202 -0.75 -30.77 0.13
C SER C 202 -0.09 -29.67 0.95
N GLY C 203 -0.53 -29.54 2.20
CA GLY C 203 0.05 -28.54 3.08
C GLY C 203 -0.59 -28.60 4.45
N VAL C 204 -0.29 -27.57 5.25
CA VAL C 204 -0.78 -27.44 6.61
C VAL C 204 -1.90 -26.41 6.62
N ALA C 205 -3.08 -26.82 7.05
CA ALA C 205 -4.23 -25.92 7.09
C ALA C 205 -4.09 -24.90 8.22
N THR D 4 17.24 3.18 -42.63
CA THR D 4 18.40 4.05 -42.55
C THR D 4 19.14 3.86 -41.23
N LEU D 5 20.37 3.35 -41.33
CA LEU D 5 21.19 3.10 -40.15
C LEU D 5 21.77 4.41 -39.63
N ARG D 6 21.47 4.74 -38.38
CA ARG D 6 22.03 5.93 -37.75
C ARG D 6 23.21 5.61 -36.85
N THR D 7 23.14 4.52 -36.10
CA THR D 7 24.19 4.17 -35.15
C THR D 7 24.41 2.67 -35.17
N TYR D 8 25.66 2.25 -35.38
CA TYR D 8 26.06 0.86 -35.26
C TYR D 8 27.33 0.83 -34.42
N ILE D 9 27.19 0.59 -33.12
CA ILE D 9 28.37 0.57 -32.28
C ILE D 9 28.47 -0.77 -31.57
N PHE D 10 29.70 -1.23 -31.37
CA PHE D 10 30.00 -2.56 -30.85
C PHE D 10 30.82 -2.42 -29.58
N LEU D 11 30.22 -2.71 -28.44
CA LEU D 11 30.90 -2.66 -27.16
C LEU D 11 31.50 -4.04 -26.89
N ASP D 12 32.83 -4.12 -26.87
CA ASP D 12 33.49 -5.41 -26.71
C ASP D 12 33.36 -5.93 -25.28
N ALA D 13 33.22 -5.05 -24.30
CA ALA D 13 33.07 -5.46 -22.91
C ALA D 13 32.34 -4.36 -22.16
N LEU D 14 31.24 -4.70 -21.50
CA LEU D 14 30.52 -3.73 -20.68
C LEU D 14 31.22 -3.55 -19.35
N GLN D 15 31.52 -2.30 -19.00
CA GLN D 15 31.96 -1.99 -17.66
C GLN D 15 30.80 -2.19 -16.68
N PRO D 16 31.08 -2.51 -15.41
CA PRO D 16 30.00 -2.94 -14.52
C PRO D 16 28.98 -1.87 -14.18
N GLN D 17 29.38 -0.60 -14.09
CA GLN D 17 28.40 0.44 -13.84
C GLN D 17 27.54 0.69 -15.06
N LEU D 18 28.08 0.54 -16.26
CA LEU D 18 27.30 0.73 -17.47
C LEU D 18 26.25 -0.38 -17.62
N ALA D 19 26.66 -1.64 -17.45
CA ALA D 19 25.72 -2.74 -17.55
C ALA D 19 24.71 -2.71 -16.40
N THR D 20 25.16 -2.26 -15.23
CA THR D 20 24.26 -2.08 -14.09
C THR D 20 23.22 -1.01 -14.38
N PHE D 21 23.62 0.10 -15.00
CA PHE D 21 22.70 1.18 -15.32
C PHE D 21 21.74 0.78 -16.42
N ILE D 22 22.22 0.04 -17.42
CA ILE D 22 21.36 -0.45 -18.49
C ILE D 22 20.32 -1.40 -17.92
N GLY D 23 20.75 -2.36 -17.12
CA GLY D 23 19.81 -3.28 -16.50
C GLY D 23 18.93 -2.67 -15.44
N LYS D 24 19.24 -1.46 -14.97
CA LYS D 24 18.33 -0.77 -14.08
C LYS D 24 17.14 -0.20 -14.85
N THR D 25 17.34 0.21 -16.10
CA THR D 25 16.30 0.85 -16.91
C THR D 25 16.20 0.18 -18.28
N ALA D 26 16.11 -1.14 -18.32
CA ALA D 26 15.92 -1.86 -19.57
C ALA D 26 14.52 -2.44 -19.65
N ARG D 27 13.92 -2.34 -20.83
CA ARG D 27 12.64 -2.97 -21.10
C ARG D 27 12.83 -4.32 -21.78
N GLY D 28 13.60 -5.19 -21.12
CA GLY D 28 13.91 -6.47 -21.70
C GLY D 28 14.73 -7.38 -20.81
N PHE D 29 15.71 -8.07 -21.41
CA PHE D 29 16.47 -9.11 -20.73
C PHE D 29 17.77 -8.50 -20.23
N LEU D 30 17.98 -8.57 -18.92
CA LEU D 30 18.96 -7.71 -18.27
C LEU D 30 20.38 -8.22 -18.51
N PRO D 31 21.29 -7.37 -18.99
CA PRO D 31 22.67 -7.82 -19.22
C PRO D 31 23.50 -7.78 -17.94
N VAL D 32 24.58 -8.55 -17.95
CA VAL D 32 25.47 -8.64 -16.80
C VAL D 32 26.81 -8.03 -17.20
N PRO D 33 27.66 -7.62 -16.25
CA PRO D 33 28.98 -7.08 -16.63
C PRO D 33 29.88 -8.14 -17.23
N GLY D 34 30.59 -7.76 -18.29
CA GLY D 34 31.51 -8.64 -19.00
C GLY D 34 30.99 -9.12 -20.33
N GLN D 35 29.69 -9.00 -20.58
CA GLN D 35 29.12 -9.43 -21.84
C GLN D 35 29.53 -8.50 -22.97
N ALA D 36 29.38 -8.99 -24.19
CA ALA D 36 29.58 -8.21 -25.40
C ALA D 36 28.25 -7.66 -25.87
N SER D 37 28.26 -6.40 -26.31
CA SER D 37 27.03 -5.68 -26.61
C SER D 37 27.13 -5.05 -28.00
N LEU D 38 25.97 -4.79 -28.58
CA LEU D 38 25.87 -4.20 -29.90
C LEU D 38 24.64 -3.32 -29.93
N TRP D 39 24.83 -2.04 -30.22
CA TRP D 39 23.76 -1.05 -30.23
C TRP D 39 23.52 -0.60 -31.66
N VAL D 40 22.28 -0.76 -32.13
CA VAL D 40 21.88 -0.38 -33.47
C VAL D 40 20.70 0.56 -33.36
N GLU D 41 20.89 1.82 -33.73
CA GLU D 41 19.82 2.81 -33.78
C GLU D 41 19.53 3.12 -35.23
N ILE D 42 18.28 2.93 -35.65
CA ILE D 42 17.89 3.21 -37.02
C ILE D 42 16.72 4.18 -37.03
N ALA D 43 16.46 4.74 -38.22
CA ALA D 43 15.28 5.52 -38.50
C ALA D 43 14.67 4.96 -39.77
N PRO D 44 13.36 4.67 -39.80
CA PRO D 44 12.28 4.90 -38.83
C PRO D 44 12.32 3.97 -37.62
N GLY D 45 11.50 4.29 -36.61
CA GLY D 45 11.64 3.66 -35.31
C GLY D 45 10.97 2.31 -35.20
N ILE D 46 9.91 2.08 -35.96
CA ILE D 46 9.18 0.82 -35.84
C ILE D 46 9.91 -0.32 -36.54
N ALA D 47 10.60 -0.02 -37.65
CA ALA D 47 11.24 -1.02 -38.49
C ALA D 47 12.35 -1.80 -37.79
N ILE D 48 12.83 -1.31 -36.63
CA ILE D 48 13.79 -2.05 -35.83
C ILE D 48 13.21 -3.38 -35.32
N ASN D 49 11.88 -3.48 -35.22
CA ASN D 49 11.26 -4.75 -34.87
C ASN D 49 11.47 -5.81 -35.95
N ARG D 50 11.70 -5.40 -37.20
CA ARG D 50 12.20 -6.36 -38.18
C ARG D 50 13.61 -6.78 -37.84
N VAL D 51 14.47 -5.78 -37.57
CA VAL D 51 15.92 -5.98 -37.45
C VAL D 51 16.24 -6.90 -36.28
N THR D 52 15.60 -6.67 -35.14
CA THR D 52 15.71 -7.52 -33.95
C THR D 52 15.41 -8.97 -34.29
N ASP D 53 14.32 -9.19 -35.05
CA ASP D 53 13.91 -10.52 -35.45
C ASP D 53 14.99 -11.20 -36.27
N ALA D 54 15.67 -10.43 -37.13
CA ALA D 54 16.76 -10.97 -37.94
C ALA D 54 17.86 -11.56 -37.07
N ALA D 55 18.24 -10.85 -36.00
CA ALA D 55 19.24 -11.37 -35.08
C ALA D 55 18.73 -12.62 -34.38
N LEU D 56 17.46 -12.60 -34.00
CA LEU D 56 16.89 -13.76 -33.33
C LEU D 56 16.57 -14.89 -34.29
N LYS D 57 16.72 -14.68 -35.60
CA LYS D 57 16.64 -15.82 -36.50
C LYS D 57 18.01 -16.34 -36.91
N ALA D 58 19.08 -15.69 -36.47
CA ALA D 58 20.41 -16.12 -36.87
C ALA D 58 21.24 -16.63 -35.69
N THR D 59 21.40 -15.81 -34.67
CA THR D 59 22.31 -16.11 -33.57
C THR D 59 21.53 -16.34 -32.29
N LYS D 60 22.26 -16.63 -31.23
CA LYS D 60 21.68 -16.79 -29.90
C LYS D 60 21.91 -15.57 -29.02
N VAL D 61 22.06 -14.39 -29.63
CA VAL D 61 22.27 -13.17 -28.87
C VAL D 61 20.97 -12.78 -28.20
N GLN D 62 21.04 -11.87 -27.24
CA GLN D 62 19.91 -11.64 -26.38
C GLN D 62 19.68 -10.14 -26.25
N PRO D 63 18.47 -9.65 -26.48
CA PRO D 63 18.22 -8.21 -26.46
C PRO D 63 17.84 -7.68 -25.09
N ALA D 64 18.39 -6.52 -24.75
CA ALA D 64 18.07 -5.84 -23.50
C ALA D 64 17.20 -4.61 -23.74
N VAL D 65 17.67 -3.68 -24.56
CA VAL D 65 17.02 -2.40 -24.77
C VAL D 65 16.55 -2.37 -26.21
N GLN D 66 15.23 -2.45 -26.40
CA GLN D 66 14.62 -2.24 -27.72
C GLN D 66 13.52 -1.20 -27.51
N VAL D 67 13.85 0.06 -27.81
CA VAL D 67 13.01 1.20 -27.49
C VAL D 67 12.68 1.94 -28.77
N VAL D 68 11.39 2.11 -29.03
CA VAL D 68 10.89 2.90 -30.15
C VAL D 68 10.48 4.26 -29.64
N GLU D 69 11.16 5.30 -30.11
CA GLU D 69 10.93 6.65 -29.62
C GLU D 69 9.94 7.35 -30.56
N ARG D 70 9.81 8.67 -30.40
CA ARG D 70 9.04 9.52 -31.31
C ARG D 70 9.54 9.43 -32.74
N ALA D 71 10.86 9.39 -32.93
CA ALA D 71 11.43 9.36 -34.26
C ALA D 71 12.26 8.12 -34.52
N TYR D 72 13.07 7.68 -33.57
CA TYR D 72 14.14 6.73 -33.83
C TYR D 72 13.88 5.44 -33.07
N GLY D 73 14.52 4.37 -33.53
CA GLY D 73 14.38 3.08 -32.89
C GLY D 73 15.72 2.47 -32.51
N LEU D 74 15.86 2.07 -31.25
CA LEU D 74 17.14 1.61 -30.71
C LEU D 74 17.03 0.15 -30.30
N LEU D 75 18.04 -0.63 -30.65
CA LEU D 75 18.13 -2.05 -30.33
C LEU D 75 19.47 -2.34 -29.68
N GLU D 76 19.43 -2.88 -28.48
CA GLU D 76 20.61 -3.50 -27.88
C GLU D 76 20.50 -4.99 -28.07
N VAL D 77 21.62 -5.64 -28.40
CA VAL D 77 21.73 -7.08 -28.30
C VAL D 77 23.03 -7.41 -27.57
N HIS D 78 23.03 -8.50 -26.83
CA HIS D 78 24.19 -8.85 -26.02
C HIS D 78 24.32 -10.35 -25.89
N HIS D 79 25.57 -10.81 -25.82
CA HIS D 79 25.87 -12.20 -25.48
C HIS D 79 27.31 -12.26 -25.03
N PHE D 80 27.66 -13.34 -24.32
CA PHE D 80 29.02 -13.52 -23.85
C PHE D 80 30.00 -13.74 -25.00
N ASP D 81 29.59 -14.48 -26.02
CA ASP D 81 30.47 -14.78 -27.15
C ASP D 81 30.45 -13.64 -28.14
N GLN D 82 31.63 -13.10 -28.46
CA GLN D 82 31.71 -12.05 -29.47
C GLN D 82 31.46 -12.59 -30.88
N GLY D 83 31.66 -13.89 -31.09
CA GLY D 83 31.34 -14.47 -32.39
C GLY D 83 29.85 -14.43 -32.68
N GLU D 84 29.04 -14.72 -31.65
CA GLU D 84 27.58 -14.62 -31.78
C GLU D 84 27.14 -13.19 -32.06
N VAL D 85 27.73 -12.22 -31.38
CA VAL D 85 27.30 -10.84 -31.50
C VAL D 85 27.77 -10.26 -32.83
N LEU D 86 28.97 -10.62 -33.29
CA LEU D 86 29.43 -10.16 -34.60
C LEU D 86 28.67 -10.83 -35.73
N ALA D 87 28.25 -12.09 -35.56
CA ALA D 87 27.40 -12.71 -36.57
C ALA D 87 26.00 -12.11 -36.57
N ALA D 88 25.50 -11.70 -35.41
CA ALA D 88 24.24 -10.97 -35.35
C ALA D 88 24.35 -9.61 -36.02
N GLY D 89 25.50 -8.95 -35.87
CA GLY D 89 25.71 -7.68 -36.54
C GLY D 89 25.84 -7.83 -38.03
N SER D 90 26.46 -8.93 -38.49
CA SER D 90 26.51 -9.22 -39.92
C SER D 90 25.12 -9.51 -40.47
N THR D 91 24.29 -10.20 -39.69
CA THR D 91 22.90 -10.46 -40.09
C THR D 91 22.10 -9.15 -40.17
N ILE D 92 22.35 -8.24 -39.23
CA ILE D 92 21.66 -6.94 -39.24
C ILE D 92 22.09 -6.10 -40.44
N LEU D 93 23.40 -6.04 -40.68
CA LEU D 93 23.90 -5.25 -41.81
C LEU D 93 23.56 -5.87 -43.16
N ASP D 94 23.29 -7.17 -43.22
CA ASP D 94 22.80 -7.75 -44.45
C ASP D 94 21.29 -7.57 -44.60
N LYS D 95 20.55 -7.53 -43.48
CA LYS D 95 19.13 -7.22 -43.55
C LYS D 95 18.89 -5.77 -43.94
N LEU D 96 19.69 -4.85 -43.40
CA LEU D 96 19.62 -3.45 -43.78
C LEU D 96 20.30 -3.16 -45.10
N GLU D 97 21.12 -4.11 -45.61
CA GLU D 97 21.86 -4.01 -46.86
C GLU D 97 22.78 -2.78 -46.87
N VAL D 98 23.38 -2.49 -45.72
CA VAL D 98 24.36 -1.41 -45.60
C VAL D 98 25.66 -1.99 -45.09
N ARG D 99 26.64 -1.14 -44.84
CA ARG D 99 27.97 -1.58 -44.44
C ARG D 99 28.28 -1.08 -43.02
N GLU D 100 29.53 -1.27 -42.61
CA GLU D 100 30.00 -0.77 -41.33
C GLU D 100 30.01 0.75 -41.30
N GLU D 101 30.55 1.37 -42.34
CA GLU D 101 30.70 2.81 -42.40
C GLU D 101 29.47 3.52 -42.97
N GLY D 102 28.38 2.80 -43.20
CA GLY D 102 27.14 3.42 -43.60
C GLY D 102 26.42 4.16 -42.49
N ARG D 103 26.84 3.95 -41.25
CA ARG D 103 26.30 4.65 -40.10
C ARG D 103 26.65 6.14 -40.16
N LEU D 104 25.86 6.93 -39.43
CA LEU D 104 26.17 8.35 -39.30
C LEU D 104 27.36 8.56 -38.38
N LYS D 105 28.21 9.50 -38.73
CA LYS D 105 29.38 9.77 -37.91
C LYS D 105 28.97 10.54 -36.66
N PRO D 106 29.40 10.12 -35.48
CA PRO D 106 28.96 10.79 -34.25
C PRO D 106 29.61 12.15 -34.09
N GLN D 107 28.80 13.15 -33.80
CA GLN D 107 29.23 14.51 -33.57
C GLN D 107 29.04 14.87 -32.10
N VAL D 108 30.05 15.49 -31.51
CA VAL D 108 29.97 15.94 -30.13
C VAL D 108 29.47 17.36 -30.12
N MET D 109 28.34 17.59 -29.43
CA MET D 109 27.76 18.92 -29.40
C MET D 109 28.29 19.75 -28.24
N THR D 110 28.37 19.18 -27.04
CA THR D 110 28.86 19.90 -25.88
C THR D 110 29.64 18.96 -24.99
N HIS D 111 30.94 19.20 -24.87
CA HIS D 111 31.78 18.47 -23.92
C HIS D 111 32.35 19.48 -22.94
N GLN D 112 31.89 19.42 -21.70
CA GLN D 112 32.27 20.37 -20.67
C GLN D 112 32.59 19.65 -19.38
N ILE D 113 33.57 20.17 -18.65
CA ILE D 113 33.93 19.68 -17.33
C ILE D 113 33.50 20.73 -16.32
N ILE D 114 32.61 20.34 -15.42
CA ILE D 114 32.11 21.23 -14.39
C ILE D 114 32.84 20.88 -13.11
N ARG D 115 33.78 21.72 -12.71
CA ARG D 115 34.67 21.43 -11.59
C ARG D 115 34.06 21.93 -10.30
N ALA D 116 34.04 21.06 -9.28
CA ALA D 116 33.57 21.34 -7.92
C ALA D 116 32.12 21.85 -7.92
N VAL D 117 31.23 20.93 -8.30
CA VAL D 117 29.83 21.28 -8.49
C VAL D 117 29.19 21.58 -7.15
N GLU D 118 28.44 22.69 -7.08
CA GLU D 118 27.81 23.11 -5.83
C GLU D 118 26.69 22.16 -5.44
N ALA D 119 26.28 22.26 -4.18
CA ALA D 119 25.30 21.32 -3.64
C ALA D 119 23.91 21.55 -4.19
N TYR D 120 23.57 22.80 -4.51
CA TYR D 120 22.27 23.11 -5.09
C TYR D 120 22.09 22.48 -6.45
N GLN D 121 23.15 22.35 -7.23
CA GLN D 121 23.02 21.70 -8.53
C GLN D 121 23.00 20.19 -8.39
N THR D 122 23.84 19.65 -7.49
CA THR D 122 23.88 18.19 -7.30
C THR D 122 22.65 17.66 -6.60
N GLN D 123 21.83 18.51 -5.99
CA GLN D 123 20.51 18.06 -5.56
C GLN D 123 19.48 18.09 -6.67
N ILE D 124 19.86 18.49 -7.88
CA ILE D 124 18.95 18.53 -9.01
C ILE D 124 19.34 17.50 -10.08
N ILE D 125 20.65 17.35 -10.30
CA ILE D 125 21.17 16.47 -11.35
C ILE D 125 20.71 15.03 -11.13
N ASN D 126 20.73 14.57 -9.89
CA ASN D 126 20.25 13.24 -9.58
C ASN D 126 18.84 13.23 -9.00
N ARG D 127 18.20 14.39 -8.93
CA ARG D 127 16.76 14.38 -8.73
C ARG D 127 16.05 13.86 -9.98
N ASN D 128 16.63 14.10 -11.14
CA ASN D 128 16.07 13.63 -12.39
C ASN D 128 17.08 12.75 -13.11
N SER D 129 17.70 11.82 -12.39
CA SER D 129 18.59 10.84 -13.01
C SER D 129 18.04 9.44 -12.78
N GLN D 130 18.82 8.45 -13.17
CA GLN D 130 18.46 7.06 -12.96
C GLN D 130 19.59 6.19 -12.44
N GLY D 131 20.77 6.74 -12.19
CA GLY D 131 21.89 5.92 -11.75
C GLY D 131 22.47 6.34 -10.41
N MET D 132 23.79 6.35 -10.30
CA MET D 132 24.43 6.71 -9.04
C MET D 132 24.31 8.20 -8.77
N MET D 133 24.33 8.55 -7.50
CA MET D 133 24.11 9.92 -7.08
C MET D 133 25.41 10.70 -7.18
N ILE D 134 25.35 11.87 -7.83
CA ILE D 134 26.48 12.79 -7.78
C ILE D 134 26.57 13.38 -6.38
N LEU D 135 27.76 13.43 -5.86
CA LEU D 135 27.93 14.01 -4.54
C LEU D 135 28.50 15.42 -4.66
N PRO D 136 28.15 16.31 -3.73
CA PRO D 136 28.65 17.69 -3.82
C PRO D 136 30.15 17.77 -3.60
N GLY D 137 30.81 18.55 -4.46
CA GLY D 137 32.24 18.66 -4.49
C GLY D 137 32.90 17.81 -5.55
N GLU D 138 32.18 16.85 -6.12
CA GLU D 138 32.74 16.01 -7.17
C GLU D 138 32.62 16.70 -8.51
N SER D 139 33.70 16.64 -9.29
CA SER D 139 33.71 17.20 -10.62
C SER D 139 32.82 16.37 -11.55
N LEU D 140 32.22 17.07 -12.52
CA LEU D 140 31.22 16.50 -13.41
C LEU D 140 31.62 16.72 -14.86
N PHE D 141 31.44 15.69 -15.67
CA PHE D 141 31.63 15.75 -17.11
C PHE D 141 30.30 15.46 -17.79
N ILE D 142 29.82 16.41 -18.57
CA ILE D 142 28.58 16.26 -19.32
C ILE D 142 28.93 16.14 -20.80
N LEU D 143 28.06 15.45 -21.54
CA LEU D 143 28.38 15.13 -22.92
C LEU D 143 27.11 14.87 -23.73
N GLU D 144 27.05 15.41 -24.95
CA GLU D 144 26.01 15.06 -25.89
C GLU D 144 26.61 14.64 -27.21
N THR D 145 26.18 13.49 -27.71
CA THR D 145 26.54 13.00 -29.02
C THR D 145 25.30 12.91 -29.89
N GLN D 146 25.49 13.12 -31.20
CA GLN D 146 24.43 12.97 -32.17
C GLN D 146 24.95 12.04 -33.27
N PRO D 147 24.26 10.93 -33.58
CA PRO D 147 23.01 10.37 -33.06
C PRO D 147 23.12 9.84 -31.63
N ALA D 148 22.00 9.43 -31.06
CA ALA D 148 21.94 9.18 -29.63
C ALA D 148 22.58 7.87 -29.21
N GLY D 149 22.65 6.88 -30.11
CA GLY D 149 23.10 5.56 -29.73
C GLY D 149 24.58 5.44 -29.45
N TYR D 150 25.39 6.42 -29.85
CA TYR D 150 26.82 6.34 -29.64
C TYR D 150 27.23 6.62 -28.21
N ALA D 151 26.33 7.20 -27.41
CA ALA D 151 26.68 7.71 -26.09
C ALA D 151 27.06 6.58 -25.12
N VAL D 152 26.54 5.37 -25.34
CA VAL D 152 26.95 4.25 -24.50
C VAL D 152 28.42 3.92 -24.70
N LEU D 153 28.91 4.06 -25.94
CA LEU D 153 30.36 4.00 -26.19
C LEU D 153 31.05 5.10 -25.42
N ALA D 154 30.49 6.31 -25.46
CA ALA D 154 30.97 7.43 -24.67
C ALA D 154 30.88 7.16 -23.18
N ALA D 155 29.97 6.27 -22.76
CA ALA D 155 30.01 5.83 -21.38
C ALA D 155 31.11 4.79 -21.18
N ASN D 156 31.15 3.79 -22.07
CA ASN D 156 31.84 2.52 -21.78
C ASN D 156 33.34 2.73 -21.70
N GLU D 157 33.92 3.35 -22.73
CA GLU D 157 35.34 3.68 -22.73
C GLU D 157 35.68 4.64 -21.60
N ALA D 158 34.74 5.53 -21.22
CA ALA D 158 35.00 6.46 -20.14
C ALA D 158 35.05 5.77 -18.79
N GLU D 159 34.56 4.53 -18.70
CA GLU D 159 34.82 3.74 -17.50
C GLU D 159 35.90 2.70 -17.75
N LYS D 160 36.22 2.43 -19.01
CA LYS D 160 37.28 1.47 -19.31
C LYS D 160 38.66 2.04 -18.99
N ALA D 161 38.82 3.37 -19.00
CA ALA D 161 40.11 4.00 -18.78
C ALA D 161 40.12 4.88 -17.53
N ALA D 162 39.12 4.74 -16.66
CA ALA D 162 39.09 5.50 -15.42
C ALA D 162 38.25 4.74 -14.40
N ASN D 163 38.05 5.36 -13.24
CA ASN D 163 37.19 4.83 -12.18
C ASN D 163 36.29 5.97 -11.74
N VAL D 164 35.16 6.12 -12.43
CA VAL D 164 34.22 7.21 -12.16
C VAL D 164 32.89 6.61 -11.72
N HIS D 165 31.91 7.47 -11.48
CA HIS D 165 30.55 7.04 -11.19
C HIS D 165 29.64 7.46 -12.34
N LEU D 166 28.99 6.49 -12.96
CA LEU D 166 28.03 6.79 -14.01
C LEU D 166 26.76 7.35 -13.39
N VAL D 167 26.40 8.58 -13.75
CA VAL D 167 25.24 9.23 -13.16
C VAL D 167 24.01 8.96 -14.01
N ASN D 168 24.02 9.42 -15.26
CA ASN D 168 22.87 9.20 -16.14
C ASN D 168 23.36 9.28 -17.58
N VAL D 169 23.17 8.21 -18.35
CA VAL D 169 23.39 8.22 -19.78
C VAL D 169 22.06 7.89 -20.46
N THR D 170 21.61 8.79 -21.31
CA THR D 170 20.39 8.58 -22.08
C THR D 170 20.80 8.21 -23.50
N PRO D 171 20.62 6.96 -23.91
CA PRO D 171 21.12 6.51 -25.22
C PRO D 171 20.11 6.58 -26.34
N TYR D 172 18.85 6.87 -26.06
CA TYR D 172 17.84 7.06 -27.09
C TYR D 172 17.32 8.48 -27.00
N GLY D 173 17.20 9.13 -28.15
CA GLY D 173 16.80 10.53 -28.16
C GLY D 173 17.18 11.17 -29.48
N ALA D 174 16.90 12.46 -29.56
CA ALA D 174 17.54 13.24 -30.60
C ALA D 174 19.00 13.47 -30.26
N PHE D 175 19.30 13.76 -28.99
CA PHE D 175 20.64 14.04 -28.50
C PHE D 175 20.95 13.02 -27.40
N GLY D 176 21.94 12.16 -27.62
CA GLY D 176 22.34 11.21 -26.60
C GLY D 176 23.17 11.88 -25.54
N ARG D 177 22.83 11.64 -24.27
CA ARG D 177 23.36 12.43 -23.16
C ARG D 177 24.16 11.56 -22.20
N LEU D 178 25.13 12.19 -21.53
CA LEU D 178 26.02 11.49 -20.63
C LEU D 178 26.43 12.39 -19.48
N TYR D 179 26.27 11.89 -18.26
CA TYR D 179 26.73 12.52 -17.04
C TYR D 179 27.74 11.61 -16.36
N LEU D 180 28.84 12.18 -15.89
CA LEU D 180 29.89 11.39 -15.23
C LEU D 180 30.45 12.18 -14.07
N ALA D 181 30.29 11.68 -12.86
CA ALA D 181 30.83 12.34 -11.68
C ALA D 181 32.10 11.65 -11.22
N GLY D 182 32.88 12.37 -10.42
CA GLY D 182 34.02 11.78 -9.76
C GLY D 182 35.06 12.83 -9.45
N SER D 183 36.20 12.37 -8.95
CA SER D 183 37.29 13.27 -8.59
C SER D 183 37.93 13.86 -9.86
N GLU D 184 38.72 14.92 -9.65
CA GLU D 184 39.07 15.87 -10.71
C GLU D 184 39.88 15.23 -11.82
N ALA D 185 41.10 14.77 -11.50
CA ALA D 185 41.97 14.17 -12.52
C ALA D 185 41.41 12.86 -13.06
N GLU D 186 40.57 12.19 -12.27
CA GLU D 186 40.03 10.91 -12.68
C GLU D 186 38.95 11.10 -13.75
N ILE D 187 38.06 12.08 -13.56
CA ILE D 187 37.14 12.39 -14.66
C ILE D 187 37.82 13.15 -15.77
N ASP D 188 38.98 13.77 -15.52
CA ASP D 188 39.77 14.32 -16.62
C ASP D 188 40.25 13.21 -17.55
N ALA D 189 40.77 12.12 -16.96
CA ALA D 189 41.16 10.96 -17.76
C ALA D 189 39.97 10.30 -18.42
N ALA D 190 38.81 10.27 -17.73
CA ALA D 190 37.60 9.71 -18.31
C ALA D 190 37.10 10.55 -19.49
N ALA D 191 37.17 11.88 -19.36
CA ALA D 191 36.74 12.76 -20.44
C ALA D 191 37.68 12.68 -21.63
N GLU D 192 38.99 12.57 -21.37
CA GLU D 192 39.96 12.38 -22.46
C GLU D 192 39.72 11.07 -23.19
N ALA D 193 39.42 10.01 -22.44
CA ALA D 193 39.16 8.70 -23.06
C ALA D 193 37.87 8.71 -23.88
N ALA D 194 36.83 9.35 -23.36
CA ALA D 194 35.56 9.38 -24.09
C ALA D 194 35.64 10.25 -25.34
N GLU D 195 36.32 11.41 -25.24
CA GLU D 195 36.47 12.27 -26.41
C GLU D 195 37.39 11.64 -27.45
N ALA D 196 38.37 10.84 -27.03
CA ALA D 196 39.18 10.11 -27.99
C ALA D 196 38.41 8.93 -28.58
N ALA D 197 37.46 8.37 -27.83
CA ALA D 197 36.71 7.23 -28.32
C ALA D 197 35.63 7.63 -29.31
N ILE D 198 35.01 8.80 -29.14
CA ILE D 198 33.96 9.20 -30.07
C ILE D 198 34.55 9.63 -31.41
N ARG D 199 35.64 10.39 -31.39
CA ARG D 199 36.23 10.87 -32.63
C ARG D 199 36.94 9.80 -33.43
N SER D 200 37.12 8.60 -32.87
CA SER D 200 37.73 7.48 -33.57
C SER D 200 36.69 6.63 -34.31
N VAL D 201 35.44 7.08 -34.38
CA VAL D 201 34.38 6.34 -35.05
C VAL D 201 34.14 6.99 -36.40
N SER D 202 34.30 6.20 -37.47
CA SER D 202 34.08 6.69 -38.82
C SER D 202 32.63 6.45 -39.25
N GLY D 203 32.23 7.14 -40.30
CA GLY D 203 30.87 7.00 -40.80
C GLY D 203 30.56 8.06 -41.84
N VAL D 204 29.28 8.32 -42.01
CA VAL D 204 28.78 9.31 -42.97
C VAL D 204 28.51 10.61 -42.23
N ALA D 205 29.08 11.69 -42.71
CA ALA D 205 28.88 13.00 -42.10
C ALA D 205 27.49 13.55 -42.37
N THR E 4 23.43 28.75 -27.24
CA THR E 4 22.48 29.64 -27.89
C THR E 4 21.33 30.00 -26.97
N LEU E 5 21.24 31.27 -26.61
CA LEU E 5 20.19 31.75 -25.72
C LEU E 5 18.86 31.82 -26.45
N ARG E 6 17.88 31.05 -25.98
CA ARG E 6 16.55 31.08 -26.55
C ARG E 6 15.57 31.93 -25.75
N THR E 7 15.65 31.87 -24.43
CA THR E 7 14.73 32.60 -23.57
C THR E 7 15.49 33.14 -22.37
N TYR E 8 15.42 34.45 -22.16
CA TYR E 8 15.97 35.08 -20.96
C TYR E 8 14.90 36.02 -20.45
N ILE E 9 14.12 35.60 -19.45
CA ILE E 9 13.07 36.43 -18.92
C ILE E 9 13.23 36.54 -17.41
N PHE E 10 12.93 37.72 -16.88
CA PHE E 10 13.16 38.08 -15.48
C PHE E 10 11.82 38.41 -14.85
N LEU E 11 11.31 37.50 -14.03
CA LEU E 11 10.07 37.74 -13.29
C LEU E 11 10.43 38.50 -12.02
N ASP E 12 9.93 39.73 -11.90
CA ASP E 12 10.28 40.56 -10.76
C ASP E 12 9.60 40.10 -9.48
N ALA E 13 8.41 39.50 -9.59
CA ALA E 13 7.70 39.01 -8.42
C ALA E 13 6.80 37.86 -8.84
N LEU E 14 6.90 36.75 -8.13
CA LEU E 14 6.05 35.59 -8.42
C LEU E 14 4.69 35.78 -7.77
N GLN E 15 3.64 35.82 -8.59
CA GLN E 15 2.29 35.77 -8.08
C GLN E 15 2.02 34.37 -7.48
N PRO E 16 1.13 34.28 -6.48
CA PRO E 16 1.13 33.06 -5.63
C PRO E 16 0.69 31.78 -6.31
N GLN E 17 -0.27 31.84 -7.25
CA GLN E 17 -0.68 30.60 -7.92
C GLN E 17 0.38 30.10 -8.87
N LEU E 18 1.15 31.02 -9.48
CA LEU E 18 2.25 30.60 -10.36
C LEU E 18 3.36 29.92 -9.57
N ALA E 19 3.79 30.54 -8.47
CA ALA E 19 4.82 29.93 -7.64
C ALA E 19 4.35 28.64 -7.01
N THR E 20 3.05 28.57 -6.69
CA THR E 20 2.44 27.35 -6.19
C THR E 20 2.50 26.23 -7.23
N PHE E 21 2.17 26.56 -8.48
CA PHE E 21 2.19 25.58 -9.55
C PHE E 21 3.59 25.14 -9.89
N ILE E 22 4.55 26.08 -9.88
CA ILE E 22 5.94 25.75 -10.15
C ILE E 22 6.49 24.83 -9.07
N GLY E 23 6.25 25.18 -7.81
CA GLY E 23 6.68 24.31 -6.73
C GLY E 23 5.89 23.02 -6.60
N LYS E 24 4.78 22.90 -7.31
CA LYS E 24 4.09 21.61 -7.35
C LYS E 24 4.80 20.63 -8.29
N THR E 25 5.36 21.13 -9.39
CA THR E 25 5.96 20.30 -10.44
C THR E 25 7.40 20.73 -10.73
N ALA E 26 8.22 20.86 -9.69
CA ALA E 26 9.62 21.21 -9.86
C ALA E 26 10.53 20.08 -9.42
N ARG E 27 11.67 19.98 -10.07
CA ARG E 27 12.75 19.09 -9.66
C ARG E 27 13.86 19.99 -9.11
N GLY E 28 13.73 20.38 -7.87
CA GLY E 28 14.64 21.33 -7.28
C GLY E 28 13.96 22.09 -6.16
N PHE E 29 14.64 23.14 -5.71
CA PHE E 29 14.30 23.80 -4.45
C PHE E 29 13.09 24.70 -4.64
N LEU E 30 12.07 24.49 -3.84
CA LEU E 30 10.74 24.99 -4.18
C LEU E 30 10.61 26.46 -3.82
N PRO E 31 10.10 27.29 -4.73
CA PRO E 31 10.00 28.73 -4.46
C PRO E 31 8.72 29.06 -3.70
N VAL E 32 8.78 30.20 -3.01
CA VAL E 32 7.62 30.71 -2.26
C VAL E 32 7.16 31.96 -2.99
N PRO E 33 5.91 32.42 -2.80
CA PRO E 33 5.49 33.66 -3.47
C PRO E 33 6.22 34.89 -2.96
N GLY E 34 6.33 35.88 -3.83
CA GLY E 34 7.04 37.10 -3.54
C GLY E 34 8.50 37.10 -3.94
N GLN E 35 9.06 35.93 -4.24
CA GLN E 35 10.45 35.85 -4.67
C GLN E 35 10.60 36.35 -6.10
N ALA E 36 11.83 36.67 -6.45
CA ALA E 36 12.20 37.09 -7.79
C ALA E 36 12.77 35.90 -8.54
N SER E 37 12.29 35.69 -9.77
CA SER E 37 12.61 34.52 -10.55
C SER E 37 13.28 34.92 -11.86
N LEU E 38 14.01 33.96 -12.42
CA LEU E 38 14.76 34.15 -13.66
C LEU E 38 14.72 32.85 -14.44
N TRP E 39 14.29 32.93 -15.70
CA TRP E 39 14.11 31.78 -16.56
C TRP E 39 15.03 31.92 -17.76
N VAL E 40 15.94 30.97 -17.92
CA VAL E 40 16.90 30.94 -19.01
C VAL E 40 16.76 29.60 -19.72
N GLU E 41 16.28 29.62 -20.95
CA GLU E 41 16.19 28.43 -21.78
C GLU E 41 17.22 28.56 -22.90
N ILE E 42 18.12 27.60 -23.00
CA ILE E 42 19.16 27.61 -24.02
C ILE E 42 19.14 26.30 -24.80
N ALA E 43 19.78 26.34 -25.97
CA ALA E 43 20.01 25.16 -26.79
C ALA E 43 21.51 25.11 -27.09
N PRO E 44 22.17 23.94 -26.98
CA PRO E 44 21.68 22.59 -26.67
C PRO E 44 21.32 22.38 -25.21
N GLY E 45 20.63 21.27 -24.93
CA GLY E 45 19.95 21.12 -23.66
C GLY E 45 20.86 20.77 -22.49
N ILE E 46 22.04 20.24 -22.76
CA ILE E 46 22.88 19.78 -21.65
C ILE E 46 23.75 20.92 -21.12
N ALA E 47 24.00 21.96 -21.92
CA ALA E 47 24.92 23.02 -21.53
C ALA E 47 24.37 23.89 -20.44
N ILE E 48 23.06 23.78 -20.16
CA ILE E 48 22.46 24.49 -19.05
C ILE E 48 23.01 23.98 -17.72
N ASN E 49 23.49 22.73 -17.69
CA ASN E 49 24.18 22.23 -16.49
C ASN E 49 25.47 22.98 -16.23
N ARG E 50 26.10 23.52 -17.28
CA ARG E 50 27.18 24.47 -17.06
C ARG E 50 26.64 25.77 -16.48
N VAL E 51 25.57 26.28 -17.10
CA VAL E 51 25.11 27.65 -16.86
C VAL E 51 24.63 27.82 -15.44
N THR E 52 23.85 26.84 -14.94
CA THR E 52 23.41 26.80 -13.56
C THR E 52 24.57 26.92 -12.59
N ASP E 53 25.65 26.18 -12.87
CA ASP E 53 26.84 26.19 -12.03
C ASP E 53 27.42 27.58 -11.92
N ALA E 54 27.42 28.32 -13.04
CA ALA E 54 27.94 29.69 -13.06
C ALA E 54 27.20 30.57 -12.07
N ALA E 55 25.86 30.46 -12.05
CA ALA E 55 25.07 31.22 -11.10
C ALA E 55 25.38 30.79 -9.68
N LEU E 56 25.53 29.48 -9.47
CA LEU E 56 25.82 28.97 -8.15
C LEU E 56 27.26 29.21 -7.73
N LYS E 57 28.11 29.69 -8.64
CA LYS E 57 29.43 30.14 -8.20
C LYS E 57 29.47 31.62 -7.91
N ALA E 58 28.49 32.38 -8.39
CA ALA E 58 28.56 33.83 -8.26
C ALA E 58 27.68 34.36 -7.13
N THR E 59 26.39 34.06 -7.19
CA THR E 59 25.41 34.65 -6.31
C THR E 59 24.83 33.60 -5.37
N LYS E 60 23.93 34.04 -4.50
CA LYS E 60 23.23 33.17 -3.58
C LYS E 60 21.83 32.82 -4.06
N VAL E 61 21.63 32.77 -5.38
CA VAL E 61 20.31 32.43 -5.93
C VAL E 61 20.07 30.95 -5.75
N GLN E 62 18.85 30.51 -5.98
CA GLN E 62 18.46 29.18 -5.63
C GLN E 62 17.55 28.63 -6.74
N PRO E 63 17.86 27.46 -7.28
CA PRO E 63 17.12 26.96 -8.44
C PRO E 63 15.98 26.03 -8.10
N ALA E 64 14.90 26.13 -8.89
CA ALA E 64 13.74 25.26 -8.76
C ALA E 64 13.57 24.32 -9.93
N VAL E 65 13.59 24.83 -11.15
CA VAL E 65 13.33 24.06 -12.35
C VAL E 65 14.59 24.07 -13.18
N GLN E 66 15.25 22.92 -13.28
CA GLN E 66 16.41 22.74 -14.16
C GLN E 66 16.12 21.47 -14.96
N VAL E 67 15.46 21.65 -16.09
CA VAL E 67 14.96 20.54 -16.90
C VAL E 67 15.79 20.43 -18.17
N VAL E 68 16.42 19.27 -18.33
CA VAL E 68 17.10 18.95 -19.57
C VAL E 68 16.09 18.16 -20.42
N GLU E 69 15.44 18.87 -21.34
CA GLU E 69 14.33 18.33 -22.10
C GLU E 69 14.92 17.60 -23.31
N ARG E 70 14.06 17.11 -24.21
CA ARG E 70 14.52 16.31 -25.35
C ARG E 70 15.31 17.14 -26.35
N ALA E 71 15.07 18.43 -26.41
CA ALA E 71 15.86 19.25 -27.30
C ALA E 71 16.50 20.45 -26.59
N TYR E 72 15.82 21.04 -25.63
CA TYR E 72 16.22 22.33 -25.07
C TYR E 72 16.50 22.17 -23.57
N GLY E 73 17.20 23.14 -23.01
CA GLY E 73 17.51 23.10 -21.59
C GLY E 73 16.99 24.33 -20.87
N LEU E 74 16.24 24.13 -19.79
CA LEU E 74 15.57 25.21 -19.08
C LEU E 74 16.09 25.32 -17.67
N LEU E 75 16.38 26.53 -17.23
CA LEU E 75 16.82 26.82 -15.88
C LEU E 75 15.94 27.89 -15.25
N GLU E 76 15.43 27.60 -14.07
CA GLU E 76 14.86 28.61 -13.21
C GLU E 76 15.83 28.84 -12.05
N VAL E 77 16.06 30.10 -11.71
CA VAL E 77 16.71 30.44 -10.45
C VAL E 77 15.86 31.51 -9.77
N HIS E 78 15.94 31.56 -8.44
CA HIS E 78 15.09 32.49 -7.71
C HIS E 78 15.72 32.85 -6.38
N HIS E 79 15.44 34.08 -5.95
CA HIS E 79 15.86 34.56 -4.63
C HIS E 79 15.01 35.77 -4.29
N PHE E 80 14.93 36.06 -2.98
CA PHE E 80 14.18 37.23 -2.52
C PHE E 80 14.80 38.53 -3.00
N ASP E 81 16.09 38.71 -2.79
CA ASP E 81 16.78 39.94 -3.19
C ASP E 81 16.93 39.97 -4.70
N GLN E 82 16.41 41.02 -5.33
CA GLN E 82 16.50 41.11 -6.79
C GLN E 82 17.90 41.43 -7.27
N GLY E 83 18.75 42.00 -6.42
CA GLY E 83 20.13 42.22 -6.80
C GLY E 83 20.89 40.93 -7.01
N GLU E 84 20.59 39.92 -6.18
CA GLU E 84 21.18 38.59 -6.36
C GLU E 84 20.75 37.97 -7.67
N VAL E 85 19.47 38.10 -8.03
CA VAL E 85 18.96 37.47 -9.25
C VAL E 85 19.48 38.21 -10.48
N LEU E 86 19.57 39.54 -10.41
CA LEU E 86 20.11 40.31 -11.53
C LEU E 86 21.60 40.06 -11.72
N ALA E 87 22.35 39.91 -10.62
CA ALA E 87 23.76 39.57 -10.75
C ALA E 87 23.95 38.15 -11.26
N ALA E 88 23.05 37.23 -10.90
CA ALA E 88 23.07 35.89 -11.46
C ALA E 88 22.76 35.92 -12.95
N GLY E 89 21.83 36.79 -13.37
CA GLY E 89 21.55 36.93 -14.78
C GLY E 89 22.70 37.52 -15.56
N SER E 90 23.41 38.47 -14.95
CA SER E 90 24.61 39.03 -15.58
C SER E 90 25.71 37.99 -15.69
N THR E 91 25.84 37.13 -14.67
CA THR E 91 26.83 36.05 -14.71
C THR E 91 26.46 35.03 -15.79
N ILE E 92 25.17 34.73 -15.94
CA ILE E 92 24.73 33.80 -16.97
C ILE E 92 24.96 34.38 -18.36
N LEU E 93 24.64 35.66 -18.56
CA LEU E 93 24.85 36.28 -19.86
C LEU E 93 26.32 36.51 -20.18
N ASP E 94 27.18 36.59 -19.17
CA ASP E 94 28.61 36.67 -19.45
C ASP E 94 29.25 35.30 -19.66
N LYS E 95 28.69 34.26 -19.02
CA LYS E 95 29.16 32.90 -19.29
C LYS E 95 28.75 32.45 -20.69
N LEU E 96 27.54 32.82 -21.11
CA LEU E 96 27.11 32.54 -22.48
C LEU E 96 27.68 33.53 -23.49
N GLU E 97 28.27 34.63 -23.01
CA GLU E 97 28.88 35.69 -23.84
C GLU E 97 27.91 36.27 -24.85
N VAL E 98 26.66 36.45 -24.44
CA VAL E 98 25.65 37.11 -25.26
C VAL E 98 25.18 38.35 -24.50
N ARG E 99 24.42 39.19 -25.20
CA ARG E 99 23.94 40.43 -24.62
C ARG E 99 22.64 40.20 -23.86
N GLU E 100 22.01 41.29 -23.45
CA GLU E 100 20.67 41.21 -22.88
C GLU E 100 19.65 40.82 -23.93
N GLU E 101 19.62 41.54 -25.04
CA GLU E 101 18.67 41.27 -26.13
C GLU E 101 19.25 40.32 -27.16
N GLY E 102 19.78 39.19 -26.70
CA GLY E 102 20.23 38.13 -27.56
C GLY E 102 19.27 36.97 -27.62
N ARG E 103 18.22 37.00 -26.82
CA ARG E 103 17.20 35.95 -26.81
C ARG E 103 16.35 36.01 -28.07
N LEU E 104 15.68 34.90 -28.34
CA LEU E 104 14.69 34.88 -29.40
C LEU E 104 13.47 35.70 -29.00
N LYS E 105 12.95 36.47 -29.94
CA LYS E 105 11.75 37.25 -29.67
C LYS E 105 10.56 36.30 -29.57
N PRO E 106 9.75 36.40 -28.51
CA PRO E 106 8.65 35.45 -28.34
C PRO E 106 7.54 35.69 -29.35
N GLN E 107 7.00 34.59 -29.87
CA GLN E 107 5.99 34.62 -30.91
C GLN E 107 4.74 33.92 -30.40
N VAL E 108 3.59 34.58 -30.55
CA VAL E 108 2.32 34.02 -30.12
C VAL E 108 1.69 33.30 -31.31
N MET E 109 1.48 31.99 -31.16
CA MET E 109 0.89 31.20 -32.23
C MET E 109 -0.63 31.17 -32.17
N THR E 110 -1.18 30.85 -30.99
CA THR E 110 -2.63 30.76 -30.84
C THR E 110 -3.01 31.33 -29.47
N HIS E 111 -3.75 32.43 -29.49
CA HIS E 111 -4.29 33.04 -28.28
C HIS E 111 -5.80 33.05 -28.40
N GLN E 112 -6.48 32.27 -27.56
CA GLN E 112 -7.93 32.13 -27.69
C GLN E 112 -8.62 32.22 -26.35
N ILE E 113 -9.80 32.82 -26.37
CA ILE E 113 -10.71 32.87 -25.23
C ILE E 113 -11.90 31.99 -25.58
N ILE E 114 -12.10 30.94 -24.82
CA ILE E 114 -13.22 30.02 -24.99
C ILE E 114 -14.20 30.30 -23.87
N ARG E 115 -15.32 30.93 -24.21
CA ARG E 115 -16.31 31.32 -23.21
C ARG E 115 -17.30 30.19 -22.97
N ALA E 116 -17.58 29.95 -21.68
CA ALA E 116 -18.56 28.97 -21.20
C ALA E 116 -18.22 27.56 -21.69
N VAL E 117 -17.11 27.04 -21.18
CA VAL E 117 -16.63 25.72 -21.58
C VAL E 117 -17.57 24.65 -21.04
N GLU E 118 -17.97 23.73 -21.90
CA GLU E 118 -18.85 22.63 -21.53
C GLU E 118 -18.13 21.66 -20.59
N ALA E 119 -18.93 20.84 -19.90
CA ALA E 119 -18.37 19.94 -18.88
C ALA E 119 -17.51 18.84 -19.50
N TYR E 120 -17.89 18.37 -20.70
CA TYR E 120 -17.15 17.33 -21.39
C TYR E 120 -15.75 17.78 -21.77
N GLN E 121 -15.55 19.08 -21.97
CA GLN E 121 -14.20 19.55 -22.23
C GLN E 121 -13.43 19.79 -20.95
N THR E 122 -14.12 20.26 -19.89
CA THR E 122 -13.44 20.58 -18.64
C THR E 122 -12.87 19.35 -17.97
N GLN E 123 -13.61 18.23 -17.99
CA GLN E 123 -13.13 17.00 -17.37
C GLN E 123 -11.84 16.51 -18.04
N ILE E 124 -11.73 16.67 -19.35
CA ILE E 124 -10.53 16.26 -20.06
C ILE E 124 -9.39 17.23 -19.80
N ILE E 125 -9.68 18.54 -19.78
CA ILE E 125 -8.64 19.55 -19.56
C ILE E 125 -8.01 19.40 -18.20
N ASN E 126 -8.82 19.25 -17.16
CA ASN E 126 -8.22 19.13 -15.84
C ASN E 126 -8.03 17.69 -15.39
N ARG E 127 -8.25 16.69 -16.25
CA ARG E 127 -7.59 15.41 -16.03
C ARG E 127 -6.14 15.48 -16.49
N ASN E 128 -5.89 16.20 -17.58
CA ASN E 128 -4.57 16.26 -18.21
C ASN E 128 -3.80 17.50 -17.79
N SER E 129 -3.94 17.90 -16.52
CA SER E 129 -3.22 19.05 -15.99
C SER E 129 -2.84 18.78 -14.55
N GLN E 130 -1.93 19.60 -14.02
CA GLN E 130 -1.48 19.50 -12.63
C GLN E 130 -1.70 20.80 -11.87
N GLY E 131 -2.75 21.55 -12.19
CA GLY E 131 -2.99 22.79 -11.48
C GLY E 131 -4.37 22.88 -10.88
N MET E 132 -4.91 24.10 -10.79
CA MET E 132 -6.28 24.26 -10.30
C MET E 132 -7.27 23.75 -11.32
N MET E 133 -8.31 23.09 -10.83
CA MET E 133 -9.29 22.45 -11.70
C MET E 133 -10.18 23.50 -12.35
N ILE E 134 -10.34 23.42 -13.66
CA ILE E 134 -11.32 24.27 -14.32
C ILE E 134 -12.71 23.68 -14.10
N LEU E 135 -13.65 24.54 -13.77
CA LEU E 135 -15.01 24.13 -13.50
C LEU E 135 -15.89 24.40 -14.71
N PRO E 136 -16.92 23.58 -14.93
CA PRO E 136 -17.82 23.81 -16.07
C PRO E 136 -18.63 25.09 -15.90
N GLY E 137 -18.58 25.93 -16.93
CA GLY E 137 -19.18 27.25 -16.87
C GLY E 137 -18.18 28.38 -16.76
N GLU E 138 -16.89 28.08 -16.71
CA GLU E 138 -15.85 29.08 -16.59
C GLU E 138 -15.20 29.35 -17.93
N SER E 139 -14.81 30.60 -18.13
CA SER E 139 -14.13 30.97 -19.37
C SER E 139 -12.67 30.57 -19.32
N LEU E 140 -12.20 29.98 -20.41
CA LEU E 140 -10.86 29.46 -20.57
C LEU E 140 -10.06 30.39 -21.46
N PHE E 141 -8.76 30.51 -21.17
CA PHE E 141 -7.83 31.22 -22.03
C PHE E 141 -6.67 30.30 -22.33
N ILE E 142 -6.45 30.04 -23.61
CA ILE E 142 -5.37 29.15 -24.05
C ILE E 142 -4.36 29.97 -24.83
N LEU E 143 -3.07 29.66 -24.62
CA LEU E 143 -2.00 30.47 -25.18
C LEU E 143 -0.76 29.62 -25.43
N GLU E 144 -0.14 29.79 -26.59
CA GLU E 144 1.16 29.19 -26.87
C GLU E 144 2.18 30.25 -27.26
N THR E 145 3.39 30.10 -26.73
CA THR E 145 4.52 30.94 -27.07
C THR E 145 5.67 30.08 -27.55
N GLN E 146 6.44 30.61 -28.49
CA GLN E 146 7.67 29.97 -28.95
C GLN E 146 8.82 30.94 -28.75
N PRO E 147 9.90 30.57 -28.04
CA PRO E 147 10.21 29.32 -27.34
C PRO E 147 9.38 29.10 -26.09
N ALA E 148 9.57 27.96 -25.44
CA ALA E 148 8.67 27.53 -24.37
C ALA E 148 8.88 28.30 -23.07
N GLY E 149 9.99 29.00 -22.90
CA GLY E 149 10.28 29.62 -21.63
C GLY E 149 9.51 30.88 -21.32
N TYR E 150 8.84 31.46 -22.32
CA TYR E 150 8.13 32.71 -22.09
C TYR E 150 6.73 32.51 -21.55
N ALA E 151 6.29 31.27 -21.37
CA ALA E 151 4.94 31.03 -20.88
C ALA E 151 4.79 31.41 -19.41
N VAL E 152 5.88 31.34 -18.65
CA VAL E 152 5.81 31.75 -17.25
C VAL E 152 5.68 33.26 -17.14
N LEU E 153 6.19 34.01 -18.11
CA LEU E 153 5.99 35.46 -18.14
C LEU E 153 4.52 35.80 -18.35
N ALA E 154 3.88 35.11 -19.30
CA ALA E 154 2.47 35.33 -19.56
C ALA E 154 1.61 34.91 -18.37
N ALA E 155 1.97 33.80 -17.72
CA ALA E 155 1.23 33.35 -16.55
C ALA E 155 1.36 34.34 -15.39
N ASN E 156 2.59 34.84 -15.17
CA ASN E 156 2.84 35.76 -14.08
C ASN E 156 2.13 37.09 -14.30
N GLU E 157 2.17 37.62 -15.54
CA GLU E 157 1.53 38.89 -15.80
C GLU E 157 0.02 38.77 -15.83
N ALA E 158 -0.51 37.66 -16.36
CA ALA E 158 -1.94 37.48 -16.40
C ALA E 158 -2.53 37.22 -15.03
N GLU E 159 -1.75 36.64 -14.11
CA GLU E 159 -2.24 36.57 -12.74
C GLU E 159 -2.05 37.90 -12.01
N LYS E 160 -0.99 38.64 -12.34
CA LYS E 160 -0.73 39.92 -11.69
C LYS E 160 -1.79 40.96 -12.02
N ALA E 161 -2.29 40.97 -13.25
CA ALA E 161 -3.22 42.00 -13.69
C ALA E 161 -4.65 41.50 -13.80
N ALA E 162 -4.99 40.40 -13.13
CA ALA E 162 -6.36 39.89 -13.13
C ALA E 162 -6.56 39.04 -11.88
N ASN E 163 -7.69 38.33 -11.83
CA ASN E 163 -8.01 37.40 -10.75
C ASN E 163 -8.48 36.10 -11.41
N VAL E 164 -7.52 35.23 -11.75
CA VAL E 164 -7.85 34.02 -12.48
C VAL E 164 -7.40 32.80 -11.69
N HIS E 165 -7.64 31.61 -12.23
CA HIS E 165 -7.15 30.36 -11.67
C HIS E 165 -6.22 29.73 -12.68
N LEU E 166 -4.99 29.46 -12.28
CA LEU E 166 -4.00 28.86 -13.16
C LEU E 166 -4.32 27.38 -13.32
N VAL E 167 -4.78 27.00 -14.51
CA VAL E 167 -5.06 25.59 -14.75
C VAL E 167 -3.78 24.86 -15.11
N ASN E 168 -3.00 25.38 -16.06
CA ASN E 168 -1.78 24.70 -16.46
C ASN E 168 -0.82 25.69 -17.09
N VAL E 169 0.48 25.44 -16.94
CA VAL E 169 1.49 26.09 -17.76
C VAL E 169 2.63 25.09 -17.95
N THR E 170 3.19 25.07 -19.15
CA THR E 170 4.27 24.15 -19.48
C THR E 170 5.45 24.96 -19.99
N PRO E 171 6.43 25.26 -19.14
CA PRO E 171 7.51 26.16 -19.54
C PRO E 171 8.60 25.51 -20.37
N TYR E 172 8.55 24.21 -20.61
CA TYR E 172 9.59 23.54 -21.38
C TYR E 172 8.96 22.63 -22.43
N GLY E 173 9.59 22.58 -23.59
CA GLY E 173 9.16 21.76 -24.69
C GLY E 173 9.31 22.52 -25.99
N ALA E 174 8.61 22.05 -27.02
CA ALA E 174 8.65 22.73 -28.30
C ALA E 174 7.90 24.06 -28.24
N PHE E 175 6.74 24.08 -27.57
CA PHE E 175 5.95 25.29 -27.46
C PHE E 175 5.42 25.40 -26.04
N GLY E 176 5.58 26.57 -25.43
CA GLY E 176 5.08 26.79 -24.08
C GLY E 176 3.59 27.05 -24.10
N ARG E 177 2.86 26.34 -23.24
CA ARG E 177 1.41 26.36 -23.24
C ARG E 177 0.89 26.91 -21.92
N LEU E 178 -0.24 27.60 -22.00
CA LEU E 178 -0.87 28.24 -20.85
C LEU E 178 -2.37 28.04 -20.92
N TYR E 179 -2.92 27.43 -19.87
CA TYR E 179 -4.35 27.25 -19.66
C TYR E 179 -4.74 28.05 -18.42
N LEU E 180 -5.61 29.04 -18.61
CA LEU E 180 -6.15 29.85 -17.53
C LEU E 180 -7.66 29.74 -17.51
N ALA E 181 -8.26 29.94 -16.34
CA ALA E 181 -9.70 29.87 -16.23
C ALA E 181 -10.21 30.91 -15.23
N GLY E 182 -11.41 31.39 -15.48
CA GLY E 182 -12.03 32.32 -14.56
C GLY E 182 -13.27 32.95 -15.16
N SER E 183 -13.74 34.00 -14.50
CA SER E 183 -14.89 34.74 -14.99
C SER E 183 -14.53 35.53 -16.24
N GLU E 184 -15.56 36.00 -16.95
CA GLU E 184 -15.41 36.47 -18.32
C GLU E 184 -14.60 37.77 -18.39
N ALA E 185 -14.94 38.74 -17.54
CA ALA E 185 -14.19 39.99 -17.52
C ALA E 185 -12.77 39.80 -17.02
N GLU E 186 -12.57 38.89 -16.07
CA GLU E 186 -11.25 38.67 -15.53
C GLU E 186 -10.37 37.87 -16.49
N ILE E 187 -10.95 36.93 -17.23
CA ILE E 187 -10.22 36.26 -18.31
C ILE E 187 -9.91 37.24 -19.44
N ASP E 188 -10.82 38.18 -19.70
CA ASP E 188 -10.55 39.19 -20.73
C ASP E 188 -9.41 40.12 -20.32
N ALA E 189 -9.37 40.52 -19.05
CA ALA E 189 -8.28 41.35 -18.57
C ALA E 189 -6.96 40.58 -18.54
N ALA E 190 -7.01 39.29 -18.19
CA ALA E 190 -5.80 38.48 -18.19
C ALA E 190 -5.28 38.26 -19.61
N ALA E 191 -6.18 38.11 -20.58
CA ALA E 191 -5.79 37.94 -21.97
C ALA E 191 -5.17 39.22 -22.52
N GLU E 192 -5.76 40.37 -22.19
CA GLU E 192 -5.18 41.65 -22.58
C GLU E 192 -3.80 41.85 -21.98
N ALA E 193 -3.64 41.50 -20.70
CA ALA E 193 -2.35 41.67 -20.03
C ALA E 193 -1.29 40.73 -20.59
N ALA E 194 -1.65 39.48 -20.88
CA ALA E 194 -0.67 38.53 -21.40
C ALA E 194 -0.29 38.87 -22.84
N GLU E 195 -1.26 39.24 -23.67
CA GLU E 195 -0.94 39.60 -25.05
C GLU E 195 -0.18 40.92 -25.14
N ALA E 196 -0.34 41.80 -24.14
CA ALA E 196 0.50 42.98 -24.11
C ALA E 196 1.88 42.69 -23.51
N ALA E 197 1.98 41.66 -22.66
CA ALA E 197 3.25 41.39 -21.99
C ALA E 197 4.19 40.56 -22.84
N ILE E 198 3.67 39.68 -23.70
CA ILE E 198 4.56 38.89 -24.56
C ILE E 198 5.16 39.78 -25.64
N ARG E 199 4.36 40.67 -26.22
CA ARG E 199 4.87 41.55 -27.27
C ARG E 199 5.75 42.68 -26.73
N SER E 200 5.86 42.83 -25.42
CA SER E 200 6.74 43.82 -24.81
C SER E 200 8.16 43.32 -24.62
N VAL E 201 8.52 42.20 -25.26
CA VAL E 201 9.83 41.59 -25.10
C VAL E 201 10.55 41.66 -26.43
N SER E 202 11.69 42.35 -26.44
CA SER E 202 12.50 42.48 -27.65
C SER E 202 13.52 41.35 -27.73
N GLY E 203 14.08 41.19 -28.92
CA GLY E 203 15.07 40.14 -29.12
C GLY E 203 15.33 39.89 -30.59
N VAL E 204 15.68 38.64 -30.88
CA VAL E 204 16.01 38.21 -32.24
C VAL E 204 14.79 37.55 -32.84
N ALA E 205 14.43 37.95 -34.05
CA ALA E 205 13.28 37.38 -34.74
C ALA E 205 13.58 35.96 -35.22
N THR F 4 -4.37 24.53 -38.76
CA THR F 4 -3.95 23.65 -39.85
C THR F 4 -4.33 22.20 -39.57
N LEU F 5 -5.21 21.67 -40.40
CA LEU F 5 -5.70 20.31 -40.24
C LEU F 5 -4.69 19.31 -40.79
N ARG F 6 -4.32 18.33 -39.96
CA ARG F 6 -3.44 17.26 -40.39
C ARG F 6 -4.17 15.96 -40.65
N THR F 7 -5.16 15.63 -39.84
CA THR F 7 -5.87 14.35 -39.95
C THR F 7 -7.34 14.56 -39.66
N TYR F 8 -8.19 14.12 -40.58
CA TYR F 8 -9.64 14.09 -40.36
C TYR F 8 -10.11 12.73 -40.81
N ILE F 9 -10.29 11.80 -39.87
CA ILE F 9 -10.73 10.47 -40.26
C ILE F 9 -12.00 10.14 -39.50
N PHE F 10 -12.83 9.32 -40.13
CA PHE F 10 -14.18 9.04 -39.66
C PHE F 10 -14.38 7.53 -39.62
N LEU F 11 -14.62 7.00 -38.43
CA LEU F 11 -14.81 5.57 -38.23
C LEU F 11 -16.31 5.33 -38.04
N ASP F 12 -16.91 4.59 -38.98
CA ASP F 12 -18.34 4.35 -38.92
C ASP F 12 -18.72 3.40 -37.80
N ALA F 13 -17.84 2.47 -37.45
CA ALA F 13 -18.09 1.53 -36.38
C ALA F 13 -16.76 1.08 -35.78
N LEU F 14 -16.67 1.11 -34.46
CA LEU F 14 -15.46 0.69 -33.77
C LEU F 14 -15.50 -0.81 -33.51
N GLN F 15 -14.42 -1.50 -33.86
CA GLN F 15 -14.26 -2.88 -33.46
C GLN F 15 -14.04 -2.95 -31.95
N PRO F 16 -14.41 -4.06 -31.30
CA PRO F 16 -14.36 -4.09 -29.84
C PRO F 16 -12.97 -4.02 -29.24
N GLN F 17 -11.96 -4.60 -29.89
CA GLN F 17 -10.60 -4.50 -29.36
C GLN F 17 -10.05 -3.09 -29.52
N LEU F 18 -10.42 -2.40 -30.60
CA LEU F 18 -9.96 -1.03 -30.80
C LEU F 18 -10.57 -0.08 -29.77
N ALA F 19 -11.90 -0.16 -29.59
CA ALA F 19 -12.55 0.69 -28.60
C ALA F 19 -12.15 0.30 -27.19
N THR F 20 -11.85 -0.97 -26.97
CA THR F 20 -11.34 -1.43 -25.68
C THR F 20 -9.96 -0.85 -25.40
N PHE F 21 -9.09 -0.82 -26.42
CA PHE F 21 -7.75 -0.26 -26.24
C PHE F 21 -7.79 1.25 -26.10
N ILE F 22 -8.69 1.92 -26.83
CA ILE F 22 -8.84 3.36 -26.70
C ILE F 22 -9.34 3.72 -25.32
N GLY F 23 -10.38 3.04 -24.85
CA GLY F 23 -10.87 3.30 -23.52
C GLY F 23 -10.00 2.77 -22.41
N LYS F 24 -8.97 1.99 -22.73
CA LYS F 24 -7.98 1.63 -21.73
C LYS F 24 -7.01 2.77 -21.47
N THR F 25 -6.58 3.46 -22.53
CA THR F 25 -5.57 4.49 -22.41
C THR F 25 -6.07 5.86 -22.88
N ALA F 26 -7.27 6.26 -22.46
CA ALA F 26 -7.79 7.58 -22.80
C ALA F 26 -7.83 8.46 -21.57
N ARG F 27 -7.88 9.77 -21.83
CA ARG F 27 -8.10 10.78 -20.81
C ARG F 27 -9.44 11.42 -21.12
N GLY F 28 -10.51 10.78 -20.69
CA GLY F 28 -11.81 11.31 -21.05
C GLY F 28 -12.88 10.25 -20.96
N PHE F 29 -13.92 10.44 -21.76
CA PHE F 29 -15.18 9.71 -21.62
C PHE F 29 -15.15 8.48 -22.51
N LEU F 30 -15.09 7.31 -21.90
CA LEU F 30 -14.61 6.12 -22.59
C LEU F 30 -15.66 5.57 -23.55
N PRO F 31 -15.26 5.21 -24.76
CA PRO F 31 -16.24 4.68 -25.73
C PRO F 31 -16.52 3.21 -25.51
N VAL F 32 -17.68 2.79 -26.00
CA VAL F 32 -18.08 1.39 -25.93
C VAL F 32 -18.00 0.83 -27.35
N PRO F 33 -17.88 -0.48 -27.55
CA PRO F 33 -17.83 -1.01 -28.92
C PRO F 33 -19.15 -0.84 -29.67
N GLY F 34 -19.04 -0.47 -30.93
CA GLY F 34 -20.19 -0.24 -31.79
C GLY F 34 -20.49 1.22 -32.06
N GLN F 35 -19.89 2.13 -31.30
CA GLN F 35 -20.14 3.55 -31.51
C GLN F 35 -19.44 4.05 -32.77
N ALA F 36 -19.89 5.20 -33.25
CA ALA F 36 -19.28 5.86 -34.38
C ALA F 36 -18.34 6.96 -33.90
N SER F 37 -17.14 6.99 -34.45
CA SER F 37 -16.07 7.83 -33.94
C SER F 37 -15.50 8.73 -35.04
N LEU F 38 -14.72 9.72 -34.60
CA LEU F 38 -14.17 10.75 -35.47
C LEU F 38 -12.88 11.24 -34.83
N TRP F 39 -11.85 11.43 -35.65
CA TRP F 39 -10.52 11.79 -35.18
C TRP F 39 -10.03 12.99 -35.96
N VAL F 40 -9.69 14.06 -35.25
CA VAL F 40 -9.25 15.31 -35.85
C VAL F 40 -7.92 15.67 -35.19
N GLU F 41 -6.83 15.58 -35.94
CA GLU F 41 -5.51 15.99 -35.47
C GLU F 41 -5.11 17.25 -36.21
N ILE F 42 -4.88 18.32 -35.46
CA ILE F 42 -4.50 19.61 -36.03
C ILE F 42 -3.21 20.10 -35.41
N ALA F 43 -2.61 21.10 -36.05
CA ALA F 43 -1.44 21.79 -35.58
C ALA F 43 -1.67 23.30 -35.67
N PRO F 44 -1.33 24.08 -34.64
CA PRO F 44 -0.68 23.75 -33.36
C PRO F 44 -1.60 23.05 -32.36
N GLY F 45 -0.98 22.43 -31.35
CA GLY F 45 -1.69 21.50 -30.50
C GLY F 45 -2.64 22.10 -29.49
N ILE F 46 -2.65 23.43 -29.33
CA ILE F 46 -3.51 24.02 -28.33
C ILE F 46 -4.86 24.42 -28.92
N ALA F 47 -4.93 24.65 -30.24
CA ALA F 47 -6.15 25.13 -30.87
C ALA F 47 -7.22 24.06 -30.92
N ILE F 48 -6.84 22.80 -30.69
CA ILE F 48 -7.81 21.72 -30.59
C ILE F 48 -8.72 21.92 -29.38
N ASN F 49 -8.24 22.63 -28.34
CA ASN F 49 -9.10 22.99 -27.22
C ASN F 49 -10.20 23.95 -27.66
N ARG F 50 -9.94 24.76 -28.68
CA ARG F 50 -11.02 25.49 -29.31
C ARG F 50 -11.94 24.55 -30.08
N VAL F 51 -11.33 23.66 -30.88
CA VAL F 51 -12.06 22.89 -31.89
C VAL F 51 -13.03 21.93 -31.23
N THR F 52 -12.55 21.24 -30.17
CA THR F 52 -13.39 20.38 -29.34
C THR F 52 -14.63 21.11 -28.84
N ASP F 53 -14.43 22.36 -28.37
CA ASP F 53 -15.52 23.17 -27.86
C ASP F 53 -16.58 23.40 -28.91
N ALA F 54 -16.15 23.60 -30.16
CA ALA F 54 -17.09 23.83 -31.26
C ALA F 54 -18.01 22.63 -31.43
N ALA F 55 -17.46 21.42 -31.36
CA ALA F 55 -18.29 20.23 -31.44
C ALA F 55 -19.23 20.14 -30.26
N LEU F 56 -18.74 20.50 -29.07
CA LEU F 56 -19.59 20.44 -27.89
C LEU F 56 -20.56 21.60 -27.82
N LYS F 57 -20.46 22.58 -28.72
CA LYS F 57 -21.51 23.58 -28.82
C LYS F 57 -22.50 23.28 -29.92
N ALA F 58 -22.31 22.19 -30.66
CA ALA F 58 -23.23 21.87 -31.75
C ALA F 58 -23.98 20.58 -31.51
N THR F 59 -23.28 19.51 -31.14
CA THR F 59 -23.85 18.17 -31.08
C THR F 59 -23.82 17.67 -29.64
N LYS F 60 -24.16 16.39 -29.47
CA LYS F 60 -24.13 15.74 -28.17
C LYS F 60 -23.09 14.63 -28.11
N VAL F 61 -22.05 14.73 -28.94
CA VAL F 61 -21.03 13.70 -28.96
C VAL F 61 -20.16 13.81 -27.71
N GLN F 62 -19.49 12.73 -27.38
CA GLN F 62 -18.64 12.68 -26.22
C GLN F 62 -17.19 12.55 -26.64
N PRO F 63 -16.29 13.36 -26.10
CA PRO F 63 -14.86 13.18 -26.40
C PRO F 63 -14.17 12.25 -25.42
N ALA F 64 -13.34 11.36 -25.98
CA ALA F 64 -12.53 10.46 -25.18
C ALA F 64 -11.06 10.84 -25.18
N VAL F 65 -10.47 11.00 -26.35
CA VAL F 65 -9.05 11.25 -26.51
C VAL F 65 -8.90 12.68 -27.00
N GLN F 66 -8.44 13.56 -26.12
CA GLN F 66 -8.11 14.94 -26.48
C GLN F 66 -6.71 15.19 -25.93
N VAL F 67 -5.71 14.87 -26.75
CA VAL F 67 -4.32 14.83 -26.34
C VAL F 67 -3.58 16.00 -26.97
N VAL F 68 -2.98 16.83 -26.13
CA VAL F 68 -2.16 17.95 -26.56
C VAL F 68 -0.71 17.49 -26.48
N GLU F 69 -0.13 17.24 -27.64
CA GLU F 69 1.14 16.53 -27.77
C GLU F 69 2.27 17.57 -27.76
N ARG F 70 3.49 17.18 -28.16
CA ARG F 70 4.61 18.11 -28.20
C ARG F 70 4.37 19.25 -29.17
N ALA F 71 3.88 18.94 -30.37
CA ALA F 71 3.58 19.96 -31.36
C ALA F 71 2.24 19.79 -32.04
N TYR F 72 1.56 18.65 -31.87
CA TYR F 72 0.31 18.38 -32.54
C TYR F 72 -0.79 18.24 -31.51
N GLY F 73 -2.02 18.16 -31.98
CA GLY F 73 -3.15 18.05 -31.07
C GLY F 73 -4.25 17.17 -31.63
N LEU F 74 -4.62 16.13 -30.89
CA LEU F 74 -5.53 15.11 -31.37
C LEU F 74 -6.84 15.16 -30.60
N LEU F 75 -7.95 15.04 -31.32
CA LEU F 75 -9.28 15.00 -30.75
C LEU F 75 -10.01 13.76 -31.25
N GLU F 76 -10.59 13.01 -30.33
CA GLU F 76 -11.55 11.98 -30.66
C GLU F 76 -12.91 12.42 -30.18
N VAL F 77 -13.94 12.21 -31.00
CA VAL F 77 -15.32 12.33 -30.56
C VAL F 77 -16.08 11.10 -31.03
N HIS F 78 -17.15 10.76 -30.34
CA HIS F 78 -17.90 9.57 -30.65
C HIS F 78 -19.33 9.67 -30.14
N HIS F 79 -20.24 9.03 -30.89
CA HIS F 79 -21.62 8.88 -30.46
C HIS F 79 -22.21 7.74 -31.25
N PHE F 80 -23.37 7.25 -30.79
CA PHE F 80 -24.05 6.18 -31.51
C PHE F 80 -24.66 6.68 -32.82
N ASP F 81 -25.29 7.83 -32.80
CA ASP F 81 -25.88 8.39 -34.01
C ASP F 81 -24.78 8.92 -34.92
N GLN F 82 -24.72 8.40 -36.16
CA GLN F 82 -23.77 8.94 -37.11
C GLN F 82 -24.17 10.33 -37.59
N GLY F 83 -25.44 10.70 -37.46
CA GLY F 83 -25.84 12.07 -37.75
C GLY F 83 -25.20 13.05 -36.79
N GLU F 84 -25.13 12.69 -35.50
CA GLU F 84 -24.47 13.53 -34.51
C GLU F 84 -22.98 13.67 -34.81
N VAL F 85 -22.32 12.57 -35.16
CA VAL F 85 -20.88 12.61 -35.37
C VAL F 85 -20.55 13.34 -36.68
N LEU F 86 -21.37 13.15 -37.72
CA LEU F 86 -21.14 13.89 -38.96
C LEU F 86 -21.48 15.37 -38.82
N ALA F 87 -22.46 15.72 -37.98
CA ALA F 87 -22.71 17.13 -37.72
C ALA F 87 -21.60 17.76 -36.90
N ALA F 88 -21.02 16.99 -35.97
CA ALA F 88 -19.85 17.46 -35.24
C ALA F 88 -18.67 17.64 -36.17
N GLY F 89 -18.51 16.76 -37.14
CA GLY F 89 -17.43 16.91 -38.11
C GLY F 89 -17.64 18.09 -39.04
N SER F 90 -18.90 18.35 -39.42
CA SER F 90 -19.19 19.52 -40.22
C SER F 90 -18.96 20.81 -39.45
N THR F 91 -19.28 20.80 -38.15
CA THR F 91 -19.01 21.96 -37.31
C THR F 91 -17.51 22.19 -37.14
N ILE F 92 -16.75 21.10 -37.01
CA ILE F 92 -15.29 21.21 -36.89
C ILE F 92 -14.68 21.73 -38.19
N LEU F 93 -15.10 21.18 -39.32
CA LEU F 93 -14.53 21.60 -40.60
C LEU F 93 -14.99 22.99 -41.02
N ASP F 94 -16.12 23.47 -40.51
CA ASP F 94 -16.49 24.86 -40.74
C ASP F 94 -15.84 25.80 -39.73
N LYS F 95 -15.48 25.30 -38.54
CA LYS F 95 -14.75 26.14 -37.60
C LYS F 95 -13.31 26.36 -38.06
N LEU F 96 -12.67 25.31 -38.59
CA LEU F 96 -11.35 25.44 -39.17
C LEU F 96 -11.38 26.05 -40.57
N GLU F 97 -12.57 26.17 -41.17
CA GLU F 97 -12.80 26.73 -42.52
C GLU F 97 -11.99 26.00 -43.58
N VAL F 98 -11.93 24.67 -43.48
CA VAL F 98 -11.27 23.85 -44.47
C VAL F 98 -12.29 22.86 -45.03
N ARG F 99 -11.84 22.00 -45.94
CA ARG F 99 -12.71 21.03 -46.58
C ARG F 99 -12.40 19.63 -46.07
N GLU F 100 -13.03 18.64 -46.69
CA GLU F 100 -12.73 17.24 -46.39
C GLU F 100 -11.32 16.88 -46.85
N GLU F 101 -10.91 17.37 -48.02
CA GLU F 101 -9.61 17.07 -48.60
C GLU F 101 -8.53 18.02 -48.16
N GLY F 102 -8.80 18.91 -47.21
CA GLY F 102 -7.76 19.76 -46.67
C GLY F 102 -6.80 19.04 -45.74
N ARG F 103 -7.16 17.85 -45.29
CA ARG F 103 -6.29 17.01 -44.47
C ARG F 103 -5.08 16.53 -45.27
N LEU F 104 -4.07 16.10 -44.55
CA LEU F 104 -2.88 15.55 -45.19
C LEU F 104 -3.12 14.12 -45.62
N LYS F 105 -2.65 13.78 -46.80
CA LYS F 105 -2.78 12.41 -47.28
C LYS F 105 -1.80 11.52 -46.52
N PRO F 106 -2.25 10.42 -45.93
CA PRO F 106 -1.35 9.60 -45.09
C PRO F 106 -0.37 8.79 -45.93
N GLN F 107 0.88 8.80 -45.50
CA GLN F 107 1.93 8.01 -46.12
C GLN F 107 2.28 6.84 -45.21
N VAL F 108 2.52 5.68 -45.81
CA VAL F 108 2.96 4.50 -45.09
C VAL F 108 4.49 4.52 -45.08
N MET F 109 5.07 4.74 -43.90
CA MET F 109 6.52 4.79 -43.82
C MET F 109 7.15 3.41 -43.73
N THR F 110 6.49 2.47 -43.07
CA THR F 110 7.00 1.11 -42.94
C THR F 110 5.82 0.16 -42.72
N HIS F 111 5.72 -0.86 -43.56
CA HIS F 111 4.78 -1.95 -43.35
C HIS F 111 5.53 -3.26 -43.50
N GLN F 112 5.44 -4.11 -42.47
CA GLN F 112 6.14 -5.39 -42.47
C GLN F 112 5.27 -6.45 -41.82
N ILE F 113 5.34 -7.66 -42.34
CA ILE F 113 4.74 -8.84 -41.71
C ILE F 113 5.89 -9.69 -41.20
N ILE F 114 6.08 -9.70 -39.89
CA ILE F 114 7.16 -10.45 -39.27
C ILE F 114 6.60 -11.81 -38.88
N ARG F 115 7.07 -12.86 -39.54
CA ARG F 115 6.54 -14.20 -39.34
C ARG F 115 7.29 -14.91 -38.23
N ALA F 116 6.53 -15.56 -37.35
CA ALA F 116 7.02 -16.46 -36.29
C ALA F 116 7.99 -15.74 -35.35
N VAL F 117 7.45 -14.78 -34.63
CA VAL F 117 8.25 -13.96 -33.73
C VAL F 117 8.64 -14.78 -32.52
N GLU F 118 9.95 -14.93 -32.29
CA GLU F 118 10.42 -15.72 -31.17
C GLU F 118 10.28 -14.95 -29.87
N ALA F 119 10.47 -15.68 -28.75
CA ALA F 119 10.03 -15.20 -27.45
C ALA F 119 10.84 -14.02 -26.94
N TYR F 120 12.14 -13.97 -27.28
CA TYR F 120 13.00 -12.88 -26.87
C TYR F 120 12.56 -11.54 -27.46
N GLN F 121 11.84 -11.54 -28.57
CA GLN F 121 11.28 -10.30 -29.09
C GLN F 121 9.89 -10.04 -28.54
N THR F 122 9.09 -11.09 -28.34
CA THR F 122 7.72 -10.92 -27.86
C THR F 122 7.68 -10.35 -26.46
N GLN F 123 8.64 -10.69 -25.60
CA GLN F 123 8.66 -10.14 -24.25
C GLN F 123 8.91 -8.64 -24.26
N ILE F 124 9.76 -8.18 -25.16
CA ILE F 124 10.01 -6.74 -25.27
C ILE F 124 8.80 -6.03 -25.88
N ILE F 125 8.16 -6.67 -26.87
CA ILE F 125 7.00 -6.06 -27.51
C ILE F 125 5.84 -5.93 -26.53
N ASN F 126 5.61 -6.94 -25.70
CA ASN F 126 4.46 -6.88 -24.80
C ASN F 126 4.73 -6.06 -23.56
N ARG F 127 5.99 -6.02 -23.09
CA ARG F 127 6.32 -5.10 -22.01
C ARG F 127 6.19 -3.64 -22.47
N ASN F 128 6.54 -3.37 -23.72
CA ASN F 128 6.49 -2.01 -24.26
C ASN F 128 5.20 -1.77 -25.04
N SER F 129 4.08 -2.33 -24.58
CA SER F 129 2.78 -2.11 -25.20
C SER F 129 1.74 -1.88 -24.12
N GLN F 130 0.52 -1.57 -24.54
CA GLN F 130 -0.57 -1.29 -23.62
C GLN F 130 -1.82 -2.13 -23.90
N GLY F 131 -1.83 -2.94 -24.95
CA GLY F 131 -3.02 -3.70 -25.29
C GLY F 131 -2.92 -5.17 -24.98
N MET F 132 -3.43 -6.01 -25.87
CA MET F 132 -3.37 -7.45 -25.66
C MET F 132 -1.94 -7.95 -25.82
N MET F 133 -1.64 -9.02 -25.10
CA MET F 133 -0.29 -9.56 -25.07
C MET F 133 -0.01 -10.34 -26.34
N ILE F 134 1.16 -10.12 -26.91
CA ILE F 134 1.62 -10.94 -28.02
C ILE F 134 2.10 -12.28 -27.47
N LEU F 135 1.86 -13.33 -28.21
CA LEU F 135 2.34 -14.63 -27.80
C LEU F 135 3.41 -15.12 -28.76
N PRO F 136 4.40 -15.87 -28.27
CA PRO F 136 5.45 -16.36 -29.17
C PRO F 136 4.92 -17.39 -30.17
N GLY F 137 5.35 -17.23 -31.41
CA GLY F 137 4.84 -18.03 -32.51
C GLY F 137 3.77 -17.34 -33.33
N GLU F 138 3.29 -16.18 -32.89
CA GLU F 138 2.26 -15.45 -33.61
C GLU F 138 2.89 -14.47 -34.58
N SER F 139 2.32 -14.38 -35.77
CA SER F 139 2.80 -13.44 -36.77
C SER F 139 2.45 -12.02 -36.36
N LEU F 140 3.41 -11.12 -36.57
CA LEU F 140 3.33 -9.72 -36.18
C LEU F 140 3.22 -8.84 -37.42
N PHE F 141 2.39 -7.83 -37.36
CA PHE F 141 2.27 -6.82 -38.40
C PHE F 141 2.53 -5.46 -37.77
N ILE F 142 3.52 -4.75 -38.30
CA ILE F 142 3.92 -3.45 -37.79
C ILE F 142 3.64 -2.40 -38.86
N LEU F 143 3.31 -1.18 -38.42
CA LEU F 143 2.87 -0.19 -39.38
C LEU F 143 3.11 1.23 -38.87
N GLU F 144 3.69 2.08 -39.72
CA GLU F 144 3.81 3.51 -39.47
C GLU F 144 3.01 4.30 -40.48
N THR F 145 2.11 5.14 -40.00
CA THR F 145 1.36 6.06 -40.84
C THR F 145 1.68 7.47 -40.41
N GLN F 146 2.01 8.32 -41.38
CA GLN F 146 2.20 9.74 -41.11
C GLN F 146 1.16 10.54 -41.89
N PRO F 147 0.38 11.42 -41.24
CA PRO F 147 0.33 11.84 -39.83
C PRO F 147 -0.17 10.77 -38.87
N ALA F 148 -0.11 11.06 -37.58
CA ALA F 148 -0.24 10.02 -36.56
C ALA F 148 -1.67 9.56 -36.35
N GLY F 149 -2.66 10.37 -36.71
CA GLY F 149 -4.04 10.02 -36.40
C GLY F 149 -4.56 8.85 -37.21
N TYR F 150 -4.16 8.77 -38.49
CA TYR F 150 -4.71 7.80 -39.45
C TYR F 150 -4.46 6.35 -39.04
N ALA F 151 -3.52 6.11 -38.12
CA ALA F 151 -3.26 4.78 -37.58
C ALA F 151 -4.50 4.16 -36.96
N VAL F 152 -5.41 4.96 -36.37
CA VAL F 152 -6.61 4.34 -35.82
C VAL F 152 -7.50 3.78 -36.94
N LEU F 153 -7.54 4.47 -38.10
CA LEU F 153 -8.15 3.89 -39.28
C LEU F 153 -7.41 2.62 -39.68
N ALA F 154 -6.07 2.68 -39.64
CA ALA F 154 -5.25 1.52 -39.91
C ALA F 154 -5.43 0.44 -38.87
N ALA F 155 -5.92 0.77 -37.69
CA ALA F 155 -6.32 -0.28 -36.77
C ALA F 155 -7.66 -0.87 -37.19
N ASN F 156 -8.64 0.00 -37.43
CA ASN F 156 -10.04 -0.39 -37.37
C ASN F 156 -10.40 -1.34 -38.51
N GLU F 157 -10.09 -0.94 -39.74
CA GLU F 157 -10.30 -1.80 -40.90
C GLU F 157 -9.47 -3.08 -40.80
N ALA F 158 -8.28 -3.00 -40.19
CA ALA F 158 -7.47 -4.20 -40.03
C ALA F 158 -8.04 -5.18 -39.02
N GLU F 159 -9.00 -4.76 -38.21
CA GLU F 159 -9.77 -5.72 -37.44
C GLU F 159 -11.13 -5.98 -38.06
N LYS F 160 -11.62 -5.06 -38.91
CA LYS F 160 -12.92 -5.24 -39.53
C LYS F 160 -12.89 -6.33 -40.59
N ALA F 161 -11.71 -6.61 -41.16
CA ALA F 161 -11.57 -7.62 -42.20
C ALA F 161 -10.62 -8.74 -41.79
N ALA F 162 -10.51 -9.02 -40.50
CA ALA F 162 -9.67 -10.10 -40.00
C ALA F 162 -10.14 -10.49 -38.60
N ASN F 163 -9.42 -11.44 -38.01
CA ASN F 163 -9.64 -11.87 -36.62
C ASN F 163 -8.27 -11.85 -35.94
N VAL F 164 -7.85 -10.68 -35.47
CA VAL F 164 -6.50 -10.52 -34.93
C VAL F 164 -6.57 -10.05 -33.49
N HIS F 165 -5.40 -9.85 -32.88
CA HIS F 165 -5.29 -9.27 -31.54
C HIS F 165 -4.54 -7.96 -31.64
N LEU F 166 -5.19 -6.88 -31.21
CA LEU F 166 -4.57 -5.56 -31.24
C LEU F 166 -3.54 -5.45 -30.13
N VAL F 167 -2.25 -5.51 -30.50
CA VAL F 167 -1.20 -5.35 -29.51
C VAL F 167 -1.07 -3.89 -29.10
N ASN F 168 -0.95 -2.98 -30.07
CA ASN F 168 -0.73 -1.58 -29.74
C ASN F 168 -1.18 -0.71 -30.91
N VAL F 169 -1.65 0.49 -30.59
CA VAL F 169 -1.74 1.55 -31.58
C VAL F 169 -1.50 2.91 -30.91
N THR F 170 -0.52 3.63 -31.40
CA THR F 170 -0.21 4.96 -30.89
C THR F 170 -0.65 5.98 -31.92
N PRO F 171 -1.71 6.75 -31.67
CA PRO F 171 -2.26 7.67 -32.67
C PRO F 171 -1.78 9.11 -32.58
N TYR F 172 -0.86 9.44 -31.69
CA TYR F 172 -0.39 10.81 -31.57
C TYR F 172 1.12 10.83 -31.47
N GLY F 173 1.73 11.77 -32.17
CA GLY F 173 3.16 11.92 -32.24
C GLY F 173 3.57 12.25 -33.66
N ALA F 174 4.86 12.06 -33.94
CA ALA F 174 5.35 12.29 -35.30
C ALA F 174 5.10 11.11 -36.22
N PHE F 175 4.81 9.93 -35.67
CA PHE F 175 4.54 8.74 -36.46
C PHE F 175 3.48 7.91 -35.76
N GLY F 176 2.36 7.67 -36.42
CA GLY F 176 1.34 6.79 -35.87
C GLY F 176 1.77 5.35 -36.02
N ARG F 177 1.62 4.58 -34.94
CA ARG F 177 2.21 3.26 -34.84
C ARG F 177 1.13 2.20 -34.64
N LEU F 178 1.31 1.05 -35.29
CA LEU F 178 0.37 -0.05 -35.18
C LEU F 178 1.11 -1.37 -35.03
N TYR F 179 0.82 -2.09 -33.95
CA TYR F 179 1.28 -3.45 -33.70
C TYR F 179 0.07 -4.36 -33.65
N LEU F 180 -0.01 -5.30 -34.59
CA LEU F 180 -1.02 -6.35 -34.57
C LEU F 180 -0.34 -7.70 -34.51
N ALA F 181 -1.02 -8.68 -33.92
CA ALA F 181 -0.48 -10.02 -33.86
C ALA F 181 -1.61 -11.04 -33.99
N GLY F 182 -1.30 -12.17 -34.60
CA GLY F 182 -2.29 -13.22 -34.76
C GLY F 182 -1.76 -14.34 -35.62
N SER F 183 -2.69 -15.18 -36.10
CA SER F 183 -2.32 -16.26 -36.99
C SER F 183 -1.93 -15.70 -38.36
N GLU F 184 -1.32 -16.56 -39.18
CA GLU F 184 -0.61 -16.11 -40.37
C GLU F 184 -1.55 -15.57 -41.44
N ALA F 185 -2.60 -16.32 -41.78
CA ALA F 185 -3.54 -15.87 -42.81
C ALA F 185 -4.35 -14.67 -42.34
N GLU F 186 -4.65 -14.61 -41.05
CA GLU F 186 -5.44 -13.50 -40.53
C GLU F 186 -4.62 -12.23 -40.43
N ILE F 187 -3.33 -12.34 -40.09
CA ILE F 187 -2.43 -11.19 -40.16
C ILE F 187 -2.22 -10.76 -41.60
N ASP F 188 -2.19 -11.71 -42.55
CA ASP F 188 -2.04 -11.35 -43.96
C ASP F 188 -3.27 -10.58 -44.47
N ALA F 189 -4.47 -11.04 -44.10
CA ALA F 189 -5.68 -10.34 -44.48
C ALA F 189 -5.79 -8.98 -43.79
N ALA F 190 -5.32 -8.91 -42.54
CA ALA F 190 -5.32 -7.63 -41.81
C ALA F 190 -4.37 -6.63 -42.44
N ALA F 191 -3.20 -7.11 -42.89
CA ALA F 191 -2.23 -6.24 -43.55
C ALA F 191 -2.76 -5.74 -44.88
N GLU F 192 -3.39 -6.62 -45.66
CA GLU F 192 -4.01 -6.21 -46.92
C GLU F 192 -5.11 -5.18 -46.69
N ALA F 193 -5.95 -5.39 -45.68
CA ALA F 193 -7.04 -4.48 -45.40
C ALA F 193 -6.54 -3.14 -44.89
N ALA F 194 -5.51 -3.14 -44.05
CA ALA F 194 -4.99 -1.88 -43.51
C ALA F 194 -4.28 -1.07 -44.57
N GLU F 195 -3.50 -1.73 -45.44
CA GLU F 195 -2.83 -1.01 -46.52
C GLU F 195 -3.83 -0.47 -47.53
N ALA F 196 -4.87 -1.25 -47.85
CA ALA F 196 -5.89 -0.76 -48.77
C ALA F 196 -6.75 0.33 -48.15
N ALA F 197 -6.87 0.34 -46.82
CA ALA F 197 -7.62 1.40 -46.15
C ALA F 197 -6.83 2.69 -46.09
N ILE F 198 -5.51 2.60 -45.88
CA ILE F 198 -4.69 3.81 -45.84
C ILE F 198 -4.53 4.40 -47.24
N ARG F 199 -4.35 3.55 -48.26
CA ARG F 199 -4.15 4.09 -49.60
C ARG F 199 -5.44 4.58 -50.26
N SER F 200 -6.58 4.49 -49.58
CA SER F 200 -7.86 4.97 -50.12
C SER F 200 -8.31 6.28 -49.48
N VAL F 201 -7.38 7.06 -48.96
CA VAL F 201 -7.69 8.33 -48.30
C VAL F 201 -7.07 9.45 -49.11
N SER F 202 -7.90 10.38 -49.57
CA SER F 202 -7.41 11.51 -50.33
C SER F 202 -6.94 12.62 -49.39
N GLY F 203 -6.11 13.51 -49.93
CA GLY F 203 -5.58 14.59 -49.14
C GLY F 203 -4.68 15.52 -49.92
N VAL F 204 -3.56 15.93 -49.31
CA VAL F 204 -2.65 16.87 -49.96
C VAL F 204 -1.39 16.14 -50.43
N ALA G 2 -6.68 -26.33 -33.22
CA ALA G 2 -6.84 -27.56 -32.46
C ALA G 2 -8.16 -27.55 -31.70
N ASP G 3 -9.11 -28.33 -32.17
CA ASP G 3 -10.42 -28.36 -31.54
C ASP G 3 -10.38 -29.25 -30.28
N ALA G 4 -11.36 -29.03 -29.42
CA ALA G 4 -11.49 -29.78 -28.18
C ALA G 4 -11.87 -31.23 -28.44
N LEU G 5 -11.64 -32.07 -27.44
CA LEU G 5 -11.70 -33.52 -27.57
C LEU G 5 -12.79 -34.08 -26.68
N GLY G 6 -13.54 -35.05 -27.21
CA GLY G 6 -14.49 -35.76 -26.40
C GLY G 6 -14.37 -37.26 -26.55
N MET G 7 -14.26 -37.99 -25.45
CA MET G 7 -14.05 -39.42 -25.49
C MET G 7 -15.10 -40.13 -24.65
N ILE G 8 -15.66 -41.21 -25.19
CA ILE G 8 -16.61 -42.06 -24.48
C ILE G 8 -16.09 -43.48 -24.55
N GLU G 9 -15.78 -44.07 -23.39
CA GLU G 9 -15.32 -45.45 -23.35
C GLU G 9 -16.44 -46.34 -22.84
N VAL G 10 -16.77 -47.36 -23.63
CA VAL G 10 -17.85 -48.29 -23.31
C VAL G 10 -17.28 -49.70 -23.36
N ARG G 11 -17.59 -50.50 -22.33
CA ARG G 11 -17.29 -51.93 -22.36
C ARG G 11 -18.34 -52.60 -23.22
N GLY G 12 -18.14 -52.54 -24.52
CA GLY G 12 -19.12 -53.07 -25.45
C GLY G 12 -19.25 -52.20 -26.68
N PHE G 13 -19.45 -52.83 -27.83
CA PHE G 13 -19.49 -52.11 -29.09
C PHE G 13 -20.82 -51.36 -29.27
N VAL G 14 -21.91 -51.94 -28.77
CA VAL G 14 -23.23 -51.39 -29.03
C VAL G 14 -23.45 -50.09 -28.27
N GLY G 15 -23.01 -50.05 -27.01
CA GLY G 15 -23.07 -48.81 -26.25
C GLY G 15 -22.19 -47.73 -26.84
N MET G 16 -21.07 -48.11 -27.45
CA MET G 16 -20.21 -47.13 -28.09
C MET G 16 -20.85 -46.57 -29.35
N VAL G 17 -21.55 -47.41 -30.12
CA VAL G 17 -22.20 -46.92 -31.33
C VAL G 17 -23.36 -46.00 -30.98
N GLU G 18 -24.13 -46.36 -29.94
CA GLU G 18 -25.21 -45.48 -29.51
C GLU G 18 -24.67 -44.17 -28.91
N ALA G 19 -23.54 -44.24 -28.20
CA ALA G 19 -22.92 -43.03 -27.69
C ALA G 19 -22.42 -42.13 -28.81
N ALA G 20 -21.82 -42.72 -29.85
CA ALA G 20 -21.33 -41.92 -30.97
C ALA G 20 -22.47 -41.29 -31.75
N ASP G 21 -23.57 -42.03 -31.93
CA ASP G 21 -24.73 -41.47 -32.62
C ASP G 21 -25.38 -40.36 -31.81
N ALA G 22 -25.45 -40.51 -30.49
CA ALA G 22 -25.99 -39.45 -29.65
C ALA G 22 -25.09 -38.22 -29.63
N MET G 23 -23.77 -38.42 -29.71
CA MET G 23 -22.87 -37.28 -29.78
C MET G 23 -23.01 -36.53 -31.10
N VAL G 24 -23.06 -37.25 -32.22
CA VAL G 24 -23.16 -36.55 -33.49
C VAL G 24 -24.56 -36.02 -33.76
N LYS G 25 -25.57 -36.46 -33.03
CA LYS G 25 -26.87 -35.82 -33.13
C LYS G 25 -27.07 -34.72 -32.09
N ALA G 26 -26.24 -34.70 -31.05
CA ALA G 26 -26.46 -33.75 -29.96
C ALA G 26 -25.96 -32.35 -30.27
N ALA G 27 -24.83 -32.23 -30.95
CA ALA G 27 -24.25 -30.92 -31.23
C ALA G 27 -23.54 -30.99 -32.57
N LYS G 28 -22.71 -29.99 -32.86
CA LYS G 28 -21.94 -29.96 -34.10
C LYS G 28 -20.54 -30.45 -33.79
N VAL G 29 -20.40 -31.77 -33.74
CA VAL G 29 -19.11 -32.42 -33.49
C VAL G 29 -18.77 -33.24 -34.71
N GLU G 30 -17.63 -33.91 -34.69
CA GLU G 30 -17.20 -34.75 -35.79
C GLU G 30 -16.63 -36.04 -35.23
N LEU G 31 -17.38 -37.13 -35.38
CA LEU G 31 -16.89 -38.45 -35.00
C LEU G 31 -15.74 -38.83 -35.92
N ILE G 32 -14.53 -38.92 -35.39
CA ILE G 32 -13.36 -39.18 -36.22
C ILE G 32 -12.99 -40.65 -36.29
N GLY G 33 -13.38 -41.45 -35.30
CA GLY G 33 -13.03 -42.86 -35.33
C GLY G 33 -13.42 -43.53 -34.03
N TYR G 34 -12.67 -44.58 -33.71
CA TYR G 34 -12.94 -45.39 -32.52
C TYR G 34 -11.70 -46.22 -32.26
N GLU G 35 -11.47 -46.50 -30.98
CA GLU G 35 -10.28 -47.23 -30.56
C GLU G 35 -10.68 -48.51 -29.86
N LYS G 36 -10.04 -49.61 -30.23
CA LYS G 36 -10.30 -50.95 -29.71
C LYS G 36 -9.11 -51.36 -28.86
N THR G 37 -9.20 -51.15 -27.55
CA THR G 37 -8.11 -51.47 -26.65
C THR G 37 -8.17 -52.89 -26.11
N GLY G 38 -9.05 -53.72 -26.66
CA GLY G 38 -9.14 -55.10 -26.25
C GLY G 38 -9.97 -55.28 -24.99
N GLY G 39 -10.44 -56.51 -24.78
CA GLY G 39 -11.24 -56.82 -23.63
C GLY G 39 -12.65 -56.27 -23.68
N GLY G 40 -13.15 -55.93 -24.86
CA GLY G 40 -14.45 -55.33 -25.00
C GLY G 40 -14.49 -53.84 -24.74
N TYR G 41 -13.40 -53.24 -24.29
CA TYR G 41 -13.31 -51.80 -24.12
C TYR G 41 -13.12 -51.16 -25.48
N VAL G 42 -14.08 -50.34 -25.91
CA VAL G 42 -13.90 -49.52 -27.09
C VAL G 42 -14.17 -48.08 -26.70
N THR G 43 -13.70 -47.16 -27.54
CA THR G 43 -13.73 -45.74 -27.22
C THR G 43 -14.09 -44.93 -28.45
N ALA G 44 -15.22 -44.24 -28.38
CA ALA G 44 -15.63 -43.31 -29.42
C ALA G 44 -15.01 -41.94 -29.16
N VAL G 45 -14.50 -41.32 -30.23
CA VAL G 45 -13.79 -40.07 -30.14
C VAL G 45 -14.44 -39.06 -31.07
N VAL G 46 -14.90 -37.94 -30.52
CA VAL G 46 -15.40 -36.82 -31.30
C VAL G 46 -14.51 -35.62 -31.04
N ARG G 47 -14.67 -34.60 -31.88
CA ARG G 47 -13.79 -33.45 -31.80
C ARG G 47 -14.49 -32.21 -32.34
N GLY G 48 -14.40 -31.13 -31.57
CA GLY G 48 -15.04 -29.87 -31.90
C GLY G 48 -14.82 -28.93 -30.74
N ASP G 49 -15.40 -27.73 -30.85
CA ASP G 49 -15.21 -26.72 -29.82
C ASP G 49 -15.88 -27.13 -28.50
N VAL G 50 -15.46 -26.47 -27.42
CA VAL G 50 -15.59 -27.00 -26.06
C VAL G 50 -17.06 -27.13 -25.65
N ALA G 51 -17.88 -26.16 -26.03
CA ALA G 51 -19.30 -26.21 -25.68
C ALA G 51 -20.01 -27.35 -26.39
N ALA G 52 -19.72 -27.55 -27.67
CA ALA G 52 -20.40 -28.57 -28.45
C ALA G 52 -19.98 -29.97 -28.01
N VAL G 53 -18.69 -30.19 -27.75
CA VAL G 53 -18.28 -31.51 -27.31
C VAL G 53 -18.66 -31.76 -25.86
N LYS G 54 -18.80 -30.70 -25.06
CA LYS G 54 -19.25 -30.88 -23.69
C LYS G 54 -20.72 -31.30 -23.66
N ALA G 55 -21.55 -30.62 -24.46
CA ALA G 55 -22.95 -31.04 -24.58
C ALA G 55 -23.08 -32.40 -25.25
N ALA G 56 -22.18 -32.70 -26.18
CA ALA G 56 -22.20 -34.00 -26.86
C ALA G 56 -21.88 -35.13 -25.91
N THR G 57 -20.87 -34.96 -25.05
CA THR G 57 -20.54 -36.02 -24.10
C THR G 57 -21.58 -36.12 -22.99
N GLU G 58 -22.16 -34.99 -22.56
CA GLU G 58 -23.18 -35.06 -21.54
C GLU G 58 -24.49 -35.62 -22.07
N ALA G 59 -24.70 -35.61 -23.39
CA ALA G 59 -25.83 -36.32 -23.97
C ALA G 59 -25.51 -37.77 -24.30
N GLY G 60 -24.28 -38.06 -24.72
CA GLY G 60 -23.88 -39.40 -25.06
C GLY G 60 -23.73 -40.29 -23.87
N GLN G 61 -23.35 -39.73 -22.72
CA GLN G 61 -23.33 -40.52 -21.50
C GLN G 61 -24.73 -40.84 -21.02
N ARG G 62 -25.67 -39.89 -21.19
CA ARG G 62 -27.04 -40.13 -20.77
C ARG G 62 -27.74 -41.10 -21.72
N ALA G 63 -27.34 -41.13 -22.99
CA ALA G 63 -27.92 -42.06 -23.94
C ALA G 63 -27.14 -43.37 -24.05
N ALA G 64 -25.98 -43.48 -23.41
CA ALA G 64 -25.16 -44.68 -23.49
C ALA G 64 -25.28 -45.57 -22.26
N GLU G 65 -25.87 -45.08 -21.19
CA GLU G 65 -26.06 -45.93 -20.01
C GLU G 65 -27.23 -46.88 -20.17
N ARG G 66 -28.22 -46.52 -20.98
CA ARG G 66 -29.39 -47.35 -21.16
C ARG G 66 -29.21 -48.44 -22.19
N VAL G 67 -28.03 -48.55 -22.79
CA VAL G 67 -27.77 -49.58 -23.79
C VAL G 67 -26.58 -50.45 -23.44
N GLY G 68 -25.64 -49.98 -22.64
CA GLY G 68 -24.42 -50.71 -22.36
C GLY G 68 -23.88 -50.36 -20.99
N GLU G 69 -22.56 -50.27 -20.89
CA GLU G 69 -21.88 -49.99 -19.63
C GLU G 69 -20.81 -48.94 -19.90
N VAL G 70 -21.00 -47.76 -19.35
CA VAL G 70 -20.07 -46.65 -19.57
C VAL G 70 -18.95 -46.72 -18.54
N VAL G 71 -17.71 -46.62 -19.00
CA VAL G 71 -16.58 -46.68 -18.09
C VAL G 71 -16.04 -45.28 -17.81
N ALA G 72 -15.64 -44.56 -18.86
CA ALA G 72 -15.00 -43.27 -18.71
C ALA G 72 -15.59 -42.25 -19.68
N VAL G 73 -15.80 -41.04 -19.17
CA VAL G 73 -16.23 -39.89 -19.96
C VAL G 73 -15.34 -38.71 -19.57
N HIS G 74 -14.66 -38.13 -20.56
CA HIS G 74 -13.79 -37.00 -20.26
C HIS G 74 -13.67 -36.10 -21.48
N VAL G 75 -13.57 -34.80 -21.23
CA VAL G 75 -13.48 -33.78 -22.26
C VAL G 75 -12.17 -33.03 -22.07
N ILE G 76 -11.34 -33.00 -23.11
CA ILE G 76 -10.08 -32.26 -23.09
C ILE G 76 -10.28 -31.00 -23.92
N PRO G 77 -10.36 -29.81 -23.32
CA PRO G 77 -10.67 -28.60 -24.09
C PRO G 77 -9.55 -28.15 -25.01
N ARG G 78 -8.30 -28.44 -24.67
CA ARG G 78 -7.15 -28.17 -25.55
C ARG G 78 -6.21 -29.36 -25.46
N PRO G 79 -6.19 -30.23 -26.46
CA PRO G 79 -5.12 -31.21 -26.55
C PRO G 79 -3.87 -30.54 -27.10
N HIS G 80 -2.72 -30.97 -26.60
CA HIS G 80 -1.46 -30.46 -27.11
C HIS G 80 -1.22 -31.03 -28.50
N VAL G 81 -0.36 -30.35 -29.27
CA VAL G 81 -0.11 -30.77 -30.64
C VAL G 81 0.66 -32.09 -30.69
N ASN G 82 1.38 -32.43 -29.62
CA ASN G 82 2.08 -33.70 -29.57
C ASN G 82 1.10 -34.86 -29.40
N VAL G 83 -0.01 -34.64 -28.69
CA VAL G 83 -1.03 -35.67 -28.55
C VAL G 83 -1.73 -35.91 -29.88
N ASP G 84 -2.03 -34.83 -30.62
CA ASP G 84 -2.64 -35.00 -31.93
C ASP G 84 -1.68 -35.58 -32.94
N ALA G 85 -0.37 -35.39 -32.74
CA ALA G 85 0.61 -35.90 -33.68
C ALA G 85 0.98 -37.35 -33.44
N ALA G 86 1.09 -37.76 -32.18
CA ALA G 86 1.60 -39.09 -31.85
C ALA G 86 0.51 -40.11 -31.58
N LEU G 87 -0.60 -39.70 -30.97
CA LEU G 87 -1.70 -40.59 -30.70
C LEU G 87 -2.80 -40.44 -31.75
N PRO G 88 -3.47 -41.53 -32.15
CA PRO G 88 -4.47 -41.47 -33.25
C PRO G 88 -5.79 -40.80 -32.87
N LEU G 89 -5.79 -39.47 -32.91
CA LEU G 89 -6.94 -38.68 -32.46
C LEU G 89 -7.56 -37.86 -33.59
N GLY G 90 -7.39 -38.28 -34.84
CA GLY G 90 -8.11 -37.67 -35.94
C GLY G 90 -7.60 -36.32 -36.39
N ARG G 91 -6.46 -35.87 -35.89
CA ARG G 91 -5.80 -34.67 -36.40
C ARG G 91 -4.34 -34.94 -36.68
N THR G 92 -4.04 -36.08 -37.28
CA THR G 92 -2.67 -36.39 -37.64
C THR G 92 -2.27 -35.59 -38.87
N PRO G 93 -1.22 -34.76 -38.79
CA PRO G 93 -0.81 -33.87 -39.88
C PRO G 93 -0.28 -34.61 -41.10
N ALA H 2 -29.62 -43.83 -45.68
CA ALA H 2 -29.35 -44.14 -44.29
C ALA H 2 -30.28 -45.23 -43.79
N ASP H 3 -29.85 -46.47 -43.90
CA ASP H 3 -30.65 -47.59 -43.44
C ASP H 3 -30.54 -47.73 -41.93
N ALA H 4 -31.59 -48.28 -41.33
CA ALA H 4 -31.64 -48.49 -39.89
C ALA H 4 -30.69 -49.60 -39.46
N LEU H 5 -30.38 -49.61 -38.17
CA LEU H 5 -29.27 -50.39 -37.64
C LEU H 5 -29.76 -51.29 -36.51
N GLY H 6 -29.26 -52.52 -36.49
CA GLY H 6 -29.51 -53.42 -35.38
C GLY H 6 -28.23 -54.11 -34.97
N MET H 7 -28.03 -54.23 -33.67
CA MET H 7 -26.79 -54.77 -33.12
C MET H 7 -27.11 -55.67 -31.96
N ILE H 8 -26.52 -56.85 -31.93
CA ILE H 8 -26.63 -57.77 -30.81
C ILE H 8 -25.21 -58.08 -30.33
N GLU H 9 -24.88 -57.65 -29.12
CA GLU H 9 -23.59 -57.97 -28.53
C GLU H 9 -23.72 -59.16 -27.62
N VAL H 10 -22.91 -60.19 -27.85
CA VAL H 10 -22.96 -61.44 -27.12
C VAL H 10 -21.57 -61.72 -26.59
N ARG H 11 -21.48 -62.12 -25.31
CA ARG H 11 -20.22 -62.65 -24.79
C ARG H 11 -20.12 -64.10 -25.25
N GLY H 12 -19.65 -64.27 -26.48
CA GLY H 12 -19.53 -65.59 -27.05
C GLY H 12 -19.89 -65.66 -28.52
N PHE H 13 -19.17 -66.50 -29.27
CA PHE H 13 -19.39 -66.58 -30.70
C PHE H 13 -20.68 -67.32 -31.04
N VAL H 14 -21.06 -68.29 -30.22
CA VAL H 14 -22.20 -69.15 -30.52
C VAL H 14 -23.51 -68.38 -30.40
N GLY H 15 -23.64 -67.59 -29.33
CA GLY H 15 -24.81 -66.74 -29.19
C GLY H 15 -24.89 -65.66 -30.25
N MET H 16 -23.73 -65.21 -30.73
CA MET H 16 -23.72 -64.22 -31.82
C MET H 16 -24.16 -64.84 -33.13
N VAL H 17 -23.77 -66.09 -33.40
CA VAL H 17 -24.22 -66.75 -34.63
C VAL H 17 -25.71 -67.07 -34.55
N GLU H 18 -26.19 -67.45 -33.36
CA GLU H 18 -27.62 -67.68 -33.17
C GLU H 18 -28.43 -66.40 -33.35
N ALA H 19 -27.94 -65.28 -32.82
CA ALA H 19 -28.61 -64.00 -33.00
C ALA H 19 -28.58 -63.55 -34.46
N ALA H 20 -27.43 -63.68 -35.12
CA ALA H 20 -27.31 -63.29 -36.51
C ALA H 20 -28.10 -64.21 -37.44
N ASP H 21 -28.41 -65.42 -37.01
CA ASP H 21 -29.29 -66.27 -37.79
C ASP H 21 -30.75 -65.93 -37.57
N ALA H 22 -31.14 -65.66 -36.33
CA ALA H 22 -32.54 -65.32 -36.05
C ALA H 22 -32.91 -63.97 -36.64
N MET H 23 -31.96 -63.03 -36.70
CA MET H 23 -32.25 -61.72 -37.27
C MET H 23 -32.50 -61.79 -38.77
N VAL H 24 -31.73 -62.61 -39.49
CA VAL H 24 -31.96 -62.71 -40.92
C VAL H 24 -33.07 -63.68 -41.26
N LYS H 25 -33.48 -64.55 -40.32
CA LYS H 25 -34.67 -65.35 -40.53
C LYS H 25 -35.95 -64.63 -40.19
N ALA H 26 -35.89 -63.57 -39.38
CA ALA H 26 -37.11 -62.88 -38.97
C ALA H 26 -37.68 -62.05 -40.11
N ALA H 27 -36.90 -61.10 -40.63
CA ALA H 27 -37.38 -60.21 -41.68
C ALA H 27 -36.25 -59.98 -42.68
N LYS H 28 -36.55 -59.23 -43.73
CA LYS H 28 -35.58 -58.97 -44.78
C LYS H 28 -34.61 -57.90 -44.29
N VAL H 29 -33.54 -58.37 -43.65
CA VAL H 29 -32.46 -57.49 -43.21
C VAL H 29 -31.19 -57.91 -43.94
N GLU H 30 -30.09 -57.21 -43.69
CA GLU H 30 -28.81 -57.56 -44.29
C GLU H 30 -27.77 -57.68 -43.19
N LEU H 31 -27.30 -58.90 -42.95
CA LEU H 31 -26.18 -59.13 -42.04
C LEU H 31 -24.91 -58.69 -42.75
N ILE H 32 -24.45 -57.47 -42.47
CA ILE H 32 -23.33 -56.93 -43.22
C ILE H 32 -22.00 -57.47 -42.70
N GLY H 33 -21.94 -57.87 -41.43
CA GLY H 33 -20.71 -58.37 -40.88
C GLY H 33 -20.80 -58.64 -39.39
N TYR H 34 -19.66 -58.59 -38.71
CA TYR H 34 -19.61 -58.83 -37.28
C TYR H 34 -18.35 -58.18 -36.75
N GLU H 35 -18.43 -57.66 -35.53
CA GLU H 35 -17.35 -56.85 -34.97
C GLU H 35 -16.78 -57.57 -33.75
N LYS H 36 -15.51 -57.93 -33.83
CA LYS H 36 -14.79 -58.59 -32.75
C LYS H 36 -14.06 -57.53 -31.94
N THR H 37 -14.66 -57.10 -30.83
CA THR H 37 -13.96 -56.19 -29.93
C THR H 37 -13.03 -56.90 -28.97
N GLY H 38 -12.92 -58.22 -29.04
CA GLY H 38 -11.99 -58.97 -28.23
C GLY H 38 -12.47 -59.13 -26.80
N GLY H 39 -11.79 -60.04 -26.10
CA GLY H 39 -12.15 -60.35 -24.73
C GLY H 39 -13.38 -61.22 -24.58
N GLY H 40 -13.87 -61.81 -25.67
CA GLY H 40 -15.06 -62.60 -25.64
C GLY H 40 -16.30 -61.90 -26.16
N TYR H 41 -16.24 -60.59 -26.33
CA TYR H 41 -17.41 -59.82 -26.75
C TYR H 41 -17.41 -59.72 -28.26
N VAL H 42 -18.47 -60.19 -28.91
CA VAL H 42 -18.62 -60.05 -30.35
C VAL H 42 -19.99 -59.48 -30.65
N THR H 43 -20.07 -58.64 -31.68
CA THR H 43 -21.28 -57.89 -31.99
C THR H 43 -21.75 -58.24 -33.40
N ALA H 44 -22.91 -58.87 -33.49
CA ALA H 44 -23.55 -59.09 -34.78
C ALA H 44 -24.29 -57.83 -35.21
N VAL H 45 -24.09 -57.43 -36.45
CA VAL H 45 -24.66 -56.19 -36.98
C VAL H 45 -25.56 -56.54 -38.16
N VAL H 46 -26.84 -56.22 -38.04
CA VAL H 46 -27.74 -56.26 -39.18
C VAL H 46 -28.11 -54.83 -39.53
N ARG H 47 -28.58 -54.66 -40.76
CA ARG H 47 -28.86 -53.32 -41.27
C ARG H 47 -29.94 -53.38 -42.33
N GLY H 48 -31.00 -52.62 -42.10
CA GLY H 48 -32.11 -52.56 -43.03
C GLY H 48 -33.08 -51.51 -42.53
N ASP H 49 -34.21 -51.41 -43.23
CA ASP H 49 -35.21 -50.41 -42.86
C ASP H 49 -35.86 -50.76 -41.51
N VAL H 50 -36.53 -49.75 -40.94
CA VAL H 50 -36.85 -49.73 -39.52
C VAL H 50 -37.85 -50.83 -39.16
N ALA H 51 -38.84 -51.04 -40.01
CA ALA H 51 -39.86 -52.06 -39.74
C ALA H 51 -39.31 -53.47 -39.84
N ALA H 52 -38.18 -53.67 -40.51
CA ALA H 52 -37.58 -55.00 -40.57
C ALA H 52 -36.65 -55.24 -39.39
N VAL H 53 -35.74 -54.32 -39.12
CA VAL H 53 -34.78 -54.54 -38.04
C VAL H 53 -35.41 -54.39 -36.68
N LYS H 54 -36.53 -53.67 -36.57
CA LYS H 54 -37.15 -53.47 -35.26
C LYS H 54 -37.82 -54.75 -34.78
N ALA H 55 -38.21 -55.64 -35.70
CA ALA H 55 -38.66 -56.96 -35.34
C ALA H 55 -37.55 -58.00 -35.39
N ALA H 56 -36.55 -57.79 -36.26
CA ALA H 56 -35.45 -58.73 -36.37
C ALA H 56 -34.60 -58.74 -35.11
N THR H 57 -34.30 -57.57 -34.54
CA THR H 57 -33.53 -57.54 -33.31
C THR H 57 -34.32 -58.07 -32.12
N GLU H 58 -35.65 -57.93 -32.14
CA GLU H 58 -36.44 -58.52 -31.08
C GLU H 58 -36.44 -60.05 -31.17
N ALA H 59 -36.51 -60.58 -32.40
CA ALA H 59 -36.38 -62.02 -32.59
C ALA H 59 -34.99 -62.51 -32.20
N GLY H 60 -33.96 -61.72 -32.51
CA GLY H 60 -32.60 -62.11 -32.14
C GLY H 60 -32.36 -62.04 -30.65
N GLN H 61 -32.97 -61.07 -29.96
CA GLN H 61 -32.87 -60.99 -28.51
C GLN H 61 -33.62 -62.14 -27.85
N ARG H 62 -34.77 -62.51 -28.40
CA ARG H 62 -35.54 -63.59 -27.80
C ARG H 62 -34.91 -64.95 -28.12
N ALA H 63 -34.12 -65.04 -29.18
CA ALA H 63 -33.48 -66.30 -29.53
C ALA H 63 -32.06 -66.44 -29.02
N ALA H 64 -31.41 -65.34 -28.66
CA ALA H 64 -30.02 -65.41 -28.22
C ALA H 64 -29.87 -65.57 -26.73
N GLU H 65 -30.89 -65.21 -25.94
CA GLU H 65 -30.83 -65.44 -24.51
C GLU H 65 -31.09 -66.88 -24.12
N ARG H 66 -31.56 -67.72 -25.06
CA ARG H 66 -31.67 -69.14 -24.79
C ARG H 66 -30.34 -69.86 -24.84
N VAL H 67 -29.36 -69.31 -25.54
CA VAL H 67 -28.14 -70.04 -25.86
C VAL H 67 -26.89 -69.43 -25.23
N GLY H 68 -26.93 -68.18 -24.77
CA GLY H 68 -25.71 -67.58 -24.28
C GLY H 68 -25.99 -66.27 -23.58
N GLU H 69 -24.90 -65.55 -23.29
CA GLU H 69 -24.97 -64.32 -22.52
C GLU H 69 -25.05 -63.14 -23.46
N VAL H 70 -26.19 -62.45 -23.42
CA VAL H 70 -26.40 -61.25 -24.23
C VAL H 70 -26.07 -60.04 -23.39
N VAL H 71 -25.18 -59.19 -23.89
CA VAL H 71 -24.78 -58.00 -23.15
C VAL H 71 -25.63 -56.80 -23.55
N ALA H 72 -25.79 -56.55 -24.84
CA ALA H 72 -26.45 -55.33 -25.28
C ALA H 72 -27.28 -55.59 -26.52
N VAL H 73 -28.47 -54.99 -26.55
CA VAL H 73 -29.40 -55.05 -27.68
C VAL H 73 -29.86 -53.62 -27.93
N HIS H 74 -29.69 -53.13 -29.16
CA HIS H 74 -30.16 -51.78 -29.45
C HIS H 74 -30.41 -51.60 -30.93
N VAL H 75 -31.41 -50.77 -31.24
CA VAL H 75 -31.78 -50.38 -32.59
C VAL H 75 -31.52 -48.89 -32.73
N ILE H 76 -30.95 -48.50 -33.86
CA ILE H 76 -30.85 -47.09 -34.23
C ILE H 76 -31.69 -46.88 -35.48
N PRO H 77 -32.82 -46.16 -35.40
CA PRO H 77 -33.74 -46.12 -36.54
C PRO H 77 -33.24 -45.31 -37.71
N ARG H 78 -32.41 -44.29 -37.47
CA ARG H 78 -31.76 -43.56 -38.54
C ARG H 78 -30.45 -43.03 -38.02
N PRO H 79 -29.36 -43.75 -38.24
CA PRO H 79 -28.06 -43.27 -37.80
C PRO H 79 -27.58 -42.12 -38.68
N HIS H 80 -26.86 -41.20 -38.06
CA HIS H 80 -26.32 -40.04 -38.76
C HIS H 80 -25.24 -40.49 -39.73
N VAL H 81 -24.98 -39.65 -40.73
CA VAL H 81 -24.07 -40.02 -41.81
C VAL H 81 -22.62 -40.09 -41.30
N ASN H 82 -22.31 -39.39 -40.20
CA ASN H 82 -20.98 -39.46 -39.63
C ASN H 82 -20.75 -40.79 -38.94
N VAL H 83 -21.81 -41.44 -38.46
CA VAL H 83 -21.67 -42.75 -37.83
C VAL H 83 -21.34 -43.81 -38.88
N ASP H 84 -22.08 -43.82 -39.98
CA ASP H 84 -21.78 -44.76 -41.06
C ASP H 84 -20.55 -44.36 -41.85
N ALA H 85 -20.02 -43.15 -41.67
CA ALA H 85 -18.78 -42.77 -42.33
C ALA H 85 -17.55 -43.03 -41.48
N ALA H 86 -17.68 -43.01 -40.15
CA ALA H 86 -16.53 -43.16 -39.27
C ALA H 86 -16.43 -44.52 -38.61
N LEU H 87 -17.49 -45.29 -38.63
CA LEU H 87 -17.49 -46.61 -38.02
C LEU H 87 -17.76 -47.68 -39.07
N PRO H 88 -17.20 -48.90 -38.91
CA PRO H 88 -17.39 -49.94 -39.95
C PRO H 88 -18.76 -50.61 -39.86
N LEU H 89 -19.78 -49.88 -40.26
CA LEU H 89 -21.16 -50.31 -40.09
C LEU H 89 -21.86 -50.56 -41.43
N GLY H 90 -21.11 -51.03 -42.43
CA GLY H 90 -21.69 -51.57 -43.63
C GLY H 90 -22.18 -50.56 -44.65
N ARG H 91 -22.06 -49.27 -44.39
CA ARG H 91 -22.44 -48.25 -45.37
C ARG H 91 -21.37 -47.18 -45.49
N THR H 92 -20.12 -47.61 -45.65
CA THR H 92 -19.06 -46.67 -45.95
C THR H 92 -19.05 -46.39 -47.45
N PRO H 93 -19.26 -45.14 -47.89
CA PRO H 93 -19.40 -44.79 -49.30
C PRO H 93 -18.11 -44.98 -50.11
N ALA I 2 -24.59 -76.22 -48.03
CA ALA I 2 -25.52 -75.47 -47.20
C ALA I 2 -26.22 -76.39 -46.20
N ASP I 3 -25.44 -77.24 -45.55
CA ASP I 3 -25.97 -78.15 -44.54
C ASP I 3 -26.01 -77.45 -43.19
N ALA I 4 -26.20 -78.22 -42.13
CA ALA I 4 -26.49 -77.70 -40.79
C ALA I 4 -25.22 -77.18 -40.13
N LEU I 5 -25.28 -76.94 -38.83
CA LEU I 5 -24.20 -76.28 -38.12
C LEU I 5 -24.10 -76.80 -36.70
N GLY I 6 -22.88 -77.03 -36.24
CA GLY I 6 -22.67 -77.38 -34.85
C GLY I 6 -21.55 -76.58 -34.25
N MET I 7 -21.80 -75.88 -33.16
CA MET I 7 -20.81 -75.00 -32.56
C MET I 7 -20.67 -75.33 -31.09
N ILE I 8 -19.44 -75.46 -30.62
CA ILE I 8 -19.15 -75.61 -29.20
C ILE I 8 -18.24 -74.46 -28.80
N GLU I 9 -18.65 -73.70 -27.80
CA GLU I 9 -17.80 -72.66 -27.26
C GLU I 9 -17.18 -73.15 -25.96
N VAL I 10 -15.86 -73.10 -25.89
CA VAL I 10 -15.12 -73.52 -24.70
C VAL I 10 -14.22 -72.37 -24.28
N ARG I 11 -14.21 -72.07 -22.98
CA ARG I 11 -13.21 -71.16 -22.44
C ARG I 11 -11.94 -71.96 -22.26
N GLY I 12 -11.15 -72.07 -23.33
CA GLY I 12 -9.96 -72.88 -23.31
C GLY I 12 -9.77 -73.67 -24.59
N PHE I 13 -8.53 -73.77 -25.05
CA PHE I 13 -8.26 -74.43 -26.32
C PHE I 13 -8.38 -75.94 -26.19
N VAL I 14 -8.05 -76.48 -25.02
CA VAL I 14 -7.98 -77.93 -24.82
C VAL I 14 -9.37 -78.55 -24.85
N GLY I 15 -10.33 -77.91 -24.16
CA GLY I 15 -11.70 -78.37 -24.21
C GLY I 15 -12.31 -78.26 -25.60
N MET I 16 -11.88 -77.27 -26.38
CA MET I 16 -12.36 -77.14 -27.74
C MET I 16 -11.83 -78.26 -28.62
N VAL I 17 -10.55 -78.63 -28.46
CA VAL I 17 -10.00 -79.70 -29.27
C VAL I 17 -10.61 -81.04 -28.88
N GLU I 18 -10.85 -81.24 -27.57
CA GLU I 18 -11.53 -82.46 -27.13
C GLU I 18 -12.96 -82.53 -27.64
N ALA I 19 -13.68 -81.41 -27.60
CA ALA I 19 -15.05 -81.38 -28.11
C ALA I 19 -15.08 -81.59 -29.62
N ALA I 20 -14.09 -81.06 -30.33
CA ALA I 20 -14.04 -81.24 -31.78
C ALA I 20 -13.73 -82.69 -32.14
N ASP I 21 -12.83 -83.33 -31.39
CA ASP I 21 -12.55 -84.74 -31.61
C ASP I 21 -13.77 -85.62 -31.32
N ALA I 22 -14.49 -85.30 -30.25
CA ALA I 22 -15.71 -86.04 -29.93
C ALA I 22 -16.79 -85.83 -30.98
N MET I 23 -16.90 -84.62 -31.53
CA MET I 23 -17.90 -84.37 -32.57
C MET I 23 -17.56 -85.11 -33.86
N VAL I 24 -16.29 -85.07 -34.28
CA VAL I 24 -15.96 -85.75 -35.54
C VAL I 24 -15.86 -87.26 -35.39
N LYS I 25 -15.79 -87.78 -34.16
CA LYS I 25 -15.88 -89.22 -33.98
C LYS I 25 -17.30 -89.70 -33.71
N ALA I 26 -18.19 -88.83 -33.24
CA ALA I 26 -19.54 -89.27 -32.94
C ALA I 26 -20.36 -89.52 -34.20
N ALA I 27 -20.27 -88.62 -35.17
CA ALA I 27 -21.06 -88.74 -36.39
C ALA I 27 -20.19 -88.37 -37.57
N LYS I 28 -20.78 -88.42 -38.77
CA LYS I 28 -20.11 -88.03 -40.00
C LYS I 28 -20.31 -86.53 -40.17
N VAL I 29 -19.49 -85.76 -39.46
CA VAL I 29 -19.53 -84.31 -39.57
C VAL I 29 -18.20 -83.83 -40.12
N GLU I 30 -18.06 -82.53 -40.32
CA GLU I 30 -16.84 -81.95 -40.87
C GLU I 30 -16.43 -80.74 -40.04
N LEU I 31 -15.40 -80.91 -39.22
CA LEU I 31 -14.79 -79.79 -38.51
C LEU I 31 -14.13 -78.87 -39.53
N ILE I 32 -14.70 -77.70 -39.77
CA ILE I 32 -14.17 -76.83 -40.80
C ILE I 32 -13.12 -75.87 -40.27
N GLY I 33 -13.19 -75.52 -38.99
CA GLY I 33 -12.23 -74.57 -38.44
C GLY I 33 -12.62 -74.20 -37.03
N TYR I 34 -12.14 -73.03 -36.61
CA TYR I 34 -12.41 -72.55 -35.26
C TYR I 34 -12.18 -71.06 -35.23
N GLU I 35 -12.95 -70.37 -34.38
CA GLU I 35 -12.91 -68.92 -34.29
C GLU I 35 -12.39 -68.50 -32.92
N LYS I 36 -11.45 -67.57 -32.92
CA LYS I 36 -10.78 -67.10 -31.71
C LYS I 36 -11.31 -65.70 -31.38
N THR I 37 -12.32 -65.63 -30.52
CA THR I 37 -12.93 -64.35 -30.20
C THR I 37 -12.20 -63.58 -29.11
N GLY I 38 -11.09 -64.09 -28.62
CA GLY I 38 -10.31 -63.38 -27.63
C GLY I 38 -10.86 -63.56 -26.22
N GLY I 39 -9.99 -63.32 -25.25
CA GLY I 39 -10.36 -63.49 -23.87
C GLY I 39 -10.44 -64.94 -23.42
N GLY I 40 -9.90 -65.87 -24.18
CA GLY I 40 -9.90 -67.26 -23.82
C GLY I 40 -11.03 -68.08 -24.39
N TYR I 41 -11.97 -67.46 -25.09
CA TYR I 41 -13.09 -68.18 -25.70
C TYR I 41 -12.70 -68.64 -27.09
N VAL I 42 -12.91 -69.93 -27.37
CA VAL I 42 -12.77 -70.45 -28.72
C VAL I 42 -14.01 -71.27 -29.03
N THR I 43 -14.22 -71.52 -30.33
CA THR I 43 -15.47 -72.13 -30.79
C THR I 43 -15.17 -73.15 -31.88
N ALA I 44 -15.33 -74.43 -31.56
CA ALA I 44 -15.26 -75.46 -32.58
C ALA I 44 -16.51 -75.42 -33.43
N VAL I 45 -16.32 -75.51 -34.75
CA VAL I 45 -17.41 -75.48 -35.71
C VAL I 45 -17.34 -76.73 -36.56
N VAL I 46 -18.36 -77.57 -36.46
CA VAL I 46 -18.52 -78.71 -37.33
C VAL I 46 -19.73 -78.47 -38.21
N ARG I 47 -19.81 -79.23 -39.29
CA ARG I 47 -20.85 -78.99 -40.27
C ARG I 47 -21.18 -80.27 -41.03
N GLY I 48 -22.44 -80.67 -40.98
CA GLY I 48 -22.90 -81.84 -41.69
C GLY I 48 -24.41 -81.81 -41.77
N ASP I 49 -24.99 -82.96 -42.07
CA ASP I 49 -26.44 -83.06 -42.16
C ASP I 49 -27.10 -82.86 -40.80
N VAL I 50 -28.42 -82.64 -40.82
CA VAL I 50 -29.11 -82.00 -39.71
C VAL I 50 -29.22 -82.92 -38.51
N ALA I 51 -29.60 -84.18 -38.74
CA ALA I 51 -29.86 -85.08 -37.63
C ALA I 51 -28.60 -85.63 -36.98
N ALA I 52 -27.46 -85.54 -37.66
CA ALA I 52 -26.23 -86.10 -37.10
C ALA I 52 -25.42 -85.11 -36.30
N VAL I 53 -25.47 -83.83 -36.67
CA VAL I 53 -24.72 -82.82 -35.92
C VAL I 53 -25.32 -82.60 -34.54
N LYS I 54 -26.59 -82.94 -34.34
CA LYS I 54 -27.19 -82.85 -33.01
C LYS I 54 -26.56 -83.86 -32.06
N ALA I 55 -26.46 -85.12 -32.49
CA ALA I 55 -25.81 -86.14 -31.69
C ALA I 55 -24.31 -85.89 -31.56
N ALA I 56 -23.70 -85.29 -32.60
CA ALA I 56 -22.29 -84.95 -32.54
C ALA I 56 -22.02 -83.90 -31.47
N THR I 57 -22.81 -82.83 -31.44
CA THR I 57 -22.62 -81.79 -30.43
C THR I 57 -23.04 -82.27 -29.04
N GLU I 58 -23.98 -83.22 -28.94
CA GLU I 58 -24.28 -83.81 -27.65
C GLU I 58 -23.09 -84.59 -27.11
N ALA I 59 -22.45 -85.39 -27.95
CA ALA I 59 -21.24 -86.10 -27.53
C ALA I 59 -20.09 -85.14 -27.25
N GLY I 60 -20.03 -84.04 -28.00
CA GLY I 60 -18.99 -83.05 -27.76
C GLY I 60 -19.15 -82.34 -26.43
N GLN I 61 -20.38 -81.95 -26.09
CA GLN I 61 -20.66 -81.34 -24.80
C GLN I 61 -20.42 -82.32 -23.66
N ARG I 62 -20.87 -83.57 -23.82
CA ARG I 62 -20.70 -84.56 -22.76
C ARG I 62 -19.24 -84.94 -22.58
N ALA I 63 -18.43 -84.83 -23.62
CA ALA I 63 -17.00 -85.07 -23.46
C ALA I 63 -16.25 -83.85 -22.95
N ALA I 64 -16.69 -82.65 -23.32
CA ALA I 64 -15.99 -81.44 -22.92
C ALA I 64 -16.40 -80.92 -21.56
N GLU I 65 -17.46 -81.46 -20.95
CA GLU I 65 -17.74 -81.14 -19.55
C GLU I 65 -16.78 -81.82 -18.59
N ARG I 66 -15.91 -82.71 -19.06
CA ARG I 66 -14.92 -83.34 -18.19
C ARG I 66 -13.59 -82.60 -18.18
N VAL I 67 -13.34 -81.72 -19.15
CA VAL I 67 -12.03 -81.09 -19.27
C VAL I 67 -12.08 -79.57 -19.18
N GLY I 68 -13.20 -78.92 -19.47
CA GLY I 68 -13.16 -77.48 -19.52
C GLY I 68 -14.51 -76.83 -19.31
N GLU I 69 -14.49 -75.50 -19.36
CA GLU I 69 -15.69 -74.69 -19.16
C GLU I 69 -16.41 -74.54 -20.49
N VAL I 70 -17.51 -75.26 -20.65
CA VAL I 70 -18.35 -75.15 -21.83
C VAL I 70 -19.28 -73.96 -21.64
N VAL I 71 -19.26 -73.03 -22.60
CA VAL I 71 -20.10 -71.85 -22.53
C VAL I 71 -21.42 -72.10 -23.22
N ALA I 72 -21.37 -72.52 -24.48
CA ALA I 72 -22.59 -72.64 -25.26
C ALA I 72 -22.49 -73.82 -26.21
N VAL I 73 -23.60 -74.52 -26.37
CA VAL I 73 -23.72 -75.64 -27.30
C VAL I 73 -24.98 -75.40 -28.12
N HIS I 74 -24.84 -75.34 -29.44
CA HIS I 74 -26.02 -75.02 -30.23
C HIS I 74 -25.91 -75.61 -31.63
N VAL I 75 -27.06 -75.98 -32.17
CA VAL I 75 -27.19 -76.55 -33.51
C VAL I 75 -28.14 -75.69 -34.30
N ILE I 76 -27.70 -75.25 -35.48
CA ILE I 76 -28.53 -74.51 -36.42
C ILE I 76 -28.87 -75.44 -37.57
N PRO I 77 -30.14 -75.78 -37.79
CA PRO I 77 -30.46 -76.80 -38.81
C PRO I 77 -30.29 -76.32 -40.23
N ARG I 78 -30.73 -75.12 -40.54
CA ARG I 78 -30.57 -74.52 -41.87
C ARG I 78 -30.08 -73.10 -41.68
N PRO I 79 -28.77 -72.88 -41.68
CA PRO I 79 -28.25 -71.51 -41.63
C PRO I 79 -28.57 -70.77 -42.92
N HIS I 80 -29.11 -69.57 -42.77
CA HIS I 80 -29.51 -68.76 -43.91
C HIS I 80 -28.28 -68.34 -44.72
N VAL I 81 -28.49 -68.06 -46.00
CA VAL I 81 -27.37 -67.82 -46.91
C VAL I 81 -26.65 -66.52 -46.57
N ASN I 82 -27.34 -65.57 -45.93
CA ASN I 82 -26.68 -64.35 -45.49
C ASN I 82 -25.82 -64.60 -44.26
N VAL I 83 -26.05 -65.68 -43.53
CA VAL I 83 -25.15 -66.04 -42.42
C VAL I 83 -23.88 -66.67 -42.95
N ASP I 84 -24.02 -67.63 -43.88
CA ASP I 84 -22.84 -68.29 -44.42
C ASP I 84 -22.05 -67.41 -45.36
N ALA I 85 -22.66 -66.36 -45.91
CA ALA I 85 -21.91 -65.48 -46.80
C ALA I 85 -21.11 -64.43 -46.05
N ALA I 86 -21.56 -64.01 -44.87
CA ALA I 86 -20.88 -62.98 -44.11
C ALA I 86 -20.02 -63.55 -42.98
N LEU I 87 -20.63 -64.31 -42.09
CA LEU I 87 -19.89 -64.91 -41.00
C LEU I 87 -19.04 -66.07 -41.52
N PRO I 88 -17.84 -66.29 -40.96
CA PRO I 88 -16.96 -67.36 -41.46
C PRO I 88 -17.28 -68.75 -40.91
N LEU I 89 -18.34 -69.35 -41.44
CA LEU I 89 -18.81 -70.64 -40.96
C LEU I 89 -18.55 -71.78 -41.94
N GLY I 90 -17.58 -71.62 -42.83
CA GLY I 90 -17.09 -72.72 -43.64
C GLY I 90 -17.76 -72.92 -44.98
N ARG I 91 -18.80 -72.15 -45.31
CA ARG I 91 -19.48 -72.27 -46.59
C ARG I 91 -19.53 -70.94 -47.30
N THR I 92 -18.41 -70.23 -47.31
CA THR I 92 -18.31 -69.01 -48.09
C THR I 92 -18.18 -69.37 -49.56
N PRO I 93 -19.09 -68.91 -50.45
CA PRO I 93 -19.08 -69.27 -51.86
C PRO I 93 -17.88 -68.71 -52.62
N ALA J 2 -2.05 -91.33 -37.33
CA ALA J 2 -2.48 -90.30 -36.38
C ALA J 2 -1.80 -90.51 -35.03
N ASP J 3 -0.75 -89.74 -34.79
CA ASP J 3 -0.01 -89.82 -33.55
C ASP J 3 -0.83 -89.20 -32.41
N ALA J 4 -0.56 -89.69 -31.20
CA ALA J 4 -1.30 -89.26 -30.02
C ALA J 4 -0.98 -87.81 -29.67
N LEU J 5 -1.87 -87.22 -28.89
CA LEU J 5 -1.86 -85.78 -28.64
C LEU J 5 -1.86 -85.49 -27.15
N GLY J 6 -1.07 -84.51 -26.73
CA GLY J 6 -1.13 -84.02 -25.37
C GLY J 6 -1.11 -82.52 -25.33
N MET J 7 -2.06 -81.91 -24.63
CA MET J 7 -2.18 -80.45 -24.61
C MET J 7 -2.18 -79.98 -23.17
N ILE J 8 -1.46 -78.88 -22.91
CA ILE J 8 -1.43 -78.24 -21.60
C ILE J 8 -1.86 -76.79 -21.79
N GLU J 9 -2.93 -76.37 -21.11
CA GLU J 9 -3.37 -74.99 -21.14
C GLU J 9 -2.95 -74.32 -19.85
N VAL J 10 -2.16 -73.25 -19.95
CA VAL J 10 -1.69 -72.50 -18.80
C VAL J 10 -2.07 -71.05 -19.01
N ARG J 11 -2.55 -70.40 -17.95
CA ARG J 11 -2.75 -68.95 -17.98
C ARG J 11 -1.41 -68.30 -17.67
N GLY J 12 -0.75 -67.77 -18.69
CA GLY J 12 0.56 -67.18 -18.52
C GLY J 12 1.61 -67.86 -19.37
N PHE J 13 2.52 -67.08 -19.93
CA PHE J 13 3.50 -67.62 -20.87
C PHE J 13 4.56 -68.45 -20.15
N VAL J 14 4.89 -68.08 -18.91
CA VAL J 14 6.00 -68.71 -18.19
C VAL J 14 5.64 -70.15 -17.82
N GLY J 15 4.42 -70.35 -17.31
CA GLY J 15 3.98 -71.69 -16.98
C GLY J 15 3.86 -72.60 -18.20
N MET J 16 3.48 -72.03 -19.34
CA MET J 16 3.43 -72.81 -20.56
C MET J 16 4.81 -73.21 -21.03
N VAL J 17 5.80 -72.31 -20.90
CA VAL J 17 7.15 -72.67 -21.32
C VAL J 17 7.75 -73.71 -20.39
N GLU J 18 7.45 -73.62 -19.09
CA GLU J 18 7.94 -74.63 -18.15
C GLU J 18 7.28 -75.98 -18.39
N ALA J 19 5.98 -75.99 -18.67
CA ALA J 19 5.30 -77.24 -19.02
C ALA J 19 5.84 -77.84 -20.32
N ALA J 20 6.09 -76.99 -21.32
CA ALA J 20 6.60 -77.47 -22.59
C ALA J 20 8.04 -77.93 -22.50
N ASP J 21 8.80 -77.45 -21.51
CA ASP J 21 10.13 -77.98 -21.29
C ASP J 21 10.08 -79.30 -20.54
N ALA J 22 9.22 -79.41 -19.54
CA ALA J 22 9.13 -80.64 -18.75
C ALA J 22 8.57 -81.79 -19.57
N MET J 23 7.66 -81.51 -20.51
CA MET J 23 7.12 -82.57 -21.36
C MET J 23 8.19 -83.14 -22.27
N VAL J 24 8.97 -82.28 -22.93
CA VAL J 24 9.98 -82.80 -23.84
C VAL J 24 11.20 -83.34 -23.10
N LYS J 25 11.38 -83.00 -21.83
CA LYS J 25 12.42 -83.66 -21.04
C LYS J 25 11.94 -84.92 -20.34
N ALA J 26 10.63 -85.15 -20.28
CA ALA J 26 10.12 -86.33 -19.62
C ALA J 26 9.97 -87.53 -20.53
N ALA J 27 9.71 -87.32 -21.82
CA ALA J 27 9.50 -88.44 -22.73
C ALA J 27 9.86 -88.01 -24.14
N LYS J 28 9.97 -89.00 -25.03
CA LYS J 28 10.32 -88.77 -26.43
C LYS J 28 9.07 -88.30 -27.16
N VAL J 29 8.82 -87.00 -27.10
CA VAL J 29 7.65 -86.39 -27.71
C VAL J 29 8.11 -85.34 -28.70
N GLU J 30 7.17 -84.65 -29.33
CA GLU J 30 7.51 -83.58 -30.27
C GLU J 30 6.63 -82.38 -30.01
N LEU J 31 7.18 -81.36 -29.37
CA LEU J 31 6.51 -80.08 -29.18
C LEU J 31 6.38 -79.41 -30.54
N ILE J 32 5.18 -79.39 -31.10
CA ILE J 32 5.03 -78.85 -32.45
C ILE J 32 4.75 -77.35 -32.44
N GLY J 33 4.20 -76.80 -31.36
CA GLY J 33 3.90 -75.39 -31.35
C GLY J 33 3.25 -74.87 -30.09
N TYR J 34 2.46 -73.81 -30.24
CA TYR J 34 1.82 -73.12 -29.14
C TYR J 34 0.67 -72.32 -29.71
N GLU J 35 -0.42 -72.20 -28.95
CA GLU J 35 -1.60 -71.53 -29.44
C GLU J 35 -2.04 -70.46 -28.44
N LYS J 36 -2.18 -69.23 -28.93
CA LYS J 36 -2.45 -68.06 -28.10
C LYS J 36 -3.91 -67.69 -28.26
N THR J 37 -4.76 -68.22 -27.38
CA THR J 37 -6.20 -67.97 -27.49
C THR J 37 -6.62 -66.64 -26.87
N GLY J 38 -5.70 -65.83 -26.39
CA GLY J 38 -6.03 -64.53 -25.86
C GLY J 38 -6.53 -64.59 -24.43
N GLY J 39 -6.43 -63.45 -23.76
CA GLY J 39 -6.75 -63.40 -22.34
C GLY J 39 -5.71 -63.99 -21.44
N GLY J 40 -4.49 -64.20 -21.95
CA GLY J 40 -3.43 -64.84 -21.20
C GLY J 40 -3.34 -66.34 -21.36
N TYR J 41 -4.37 -66.98 -21.89
CA TYR J 41 -4.39 -68.43 -22.02
C TYR J 41 -3.51 -68.85 -23.18
N VAL J 42 -2.46 -69.61 -22.88
CA VAL J 42 -1.61 -70.18 -23.92
C VAL J 42 -1.51 -71.68 -23.70
N THR J 43 -1.43 -72.42 -24.80
CA THR J 43 -1.54 -73.87 -24.79
C THR J 43 -0.35 -74.48 -25.50
N ALA J 44 0.38 -75.33 -24.80
CA ALA J 44 1.47 -76.09 -25.39
C ALA J 44 0.95 -77.43 -25.88
N VAL J 45 1.51 -77.90 -26.99
CA VAL J 45 1.05 -79.11 -27.66
C VAL J 45 2.25 -80.03 -27.90
N VAL J 46 2.20 -81.23 -27.30
CA VAL J 46 3.15 -82.27 -27.63
C VAL J 46 2.42 -83.36 -28.40
N ARG J 47 3.17 -84.10 -29.20
CA ARG J 47 2.57 -85.09 -30.07
C ARG J 47 3.52 -86.27 -30.25
N GLY J 48 2.97 -87.46 -30.10
CA GLY J 48 3.75 -88.68 -30.15
C GLY J 48 2.89 -89.84 -29.69
N ASP J 49 3.53 -91.01 -29.55
CA ASP J 49 2.82 -92.21 -29.16
C ASP J 49 2.29 -92.11 -27.73
N VAL J 50 1.34 -93.00 -27.42
CA VAL J 50 0.30 -92.72 -26.41
C VAL J 50 0.90 -92.66 -25.00
N ALA J 51 1.70 -93.66 -24.63
CA ALA J 51 2.27 -93.67 -23.29
C ALA J 51 3.31 -92.58 -23.10
N ALA J 52 4.00 -92.20 -24.16
CA ALA J 52 5.02 -91.16 -24.05
C ALA J 52 4.38 -89.80 -23.81
N VAL J 53 3.37 -89.42 -24.58
CA VAL J 53 2.71 -88.14 -24.34
C VAL J 53 1.86 -88.19 -23.08
N LYS J 54 1.42 -89.38 -22.66
CA LYS J 54 0.69 -89.49 -21.40
C LYS J 54 1.61 -89.20 -20.22
N ALA J 55 2.79 -89.83 -20.20
CA ALA J 55 3.78 -89.53 -19.17
C ALA J 55 4.30 -88.10 -19.28
N ALA J 56 4.35 -87.57 -20.51
CA ALA J 56 4.80 -86.20 -20.72
C ALA J 56 3.85 -85.20 -20.08
N THR J 57 2.55 -85.34 -20.32
CA THR J 57 1.61 -84.42 -19.69
C THR J 57 1.47 -84.67 -18.19
N GLU J 58 1.60 -85.93 -17.74
CA GLU J 58 1.58 -86.20 -16.30
C GLU J 58 2.80 -85.66 -15.58
N ALA J 59 3.89 -85.40 -16.29
CA ALA J 59 5.00 -84.67 -15.69
C ALA J 59 4.88 -83.16 -15.88
N GLY J 60 4.32 -82.72 -17.00
CA GLY J 60 4.24 -81.29 -17.27
C GLY J 60 3.21 -80.57 -16.42
N GLN J 61 2.10 -81.24 -16.11
CA GLN J 61 1.15 -80.69 -15.15
C GLN J 61 1.76 -80.60 -13.77
N ARG J 62 2.55 -81.61 -13.39
CA ARG J 62 3.19 -81.63 -12.09
C ARG J 62 4.27 -80.56 -11.98
N ALA J 63 4.92 -80.23 -13.09
CA ALA J 63 5.96 -79.21 -13.08
C ALA J 63 5.42 -77.80 -13.28
N ALA J 64 4.25 -77.64 -13.89
CA ALA J 64 3.74 -76.32 -14.17
C ALA J 64 2.79 -75.80 -13.11
N GLU J 65 2.38 -76.63 -12.14
CA GLU J 65 1.57 -76.13 -11.04
C GLU J 65 2.36 -75.24 -10.09
N ARG J 66 3.69 -75.33 -10.10
CA ARG J 66 4.47 -74.47 -9.22
C ARG J 66 4.56 -73.05 -9.76
N VAL J 67 4.73 -72.89 -11.07
CA VAL J 67 5.09 -71.60 -11.64
C VAL J 67 3.95 -70.97 -12.44
N GLY J 68 2.74 -71.46 -12.29
CA GLY J 68 1.65 -70.86 -13.03
C GLY J 68 0.31 -71.40 -12.65
N GLU J 69 -0.69 -71.04 -13.45
CA GLU J 69 -2.08 -71.44 -13.24
C GLU J 69 -2.45 -72.41 -14.37
N VAL J 70 -2.45 -73.70 -14.04
CA VAL J 70 -2.73 -74.76 -15.00
C VAL J 70 -4.24 -74.93 -15.08
N VAL J 71 -4.81 -74.75 -16.27
CA VAL J 71 -6.25 -74.79 -16.43
C VAL J 71 -6.70 -76.18 -16.88
N ALA J 72 -6.19 -76.64 -18.02
CA ALA J 72 -6.70 -77.88 -18.60
C ALA J 72 -5.55 -78.76 -19.05
N VAL J 73 -5.63 -80.03 -18.69
CA VAL J 73 -4.65 -81.06 -19.06
C VAL J 73 -5.42 -82.24 -19.61
N HIS J 74 -5.16 -82.61 -20.86
CA HIS J 74 -5.89 -83.73 -21.44
C HIS J 74 -5.07 -84.38 -22.53
N VAL J 75 -5.24 -85.70 -22.68
CA VAL J 75 -4.54 -86.50 -23.67
C VAL J 75 -5.57 -87.13 -24.59
N ILE J 76 -5.36 -87.00 -25.89
CA ILE J 76 -6.18 -87.66 -26.89
C ILE J 76 -5.33 -88.76 -27.53
N PRO J 77 -5.63 -90.04 -27.29
CA PRO J 77 -4.73 -91.10 -27.76
C PRO J 77 -4.78 -91.33 -29.26
N ARG J 78 -5.91 -91.08 -29.91
CA ARG J 78 -6.00 -91.09 -31.37
C ARG J 78 -6.88 -89.93 -31.79
N PRO J 79 -6.30 -88.80 -32.17
CA PRO J 79 -7.10 -87.75 -32.81
C PRO J 79 -7.52 -88.18 -34.21
N HIS J 80 -8.72 -87.78 -34.59
CA HIS J 80 -9.25 -88.11 -35.91
C HIS J 80 -8.51 -87.29 -36.97
N VAL J 81 -8.60 -87.75 -38.21
CA VAL J 81 -7.83 -87.13 -39.29
C VAL J 81 -8.37 -85.72 -39.61
N ASN J 82 -9.64 -85.47 -39.32
CA ASN J 82 -10.17 -84.13 -39.51
C ASN J 82 -9.64 -83.16 -38.46
N VAL J 83 -9.31 -83.66 -37.28
CA VAL J 83 -8.74 -82.81 -36.23
C VAL J 83 -7.32 -82.38 -36.61
N ASP J 84 -6.51 -83.31 -37.10
CA ASP J 84 -5.18 -82.95 -37.57
C ASP J 84 -5.22 -82.14 -38.86
N ALA J 85 -6.27 -82.27 -39.66
CA ALA J 85 -6.33 -81.57 -40.93
C ALA J 85 -7.00 -80.20 -40.82
N ALA J 86 -7.72 -79.93 -39.74
CA ALA J 86 -8.46 -78.67 -39.59
C ALA J 86 -7.80 -77.72 -38.61
N LEU J 87 -7.28 -78.24 -37.51
CA LEU J 87 -6.64 -77.51 -36.43
C LEU J 87 -5.12 -77.47 -36.64
N PRO J 88 -4.44 -76.38 -36.25
CA PRO J 88 -2.98 -76.32 -36.44
C PRO J 88 -2.22 -77.15 -35.43
N LEU J 89 -2.26 -78.47 -35.59
CA LEU J 89 -1.85 -79.42 -34.56
C LEU J 89 -0.73 -80.34 -35.05
N GLY J 90 0.21 -79.80 -35.82
CA GLY J 90 1.45 -80.47 -36.09
C GLY J 90 1.47 -81.42 -37.27
N ARG J 91 0.33 -82.03 -37.62
CA ARG J 91 0.29 -83.02 -38.69
C ARG J 91 -0.61 -82.57 -39.83
N THR J 92 -0.49 -81.31 -40.24
CA THR J 92 -1.23 -80.82 -41.37
C THR J 92 -0.62 -81.35 -42.66
N PRO J 93 -1.38 -82.05 -43.52
CA PRO J 93 -0.87 -82.63 -44.76
C PRO J 93 -0.45 -81.59 -45.79
N ALA K 2 22.75 -73.52 -26.33
CA ALA K 2 21.58 -73.57 -25.47
C ALA K 2 21.84 -72.83 -24.16
N ASP K 3 21.74 -71.50 -24.22
CA ASP K 3 21.93 -70.70 -23.02
C ASP K 3 20.71 -70.79 -22.12
N ALA K 4 20.92 -70.59 -20.83
CA ALA K 4 19.87 -70.63 -19.83
C ALA K 4 18.86 -69.51 -20.04
N LEU K 5 17.67 -69.72 -19.49
CA LEU K 5 16.48 -68.96 -19.88
C LEU K 5 15.82 -68.36 -18.66
N GLY K 6 15.51 -67.07 -18.71
CA GLY K 6 14.80 -66.42 -17.64
C GLY K 6 13.64 -65.62 -18.18
N MET K 7 12.52 -65.66 -17.47
CA MET K 7 11.31 -65.00 -17.92
C MET K 7 10.66 -64.31 -16.74
N ILE K 8 10.09 -63.13 -16.98
CA ILE K 8 9.27 -62.44 -15.99
C ILE K 8 7.94 -62.13 -16.64
N GLU K 9 6.86 -62.63 -16.04
CA GLU K 9 5.52 -62.31 -16.50
C GLU K 9 4.93 -61.26 -15.57
N VAL K 10 4.49 -60.14 -16.14
CA VAL K 10 3.88 -59.06 -15.40
C VAL K 10 2.51 -58.81 -16.01
N ARG K 11 1.50 -58.67 -15.16
CA ARG K 11 0.23 -58.15 -15.65
C ARG K 11 0.37 -56.65 -15.78
N GLY K 12 0.81 -56.19 -16.94
CA GLY K 12 1.11 -54.79 -17.13
C GLY K 12 2.39 -54.57 -17.89
N PHE K 13 2.40 -53.54 -18.73
CA PHE K 13 3.58 -53.27 -19.54
C PHE K 13 4.68 -52.60 -18.72
N VAL K 14 4.30 -51.78 -17.74
CA VAL K 14 5.26 -50.95 -17.02
C VAL K 14 6.14 -51.79 -16.11
N GLY K 15 5.52 -52.72 -15.37
CA GLY K 15 6.29 -53.62 -14.54
C GLY K 15 7.18 -54.54 -15.34
N MET K 16 6.75 -54.90 -16.55
CA MET K 16 7.60 -55.71 -17.42
C MET K 16 8.80 -54.91 -17.91
N VAL K 17 8.61 -53.61 -18.18
CA VAL K 17 9.75 -52.81 -18.63
C VAL K 17 10.73 -52.58 -17.48
N GLU K 18 10.23 -52.38 -16.26
CA GLU K 18 11.11 -52.27 -15.10
C GLU K 18 11.87 -53.56 -14.83
N ALA K 19 11.19 -54.71 -14.97
CA ALA K 19 11.85 -56.00 -14.81
C ALA K 19 12.90 -56.24 -15.90
N ALA K 20 12.58 -55.88 -17.14
CA ALA K 20 13.52 -56.07 -18.23
C ALA K 20 14.71 -55.11 -18.12
N ASP K 21 14.53 -53.96 -17.49
CA ASP K 21 15.67 -53.08 -17.23
C ASP K 21 16.54 -53.64 -16.11
N ALA K 22 15.91 -54.09 -15.02
CA ALA K 22 16.67 -54.55 -13.87
C ALA K 22 17.41 -55.85 -14.15
N MET K 23 16.87 -56.70 -15.04
CA MET K 23 17.57 -57.94 -15.37
C MET K 23 18.83 -57.68 -16.19
N VAL K 24 18.76 -56.78 -17.16
CA VAL K 24 19.94 -56.52 -17.97
C VAL K 24 20.91 -55.56 -17.31
N LYS K 25 20.49 -54.86 -16.26
CA LYS K 25 21.47 -54.13 -15.45
C LYS K 25 22.11 -55.00 -14.39
N ALA K 26 21.40 -56.02 -13.89
CA ALA K 26 21.88 -56.76 -12.74
C ALA K 26 22.98 -57.75 -13.09
N ALA K 27 22.98 -58.29 -14.30
CA ALA K 27 23.98 -59.29 -14.67
C ALA K 27 24.20 -59.24 -16.18
N LYS K 28 24.98 -60.19 -16.68
CA LYS K 28 25.28 -60.29 -18.11
C LYS K 28 24.27 -61.22 -18.75
N VAL K 29 23.13 -60.64 -19.13
CA VAL K 29 22.08 -61.37 -19.83
C VAL K 29 21.78 -60.63 -21.13
N GLU K 30 20.82 -61.12 -21.90
CA GLU K 30 20.42 -60.47 -23.15
C GLU K 30 18.91 -60.49 -23.22
N LEU K 31 18.29 -59.31 -23.14
CA LEU K 31 16.85 -59.20 -23.37
C LEU K 31 16.55 -59.47 -24.84
N ILE K 32 15.98 -60.63 -25.14
CA ILE K 32 15.73 -60.95 -26.54
C ILE K 32 14.33 -60.53 -26.98
N GLY K 33 13.44 -60.22 -26.06
CA GLY K 33 12.13 -59.73 -26.46
C GLY K 33 11.11 -59.93 -25.36
N TYR K 34 9.85 -59.84 -25.75
CA TYR K 34 8.73 -59.90 -24.84
C TYR K 34 7.56 -60.50 -25.58
N GLU K 35 6.77 -61.30 -24.89
CA GLU K 35 5.63 -61.97 -25.51
C GLU K 35 4.35 -61.40 -24.94
N LYS K 36 3.43 -61.04 -25.84
CA LYS K 36 2.13 -60.46 -25.50
C LYS K 36 1.09 -61.56 -25.62
N THR K 37 0.78 -62.19 -24.50
CA THR K 37 -0.23 -63.24 -24.52
C THR K 37 -1.65 -62.69 -24.49
N GLY K 38 -1.83 -61.37 -24.42
CA GLY K 38 -3.14 -60.78 -24.42
C GLY K 38 -3.79 -60.77 -23.06
N GLY K 39 -4.58 -59.74 -22.77
CA GLY K 39 -5.18 -59.61 -21.47
C GLY K 39 -4.34 -58.91 -20.44
N GLY K 40 -3.22 -58.33 -20.86
CA GLY K 40 -2.35 -57.61 -19.98
C GLY K 40 -1.13 -58.36 -19.53
N TYR K 41 -1.14 -59.69 -19.65
CA TYR K 41 0.02 -60.51 -19.29
C TYR K 41 1.06 -60.35 -20.38
N VAL K 42 2.21 -59.78 -20.04
CA VAL K 42 3.34 -59.77 -20.96
C VAL K 42 4.55 -60.35 -20.25
N THR K 43 5.37 -61.06 -21.01
CA THR K 43 6.50 -61.79 -20.45
C THR K 43 7.79 -61.33 -21.11
N ALA K 44 8.66 -60.68 -20.33
CA ALA K 44 9.99 -60.34 -20.78
C ALA K 44 10.88 -61.57 -20.70
N VAL K 45 11.72 -61.76 -21.70
CA VAL K 45 12.56 -62.95 -21.80
C VAL K 45 14.02 -62.51 -21.89
N VAL K 46 14.83 -62.96 -20.93
CA VAL K 46 16.27 -62.80 -21.00
C VAL K 46 16.90 -64.17 -21.14
N ARG K 47 18.14 -64.18 -21.61
CA ARG K 47 18.80 -65.45 -21.92
C ARG K 47 20.31 -65.31 -21.79
N GLY K 48 20.90 -66.15 -20.96
CA GLY K 48 22.33 -66.16 -20.74
C GLY K 48 22.71 -67.33 -19.88
N ASP K 49 23.96 -67.34 -19.42
CA ASP K 49 24.42 -68.44 -18.58
C ASP K 49 23.73 -68.41 -17.22
N VAL K 50 23.83 -69.54 -16.50
CA VAL K 50 22.83 -69.92 -15.50
C VAL K 50 22.90 -69.02 -14.27
N ALA K 51 24.11 -68.74 -13.78
CA ALA K 51 24.22 -67.92 -12.57
C ALA K 51 23.89 -66.47 -12.85
N ALA K 52 24.17 -65.99 -14.06
CA ALA K 52 23.80 -64.62 -14.40
C ALA K 52 22.29 -64.46 -14.52
N VAL K 53 21.60 -65.42 -15.13
CA VAL K 53 20.15 -65.28 -15.22
C VAL K 53 19.50 -65.55 -13.86
N LYS K 54 20.15 -66.34 -13.00
CA LYS K 54 19.60 -66.57 -11.68
C LYS K 54 19.79 -65.34 -10.79
N ALA K 55 20.88 -64.59 -10.99
CA ALA K 55 21.04 -63.31 -10.31
C ALA K 55 20.29 -62.19 -11.01
N ALA K 56 19.82 -62.41 -12.22
CA ALA K 56 19.07 -61.41 -12.96
C ALA K 56 17.58 -61.45 -12.64
N THR K 57 16.99 -62.65 -12.65
CA THR K 57 15.54 -62.75 -12.42
C THR K 57 15.18 -62.42 -10.99
N GLU K 58 16.07 -62.66 -10.03
CA GLU K 58 15.81 -62.28 -8.65
C GLU K 58 15.74 -60.77 -8.50
N ALA K 59 16.69 -60.06 -9.13
CA ALA K 59 16.64 -58.60 -9.11
C ALA K 59 15.47 -58.06 -9.92
N GLY K 60 15.10 -58.77 -10.98
CA GLY K 60 13.94 -58.35 -11.77
C GLY K 60 12.64 -58.49 -11.00
N GLN K 61 12.48 -59.60 -10.27
CA GLN K 61 11.32 -59.76 -9.41
C GLN K 61 11.31 -58.75 -8.28
N ARG K 62 12.47 -58.51 -7.66
CA ARG K 62 12.55 -57.57 -6.55
C ARG K 62 12.28 -56.13 -6.99
N ALA K 63 12.64 -55.80 -8.24
CA ALA K 63 12.30 -54.47 -8.75
C ALA K 63 10.84 -54.39 -9.19
N ALA K 64 10.35 -55.42 -9.87
CA ALA K 64 9.02 -55.36 -10.48
C ALA K 64 7.90 -55.58 -9.48
N GLU K 65 8.17 -56.08 -8.29
CA GLU K 65 7.10 -56.15 -7.29
C GLU K 65 6.76 -54.78 -6.72
N ARG K 66 7.62 -53.78 -6.89
CA ARG K 66 7.30 -52.45 -6.40
C ARG K 66 6.41 -51.66 -7.34
N VAL K 67 6.25 -52.11 -8.59
CA VAL K 67 5.55 -51.30 -9.59
C VAL K 67 4.33 -52.00 -10.15
N GLY K 68 4.30 -53.33 -10.11
CA GLY K 68 3.24 -54.03 -10.79
C GLY K 68 2.85 -55.37 -10.18
N GLU K 69 2.11 -56.16 -10.93
CA GLU K 69 1.62 -57.47 -10.49
C GLU K 69 2.45 -58.55 -11.18
N VAL K 70 3.44 -59.06 -10.46
CA VAL K 70 4.29 -60.12 -10.97
C VAL K 70 3.54 -61.44 -10.86
N VAL K 71 3.33 -62.11 -11.98
CA VAL K 71 2.60 -63.37 -12.01
C VAL K 71 3.57 -64.51 -11.74
N ALA K 72 4.61 -64.63 -12.58
CA ALA K 72 5.49 -65.78 -12.51
C ALA K 72 6.93 -65.37 -12.72
N VAL K 73 7.83 -66.03 -12.00
CA VAL K 73 9.27 -65.89 -12.15
C VAL K 73 9.85 -67.29 -12.23
N HIS K 74 10.53 -67.61 -13.32
CA HIS K 74 11.13 -68.93 -13.41
C HIS K 74 12.39 -68.89 -14.27
N VAL K 75 13.34 -69.74 -13.91
CA VAL K 75 14.61 -69.88 -14.62
C VAL K 75 14.71 -71.31 -15.13
N ILE K 76 14.98 -71.45 -16.42
CA ILE K 76 15.25 -72.75 -17.03
C ILE K 76 16.75 -72.82 -17.30
N PRO K 77 17.49 -73.70 -16.61
CA PRO K 77 18.95 -73.67 -16.73
C PRO K 77 19.46 -74.22 -18.05
N ARG K 78 18.72 -75.09 -18.70
CA ARG K 78 19.10 -75.62 -20.01
C ARG K 78 17.82 -76.01 -20.72
N PRO K 79 17.28 -75.14 -21.56
CA PRO K 79 16.08 -75.50 -22.30
C PRO K 79 16.40 -76.51 -23.39
N HIS K 80 15.48 -77.44 -23.59
CA HIS K 80 15.63 -78.46 -24.62
C HIS K 80 15.53 -77.81 -26.00
N VAL K 81 16.17 -78.45 -26.99
CA VAL K 81 16.32 -77.83 -28.31
C VAL K 81 14.98 -77.75 -29.04
N ASN K 82 14.02 -78.61 -28.69
CA ASN K 82 12.69 -78.51 -29.27
C ASN K 82 11.95 -77.28 -28.74
N VAL K 83 12.24 -76.89 -27.49
CA VAL K 83 11.63 -75.69 -26.92
C VAL K 83 12.18 -74.45 -27.59
N ASP K 84 13.49 -74.40 -27.84
CA ASP K 84 14.06 -73.26 -28.54
C ASP K 84 13.67 -73.24 -30.01
N ALA K 85 13.38 -74.40 -30.59
CA ALA K 85 13.05 -74.46 -32.00
C ALA K 85 11.59 -74.20 -32.31
N ALA K 86 10.68 -74.57 -31.41
CA ALA K 86 9.25 -74.43 -31.68
C ALA K 86 8.59 -73.27 -30.95
N LEU K 87 9.36 -72.45 -30.24
CA LEU K 87 8.79 -71.33 -29.51
C LEU K 87 9.61 -70.06 -29.76
N PRO K 88 9.02 -68.87 -29.61
CA PRO K 88 9.81 -67.64 -29.82
C PRO K 88 10.63 -67.25 -28.59
N LEU K 89 11.72 -67.99 -28.37
CA LEU K 89 12.57 -67.77 -27.20
C LEU K 89 13.96 -67.30 -27.58
N GLY K 90 14.14 -66.80 -28.80
CA GLY K 90 15.34 -66.09 -29.17
C GLY K 90 16.48 -66.92 -29.74
N ARG K 91 16.33 -68.25 -29.82
CA ARG K 91 17.37 -69.10 -30.38
C ARG K 91 16.79 -70.02 -31.45
N THR K 92 16.03 -69.44 -32.36
CA THR K 92 15.59 -70.21 -33.52
C THR K 92 16.79 -70.41 -34.44
N PRO K 93 17.17 -71.66 -34.77
CA PRO K 93 18.35 -71.94 -35.60
C PRO K 93 18.22 -71.45 -37.04
N ALA L 2 21.61 -41.81 -23.46
CA ALA L 2 20.26 -42.29 -23.66
C ALA L 2 19.27 -41.42 -22.91
N ASP L 3 18.03 -41.41 -23.37
CA ASP L 3 17.00 -40.58 -22.77
C ASP L 3 16.19 -41.38 -21.76
N ALA L 4 15.76 -40.69 -20.69
CA ALA L 4 15.00 -41.31 -19.63
C ALA L 4 13.60 -41.72 -20.11
N LEU L 5 12.90 -42.47 -19.27
CA LEU L 5 11.70 -43.17 -19.70
C LEU L 5 10.59 -43.00 -18.69
N GLY L 6 9.45 -42.47 -19.12
CA GLY L 6 8.29 -42.33 -18.26
C GLY L 6 7.11 -43.10 -18.83
N MET L 7 6.43 -43.88 -17.99
CA MET L 7 5.37 -44.75 -18.46
C MET L 7 4.15 -44.61 -17.57
N ILE L 8 2.97 -44.55 -18.19
CA ILE L 8 1.70 -44.54 -17.47
C ILE L 8 0.83 -45.64 -18.05
N GLU L 9 0.43 -46.59 -17.21
CA GLU L 9 -0.47 -47.65 -17.64
C GLU L 9 -1.87 -47.40 -17.12
N VAL L 10 -2.84 -47.36 -18.02
CA VAL L 10 -4.24 -47.10 -17.68
C VAL L 10 -5.09 -48.22 -18.26
N ARG L 11 -6.01 -48.75 -17.45
CA ARG L 11 -7.02 -49.69 -17.93
C ARG L 11 -8.13 -48.88 -18.61
N GLY L 12 -7.85 -48.45 -19.83
CA GLY L 12 -8.77 -47.64 -20.61
C GLY L 12 -8.05 -46.61 -21.45
N PHE L 13 -8.62 -46.32 -22.61
CA PHE L 13 -7.99 -45.40 -23.55
C PHE L 13 -8.13 -43.95 -23.11
N VAL L 14 -9.22 -43.64 -22.40
CA VAL L 14 -9.52 -42.26 -22.03
C VAL L 14 -8.52 -41.75 -21.00
N GLY L 15 -8.25 -42.57 -19.99
CA GLY L 15 -7.25 -42.20 -19.00
C GLY L 15 -5.85 -42.13 -19.57
N MET L 16 -5.57 -42.93 -20.60
CA MET L 16 -4.26 -42.86 -21.24
C MET L 16 -4.10 -41.56 -22.02
N VAL L 17 -5.16 -41.13 -22.72
CA VAL L 17 -5.09 -39.89 -23.47
C VAL L 17 -5.00 -38.70 -22.52
N GLU L 18 -5.71 -38.75 -21.39
CA GLU L 18 -5.59 -37.69 -20.40
C GLU L 18 -4.21 -37.68 -19.75
N ALA L 19 -3.62 -38.85 -19.53
CA ALA L 19 -2.28 -38.92 -18.96
C ALA L 19 -1.24 -38.38 -19.93
N ALA L 20 -1.37 -38.71 -21.22
CA ALA L 20 -0.44 -38.18 -22.21
C ALA L 20 -0.60 -36.67 -22.38
N ASP L 21 -1.85 -36.18 -22.29
CA ASP L 21 -2.11 -34.75 -22.39
C ASP L 21 -1.53 -34.01 -21.19
N ALA L 22 -1.54 -34.63 -20.02
CA ALA L 22 -0.91 -34.00 -18.86
C ALA L 22 0.60 -34.05 -18.95
N MET L 23 1.16 -35.14 -19.47
CA MET L 23 2.62 -35.29 -19.50
C MET L 23 3.26 -34.37 -20.52
N VAL L 24 2.70 -34.29 -21.73
CA VAL L 24 3.35 -33.46 -22.75
C VAL L 24 3.10 -31.98 -22.56
N LYS L 25 2.22 -31.60 -21.64
CA LYS L 25 2.04 -30.21 -21.24
C LYS L 25 2.81 -29.85 -19.99
N ALA L 26 3.01 -30.82 -19.09
CA ALA L 26 3.67 -30.52 -17.83
C ALA L 26 5.16 -30.28 -17.98
N ALA L 27 5.78 -30.87 -19.00
CA ALA L 27 7.22 -30.72 -19.17
C ALA L 27 7.53 -30.79 -20.66
N LYS L 28 8.82 -30.84 -20.97
CA LYS L 28 9.28 -30.94 -22.35
C LYS L 28 9.72 -32.39 -22.60
N VAL L 29 8.74 -33.24 -22.89
CA VAL L 29 8.97 -34.65 -23.18
C VAL L 29 8.48 -34.93 -24.59
N GLU L 30 8.89 -36.08 -25.10
CA GLU L 30 8.52 -36.53 -26.44
C GLU L 30 7.66 -37.78 -26.32
N LEU L 31 6.37 -37.64 -26.56
CA LEU L 31 5.48 -38.79 -26.58
C LEU L 31 5.75 -39.61 -27.83
N ILE L 32 6.37 -40.77 -27.66
CA ILE L 32 6.76 -41.56 -28.82
C ILE L 32 5.63 -42.43 -29.34
N GLY L 33 4.71 -42.85 -28.48
CA GLY L 33 3.65 -43.74 -28.93
C GLY L 33 2.83 -44.23 -27.76
N TYR L 34 2.33 -45.46 -27.89
CA TYR L 34 1.44 -46.06 -26.91
C TYR L 34 1.40 -47.56 -27.17
N GLU L 35 1.37 -48.34 -26.09
CA GLU L 35 1.44 -49.79 -26.17
C GLU L 35 0.11 -50.38 -25.76
N LYS L 36 -0.40 -51.33 -26.55
CA LYS L 36 -1.69 -51.96 -26.33
C LYS L 36 -1.45 -53.42 -25.99
N THR L 37 -1.45 -53.75 -24.70
CA THR L 37 -1.24 -55.12 -24.26
C THR L 37 -2.53 -55.89 -24.11
N GLY L 38 -3.64 -55.38 -24.63
CA GLY L 38 -4.91 -56.09 -24.58
C GLY L 38 -5.57 -56.01 -23.22
N GLY L 39 -6.88 -56.24 -23.23
CA GLY L 39 -7.63 -56.17 -21.99
C GLY L 39 -7.82 -54.78 -21.45
N GLY L 40 -7.68 -53.75 -22.29
CA GLY L 40 -7.83 -52.38 -21.88
C GLY L 40 -6.58 -51.75 -21.32
N TYR L 41 -5.57 -52.53 -20.97
CA TYR L 41 -4.33 -52.00 -20.44
C TYR L 41 -3.54 -51.35 -21.57
N VAL L 42 -3.60 -50.02 -21.66
CA VAL L 42 -2.80 -49.27 -22.62
C VAL L 42 -1.80 -48.40 -21.87
N THR L 43 -0.62 -48.23 -22.45
CA THR L 43 0.49 -47.59 -21.78
C THR L 43 0.99 -46.43 -22.62
N ALA L 44 0.94 -45.23 -22.05
CA ALA L 44 1.55 -44.06 -22.66
C ALA L 44 3.01 -44.01 -22.25
N VAL L 45 3.87 -43.72 -23.22
CA VAL L 45 5.32 -43.74 -23.04
C VAL L 45 5.86 -42.38 -23.46
N VAL L 46 6.39 -41.64 -22.50
CA VAL L 46 7.07 -40.38 -22.80
C VAL L 46 8.56 -40.57 -22.57
N ARG L 47 9.34 -39.70 -23.19
CA ARG L 47 10.78 -39.88 -23.21
C ARG L 47 11.47 -38.53 -23.42
N GLY L 48 12.07 -38.01 -22.36
CA GLY L 48 12.90 -36.82 -22.40
C GLY L 48 14.11 -37.09 -21.54
N ASP L 49 14.62 -36.09 -20.82
CA ASP L 49 15.65 -36.36 -19.84
C ASP L 49 15.00 -36.69 -18.50
N VAL L 50 15.79 -36.70 -17.42
CA VAL L 50 15.33 -37.29 -16.16
C VAL L 50 14.32 -36.38 -15.47
N ALA L 51 14.64 -35.08 -15.39
CA ALA L 51 13.76 -34.14 -14.69
C ALA L 51 12.43 -33.96 -15.40
N ALA L 52 12.46 -33.98 -16.74
CA ALA L 52 11.25 -33.76 -17.51
C ALA L 52 10.26 -34.90 -17.33
N VAL L 53 10.72 -36.14 -17.43
CA VAL L 53 9.78 -37.25 -17.25
C VAL L 53 9.42 -37.42 -15.78
N LYS L 54 10.32 -37.05 -14.87
CA LYS L 54 10.04 -37.21 -13.46
C LYS L 54 9.03 -36.17 -12.98
N ALA L 55 8.97 -35.02 -13.65
CA ALA L 55 7.92 -34.05 -13.38
C ALA L 55 6.70 -34.22 -14.27
N ALA L 56 6.82 -34.99 -15.37
CA ALA L 56 5.68 -35.19 -16.23
C ALA L 56 4.79 -36.32 -15.73
N THR L 57 5.38 -37.41 -15.26
CA THR L 57 4.56 -38.52 -14.76
C THR L 57 3.87 -38.19 -13.45
N GLU L 58 4.35 -37.20 -12.69
CA GLU L 58 3.61 -36.73 -11.53
C GLU L 58 2.28 -36.13 -11.95
N ALA L 59 2.30 -35.24 -12.95
CA ALA L 59 1.05 -34.68 -13.45
C ALA L 59 0.23 -35.72 -14.19
N GLY L 60 0.89 -36.71 -14.79
CA GLY L 60 0.16 -37.78 -15.44
C GLY L 60 -0.61 -38.64 -14.45
N GLN L 61 0.01 -38.98 -13.33
CA GLN L 61 -0.71 -39.71 -12.28
C GLN L 61 -1.76 -38.83 -11.62
N ARG L 62 -1.50 -37.53 -11.50
CA ARG L 62 -2.46 -36.66 -10.83
C ARG L 62 -3.67 -36.38 -11.72
N ALA L 63 -3.51 -36.44 -13.04
CA ALA L 63 -4.63 -36.20 -13.95
C ALA L 63 -5.29 -37.48 -14.43
N ALA L 64 -4.63 -38.63 -14.34
CA ALA L 64 -5.23 -39.87 -14.81
C ALA L 64 -6.00 -40.59 -13.74
N GLU L 65 -5.79 -40.26 -12.46
CA GLU L 65 -6.58 -40.84 -11.37
C GLU L 65 -7.94 -40.21 -11.22
N ARG L 66 -8.26 -39.16 -11.97
CA ARG L 66 -9.57 -38.55 -11.89
C ARG L 66 -10.57 -39.18 -12.84
N VAL L 67 -10.12 -39.84 -13.90
CA VAL L 67 -11.01 -40.31 -14.95
C VAL L 67 -11.09 -41.82 -15.05
N GLY L 68 -10.16 -42.55 -14.47
CA GLY L 68 -10.17 -44.00 -14.60
C GLY L 68 -9.26 -44.68 -13.60
N GLU L 69 -8.74 -45.82 -14.00
CA GLU L 69 -7.90 -46.66 -13.16
C GLU L 69 -6.46 -46.54 -13.64
N VAL L 70 -5.54 -46.27 -12.71
CA VAL L 70 -4.12 -46.20 -13.01
C VAL L 70 -3.46 -47.44 -12.43
N VAL L 71 -2.77 -48.19 -13.27
CA VAL L 71 -2.13 -49.43 -12.84
C VAL L 71 -0.75 -49.11 -12.28
N ALA L 72 0.12 -48.53 -13.11
CA ALA L 72 1.49 -48.32 -12.70
C ALA L 72 2.01 -47.00 -13.24
N VAL L 73 2.79 -46.30 -12.41
CA VAL L 73 3.49 -45.07 -12.77
C VAL L 73 4.95 -45.28 -12.41
N HIS L 74 5.85 -45.14 -13.37
CA HIS L 74 7.24 -45.40 -13.07
C HIS L 74 8.15 -44.60 -13.98
N VAL L 75 9.29 -44.19 -13.43
CA VAL L 75 10.30 -43.41 -14.12
C VAL L 75 11.62 -44.16 -14.07
N ILE L 76 12.23 -44.37 -15.23
CA ILE L 76 13.57 -44.94 -15.34
C ILE L 76 14.49 -43.83 -15.83
N PRO L 77 15.45 -43.36 -15.02
CA PRO L 77 16.29 -42.23 -15.44
C PRO L 77 17.28 -42.59 -16.52
N ARG L 78 17.65 -43.85 -16.66
CA ARG L 78 18.58 -44.29 -17.70
C ARG L 78 18.28 -45.74 -18.00
N PRO L 79 17.51 -46.01 -19.05
CA PRO L 79 17.30 -47.40 -19.45
C PRO L 79 18.56 -47.95 -20.10
N HIS L 80 18.77 -49.24 -19.92
CA HIS L 80 19.94 -49.90 -20.49
C HIS L 80 19.78 -49.98 -22.01
N VAL L 81 20.91 -50.12 -22.70
CA VAL L 81 20.91 -50.04 -24.17
C VAL L 81 20.21 -51.25 -24.78
N ASN L 82 20.18 -52.38 -24.08
CA ASN L 82 19.48 -53.56 -24.59
C ASN L 82 17.97 -53.37 -24.52
N VAL L 83 17.49 -52.61 -23.54
CA VAL L 83 16.06 -52.37 -23.40
C VAL L 83 15.54 -51.50 -24.54
N ASP L 84 16.27 -50.44 -24.87
CA ASP L 84 15.88 -49.62 -26.01
C ASP L 84 16.16 -50.31 -27.34
N ALA L 85 17.10 -51.26 -27.38
CA ALA L 85 17.40 -51.93 -28.63
C ALA L 85 16.38 -53.00 -28.96
N ALA L 86 15.91 -53.75 -27.96
CA ALA L 86 15.06 -54.90 -28.22
C ALA L 86 13.58 -54.64 -27.98
N LEU L 87 13.21 -53.48 -27.47
CA LEU L 87 11.80 -53.23 -27.23
C LEU L 87 11.34 -52.00 -28.00
N PRO L 88 10.06 -51.92 -28.40
CA PRO L 88 9.57 -50.70 -29.08
C PRO L 88 9.28 -49.54 -28.13
N LEU L 89 10.34 -48.89 -27.68
CA LEU L 89 10.27 -47.81 -26.70
C LEU L 89 10.77 -46.50 -27.29
N GLY L 90 10.49 -46.28 -28.56
CA GLY L 90 10.77 -45.01 -29.22
C GLY L 90 12.14 -44.91 -29.85
N ARG L 91 13.18 -45.39 -29.19
CA ARG L 91 14.55 -45.24 -29.67
C ARG L 91 15.08 -46.52 -30.30
N THR L 92 14.22 -47.23 -31.02
CA THR L 92 14.65 -48.46 -31.69
C THR L 92 15.51 -48.09 -32.89
N PRO L 93 16.78 -48.52 -32.96
CA PRO L 93 17.72 -48.15 -34.01
C PRO L 93 17.34 -48.70 -35.39
N ALA M 2 29.31 -26.27 -18.05
CA ALA M 2 29.47 -26.48 -16.61
C ALA M 2 28.37 -27.37 -16.08
N ASP M 3 28.51 -28.68 -16.32
CA ASP M 3 27.54 -29.63 -15.82
C ASP M 3 27.67 -29.79 -14.31
N ALA M 4 26.58 -30.20 -13.68
CA ALA M 4 26.55 -30.38 -12.24
C ALA M 4 27.45 -31.54 -11.80
N LEU M 5 27.78 -31.53 -10.52
CA LEU M 5 28.85 -32.34 -9.99
C LEU M 5 28.32 -33.28 -8.91
N GLY M 6 28.83 -34.51 -8.87
CA GLY M 6 28.50 -35.42 -7.80
C GLY M 6 29.73 -36.20 -7.38
N MET M 7 29.92 -36.36 -6.08
CA MET M 7 31.12 -37.01 -5.57
C MET M 7 30.73 -37.96 -4.45
N ILE M 8 31.33 -39.14 -4.47
CA ILE M 8 31.19 -40.10 -3.37
C ILE M 8 32.58 -40.43 -2.85
N GLU M 9 32.83 -40.12 -1.59
CA GLU M 9 34.10 -40.46 -0.95
C GLU M 9 33.90 -41.68 -0.08
N VAL M 10 34.71 -42.70 -0.33
CA VAL M 10 34.64 -43.96 0.40
C VAL M 10 36.02 -44.24 0.98
N ARG M 11 36.07 -44.61 2.26
CA ARG M 11 37.30 -45.16 2.80
C ARG M 11 37.45 -46.59 2.33
N GLY M 12 38.08 -46.77 1.18
CA GLY M 12 38.18 -48.09 0.59
C GLY M 12 37.91 -48.08 -0.91
N PHE M 13 38.64 -48.90 -1.64
CA PHE M 13 38.49 -48.92 -3.10
C PHE M 13 37.23 -49.64 -3.53
N VAL M 14 36.82 -50.66 -2.78
CA VAL M 14 35.71 -51.52 -3.19
C VAL M 14 34.38 -50.77 -3.11
N GLY M 15 34.18 -50.03 -2.02
CA GLY M 15 32.98 -49.22 -1.89
C GLY M 15 32.91 -48.11 -2.91
N MET M 16 34.05 -47.56 -3.29
CA MET M 16 34.06 -46.54 -4.34
C MET M 16 33.75 -47.15 -5.70
N VAL M 17 34.18 -48.38 -5.96
CA VAL M 17 33.83 -49.02 -7.24
C VAL M 17 32.34 -49.33 -7.28
N GLU M 18 31.76 -49.81 -6.17
CA GLU M 18 30.32 -50.05 -6.13
C GLU M 18 29.52 -48.76 -6.25
N ALA M 19 30.00 -47.68 -5.64
CA ALA M 19 29.33 -46.39 -5.78
C ALA M 19 29.42 -45.86 -7.20
N ALA M 20 30.59 -46.00 -7.83
CA ALA M 20 30.75 -45.55 -9.21
C ALA M 20 29.95 -46.40 -10.18
N ASP M 21 29.69 -47.66 -9.84
CA ASP M 21 28.83 -48.48 -10.68
C ASP M 21 27.37 -48.07 -10.52
N ALA M 22 26.93 -47.87 -9.28
CA ALA M 22 25.54 -47.55 -9.02
C ALA M 22 25.16 -46.17 -9.54
N MET M 23 26.12 -45.22 -9.54
CA MET M 23 25.82 -43.89 -10.06
C MET M 23 25.60 -43.90 -11.56
N VAL M 24 26.48 -44.57 -12.31
CA VAL M 24 26.31 -44.60 -13.75
C VAL M 24 25.25 -45.59 -14.20
N LYS M 25 24.77 -46.47 -13.32
CA LYS M 25 23.59 -47.24 -13.66
C LYS M 25 22.30 -46.53 -13.30
N ALA M 26 22.33 -45.61 -12.33
CA ALA M 26 21.10 -45.01 -11.84
C ALA M 26 20.55 -43.95 -12.80
N ALA M 27 21.42 -43.10 -13.35
CA ALA M 27 20.98 -42.04 -14.25
C ALA M 27 22.09 -41.74 -15.24
N LYS M 28 21.80 -40.85 -16.18
CA LYS M 28 22.78 -40.47 -17.19
C LYS M 28 23.77 -39.51 -16.56
N VAL M 29 24.87 -40.07 -16.05
CA VAL M 29 25.99 -39.28 -15.57
C VAL M 29 27.22 -39.73 -16.33
N GLU M 30 28.38 -39.15 -16.03
CA GLU M 30 29.63 -39.54 -16.66
C GLU M 30 30.70 -39.61 -15.59
N LEU M 31 31.18 -40.81 -15.30
CA LEU M 31 32.28 -41.01 -14.37
C LEU M 31 33.55 -40.50 -15.03
N ILE M 32 33.96 -39.28 -14.70
CA ILE M 32 35.14 -38.71 -15.33
C ILE M 32 36.44 -39.28 -14.77
N GLY M 33 36.41 -39.78 -13.53
CA GLY M 33 37.61 -40.30 -12.92
C GLY M 33 37.41 -40.64 -11.46
N TYR M 34 38.47 -40.45 -10.68
CA TYR M 34 38.51 -40.80 -9.27
C TYR M 34 39.77 -40.15 -8.70
N GLU M 35 39.68 -39.68 -7.46
CA GLU M 35 40.78 -38.96 -6.85
C GLU M 35 41.29 -39.74 -5.65
N LYS M 36 42.58 -40.04 -5.64
CA LYS M 36 43.21 -40.80 -4.56
C LYS M 36 43.93 -39.82 -3.65
N THR M 37 43.23 -39.37 -2.61
CA THR M 37 43.84 -38.46 -1.65
C THR M 37 44.83 -39.14 -0.71
N GLY M 38 44.88 -40.47 -0.71
CA GLY M 38 45.83 -41.18 0.13
C GLY M 38 45.28 -41.46 1.50
N GLY M 39 45.56 -42.64 2.03
CA GLY M 39 45.03 -43.03 3.32
C GLY M 39 43.80 -43.90 3.26
N GLY M 40 43.41 -44.34 2.07
CA GLY M 40 42.22 -45.14 1.89
C GLY M 40 41.02 -44.36 1.39
N TYR M 41 41.05 -43.04 1.52
CA TYR M 41 39.96 -42.21 1.02
C TYR M 41 40.10 -42.09 -0.48
N VAL M 42 39.12 -42.58 -1.23
CA VAL M 42 39.06 -42.33 -2.67
C VAL M 42 37.68 -41.81 -3.01
N THR M 43 37.62 -40.89 -3.97
CA THR M 43 36.40 -40.16 -4.28
C THR M 43 36.05 -40.36 -5.75
N ALA M 44 34.96 -41.08 -6.01
CA ALA M 44 34.44 -41.16 -7.36
C ALA M 44 33.70 -39.87 -7.72
N VAL M 45 33.90 -39.40 -8.94
CA VAL M 45 33.32 -38.15 -9.40
C VAL M 45 32.49 -38.44 -10.64
N VAL M 46 31.20 -38.13 -10.58
CA VAL M 46 30.33 -38.14 -11.75
C VAL M 46 29.92 -36.71 -12.05
N ARG M 47 29.46 -36.50 -13.28
CA ARG M 47 29.18 -35.15 -13.73
C ARG M 47 28.11 -35.15 -14.80
N GLY M 48 27.02 -34.46 -14.53
CA GLY M 48 25.92 -34.35 -15.47
C GLY M 48 24.91 -33.35 -14.94
N ASP M 49 23.76 -33.28 -15.61
CA ASP M 49 22.70 -32.37 -15.19
C ASP M 49 22.12 -32.80 -13.85
N VAL M 50 21.43 -31.85 -13.20
CA VAL M 50 21.31 -31.88 -11.74
C VAL M 50 20.38 -32.99 -11.28
N ALA M 51 19.24 -33.16 -11.94
CA ALA M 51 18.31 -34.19 -11.49
C ALA M 51 18.75 -35.60 -11.85
N ALA M 52 19.76 -35.73 -12.72
CA ALA M 52 20.36 -37.05 -12.90
C ALA M 52 21.38 -37.34 -11.81
N VAL M 53 22.26 -36.37 -11.53
CA VAL M 53 23.29 -36.60 -10.51
C VAL M 53 22.71 -36.61 -9.11
N LYS M 54 21.54 -36.00 -8.90
CA LYS M 54 20.95 -35.96 -7.57
C LYS M 54 20.28 -37.28 -7.23
N ALA M 55 19.77 -37.99 -8.23
CA ALA M 55 19.34 -39.37 -8.02
C ALA M 55 20.53 -40.32 -8.02
N ALA M 56 21.57 -39.99 -8.79
CA ALA M 56 22.73 -40.86 -8.92
C ALA M 56 23.52 -40.92 -7.61
N THR M 57 23.74 -39.78 -6.97
CA THR M 57 24.49 -39.79 -5.71
C THR M 57 23.68 -40.43 -4.58
N GLU M 58 22.35 -40.29 -4.60
CA GLU M 58 21.55 -40.96 -3.59
C GLU M 58 21.57 -42.47 -3.77
N ALA M 59 21.50 -42.93 -5.03
CA ALA M 59 21.61 -44.36 -5.29
C ALA M 59 23.02 -44.87 -4.97
N GLY M 60 24.04 -44.04 -5.20
CA GLY M 60 25.40 -44.44 -4.90
C GLY M 60 25.65 -44.53 -3.40
N GLN M 61 25.10 -43.58 -2.63
CA GLN M 61 25.19 -43.65 -1.18
C GLN M 61 24.43 -44.86 -0.63
N ARG M 62 23.23 -45.11 -1.16
CA ARG M 62 22.43 -46.24 -0.69
C ARG M 62 23.07 -47.58 -1.04
N ALA M 63 23.76 -47.66 -2.17
CA ALA M 63 24.44 -48.90 -2.52
C ALA M 63 25.78 -49.05 -1.82
N ALA M 64 26.49 -47.95 -1.58
CA ALA M 64 27.82 -48.00 -1.01
C ALA M 64 27.83 -48.05 0.50
N GLU M 65 26.71 -47.77 1.18
CA GLU M 65 26.67 -48.01 2.61
C GLU M 65 26.59 -49.49 2.95
N ARG M 66 26.25 -50.35 1.99
CA ARG M 66 26.23 -51.78 2.27
C ARG M 66 27.62 -52.39 2.32
N VAL M 67 28.60 -51.77 1.65
CA VAL M 67 29.90 -52.41 1.45
C VAL M 67 31.06 -51.69 2.12
N GLY M 68 30.94 -50.39 2.41
CA GLY M 68 32.09 -49.68 2.94
C GLY M 68 31.76 -48.50 3.83
N GLU M 69 32.76 -47.70 4.14
CA GLU M 69 32.60 -46.52 4.99
C GLU M 69 32.46 -45.30 4.09
N VAL M 70 31.23 -44.87 3.85
CA VAL M 70 30.97 -43.67 3.09
C VAL M 70 31.27 -42.46 3.97
N VAL M 71 32.22 -41.63 3.56
CA VAL M 71 32.57 -40.46 4.35
C VAL M 71 31.63 -39.31 4.04
N ALA M 72 31.55 -38.92 2.77
CA ALA M 72 30.80 -37.74 2.38
C ALA M 72 30.08 -37.96 1.08
N VAL M 73 28.89 -37.37 0.98
CA VAL M 73 28.09 -37.36 -0.24
C VAL M 73 27.64 -35.93 -0.47
N HIS M 74 28.00 -35.36 -1.62
CA HIS M 74 27.55 -34.00 -1.88
C HIS M 74 27.39 -33.78 -3.38
N VAL M 75 26.41 -32.95 -3.72
CA VAL M 75 26.12 -32.56 -5.09
C VAL M 75 26.33 -31.06 -5.21
N ILE M 76 27.10 -30.64 -6.21
CA ILE M 76 27.28 -29.23 -6.52
C ILE M 76 26.49 -28.94 -7.79
N PRO M 77 25.39 -28.19 -7.72
CA PRO M 77 24.52 -28.07 -8.89
C PRO M 77 25.10 -27.20 -10.00
N ARG M 78 25.98 -26.28 -9.68
CA ARG M 78 26.64 -25.46 -10.68
C ARG M 78 28.00 -25.12 -10.12
N PRO M 79 29.04 -25.86 -10.49
CA PRO M 79 30.38 -25.51 -10.03
C PRO M 79 30.88 -24.27 -10.75
N HIS M 80 31.62 -23.44 -10.02
CA HIS M 80 32.18 -22.22 -10.59
C HIS M 80 33.30 -22.57 -11.56
N VAL M 81 33.60 -21.62 -12.46
CA VAL M 81 34.56 -21.87 -13.54
C VAL M 81 35.97 -22.01 -12.99
N ASN M 82 36.26 -21.40 -11.83
CA ASN M 82 37.57 -21.57 -11.22
C ASN M 82 37.72 -22.96 -10.62
N VAL M 83 36.62 -23.52 -10.10
CA VAL M 83 36.65 -24.87 -9.56
C VAL M 83 36.88 -25.89 -10.67
N ASP M 84 36.25 -25.69 -11.83
CA ASP M 84 36.48 -26.59 -12.94
C ASP M 84 37.86 -26.38 -13.56
N ALA M 85 38.40 -25.17 -13.48
CA ALA M 85 39.67 -24.89 -14.14
C ALA M 85 40.88 -25.25 -13.30
N ALA M 86 40.76 -25.23 -11.97
CA ALA M 86 41.91 -25.45 -11.10
C ALA M 86 41.90 -26.77 -10.36
N LEU M 87 40.92 -27.64 -10.61
CA LEU M 87 40.82 -28.90 -9.90
C LEU M 87 40.57 -30.04 -10.89
N PRO M 88 40.95 -31.28 -10.55
CA PRO M 88 40.71 -32.40 -11.51
C PRO M 88 39.30 -32.95 -11.44
N LEU M 89 38.33 -32.15 -11.89
CA LEU M 89 36.93 -32.52 -11.81
C LEU M 89 36.30 -32.77 -13.18
N GLY M 90 37.12 -32.97 -14.21
CA GLY M 90 36.66 -33.50 -15.47
C GLY M 90 36.44 -32.49 -16.58
N ARG M 91 36.37 -31.21 -16.27
CA ARG M 91 36.10 -30.19 -17.29
C ARG M 91 37.18 -29.13 -17.28
N THR M 92 38.43 -29.57 -17.27
CA THR M 92 39.53 -28.64 -17.47
C THR M 92 39.57 -28.25 -18.94
N PRO M 93 39.49 -26.97 -19.28
CA PRO M 93 39.49 -26.53 -20.69
C PRO M 93 40.83 -26.75 -21.38
N ALA N 2 30.04 -56.73 -20.09
CA ALA N 2 31.46 -56.92 -19.82
C ALA N 2 31.67 -58.11 -18.91
N ASP N 3 32.89 -58.25 -18.40
CA ASP N 3 33.24 -59.36 -17.53
C ASP N 3 32.94 -59.00 -16.07
N ALA N 4 32.39 -59.96 -15.34
CA ALA N 4 32.02 -59.78 -13.94
C ALA N 4 33.25 -59.51 -13.07
N LEU N 5 33.02 -58.81 -11.98
CA LEU N 5 34.09 -58.17 -11.22
C LEU N 5 34.04 -58.59 -9.76
N GLY N 6 35.17 -59.05 -9.24
CA GLY N 6 35.27 -59.38 -7.83
C GLY N 6 36.46 -58.68 -7.21
N MET N 7 36.27 -58.18 -5.99
CA MET N 7 37.27 -57.35 -5.34
C MET N 7 37.40 -57.77 -3.89
N ILE N 8 38.64 -57.81 -3.39
CA ILE N 8 38.93 -58.05 -1.99
C ILE N 8 39.83 -56.93 -1.50
N GLU N 9 39.38 -56.19 -0.49
CA GLU N 9 40.19 -55.13 0.10
C GLU N 9 40.76 -55.62 1.42
N VAL N 10 42.09 -55.57 1.53
CA VAL N 10 42.80 -56.01 2.73
C VAL N 10 43.67 -54.86 3.21
N ARG N 11 43.61 -54.56 4.51
CA ARG N 11 44.54 -53.65 5.14
C ARG N 11 45.86 -54.42 5.35
N GLY N 12 46.67 -54.45 4.31
CA GLY N 12 47.93 -55.17 4.36
C GLY N 12 48.16 -55.99 3.10
N PHE N 13 49.43 -56.19 2.76
CA PHE N 13 49.78 -56.87 1.53
C PHE N 13 49.69 -58.37 1.65
N VAL N 14 49.90 -58.90 2.86
CA VAL N 14 49.95 -60.34 3.08
C VAL N 14 48.57 -60.96 2.89
N GLY N 15 47.56 -60.36 3.51
CA GLY N 15 46.21 -60.85 3.33
C GLY N 15 45.70 -60.67 1.93
N MET N 16 46.20 -59.66 1.21
CA MET N 16 45.80 -59.49 -0.18
C MET N 16 46.41 -60.55 -1.07
N VAL N 17 47.66 -60.94 -0.81
CA VAL N 17 48.28 -62.01 -1.59
C VAL N 17 47.60 -63.34 -1.30
N GLU N 18 47.25 -63.58 -0.03
CA GLU N 18 46.50 -64.80 0.30
C GLU N 18 45.12 -64.80 -0.33
N ALA N 19 44.46 -63.64 -0.39
CA ALA N 19 43.14 -63.56 -0.99
C ALA N 19 43.20 -63.76 -2.50
N ALA N 20 44.18 -63.16 -3.17
CA ALA N 20 44.35 -63.35 -4.59
C ALA N 20 44.72 -64.78 -4.94
N ASP N 21 45.54 -65.42 -4.09
CA ASP N 21 45.87 -66.83 -4.28
C ASP N 21 44.63 -67.71 -4.15
N ALA N 22 43.81 -67.46 -3.13
CA ALA N 22 42.60 -68.26 -2.94
C ALA N 22 41.59 -68.04 -4.06
N MET N 23 41.54 -66.83 -4.60
CA MET N 23 40.60 -66.56 -5.69
C MET N 23 41.05 -67.21 -6.99
N VAL N 24 42.35 -67.15 -7.32
CA VAL N 24 42.77 -67.79 -8.56
C VAL N 24 42.97 -69.28 -8.41
N LYS N 25 42.91 -69.82 -7.19
CA LYS N 25 42.86 -71.27 -7.03
C LYS N 25 41.42 -71.78 -7.08
N ALA N 26 40.47 -71.05 -6.50
CA ALA N 26 39.14 -71.59 -6.30
C ALA N 26 38.29 -71.62 -7.56
N ALA N 27 38.60 -70.79 -8.57
CA ALA N 27 37.79 -70.76 -9.77
C ALA N 27 38.67 -70.39 -10.96
N LYS N 28 38.03 -70.23 -12.11
CA LYS N 28 38.72 -69.83 -13.33
C LYS N 28 38.45 -68.35 -13.56
N VAL N 29 39.23 -67.52 -12.85
CA VAL N 29 39.16 -66.07 -12.97
C VAL N 29 40.53 -65.56 -13.38
N GLU N 30 40.58 -64.28 -13.73
CA GLU N 30 41.82 -63.63 -14.14
C GLU N 30 42.16 -62.55 -13.13
N LEU N 31 43.28 -62.70 -12.44
CA LEU N 31 43.79 -61.65 -11.56
C LEU N 31 44.45 -60.59 -12.43
N ILE N 32 43.80 -59.44 -12.57
CA ILE N 32 44.31 -58.40 -13.46
C ILE N 32 45.32 -57.49 -12.78
N GLY N 33 45.32 -57.44 -11.45
CA GLY N 33 46.29 -56.59 -10.78
C GLY N 33 45.90 -56.36 -9.33
N TYR N 34 46.19 -55.15 -8.86
CA TYR N 34 46.03 -54.79 -7.45
C TYR N 34 46.09 -53.28 -7.36
N GLU N 35 45.25 -52.72 -6.50
CA GLU N 35 45.12 -51.27 -6.38
C GLU N 35 45.58 -50.83 -5.00
N LYS N 36 46.43 -49.80 -4.96
CA LYS N 36 47.04 -49.30 -3.73
C LYS N 36 46.49 -47.92 -3.42
N THR N 37 45.48 -47.85 -2.56
CA THR N 37 44.89 -46.58 -2.15
C THR N 37 45.59 -45.97 -0.96
N GLY N 38 46.74 -46.49 -0.57
CA GLY N 38 47.48 -45.94 0.55
C GLY N 38 46.92 -46.38 1.89
N GLY N 39 47.72 -46.18 2.93
CA GLY N 39 47.30 -46.55 4.27
C GLY N 39 47.22 -48.03 4.52
N GLY N 40 47.90 -48.84 3.71
CA GLY N 40 47.84 -50.28 3.81
C GLY N 40 46.65 -50.91 3.12
N TYR N 41 45.65 -50.12 2.73
CA TYR N 41 44.47 -50.61 2.05
C TYR N 41 44.83 -50.96 0.61
N VAL N 42 45.07 -52.24 0.34
CA VAL N 42 45.27 -52.69 -1.02
C VAL N 42 44.08 -53.55 -1.42
N THR N 43 43.89 -53.68 -2.73
CA THR N 43 42.70 -54.32 -3.28
C THR N 43 43.10 -55.28 -4.38
N ALA N 44 42.84 -56.57 -4.15
CA ALA N 44 43.00 -57.57 -5.20
C ALA N 44 41.75 -57.60 -6.06
N VAL N 45 41.95 -57.54 -7.37
CA VAL N 45 40.85 -57.46 -8.33
C VAL N 45 40.92 -58.68 -9.23
N VAL N 46 39.89 -59.52 -9.18
CA VAL N 46 39.72 -60.59 -10.13
C VAL N 46 38.56 -60.23 -11.03
N ARG N 47 38.57 -60.79 -12.23
CA ARG N 47 37.57 -60.44 -13.22
C ARG N 47 37.36 -61.61 -14.17
N GLY N 48 36.14 -62.12 -14.19
CA GLY N 48 35.81 -63.33 -14.92
C GLY N 48 34.37 -63.34 -15.34
N ASP N 49 33.67 -64.45 -15.15
CA ASP N 49 32.22 -64.51 -15.32
C ASP N 49 31.56 -64.66 -13.96
N VAL N 50 30.22 -64.62 -13.96
CA VAL N 50 29.45 -64.25 -12.77
C VAL N 50 29.52 -65.33 -11.69
N ALA N 51 29.47 -66.60 -12.09
CA ALA N 51 29.56 -67.67 -11.11
C ALA N 51 30.96 -67.79 -10.53
N ALA N 52 31.97 -67.69 -11.38
CA ALA N 52 33.33 -67.95 -10.94
C ALA N 52 33.87 -66.83 -10.06
N VAL N 53 33.44 -65.59 -10.27
CA VAL N 53 33.95 -64.53 -9.41
C VAL N 53 33.31 -64.60 -8.04
N LYS N 54 32.06 -65.08 -7.96
CA LYS N 54 31.44 -65.22 -6.65
C LYS N 54 32.05 -66.41 -5.90
N ALA N 55 32.27 -67.52 -6.61
CA ALA N 55 32.95 -68.66 -5.99
C ALA N 55 34.42 -68.38 -5.70
N ALA N 56 35.01 -67.38 -6.35
CA ALA N 56 36.36 -66.96 -6.02
C ALA N 56 36.38 -66.09 -4.78
N THR N 57 35.52 -65.08 -4.70
CA THR N 57 35.53 -64.17 -3.57
C THR N 57 34.99 -64.83 -2.29
N GLU N 58 34.18 -65.88 -2.39
CA GLU N 58 33.84 -66.65 -1.20
C GLU N 58 35.08 -67.26 -0.56
N ALA N 59 35.90 -67.93 -1.36
CA ALA N 59 37.13 -68.51 -0.83
C ALA N 59 38.16 -67.44 -0.47
N GLY N 60 38.12 -66.31 -1.16
CA GLY N 60 39.02 -65.21 -0.81
C GLY N 60 38.71 -64.61 0.54
N GLN N 61 37.42 -64.41 0.84
CA GLN N 61 37.05 -63.95 2.17
C GLN N 61 37.29 -65.02 3.22
N ARG N 62 37.07 -66.29 2.85
CA ARG N 62 37.24 -67.36 3.83
C ARG N 62 38.71 -67.62 4.16
N ALA N 63 39.61 -67.32 3.23
CA ALA N 63 41.03 -67.55 3.45
C ALA N 63 41.79 -66.28 3.85
N ALA N 64 41.21 -65.10 3.64
CA ALA N 64 41.90 -63.86 3.98
C ALA N 64 41.55 -63.32 5.35
N GLU N 65 40.50 -63.85 5.99
CA GLU N 65 40.17 -63.46 7.36
C GLU N 65 40.99 -64.23 8.40
N ARG N 66 41.86 -65.13 7.98
CA ARG N 66 42.70 -65.85 8.91
C ARG N 66 44.04 -65.17 9.16
N VAL N 67 44.50 -64.34 8.23
CA VAL N 67 45.85 -63.80 8.30
C VAL N 67 45.89 -62.29 8.51
N GLY N 68 44.80 -61.58 8.29
CA GLY N 68 44.81 -60.12 8.40
C GLY N 68 43.43 -59.55 8.60
N GLU N 69 43.24 -58.35 8.07
CA GLU N 69 41.98 -57.62 8.21
C GLU N 69 41.36 -57.45 6.83
N VAL N 70 40.12 -57.92 6.67
CA VAL N 70 39.39 -57.79 5.43
C VAL N 70 38.37 -56.67 5.59
N VAL N 71 38.41 -55.69 4.68
CA VAL N 71 37.53 -54.54 4.78
C VAL N 71 36.24 -54.82 4.04
N ALA N 72 36.32 -55.06 2.74
CA ALA N 72 35.12 -55.20 1.92
C ALA N 72 35.28 -56.32 0.93
N VAL N 73 34.21 -57.08 0.72
CA VAL N 73 34.13 -58.15 -0.26
C VAL N 73 32.89 -57.90 -1.09
N HIS N 74 33.05 -57.78 -2.41
CA HIS N 74 31.89 -57.46 -3.21
C HIS N 74 32.04 -58.00 -4.63
N VAL N 75 30.91 -58.39 -5.21
CA VAL N 75 30.83 -58.96 -6.56
C VAL N 75 29.90 -58.10 -7.39
N ILE N 76 30.35 -57.69 -8.56
CA ILE N 76 29.52 -56.97 -9.53
C ILE N 76 29.37 -57.87 -10.75
N PRO N 77 28.16 -58.35 -11.07
CA PRO N 77 28.01 -59.29 -12.20
C PRO N 77 28.17 -58.64 -13.56
N ARG N 78 27.70 -57.41 -13.74
CA ARG N 78 28.02 -56.66 -14.94
C ARG N 78 28.39 -55.24 -14.57
N PRO N 79 29.65 -54.87 -14.62
CA PRO N 79 30.01 -53.46 -14.47
C PRO N 79 29.62 -52.69 -15.72
N HIS N 80 29.24 -51.44 -15.53
CA HIS N 80 28.88 -50.58 -16.65
C HIS N 80 30.14 -50.23 -17.44
N VAL N 81 29.95 -49.84 -18.70
CA VAL N 81 31.08 -49.61 -19.59
C VAL N 81 31.87 -48.37 -19.18
N ASN N 82 31.21 -47.42 -18.50
CA ASN N 82 31.92 -46.24 -18.02
C ASN N 82 32.83 -46.58 -16.85
N VAL N 83 32.47 -47.60 -16.07
CA VAL N 83 33.30 -48.02 -14.95
C VAL N 83 34.60 -48.63 -15.46
N ASP N 84 34.53 -49.44 -16.51
CA ASP N 84 35.74 -49.99 -17.09
C ASP N 84 36.50 -48.93 -17.88
N ALA N 85 35.80 -47.94 -18.42
CA ALA N 85 36.46 -46.90 -19.21
C ALA N 85 37.17 -45.86 -18.36
N ALA N 86 36.72 -45.64 -17.12
CA ALA N 86 37.32 -44.62 -16.25
C ALA N 86 38.21 -45.22 -15.17
N LEU N 87 37.72 -46.18 -14.44
CA LEU N 87 38.47 -46.76 -13.33
C LEU N 87 39.44 -47.81 -13.85
N PRO N 88 40.60 -48.00 -13.19
CA PRO N 88 41.61 -48.98 -13.70
C PRO N 88 41.32 -50.42 -13.30
N LEU N 89 40.32 -51.01 -13.96
CA LEU N 89 39.82 -52.32 -13.58
C LEU N 89 40.13 -53.39 -14.63
N GLY N 90 41.23 -53.23 -15.36
CA GLY N 90 41.75 -54.28 -16.20
C GLY N 90 41.18 -54.35 -17.60
N ARG N 91 40.10 -53.62 -17.89
CA ARG N 91 39.51 -53.66 -19.22
C ARG N 91 39.53 -52.29 -19.86
N THR N 92 40.61 -51.55 -19.66
CA THR N 92 40.75 -50.24 -20.28
C THR N 92 41.06 -50.41 -21.76
N PRO N 93 40.21 -49.93 -22.68
CA PRO N 93 40.37 -50.15 -24.11
C PRO N 93 41.58 -49.45 -24.72
N ALA O 2 57.65 -73.58 -9.07
CA ALA O 2 56.77 -72.82 -8.20
C ALA O 2 57.23 -72.93 -6.75
N ASP O 3 58.17 -72.08 -6.37
CA ASP O 3 58.70 -72.12 -5.01
C ASP O 3 57.72 -71.47 -4.04
N ALA O 4 57.76 -71.92 -2.80
CA ALA O 4 56.90 -71.44 -1.73
C ALA O 4 57.20 -70.00 -1.38
N LEU O 5 56.21 -69.33 -0.81
CA LEU O 5 56.23 -67.89 -0.61
C LEU O 5 56.13 -67.54 0.87
N GLY O 6 57.07 -66.73 1.35
CA GLY O 6 57.01 -66.27 2.72
C GLY O 6 56.92 -64.76 2.80
N MET O 7 55.98 -64.25 3.58
CA MET O 7 55.73 -62.82 3.66
C MET O 7 55.74 -62.39 5.12
N ILE O 8 56.42 -61.28 5.39
CA ILE O 8 56.43 -60.66 6.72
C ILE O 8 56.01 -59.21 6.55
N GLU O 9 54.90 -58.84 7.16
CA GLU O 9 54.44 -57.45 7.12
C GLU O 9 54.75 -56.77 8.44
N VAL O 10 55.49 -55.68 8.37
CA VAL O 10 55.92 -54.92 9.54
C VAL O 10 55.44 -53.50 9.39
N ARG O 11 54.86 -52.94 10.46
CA ARG O 11 54.52 -51.52 10.50
C ARG O 11 55.81 -50.76 10.82
N GLY O 12 56.57 -50.49 9.78
CA GLY O 12 57.85 -49.82 9.94
C GLY O 12 58.95 -50.50 9.16
N PHE O 13 59.92 -49.70 8.71
CA PHE O 13 60.96 -50.19 7.84
C PHE O 13 62.00 -51.00 8.58
N VAL O 14 62.27 -50.64 9.84
CA VAL O 14 63.40 -51.22 10.58
C VAL O 14 63.12 -52.67 10.96
N GLY O 15 61.92 -52.93 11.46
CA GLY O 15 61.53 -54.30 11.75
C GLY O 15 61.44 -55.17 10.52
N MET O 16 61.11 -54.56 9.38
CA MET O 16 61.11 -55.30 8.12
C MET O 16 62.53 -55.68 7.71
N VAL O 17 63.49 -54.77 7.89
CA VAL O 17 64.87 -55.10 7.52
C VAL O 17 65.43 -56.16 8.46
N GLU O 18 65.06 -56.10 9.74
CA GLU O 18 65.48 -57.15 10.68
C GLU O 18 64.86 -58.50 10.33
N ALA O 19 63.58 -58.51 9.95
CA ALA O 19 62.94 -59.76 9.53
C ALA O 19 63.56 -60.30 8.25
N ALA O 20 63.86 -59.42 7.29
CA ALA O 20 64.45 -59.85 6.03
C ALA O 20 65.88 -60.31 6.21
N ASP O 21 66.57 -59.83 7.24
CA ASP O 21 67.89 -60.36 7.55
C ASP O 21 67.81 -61.72 8.22
N ALA O 22 66.87 -61.88 9.17
CA ALA O 22 66.77 -63.13 9.89
C ALA O 22 66.26 -64.26 9.01
N MET O 23 65.44 -63.95 8.01
CA MET O 23 64.97 -64.98 7.10
C MET O 23 66.11 -65.51 6.22
N VAL O 24 66.92 -64.62 5.67
CA VAL O 24 68.01 -65.08 4.82
C VAL O 24 69.18 -65.62 5.61
N LYS O 25 69.27 -65.34 6.91
CA LYS O 25 70.28 -66.00 7.72
C LYS O 25 69.82 -67.32 8.29
N ALA O 26 68.51 -67.51 8.46
CA ALA O 26 68.01 -68.69 9.13
C ALA O 26 67.86 -69.89 8.20
N ALA O 27 67.61 -69.67 6.92
CA ALA O 27 67.40 -70.79 6.01
C ALA O 27 67.89 -70.40 4.62
N LYS O 28 67.92 -71.38 3.72
CA LYS O 28 68.33 -71.12 2.34
C LYS O 28 67.12 -70.63 1.57
N VAL O 29 66.84 -69.34 1.74
CA VAL O 29 65.75 -68.67 1.05
C VAL O 29 66.35 -67.56 0.21
N GLU O 30 65.51 -66.82 -0.51
CA GLU O 30 65.98 -65.76 -1.39
C GLU O 30 65.05 -64.56 -1.24
N LEU O 31 65.51 -63.54 -0.53
CA LEU O 31 64.77 -62.27 -0.45
C LEU O 31 64.76 -61.63 -1.83
N ILE O 32 63.57 -61.53 -2.44
CA ILE O 32 63.48 -61.11 -3.82
C ILE O 32 63.12 -59.63 -3.93
N GLY O 33 62.41 -59.12 -2.93
CA GLY O 33 62.03 -57.74 -2.95
C GLY O 33 61.38 -57.31 -1.66
N TYR O 34 60.58 -56.25 -1.75
CA TYR O 34 59.85 -55.72 -0.62
C TYR O 34 58.75 -54.83 -1.18
N GLU O 35 57.62 -54.80 -0.49
CA GLU O 35 56.45 -54.09 -0.98
C GLU O 35 56.08 -52.98 0.00
N LYS O 36 55.94 -51.77 -0.52
CA LYS O 36 55.58 -50.59 0.25
C LYS O 36 54.13 -50.24 -0.09
N THR O 37 53.20 -50.65 0.77
CA THR O 37 51.79 -50.39 0.55
C THR O 37 51.32 -49.09 1.17
N GLY O 38 52.24 -48.25 1.64
CA GLY O 38 51.89 -46.99 2.24
C GLY O 38 51.36 -47.14 3.65
N GLY O 39 51.24 -46.00 4.34
CA GLY O 39 50.71 -46.00 5.67
C GLY O 39 51.63 -46.57 6.73
N GLY O 40 52.91 -46.71 6.42
CA GLY O 40 53.86 -47.31 7.33
C GLY O 40 53.95 -48.81 7.26
N TYR O 41 53.10 -49.46 6.48
CA TYR O 41 53.12 -50.91 6.32
C TYR O 41 54.06 -51.27 5.19
N VAL O 42 55.08 -52.08 5.48
CA VAL O 42 55.92 -52.64 4.44
C VAL O 42 55.96 -54.15 4.62
N THR O 43 56.41 -54.84 3.57
CA THR O 43 56.33 -56.29 3.53
C THR O 43 57.59 -56.86 2.92
N ALA O 44 58.34 -57.63 3.71
CA ALA O 44 59.46 -58.38 3.20
C ALA O 44 58.96 -59.68 2.59
N VAL O 45 59.45 -60.02 1.41
CA VAL O 45 58.99 -61.17 0.65
C VAL O 45 60.17 -62.06 0.33
N VAL O 46 60.16 -63.28 0.86
CA VAL O 46 61.15 -64.29 0.52
C VAL O 46 60.46 -65.40 -0.24
N ARG O 47 61.27 -66.24 -0.87
CA ARG O 47 60.73 -67.31 -1.69
C ARG O 47 61.71 -68.47 -1.77
N GLY O 48 61.22 -69.66 -1.45
CA GLY O 48 62.01 -70.87 -1.48
C GLY O 48 61.09 -72.04 -1.16
N ASP O 49 61.68 -73.23 -1.13
CA ASP O 49 60.90 -74.44 -0.86
C ASP O 49 60.37 -74.44 0.57
N VAL O 50 59.34 -75.27 0.80
CA VAL O 50 58.42 -75.09 1.91
C VAL O 50 59.10 -75.33 3.24
N ALA O 51 59.96 -76.35 3.31
CA ALA O 51 60.66 -76.67 4.55
C ALA O 51 61.65 -75.58 4.95
N ALA O 52 62.16 -74.83 3.98
CA ALA O 52 63.06 -73.74 4.31
C ALA O 52 62.30 -72.50 4.75
N VAL O 53 61.28 -72.09 3.99
CA VAL O 53 60.59 -70.85 4.31
C VAL O 53 59.71 -70.98 5.54
N LYS O 54 59.29 -72.20 5.89
CA LYS O 54 58.52 -72.39 7.11
C LYS O 54 59.35 -72.13 8.35
N ALA O 55 60.64 -72.48 8.31
CA ALA O 55 61.54 -72.12 9.40
C ALA O 55 62.01 -70.68 9.29
N ALA O 56 62.13 -70.18 8.05
CA ALA O 56 62.63 -68.83 7.83
C ALA O 56 61.66 -67.78 8.36
N THR O 57 60.36 -67.94 8.09
CA THR O 57 59.41 -66.96 8.59
C THR O 57 59.19 -67.10 10.09
N GLU O 58 59.29 -68.31 10.63
CA GLU O 58 59.15 -68.45 12.07
C GLU O 58 60.37 -67.96 12.83
N ALA O 59 61.52 -67.85 12.18
CA ALA O 59 62.65 -67.17 12.81
C ALA O 59 62.58 -65.67 12.61
N GLY O 60 62.10 -65.23 11.44
CA GLY O 60 62.00 -63.81 11.16
C GLY O 60 60.92 -63.12 11.97
N GLN O 61 59.86 -63.84 12.32
CA GLN O 61 58.85 -63.29 13.20
C GLN O 61 59.40 -63.10 14.60
N ARG O 62 60.14 -64.09 15.10
CA ARG O 62 60.72 -64.00 16.44
C ARG O 62 61.80 -62.94 16.51
N ALA O 63 62.54 -62.73 15.43
CA ALA O 63 63.53 -61.66 15.43
C ALA O 63 62.93 -60.30 15.11
N ALA O 64 61.76 -60.25 14.50
CA ALA O 64 61.14 -58.98 14.15
C ALA O 64 60.27 -58.41 15.25
N GLU O 65 59.88 -59.23 16.23
CA GLU O 65 59.14 -58.72 17.37
C GLU O 65 60.02 -58.04 18.39
N ARG O 66 61.35 -58.21 18.30
CA ARG O 66 62.23 -57.57 19.28
C ARG O 66 62.34 -56.08 19.01
N VAL O 67 62.45 -55.67 17.75
CA VAL O 67 62.68 -54.29 17.39
C VAL O 67 61.63 -53.76 16.43
N GLY O 68 60.41 -54.31 16.45
CA GLY O 68 59.39 -53.83 15.56
C GLY O 68 57.99 -54.23 15.98
N GLU O 69 57.02 -54.06 15.08
CA GLU O 69 55.64 -54.46 15.32
C GLU O 69 55.18 -55.29 14.13
N VAL O 70 54.96 -56.58 14.36
CA VAL O 70 54.63 -57.52 13.29
C VAL O 70 53.13 -57.55 13.12
N VAL O 71 52.67 -57.43 11.88
CA VAL O 71 51.24 -57.43 11.59
C VAL O 71 50.79 -58.82 11.12
N ALA O 72 51.41 -59.33 10.06
CA ALA O 72 50.98 -60.59 9.48
C ALA O 72 52.19 -61.44 9.10
N VAL O 73 52.07 -62.74 9.34
CA VAL O 73 53.04 -63.75 8.93
C VAL O 73 52.27 -64.87 8.27
N HIS O 74 52.61 -65.18 7.01
CA HIS O 74 51.91 -66.26 6.33
C HIS O 74 52.83 -66.89 5.29
N VAL O 75 52.70 -68.20 5.12
CA VAL O 75 53.49 -68.99 4.19
C VAL O 75 52.56 -69.66 3.21
N ILE O 76 52.73 -69.37 1.93
CA ILE O 76 51.97 -70.02 0.87
C ILE O 76 52.87 -71.09 0.26
N PRO O 77 52.58 -72.38 0.44
CA PRO O 77 53.49 -73.41 -0.07
C PRO O 77 53.46 -73.55 -1.58
N ARG O 78 52.32 -73.32 -2.23
CA ARG O 78 52.22 -73.34 -3.68
C ARG O 78 51.39 -72.15 -4.14
N PRO O 79 52.04 -71.04 -4.47
CA PRO O 79 51.30 -69.97 -5.12
C PRO O 79 51.00 -70.34 -6.57
N HIS O 80 49.84 -69.91 -7.04
CA HIS O 80 49.44 -70.21 -8.40
C HIS O 80 50.27 -69.37 -9.36
N VAL O 81 50.32 -69.80 -10.63
CA VAL O 81 51.12 -69.11 -11.62
C VAL O 81 50.54 -67.73 -11.95
N ASN O 82 49.25 -67.52 -11.72
CA ASN O 82 48.65 -66.22 -11.99
C ASN O 82 49.07 -65.20 -10.95
N VAL O 83 49.33 -65.63 -9.72
CA VAL O 83 49.80 -64.70 -8.69
C VAL O 83 51.22 -64.26 -9.00
N ASP O 84 52.07 -65.18 -9.45
CA ASP O 84 53.43 -64.80 -9.82
C ASP O 84 53.46 -64.01 -11.12
N ALA O 85 52.46 -64.20 -11.99
CA ALA O 85 52.43 -63.49 -13.26
C ALA O 85 51.67 -62.17 -13.20
N ALA O 86 50.95 -61.89 -12.12
CA ALA O 86 50.15 -60.67 -12.03
C ALA O 86 50.58 -59.75 -10.91
N LEU O 87 51.01 -60.26 -9.83
CA LEU O 87 51.45 -59.51 -8.67
C LEU O 87 52.98 -59.51 -8.58
N PRO O 88 53.61 -58.44 -8.06
CA PRO O 88 55.09 -58.37 -8.03
C PRO O 88 55.73 -59.25 -6.97
N LEU O 89 55.87 -60.54 -7.28
CA LEU O 89 56.34 -61.52 -6.32
C LEU O 89 57.65 -62.19 -6.75
N GLY O 90 58.40 -61.58 -7.67
CA GLY O 90 59.72 -62.05 -7.98
C GLY O 90 59.81 -63.27 -8.85
N ARG O 91 58.70 -63.74 -9.41
CA ARG O 91 58.72 -64.80 -10.41
C ARG O 91 57.93 -64.39 -11.65
N THR O 92 57.88 -63.10 -11.94
CA THR O 92 57.22 -62.63 -13.15
C THR O 92 58.11 -62.95 -14.34
N PRO O 93 57.64 -63.73 -15.32
CA PRO O 93 58.46 -64.18 -16.46
C PRO O 93 58.84 -63.04 -17.42
N ALA P 2 80.30 -56.34 3.11
CA ALA P 2 79.06 -56.12 3.85
C ALA P 2 79.32 -55.29 5.11
N ASP P 3 79.17 -53.98 4.98
CA ASP P 3 79.38 -53.07 6.10
C ASP P 3 78.19 -53.11 7.05
N ALA P 4 78.48 -52.86 8.32
CA ALA P 4 77.47 -52.82 9.37
C ALA P 4 76.51 -51.67 9.17
N LEU P 5 75.32 -51.85 9.75
CA LEU P 5 74.12 -51.10 9.38
C LEU P 5 73.43 -50.55 10.61
N GLY P 6 72.95 -49.31 10.53
CA GLY P 6 72.15 -48.73 11.58
C GLY P 6 70.95 -48.00 11.03
N MET P 7 69.81 -48.10 11.70
CA MET P 7 68.56 -47.57 11.20
C MET P 7 67.80 -46.91 12.34
N ILE P 8 67.27 -45.71 12.10
CA ILE P 8 66.39 -45.05 13.07
C ILE P 8 65.08 -44.74 12.37
N GLU P 9 63.98 -45.29 12.88
CA GLU P 9 62.65 -44.98 12.39
C GLU P 9 61.99 -43.98 13.31
N VAL P 10 61.56 -42.86 12.75
CA VAL P 10 60.90 -41.80 13.50
C VAL P 10 59.56 -41.53 12.83
N ARG P 11 58.49 -41.40 13.63
CA ARG P 11 57.23 -40.88 13.13
C ARG P 11 57.37 -39.36 13.04
N GLY P 12 57.97 -38.91 11.95
CA GLY P 12 58.22 -37.50 11.77
C GLY P 12 59.55 -37.18 11.13
N PHE P 13 59.57 -36.14 10.31
CA PHE P 13 60.78 -35.81 9.55
C PHE P 13 61.84 -35.18 10.44
N VAL P 14 61.42 -34.42 11.46
CA VAL P 14 62.36 -33.62 12.25
C VAL P 14 63.19 -34.52 13.16
N GLY P 15 62.55 -35.50 13.79
CA GLY P 15 63.29 -36.48 14.58
C GLY P 15 64.22 -37.32 13.74
N MET P 16 63.84 -37.59 12.49
CA MET P 16 64.72 -38.33 11.59
C MET P 16 65.93 -37.51 11.21
N VAL P 17 65.76 -36.20 10.97
CA VAL P 17 66.90 -35.36 10.64
C VAL P 17 67.82 -35.20 11.85
N GLU P 18 67.25 -35.07 13.05
CA GLU P 18 68.06 -34.99 14.26
C GLU P 18 68.81 -36.29 14.52
N ALA P 19 68.17 -37.43 14.28
CA ALA P 19 68.85 -38.71 14.44
C ALA P 19 69.95 -38.90 13.41
N ALA P 20 69.68 -38.52 12.14
CA ALA P 20 70.69 -38.66 11.10
C ALA P 20 71.84 -37.69 11.29
N ASP P 21 71.61 -36.57 11.97
CA ASP P 21 72.71 -35.68 12.30
C ASP P 21 73.52 -36.18 13.48
N ALA P 22 72.85 -36.71 14.51
CA ALA P 22 73.57 -37.22 15.67
C ALA P 22 74.40 -38.45 15.32
N MET P 23 73.90 -39.28 14.39
CA MET P 23 74.65 -40.48 14.01
C MET P 23 75.91 -40.12 13.24
N VAL P 24 75.86 -39.12 12.37
CA VAL P 24 77.07 -38.74 11.63
C VAL P 24 77.98 -37.84 12.44
N LYS P 25 77.47 -37.21 13.51
CA LYS P 25 78.34 -36.47 14.41
C LYS P 25 78.98 -37.33 15.49
N ALA P 26 78.42 -38.51 15.77
CA ALA P 26 78.99 -39.36 16.82
C ALA P 26 80.28 -40.02 16.36
N ALA P 27 80.23 -40.79 15.27
CA ALA P 27 81.40 -41.50 14.79
C ALA P 27 81.41 -41.43 13.26
N LYS P 28 82.47 -41.97 12.67
CA LYS P 28 82.64 -41.91 11.21
C LYS P 28 81.75 -42.98 10.58
N VAL P 29 80.51 -42.58 10.30
CA VAL P 29 79.57 -43.44 9.58
C VAL P 29 79.25 -42.75 8.26
N GLU P 30 78.43 -43.39 7.44
CA GLU P 30 77.98 -42.81 6.18
C GLU P 30 76.46 -42.83 6.15
N LEU P 31 75.85 -41.65 6.15
CA LEU P 31 74.40 -41.54 5.96
C LEU P 31 74.10 -41.73 4.48
N ILE P 32 73.66 -42.93 4.10
CA ILE P 32 73.40 -43.19 2.69
C ILE P 32 72.00 -42.77 2.26
N GLY P 33 71.11 -42.44 3.20
CA GLY P 33 69.85 -41.86 2.81
C GLY P 33 68.77 -42.11 3.85
N TYR P 34 67.54 -41.91 3.40
CA TYR P 34 66.36 -42.02 4.24
C TYR P 34 65.25 -42.65 3.41
N GLU P 35 64.44 -43.47 4.05
CA GLU P 35 63.40 -44.22 3.36
C GLU P 35 62.05 -43.77 3.90
N LYS P 36 61.17 -43.36 2.99
CA LYS P 36 59.84 -42.87 3.32
C LYS P 36 58.85 -44.00 3.10
N THR P 37 58.46 -44.68 4.17
CA THR P 37 57.43 -45.69 4.08
C THR P 37 56.02 -45.10 4.11
N GLY P 38 55.89 -43.79 4.21
CA GLY P 38 54.59 -43.16 4.16
C GLY P 38 53.85 -43.24 5.48
N GLY P 39 52.85 -42.36 5.62
CA GLY P 39 52.09 -42.29 6.84
C GLY P 39 52.80 -41.61 7.99
N GLY P 40 53.92 -40.95 7.74
CA GLY P 40 54.67 -40.28 8.77
C GLY P 40 55.92 -41.01 9.21
N TYR P 41 56.06 -42.29 8.89
CA TYR P 41 57.20 -43.09 9.33
C TYR P 41 58.34 -42.91 8.33
N VAL P 42 59.44 -42.32 8.77
CA VAL P 42 60.63 -42.18 7.93
C VAL P 42 61.82 -42.78 8.64
N THR P 43 62.72 -43.39 7.87
CA THR P 43 63.82 -44.18 8.42
C THR P 43 65.14 -43.63 7.91
N ALA P 44 65.95 -43.08 8.81
CA ALA P 44 67.30 -42.67 8.46
C ALA P 44 68.22 -43.90 8.53
N VAL P 45 69.05 -44.08 7.51
CA VAL P 45 69.92 -45.24 7.43
C VAL P 45 71.36 -44.77 7.40
N VAL P 46 72.14 -45.22 8.39
CA VAL P 46 73.58 -45.01 8.37
C VAL P 46 74.25 -46.36 8.18
N ARG P 47 75.51 -46.30 7.75
CA ARG P 47 76.23 -47.51 7.43
C ARG P 47 77.72 -47.27 7.54
N GLY P 48 78.39 -48.12 8.29
CA GLY P 48 79.81 -47.98 8.53
C GLY P 48 80.30 -49.33 9.00
N ASP P 49 81.33 -49.33 9.84
CA ASP P 49 81.69 -50.58 10.49
C ASP P 49 80.99 -50.68 11.85
N VAL P 50 81.22 -51.80 12.56
CA VAL P 50 80.39 -52.17 13.70
C VAL P 50 80.60 -51.20 14.86
N ALA P 51 81.86 -50.90 15.16
CA ALA P 51 82.17 -50.04 16.31
C ALA P 51 81.73 -48.60 16.09
N ALA P 52 81.54 -48.18 14.85
CA ALA P 52 81.05 -46.83 14.60
C ALA P 52 79.54 -46.76 14.70
N VAL P 53 78.84 -47.67 14.01
CA VAL P 53 77.38 -47.58 13.98
C VAL P 53 76.77 -48.00 15.30
N LYS P 54 77.45 -48.85 16.08
CA LYS P 54 76.87 -49.32 17.32
C LYS P 54 76.89 -48.22 18.39
N ALA P 55 77.78 -47.25 18.26
CA ALA P 55 77.74 -46.06 19.11
C ALA P 55 76.97 -44.93 18.45
N ALA P 56 76.97 -44.87 17.12
CA ALA P 56 76.26 -43.81 16.41
C ALA P 56 74.75 -43.93 16.58
N THR P 57 74.21 -45.16 16.48
CA THR P 57 72.79 -45.32 16.65
C THR P 57 72.36 -45.18 18.11
N GLU P 58 73.26 -45.46 19.06
CA GLU P 58 72.95 -45.14 20.45
C GLU P 58 72.87 -43.63 20.66
N ALA P 59 73.78 -42.88 20.03
CA ALA P 59 73.69 -41.43 20.08
C ALA P 59 72.44 -40.92 19.38
N GLY P 60 72.04 -41.58 18.30
CA GLY P 60 70.85 -41.16 17.58
C GLY P 60 69.57 -41.48 18.34
N GLN P 61 69.55 -42.61 19.04
CA GLN P 61 68.40 -42.95 19.88
C GLN P 61 68.30 -41.99 21.06
N ARG P 62 69.44 -41.66 21.66
CA ARG P 62 69.41 -40.78 22.82
C ARG P 62 69.16 -39.33 22.44
N ALA P 63 69.45 -38.94 21.20
CA ALA P 63 69.24 -37.57 20.75
C ALA P 63 67.96 -37.38 19.95
N ALA P 64 67.31 -38.46 19.51
CA ALA P 64 66.08 -38.34 18.75
C ALA P 64 64.83 -38.50 19.59
N GLU P 65 64.96 -38.98 20.83
CA GLU P 65 63.82 -39.02 21.72
C GLU P 65 63.52 -37.66 22.36
N ARG P 66 64.35 -36.65 22.13
CA ARG P 66 64.07 -35.33 22.65
C ARG P 66 63.07 -34.56 21.80
N VAL P 67 62.93 -34.92 20.52
CA VAL P 67 62.14 -34.12 19.60
C VAL P 67 60.97 -34.87 18.98
N GLY P 68 61.00 -36.19 18.91
CA GLY P 68 59.99 -36.89 18.15
C GLY P 68 59.70 -38.28 18.69
N GLU P 69 58.81 -38.97 18.01
CA GLU P 69 58.37 -40.30 18.40
C GLU P 69 59.23 -41.32 17.68
N VAL P 70 60.25 -41.84 18.37
CA VAL P 70 61.11 -42.87 17.82
C VAL P 70 60.39 -44.21 17.93
N VAL P 71 60.17 -44.86 16.79
CA VAL P 71 59.48 -46.14 16.78
C VAL P 71 60.45 -47.30 16.96
N ALA P 72 61.51 -47.35 16.17
CA ALA P 72 62.41 -48.50 16.20
C ALA P 72 63.86 -48.04 16.07
N VAL P 73 64.74 -48.74 16.78
CA VAL P 73 66.19 -48.53 16.74
C VAL P 73 66.83 -49.90 16.62
N HIS P 74 67.66 -50.10 15.59
CA HIS P 74 68.30 -51.40 15.48
C HIS P 74 69.60 -51.30 14.69
N VAL P 75 70.55 -52.16 15.07
CA VAL P 75 71.84 -52.29 14.42
C VAL P 75 71.90 -53.69 13.81
N ILE P 76 72.43 -53.79 12.60
CA ILE P 76 72.74 -55.09 12.03
C ILE P 76 74.24 -55.15 11.80
N PRO P 77 75.00 -55.92 12.59
CA PRO P 77 76.46 -55.87 12.50
C PRO P 77 77.03 -56.47 11.23
N ARG P 78 76.34 -57.43 10.62
CA ARG P 78 76.77 -58.00 9.35
C ARG P 78 75.53 -58.41 8.60
N PRO P 79 75.00 -57.53 7.75
CA PRO P 79 73.86 -57.91 6.93
C PRO P 79 74.29 -58.86 5.82
N HIS P 80 73.43 -59.83 5.52
CA HIS P 80 73.68 -60.79 4.48
C HIS P 80 73.67 -60.10 3.11
N VAL P 81 74.32 -60.72 2.14
CA VAL P 81 74.49 -60.09 0.84
C VAL P 81 73.16 -59.98 0.10
N ASN P 82 72.20 -60.85 0.41
CA ASN P 82 70.87 -60.73 -0.18
C ASN P 82 70.11 -59.53 0.37
N VAL P 83 70.40 -59.14 1.61
CA VAL P 83 69.74 -57.98 2.20
C VAL P 83 70.20 -56.70 1.50
N ASP P 84 71.51 -56.55 1.32
CA ASP P 84 72.00 -55.39 0.59
C ASP P 84 71.78 -55.49 -0.90
N ALA P 85 71.43 -56.67 -1.42
CA ALA P 85 71.14 -56.80 -2.84
C ALA P 85 69.67 -56.53 -3.18
N ALA P 86 68.74 -56.87 -2.30
CA ALA P 86 67.32 -56.73 -2.60
C ALA P 86 66.70 -55.47 -2.01
N LEU P 87 67.13 -55.04 -0.90
CA LEU P 87 66.62 -53.87 -0.21
C LEU P 87 67.48 -52.64 -0.50
N PRO P 88 66.91 -51.42 -0.51
CA PRO P 88 67.69 -50.22 -0.89
C PRO P 88 68.55 -49.68 0.25
N LEU P 89 69.64 -50.39 0.52
CA LEU P 89 70.48 -50.07 1.68
C LEU P 89 71.82 -49.48 1.29
N GLY P 90 71.93 -48.93 0.09
CA GLY P 90 73.10 -48.18 -0.29
C GLY P 90 74.34 -48.98 -0.66
N ARG P 91 74.24 -50.30 -0.73
CA ARG P 91 75.35 -51.13 -1.18
C ARG P 91 74.89 -52.10 -2.25
N THR P 92 74.13 -51.59 -3.21
CA THR P 92 73.74 -52.39 -4.36
C THR P 92 74.92 -52.47 -5.32
N PRO P 93 75.45 -53.67 -5.62
CA PRO P 93 76.65 -53.84 -6.44
C PRO P 93 76.47 -53.44 -7.89
N ALA Q 2 77.20 -23.60 4.67
CA ALA Q 2 76.89 -24.52 5.76
C ALA Q 2 76.24 -23.77 6.92
N ASP Q 3 75.12 -23.12 6.64
CA ASP Q 3 74.38 -22.41 7.67
C ASP Q 3 73.56 -23.38 8.49
N ALA Q 4 72.80 -22.84 9.44
CA ALA Q 4 72.08 -23.63 10.43
C ALA Q 4 70.80 -24.21 9.84
N LEU Q 5 69.92 -24.70 10.69
CA LEU Q 5 68.73 -25.39 10.22
C LEU Q 5 67.59 -25.13 11.17
N GLY Q 6 66.40 -24.87 10.62
CA GLY Q 6 65.21 -24.77 11.43
C GLY Q 6 64.08 -25.52 10.79
N MET Q 7 63.43 -26.40 11.53
CA MET Q 7 62.35 -27.22 10.99
C MET Q 7 61.13 -27.14 11.89
N ILE Q 8 59.96 -26.99 11.29
CA ILE Q 8 58.70 -27.09 11.99
C ILE Q 8 57.90 -28.21 11.33
N GLU Q 9 57.64 -29.28 12.06
CA GLU Q 9 56.76 -30.32 11.58
C GLU Q 9 55.35 -30.05 12.08
N VAL Q 10 54.40 -29.99 11.15
CA VAL Q 10 53.00 -29.75 11.48
C VAL Q 10 52.18 -30.89 10.88
N ARG Q 11 51.24 -31.43 11.67
CA ARG Q 11 50.25 -32.34 11.11
C ARG Q 11 49.20 -31.48 10.42
N GLY Q 12 49.46 -31.15 9.16
CA GLY Q 12 48.59 -30.25 8.44
C GLY Q 12 49.37 -29.23 7.63
N PHE Q 13 48.93 -28.99 6.39
CA PHE Q 13 49.64 -28.09 5.50
C PHE Q 13 49.51 -26.64 5.92
N VAL Q 14 48.38 -26.30 6.54
CA VAL Q 14 48.07 -24.91 6.84
C VAL Q 14 48.91 -24.41 8.01
N GLY Q 15 49.04 -25.21 9.05
CA GLY Q 15 49.94 -24.86 10.14
C GLY Q 15 51.38 -24.76 9.70
N MET Q 16 51.78 -25.56 8.71
CA MET Q 16 53.12 -25.46 8.16
C MET Q 16 53.33 -24.16 7.41
N VAL Q 17 52.33 -23.73 6.62
CA VAL Q 17 52.49 -22.48 5.88
C VAL Q 17 52.46 -21.29 6.83
N GLU Q 18 51.63 -21.36 7.87
CA GLU Q 18 51.62 -20.31 8.88
C GLU Q 18 52.94 -20.25 9.66
N ALA Q 19 53.50 -21.42 10.01
CA ALA Q 19 54.77 -21.45 10.70
C ALA Q 19 55.90 -20.97 9.80
N ALA Q 20 55.83 -21.27 8.50
CA ALA Q 20 56.84 -20.79 7.57
C ALA Q 20 56.77 -19.29 7.41
N ASP Q 21 55.56 -18.73 7.36
CA ASP Q 21 55.41 -17.27 7.27
C ASP Q 21 55.92 -16.59 8.54
N ALA Q 22 55.64 -17.17 9.71
CA ALA Q 22 56.14 -16.61 10.95
C ALA Q 22 57.65 -16.70 11.05
N MET Q 23 58.25 -17.79 10.53
CA MET Q 23 59.70 -17.90 10.57
C MET Q 23 60.36 -16.91 9.63
N VAL Q 24 59.84 -16.74 8.42
CA VAL Q 24 60.49 -15.82 7.50
C VAL Q 24 60.18 -14.37 7.83
N LYS Q 25 59.16 -14.09 8.65
CA LYS Q 25 58.97 -12.73 9.13
C LYS Q 25 59.65 -12.47 10.46
N ALA Q 26 60.07 -13.51 11.18
CA ALA Q 26 60.73 -13.28 12.45
C ALA Q 26 62.16 -12.80 12.27
N ALA Q 27 62.95 -13.53 11.49
CA ALA Q 27 64.35 -13.20 11.31
C ALA Q 27 64.71 -13.34 9.84
N LYS Q 28 65.95 -12.96 9.51
CA LYS Q 28 66.46 -13.12 8.15
C LYS Q 28 66.83 -14.59 7.97
N VAL Q 29 65.84 -15.39 7.62
CA VAL Q 29 66.07 -16.80 7.34
C VAL Q 29 65.69 -17.04 5.89
N GLU Q 30 65.85 -18.27 5.42
CA GLU Q 30 65.53 -18.62 4.04
C GLU Q 30 64.74 -19.92 4.05
N LEU Q 31 63.43 -19.82 3.83
CA LEU Q 31 62.59 -20.99 3.60
C LEU Q 31 63.01 -21.63 2.28
N ILE Q 32 63.64 -22.79 2.34
CA ILE Q 32 64.15 -23.40 1.11
C ILE Q 32 63.17 -24.38 0.50
N GLY Q 33 62.28 -24.96 1.30
CA GLY Q 33 61.35 -25.93 0.76
C GLY Q 33 60.48 -26.50 1.85
N TYR Q 34 59.94 -27.68 1.58
CA TYR Q 34 59.07 -28.37 2.53
C TYR Q 34 59.03 -29.83 2.13
N GLU Q 35 58.91 -30.70 3.12
CA GLU Q 35 58.97 -32.13 2.91
C GLU Q 35 57.65 -32.77 3.32
N LYS Q 36 57.12 -33.64 2.46
CA LYS Q 36 55.82 -34.27 2.65
C LYS Q 36 56.07 -35.75 2.97
N THR Q 37 56.12 -36.06 4.26
CA THR Q 37 56.43 -37.41 4.69
C THR Q 37 55.19 -38.28 4.88
N GLY Q 38 54.07 -37.92 4.28
CA GLY Q 38 52.88 -38.72 4.33
C GLY Q 38 52.11 -38.55 5.62
N GLY Q 39 50.91 -39.13 5.65
CA GLY Q 39 50.06 -39.09 6.82
C GLY Q 39 49.55 -37.72 7.19
N GLY Q 40 49.66 -36.75 6.29
CA GLY Q 40 49.35 -35.38 6.64
C GLY Q 40 50.46 -34.65 7.36
N TYR Q 41 51.63 -35.25 7.50
CA TYR Q 41 52.77 -34.57 8.12
C TYR Q 41 53.52 -33.77 7.07
N VAL Q 42 53.76 -32.50 7.35
CA VAL Q 42 54.65 -31.70 6.51
C VAL Q 42 55.63 -30.98 7.43
N THR Q 43 56.70 -30.47 6.83
CA THR Q 43 57.79 -29.88 7.60
C THR Q 43 58.36 -28.68 6.87
N ALA Q 44 58.13 -27.49 7.41
CA ALA Q 44 58.75 -26.30 6.88
C ALA Q 44 60.21 -26.25 7.30
N VAL Q 45 61.07 -25.84 6.37
CA VAL Q 45 62.51 -25.80 6.59
C VAL Q 45 63.02 -24.40 6.27
N VAL Q 46 63.55 -23.72 7.28
CA VAL Q 46 64.25 -22.47 7.09
C VAL Q 46 65.72 -22.70 7.35
N ARG Q 47 66.54 -21.74 6.92
CA ARG Q 47 67.97 -21.93 6.98
C ARG Q 47 68.68 -20.58 7.03
N GLY Q 48 69.60 -20.46 7.99
CA GLY Q 48 70.33 -19.23 8.21
C GLY Q 48 71.19 -19.38 9.45
N ASP Q 49 71.78 -18.27 9.88
CA ASP Q 49 72.64 -18.30 11.06
C ASP Q 49 71.82 -18.61 12.32
N VAL Q 50 72.54 -19.02 13.38
CA VAL Q 50 71.99 -19.95 14.37
C VAL Q 50 70.97 -19.28 15.26
N ALA Q 51 71.30 -18.11 15.82
CA ALA Q 51 70.35 -17.45 16.72
C ALA Q 51 69.16 -16.90 15.96
N ALA Q 52 69.35 -16.54 14.69
CA ALA Q 52 68.23 -16.06 13.87
C ALA Q 52 67.23 -17.17 13.60
N VAL Q 53 67.70 -18.37 13.25
CA VAL Q 53 66.76 -19.45 13.02
C VAL Q 53 66.22 -19.99 14.33
N LYS Q 54 66.93 -19.79 15.45
CA LYS Q 54 66.39 -20.17 16.75
C LYS Q 54 65.19 -19.30 17.11
N ALA Q 55 65.36 -17.98 16.99
CA ALA Q 55 64.25 -17.06 17.24
C ALA Q 55 63.13 -17.23 16.20
N ALA Q 56 63.49 -17.61 14.97
CA ALA Q 56 62.49 -17.84 13.93
C ALA Q 56 61.62 -19.04 14.27
N THR Q 57 62.24 -20.17 14.66
CA THR Q 57 61.44 -21.33 15.01
C THR Q 57 60.67 -21.15 16.31
N GLU Q 58 61.18 -20.33 17.24
CA GLU Q 58 60.39 -20.01 18.42
C GLU Q 58 59.15 -19.20 18.05
N ALA Q 59 59.29 -18.22 17.15
CA ALA Q 59 58.13 -17.47 16.68
C ALA Q 59 57.19 -18.35 15.87
N GLY Q 60 57.73 -19.31 15.13
CA GLY Q 60 56.90 -20.19 14.33
C GLY Q 60 56.11 -21.17 15.19
N GLN Q 61 56.72 -21.68 16.26
CA GLN Q 61 55.98 -22.52 17.19
C GLN Q 61 54.94 -21.73 17.96
N ARG Q 62 55.29 -20.49 18.35
CA ARG Q 62 54.36 -19.67 19.12
C ARG Q 62 53.19 -19.20 18.26
N ALA Q 63 53.38 -19.08 16.95
CA ALA Q 63 52.29 -18.69 16.08
C ALA Q 63 51.53 -19.86 15.49
N ALA Q 64 52.15 -21.03 15.39
CA ALA Q 64 51.53 -22.18 14.73
C ALA Q 64 50.73 -23.05 15.67
N GLU Q 65 50.69 -22.74 16.97
CA GLU Q 65 49.82 -23.46 17.89
C GLU Q 65 48.40 -22.92 17.89
N ARG Q 66 48.08 -21.96 17.03
CA ARG Q 66 46.71 -21.46 16.94
C ARG Q 66 45.88 -22.22 15.94
N VAL Q 67 46.49 -22.84 14.94
CA VAL Q 67 45.73 -23.49 13.87
C VAL Q 67 46.05 -24.96 13.70
N GLY Q 68 47.23 -25.45 14.11
CA GLY Q 68 47.63 -26.79 13.76
C GLY Q 68 48.27 -27.51 14.92
N GLU Q 69 48.44 -28.82 14.73
CA GLU Q 69 49.13 -29.67 15.70
C GLU Q 69 50.62 -29.65 15.34
N VAL Q 70 51.38 -28.87 16.09
CA VAL Q 70 52.82 -28.80 15.91
C VAL Q 70 53.44 -30.04 16.54
N VAL Q 71 54.04 -30.89 15.72
CA VAL Q 71 54.64 -32.11 16.23
C VAL Q 71 56.01 -31.83 16.83
N ALA Q 72 56.93 -31.30 16.01
CA ALA Q 72 58.31 -31.15 16.45
C ALA Q 72 58.88 -29.81 16.00
N VAL Q 73 59.68 -29.22 16.88
CA VAL Q 73 60.41 -27.99 16.60
C VAL Q 73 61.86 -28.23 16.97
N HIS Q 74 62.78 -28.00 16.04
CA HIS Q 74 64.17 -28.25 16.35
C HIS Q 74 65.08 -27.37 15.51
N VAL Q 75 66.21 -26.99 16.11
CA VAL Q 75 67.23 -26.19 15.45
C VAL Q 75 68.53 -26.98 15.48
N ILE Q 76 69.15 -27.15 14.32
CA ILE Q 76 70.47 -27.76 14.20
C ILE Q 76 71.47 -26.65 13.88
N PRO Q 77 72.45 -26.39 14.75
CA PRO Q 77 73.34 -25.24 14.55
C PRO Q 77 74.30 -25.38 13.39
N ARG Q 78 74.95 -26.54 13.29
CA ARG Q 78 75.90 -26.83 12.21
C ARG Q 78 75.58 -28.22 11.70
N PRO Q 79 74.71 -28.35 10.70
CA PRO Q 79 74.45 -29.67 10.12
C PRO Q 79 75.66 -30.16 9.35
N HIS Q 80 75.97 -31.43 9.55
CA HIS Q 80 77.15 -32.04 8.96
C HIS Q 80 77.00 -32.13 7.45
N VAL Q 81 78.14 -32.22 6.74
CA VAL Q 81 78.12 -32.17 5.28
C VAL Q 81 77.45 -33.42 4.70
N ASN Q 82 77.49 -34.54 5.42
CA ASN Q 82 76.80 -35.74 4.96
C ASN Q 82 75.29 -35.66 5.22
N VAL Q 83 74.84 -34.71 6.04
CA VAL Q 83 73.40 -34.48 6.18
C VAL Q 83 72.89 -33.67 4.99
N ASP Q 84 73.65 -32.66 4.56
CA ASP Q 84 73.22 -31.87 3.41
C ASP Q 84 73.40 -32.65 2.11
N ALA Q 85 74.36 -33.58 2.06
CA ALA Q 85 74.61 -34.30 0.81
C ALA Q 85 73.57 -35.37 0.53
N ALA Q 86 72.97 -35.95 1.57
CA ALA Q 86 72.01 -37.02 1.41
C ALA Q 86 70.56 -36.56 1.59
N LEU Q 87 70.26 -35.97 2.72
CA LEU Q 87 68.92 -35.47 2.99
C LEU Q 87 68.68 -34.18 2.20
N PRO Q 88 67.45 -33.98 1.69
CA PRO Q 88 67.15 -32.78 0.87
C PRO Q 88 66.87 -31.52 1.68
N LEU Q 89 67.93 -30.89 2.16
CA LEU Q 89 67.80 -29.74 3.06
C LEU Q 89 68.33 -28.46 2.42
N GLY Q 90 68.24 -28.34 1.10
CA GLY Q 90 68.45 -27.08 0.43
C GLY Q 90 69.88 -26.66 0.19
N ARG Q 91 70.86 -27.43 0.65
CA ARG Q 91 72.26 -27.11 0.40
C ARG Q 91 72.98 -28.27 -0.26
N THR Q 92 72.34 -28.90 -1.24
CA THR Q 92 72.97 -29.97 -1.98
C THR Q 92 73.99 -29.39 -2.95
N PRO Q 93 75.28 -29.77 -2.86
CA PRO Q 93 76.35 -29.21 -3.68
C PRO Q 93 76.22 -29.51 -5.17
N ALA R 2 52.34 -8.37 -1.99
CA ALA R 2 51.84 -9.74 -2.12
C ALA R 2 50.36 -9.81 -1.81
N ASP R 3 49.64 -10.64 -2.56
CA ASP R 3 48.22 -10.83 -2.34
C ASP R 3 47.98 -11.69 -1.11
N ALA R 4 46.86 -11.43 -0.44
CA ALA R 4 46.50 -12.15 0.77
C ALA R 4 46.17 -13.60 0.46
N LEU R 5 46.32 -14.45 1.47
CA LEU R 5 46.23 -15.89 1.32
C LEU R 5 45.14 -16.46 2.21
N GLY R 6 44.38 -17.41 1.70
CA GLY R 6 43.40 -18.11 2.52
C GLY R 6 43.46 -19.60 2.28
N MET R 7 43.56 -20.40 3.33
CA MET R 7 43.73 -21.83 3.20
C MET R 7 42.70 -22.57 4.04
N ILE R 8 42.09 -23.60 3.44
CA ILE R 8 41.17 -24.49 4.13
C ILE R 8 41.68 -25.91 3.96
N GLU R 9 42.04 -26.56 5.06
CA GLU R 9 42.50 -27.94 5.05
C GLU R 9 41.40 -28.84 5.59
N VAL R 10 40.93 -29.76 4.75
CA VAL R 10 39.82 -30.65 5.06
C VAL R 10 40.33 -32.08 4.89
N ARG R 11 39.92 -32.97 5.81
CA ARG R 11 40.15 -34.40 5.65
C ARG R 11 39.05 -34.94 4.74
N GLY R 12 39.36 -35.08 3.46
CA GLY R 12 38.39 -35.57 2.51
C GLY R 12 38.32 -34.70 1.28
N PHE R 13 38.21 -35.32 0.11
CA PHE R 13 38.22 -34.55 -1.13
C PHE R 13 36.90 -33.81 -1.33
N VAL R 14 35.80 -34.39 -0.85
CA VAL R 14 34.48 -33.80 -1.06
C VAL R 14 34.34 -32.51 -0.27
N GLY R 15 34.78 -32.52 0.98
CA GLY R 15 34.76 -31.32 1.80
C GLY R 15 35.65 -30.23 1.24
N MET R 16 36.79 -30.62 0.65
CA MET R 16 37.67 -29.63 0.04
C MET R 16 37.06 -29.03 -1.21
N VAL R 17 36.37 -29.84 -2.02
CA VAL R 17 35.77 -29.30 -3.24
C VAL R 17 34.59 -28.39 -2.88
N GLU R 18 33.83 -28.74 -1.85
CA GLU R 18 32.74 -27.86 -1.42
C GLU R 18 33.27 -26.57 -0.82
N ALA R 19 34.36 -26.64 -0.07
CA ALA R 19 34.98 -25.44 0.47
C ALA R 19 35.55 -24.57 -0.64
N ALA R 20 36.19 -25.17 -1.64
CA ALA R 20 36.76 -24.40 -2.73
C ALA R 20 35.70 -23.86 -3.68
N ASP R 21 34.50 -24.43 -3.64
CA ASP R 21 33.40 -23.85 -4.38
C ASP R 21 32.77 -22.68 -3.62
N ALA R 22 32.59 -22.84 -2.31
CA ALA R 22 32.00 -21.75 -1.53
C ALA R 22 32.95 -20.58 -1.36
N MET R 23 34.26 -20.79 -1.45
CA MET R 23 35.18 -19.67 -1.36
C MET R 23 35.14 -18.80 -2.60
N VAL R 24 35.00 -19.41 -3.78
CA VAL R 24 34.95 -18.61 -4.99
C VAL R 24 33.55 -18.10 -5.29
N LYS R 25 32.51 -18.68 -4.70
CA LYS R 25 31.18 -18.13 -4.90
C LYS R 25 30.83 -17.01 -3.91
N ALA R 26 31.65 -16.78 -2.90
CA ALA R 26 31.33 -15.77 -1.90
C ALA R 26 32.29 -14.60 -1.91
N ALA R 27 33.23 -14.56 -2.84
CA ALA R 27 34.19 -13.46 -2.93
C ALA R 27 34.80 -13.46 -4.32
N LYS R 28 35.61 -12.43 -4.58
CA LYS R 28 36.37 -12.35 -5.82
C LYS R 28 37.80 -12.79 -5.50
N VAL R 29 37.99 -14.11 -5.47
CA VAL R 29 39.27 -14.71 -5.15
C VAL R 29 39.75 -15.50 -6.35
N GLU R 30 40.94 -16.08 -6.24
CA GLU R 30 41.49 -16.93 -7.29
C GLU R 30 41.92 -18.24 -6.68
N LEU R 31 41.16 -19.30 -6.93
CA LEU R 31 41.53 -20.65 -6.53
C LEU R 31 42.71 -21.07 -7.40
N ILE R 32 43.90 -21.08 -6.81
CA ILE R 32 45.10 -21.36 -7.60
C ILE R 32 45.39 -22.85 -7.70
N GLY R 33 44.99 -23.64 -6.71
CA GLY R 33 45.27 -25.06 -6.74
C GLY R 33 44.73 -25.82 -5.56
N TYR R 34 45.44 -26.89 -5.17
CA TYR R 34 45.05 -27.78 -4.10
C TYR R 34 46.28 -28.62 -3.75
N GLU R 35 46.43 -28.93 -2.47
CA GLU R 35 47.62 -29.65 -2.01
C GLU R 35 47.19 -30.95 -1.34
N LYS R 36 47.81 -32.04 -1.78
CA LYS R 36 47.52 -33.40 -1.31
C LYS R 36 48.68 -33.83 -0.42
N THR R 37 48.53 -33.61 0.89
CA THR R 37 49.59 -33.95 1.83
C THR R 37 49.50 -35.39 2.33
N GLY R 38 48.64 -36.20 1.75
CA GLY R 38 48.55 -37.59 2.14
C GLY R 38 47.75 -37.79 3.42
N GLY R 39 47.26 -39.01 3.59
CA GLY R 39 46.44 -39.31 4.74
C GLY R 39 45.04 -38.76 4.67
N GLY R 40 44.59 -38.39 3.47
CA GLY R 40 43.28 -37.80 3.29
C GLY R 40 43.24 -36.30 3.43
N TYR R 41 44.27 -35.69 3.98
CA TYR R 41 44.28 -34.24 4.22
C TYR R 41 44.54 -33.53 2.90
N VAL R 42 43.55 -32.81 2.41
CA VAL R 42 43.73 -32.00 1.21
C VAL R 42 43.38 -30.55 1.54
N THR R 43 44.12 -29.64 0.93
CA THR R 43 44.08 -28.22 1.27
C THR R 43 43.74 -27.41 0.04
N ALA R 44 42.66 -26.63 0.14
CA ALA R 44 42.28 -25.67 -0.90
C ALA R 44 42.84 -24.30 -0.55
N VAL R 45 43.33 -23.61 -1.58
CA VAL R 45 44.02 -22.33 -1.42
C VAL R 45 43.37 -21.29 -2.31
N VAL R 46 42.86 -20.22 -1.71
CA VAL R 46 42.40 -19.07 -2.46
C VAL R 46 43.33 -17.90 -2.16
N ARG R 47 43.33 -16.94 -3.07
CA ARG R 47 44.27 -15.84 -2.96
C ARG R 47 43.66 -14.57 -3.53
N GLY R 48 43.77 -13.49 -2.76
CA GLY R 48 43.23 -12.21 -3.16
C GLY R 48 43.40 -11.22 -2.02
N ASP R 49 42.78 -10.05 -2.20
CA ASP R 49 42.87 -9.01 -1.18
C ASP R 49 42.15 -9.43 0.10
N VAL R 50 42.47 -8.71 1.19
CA VAL R 50 42.44 -9.27 2.54
C VAL R 50 41.01 -9.56 2.99
N ALA R 51 40.12 -8.57 2.89
CA ALA R 51 38.75 -8.75 3.35
C ALA R 51 38.00 -9.74 2.48
N ALA R 52 38.34 -9.82 1.20
CA ALA R 52 37.71 -10.77 0.30
C ALA R 52 38.06 -12.21 0.69
N VAL R 53 39.33 -12.48 0.97
CA VAL R 53 39.66 -13.86 1.35
C VAL R 53 39.26 -14.17 2.79
N LYS R 54 39.12 -13.17 3.66
CA LYS R 54 38.53 -13.44 4.96
C LYS R 54 37.07 -13.84 4.85
N ALA R 55 36.31 -13.12 4.01
CA ALA R 55 34.92 -13.50 3.75
C ALA R 55 34.85 -14.85 3.05
N ALA R 56 35.81 -15.14 2.16
CA ALA R 56 35.81 -16.38 1.42
C ALA R 56 36.05 -17.57 2.34
N THR R 57 37.04 -17.47 3.24
CA THR R 57 37.29 -18.57 4.16
C THR R 57 36.19 -18.70 5.21
N GLU R 58 35.64 -17.57 5.68
CA GLU R 58 34.55 -17.67 6.66
C GLU R 58 33.24 -18.11 6.03
N ALA R 59 33.13 -18.12 4.70
CA ALA R 59 32.00 -18.79 4.07
C ALA R 59 32.33 -20.24 3.69
N GLY R 60 33.59 -20.51 3.34
CA GLY R 60 33.96 -21.86 2.95
C GLY R 60 33.97 -22.82 4.11
N GLN R 61 34.41 -22.36 5.28
CA GLN R 61 34.27 -23.17 6.50
C GLN R 61 32.81 -23.42 6.83
N ARG R 62 31.98 -22.38 6.73
CA ARG R 62 30.58 -22.47 7.09
C ARG R 62 29.81 -23.38 6.14
N ALA R 63 30.29 -23.53 4.91
CA ALA R 63 29.68 -24.48 3.99
C ALA R 63 30.31 -25.87 4.05
N ALA R 64 31.58 -25.98 4.46
CA ALA R 64 32.25 -27.27 4.43
C ALA R 64 32.14 -28.04 5.72
N GLU R 65 31.75 -27.40 6.82
CA GLU R 65 31.52 -28.15 8.05
C GLU R 65 30.27 -29.02 7.99
N ARG R 66 29.40 -28.83 7.00
CA ARG R 66 28.21 -29.67 6.89
C ARG R 66 28.51 -30.98 6.18
N VAL R 67 29.46 -31.00 5.25
CA VAL R 67 29.71 -32.16 4.41
C VAL R 67 31.06 -32.79 4.64
N GLY R 68 31.77 -32.40 5.69
CA GLY R 68 33.08 -32.98 5.92
C GLY R 68 33.63 -32.72 7.30
N GLU R 69 34.94 -32.89 7.44
CA GLU R 69 35.64 -32.67 8.70
C GLU R 69 36.66 -31.56 8.44
N VAL R 70 36.26 -30.32 8.76
CA VAL R 70 37.13 -29.17 8.53
C VAL R 70 38.20 -29.14 9.61
N VAL R 71 39.46 -29.19 9.20
CA VAL R 71 40.57 -29.29 10.11
C VAL R 71 41.25 -27.94 10.33
N ALA R 72 41.52 -27.19 9.27
CA ALA R 72 42.21 -25.92 9.44
C ALA R 72 41.59 -24.85 8.56
N VAL R 73 41.43 -23.66 9.13
CA VAL R 73 40.91 -22.48 8.45
C VAL R 73 41.83 -21.32 8.80
N HIS R 74 42.51 -20.74 7.81
CA HIS R 74 43.42 -19.67 8.19
C HIS R 74 43.57 -18.67 7.06
N VAL R 75 43.81 -17.42 7.43
CA VAL R 75 44.05 -16.31 6.52
C VAL R 75 45.36 -15.65 6.89
N ILE R 76 46.25 -15.49 5.93
CA ILE R 76 47.46 -14.71 6.10
C ILE R 76 47.30 -13.43 5.28
N PRO R 77 47.18 -12.27 5.92
CA PRO R 77 46.79 -11.05 5.19
C PRO R 77 47.87 -10.51 4.27
N ARG R 78 49.14 -10.81 4.53
CA ARG R 78 50.22 -10.43 3.63
C ARG R 78 51.36 -11.40 3.85
N PRO R 79 51.43 -12.48 3.07
CA PRO R 79 52.53 -13.41 3.21
C PRO R 79 53.81 -12.83 2.65
N HIS R 80 54.92 -13.23 3.23
CA HIS R 80 56.23 -12.75 2.81
C HIS R 80 56.57 -13.33 1.44
N VAL R 81 57.46 -12.64 0.73
CA VAL R 81 57.81 -13.01 -0.63
C VAL R 81 58.56 -14.35 -0.69
N ASN R 82 59.22 -14.74 0.41
CA ASN R 82 59.88 -16.03 0.45
C ASN R 82 58.86 -17.18 0.49
N VAL R 83 57.70 -16.93 1.07
CA VAL R 83 56.65 -17.96 1.13
C VAL R 83 56.10 -18.22 -0.26
N ASP R 84 55.82 -17.16 -1.02
CA ASP R 84 55.36 -17.33 -2.38
C ASP R 84 56.47 -17.80 -3.31
N ALA R 85 57.73 -17.58 -2.96
CA ALA R 85 58.83 -18.04 -3.79
C ALA R 85 59.23 -19.48 -3.53
N ALA R 86 58.98 -20.00 -2.34
CA ALA R 86 59.38 -21.35 -1.99
C ALA R 86 58.23 -22.35 -2.01
N LEU R 87 57.07 -21.96 -1.50
CA LEU R 87 55.92 -22.85 -1.41
C LEU R 87 55.03 -22.68 -2.64
N PRO R 88 54.40 -23.74 -3.16
CA PRO R 88 53.58 -23.64 -4.38
C PRO R 88 52.20 -23.04 -4.11
N LEU R 89 52.18 -21.74 -3.84
CA LEU R 89 50.99 -21.06 -3.32
C LEU R 89 50.47 -20.00 -4.28
N GLY R 90 50.58 -20.23 -5.58
CA GLY R 90 49.89 -19.44 -6.56
C GLY R 90 50.70 -18.33 -7.20
N ARG R 91 51.71 -17.80 -6.54
CA ARG R 91 52.45 -16.66 -7.05
C ARG R 91 53.95 -16.96 -7.11
N THR R 92 54.29 -18.10 -7.68
CA THR R 92 55.70 -18.38 -7.95
C THR R 92 56.13 -17.59 -9.17
N PRO R 93 57.19 -16.76 -9.08
CA PRO R 93 57.67 -15.93 -10.19
C PRO R 93 58.25 -16.75 -11.34
N ALA S 2 41.68 9.60 1.64
CA ALA S 2 41.83 9.53 3.09
C ALA S 2 41.84 8.09 3.55
N ASP S 3 43.02 7.57 3.87
CA ASP S 3 43.14 6.20 4.31
C ASP S 3 42.68 6.06 5.76
N ALA S 4 42.23 4.86 6.10
CA ALA S 4 41.75 4.55 7.44
C ALA S 4 42.88 4.59 8.45
N LEU S 5 42.49 4.67 9.72
CA LEU S 5 43.39 4.92 10.83
C LEU S 5 43.47 3.72 11.75
N GLY S 6 44.68 3.39 12.21
CA GLY S 6 44.83 2.36 13.21
C GLY S 6 45.72 2.80 14.35
N MET S 7 45.25 2.70 15.58
CA MET S 7 45.96 3.25 16.72
C MET S 7 46.13 2.20 17.79
N ILE S 8 47.34 2.07 18.33
CA ILE S 8 47.64 1.17 19.44
C ILE S 8 48.25 1.99 20.55
N GLU S 9 47.58 2.07 21.69
CA GLU S 9 48.11 2.77 22.85
C GLU S 9 48.65 1.74 23.84
N VAL S 10 49.93 1.88 24.19
CA VAL S 10 50.60 0.97 25.09
C VAL S 10 51.19 1.78 26.23
N ARG S 11 50.98 1.31 27.47
CA ARG S 11 51.70 1.86 28.60
C ARG S 11 53.11 1.31 28.58
N GLY S 12 53.98 1.94 27.82
CA GLY S 12 55.31 1.41 27.64
C GLY S 12 55.80 1.50 26.22
N PHE S 13 57.08 1.83 26.06
CA PHE S 13 57.63 2.01 24.73
C PHE S 13 57.84 0.69 24.02
N VAL S 14 58.18 -0.37 24.77
CA VAL S 14 58.60 -1.63 24.15
C VAL S 14 57.41 -2.36 23.54
N GLY S 15 56.29 -2.41 24.28
CA GLY S 15 55.07 -2.98 23.72
C GLY S 15 54.57 -2.20 22.52
N MET S 16 54.78 -0.89 22.51
CA MET S 16 54.39 -0.08 21.36
C MET S 16 55.28 -0.37 20.16
N VAL S 17 56.57 -0.61 20.37
CA VAL S 17 57.46 -0.92 19.25
C VAL S 17 57.13 -2.30 18.68
N GLU S 18 56.80 -3.26 19.55
CA GLU S 18 56.39 -4.56 19.05
C GLU S 18 55.06 -4.50 18.32
N ALA S 19 54.14 -3.66 18.80
CA ALA S 19 52.88 -3.44 18.08
C ALA S 19 53.12 -2.78 16.73
N ALA S 20 54.00 -1.78 16.70
CA ALA S 20 54.31 -1.08 15.46
C ALA S 20 55.05 -1.96 14.47
N ASP S 21 55.76 -2.98 14.94
CA ASP S 21 56.41 -3.90 14.02
C ASP S 21 55.45 -4.97 13.53
N ALA S 22 54.58 -5.47 14.41
CA ALA S 22 53.64 -6.51 14.03
C ALA S 22 52.57 -5.97 13.08
N MET S 23 52.22 -4.69 13.20
CA MET S 23 51.25 -4.11 12.27
C MET S 23 51.83 -4.01 10.87
N VAL S 24 53.07 -3.53 10.75
CA VAL S 24 53.64 -3.36 9.42
C VAL S 24 54.16 -4.66 8.83
N LYS S 25 54.35 -5.69 9.65
CA LYS S 25 54.60 -7.01 9.08
C LYS S 25 53.33 -7.80 8.83
N ALA S 26 52.20 -7.37 9.39
CA ALA S 26 50.97 -8.12 9.23
C ALA S 26 50.27 -7.81 7.92
N ALA S 27 50.25 -6.54 7.52
CA ALA S 27 49.53 -6.14 6.32
C ALA S 27 50.25 -4.97 5.68
N LYS S 28 49.76 -4.54 4.53
CA LYS S 28 50.37 -3.41 3.84
C LYS S 28 49.79 -2.13 4.42
N VAL S 29 50.41 -1.65 5.49
CA VAL S 29 50.02 -0.41 6.15
C VAL S 29 51.21 0.54 6.13
N GLU S 30 51.05 1.71 6.72
CA GLU S 30 52.12 2.70 6.79
C GLU S 30 52.20 3.23 8.22
N LEU S 31 53.23 2.83 8.94
CA LEU S 31 53.50 3.41 10.26
C LEU S 31 54.00 4.83 10.08
N ILE S 32 53.23 5.81 10.56
CA ILE S 32 53.58 7.20 10.33
C ILE S 32 54.32 7.75 11.54
N GLY S 33 54.07 7.18 12.70
CA GLY S 33 54.79 7.64 13.88
C GLY S 33 54.09 7.23 15.16
N TYR S 34 54.29 8.05 16.19
CA TYR S 34 53.83 7.71 17.53
C TYR S 34 53.68 8.99 18.32
N GLU S 35 52.84 8.93 19.34
CA GLU S 35 52.54 10.09 20.18
C GLU S 35 52.87 9.76 21.63
N LYS S 36 53.50 10.72 22.30
CA LYS S 36 53.94 10.62 23.70
C LYS S 36 53.10 11.55 24.55
N THR S 37 52.03 11.02 25.13
CA THR S 37 51.12 11.83 25.91
C THR S 37 51.49 11.88 27.39
N GLY S 38 52.70 11.48 27.74
CA GLY S 38 53.14 11.52 29.12
C GLY S 38 52.62 10.36 29.95
N GLY S 39 53.31 10.10 31.05
CA GLY S 39 52.93 9.02 31.93
C GLY S 39 53.20 7.64 31.40
N GLY S 40 54.09 7.52 30.40
CA GLY S 40 54.40 6.24 29.81
C GLY S 40 53.38 5.74 28.81
N TYR S 41 52.34 6.51 28.53
CA TYR S 41 51.33 6.16 27.52
C TYR S 41 51.84 6.63 26.17
N VAL S 42 52.38 5.71 25.37
CA VAL S 42 52.73 6.05 24.01
C VAL S 42 51.74 5.37 23.08
N THR S 43 51.66 5.89 21.85
CA THR S 43 50.63 5.42 20.93
C THR S 43 51.19 5.35 19.52
N ALA S 44 51.26 4.14 18.98
CA ALA S 44 51.68 3.94 17.60
C ALA S 44 50.50 4.17 16.66
N VAL S 45 50.76 4.82 15.53
CA VAL S 45 49.73 5.18 14.58
C VAL S 45 50.11 4.63 13.21
N VAL S 46 49.28 3.74 12.67
CA VAL S 46 49.41 3.27 11.30
C VAL S 46 48.23 3.81 10.50
N ARG S 47 48.35 3.72 9.18
CA ARG S 47 47.34 4.31 8.31
C ARG S 47 47.31 3.61 6.97
N GLY S 48 46.14 3.13 6.61
CA GLY S 48 45.91 2.46 5.34
C GLY S 48 44.44 2.12 5.25
N ASP S 49 44.06 1.46 4.14
CA ASP S 49 42.67 1.10 3.92
C ASP S 49 42.18 0.09 4.95
N VAL S 50 40.84 0.00 5.07
CA VAL S 50 40.20 -0.61 6.23
C VAL S 50 40.49 -2.10 6.30
N ALA S 51 40.59 -2.76 5.15
CA ALA S 51 40.86 -4.18 5.11
C ALA S 51 42.28 -4.50 5.61
N ALA S 52 43.22 -3.60 5.38
CA ALA S 52 44.58 -3.84 5.87
C ALA S 52 44.70 -3.50 7.34
N VAL S 53 44.27 -2.31 7.75
CA VAL S 53 44.49 -1.87 9.11
C VAL S 53 43.60 -2.60 10.10
N LYS S 54 42.47 -3.17 9.65
CA LYS S 54 41.62 -3.92 10.56
C LYS S 54 42.29 -5.22 10.98
N ALA S 55 43.03 -5.84 10.06
CA ALA S 55 43.81 -7.02 10.43
C ALA S 55 45.12 -6.63 11.10
N ALA S 56 45.67 -5.47 10.75
CA ALA S 56 46.92 -5.02 11.32
C ALA S 56 46.79 -4.71 12.79
N THR S 57 45.73 -4.00 13.19
CA THR S 57 45.55 -3.68 14.60
C THR S 57 45.21 -4.92 15.42
N GLU S 58 44.53 -5.91 14.84
CA GLU S 58 44.26 -7.14 15.57
C GLU S 58 45.54 -7.94 15.77
N ALA S 59 46.40 -8.00 14.76
CA ALA S 59 47.68 -8.68 14.92
C ALA S 59 48.59 -7.94 15.88
N GLY S 60 48.55 -6.61 15.85
CA GLY S 60 49.34 -5.82 16.79
C GLY S 60 48.84 -5.93 18.21
N GLN S 61 47.53 -6.08 18.42
CA GLN S 61 47.03 -6.30 19.76
C GLN S 61 47.36 -7.71 20.25
N ARG S 62 47.32 -8.69 19.35
CA ARG S 62 47.66 -10.05 19.75
C ARG S 62 49.16 -10.21 19.99
N ALA S 63 49.98 -9.35 19.39
CA ALA S 63 51.42 -9.41 19.60
C ALA S 63 51.94 -8.40 20.61
N ALA S 64 51.12 -7.44 21.05
CA ALA S 64 51.57 -6.44 22.01
C ALA S 64 51.11 -6.71 23.42
N GLU S 65 50.11 -7.59 23.61
CA GLU S 65 49.72 -7.98 24.95
C GLU S 65 50.75 -8.86 25.62
N ARG S 66 51.53 -9.60 24.84
CA ARG S 66 52.45 -10.59 25.39
C ARG S 66 53.82 -10.02 25.74
N VAL S 67 54.08 -8.76 25.43
CA VAL S 67 55.33 -8.11 25.80
C VAL S 67 55.14 -6.85 26.61
N GLY S 68 53.94 -6.31 26.69
CA GLY S 68 53.68 -5.06 27.38
C GLY S 68 52.28 -5.03 27.93
N GLU S 69 51.69 -3.84 27.96
CA GLU S 69 50.35 -3.63 28.50
C GLU S 69 49.58 -2.76 27.53
N VAL S 70 48.55 -3.34 26.91
CA VAL S 70 47.77 -2.65 25.90
C VAL S 70 46.60 -1.94 26.56
N VAL S 71 46.45 -0.64 26.27
CA VAL S 71 45.37 0.14 26.86
C VAL S 71 44.19 0.22 25.89
N ALA S 72 44.43 0.73 24.68
CA ALA S 72 43.35 0.98 23.74
C ALA S 72 43.75 0.54 22.34
N VAL S 73 42.81 -0.09 21.63
CA VAL S 73 42.95 -0.46 20.23
C VAL S 73 41.69 -0.02 19.51
N HIS S 74 41.83 0.80 18.48
CA HIS S 74 40.66 1.29 17.78
C HIS S 74 41.01 1.59 16.33
N VAL S 75 40.06 1.34 15.43
CA VAL S 75 40.22 1.56 14.00
C VAL S 75 39.18 2.57 13.56
N ILE S 76 39.63 3.66 12.94
CA ILE S 76 38.74 4.67 12.38
C ILE S 76 38.73 4.45 10.86
N PRO S 77 37.62 3.96 10.29
CA PRO S 77 37.64 3.56 8.87
C PRO S 77 37.70 4.72 7.89
N ARG S 78 37.25 5.89 8.28
CA ARG S 78 37.35 7.08 7.42
C ARG S 78 37.36 8.29 8.31
N PRO S 79 38.53 8.82 8.65
CA PRO S 79 38.59 10.03 9.47
C PRO S 79 38.25 11.26 8.64
N HIS S 80 37.80 12.30 9.33
CA HIS S 80 37.45 13.52 8.64
C HIS S 80 38.71 14.29 8.29
N VAL S 81 38.59 15.25 7.37
CA VAL S 81 39.76 16.03 6.96
C VAL S 81 40.18 16.99 8.06
N ASN S 82 39.30 17.30 9.01
CA ASN S 82 39.65 18.19 10.10
C ASN S 82 40.62 17.53 11.08
N VAL S 83 40.46 16.22 11.31
CA VAL S 83 41.37 15.50 12.18
C VAL S 83 42.74 15.39 11.54
N ASP S 84 42.81 15.08 10.24
CA ASP S 84 44.08 15.01 9.56
C ASP S 84 44.72 16.37 9.38
N ALA S 85 43.94 17.45 9.42
CA ALA S 85 44.51 18.79 9.30
C ALA S 85 44.94 19.39 10.62
N ALA S 86 44.29 19.02 11.72
CA ALA S 86 44.55 19.63 13.03
C ALA S 86 45.40 18.75 13.92
N LEU S 87 45.07 17.51 14.05
CA LEU S 87 45.82 16.57 14.87
C LEU S 87 46.93 15.92 14.06
N PRO S 88 48.08 15.61 14.69
CA PRO S 88 49.22 15.00 13.95
C PRO S 88 49.05 13.52 13.64
N LEU S 89 48.25 13.23 12.62
CA LEU S 89 47.88 11.87 12.26
C LEU S 89 48.39 11.46 10.88
N GLY S 90 49.54 12.01 10.47
CA GLY S 90 50.23 11.50 9.32
C GLY S 90 49.71 11.92 7.97
N ARG S 91 48.69 12.76 7.91
CA ARG S 91 48.20 13.33 6.65
C ARG S 91 48.05 14.83 6.76
N THR S 92 49.06 15.49 7.31
CA THR S 92 49.06 16.94 7.35
C THR S 92 49.39 17.48 5.97
N PRO S 93 48.53 18.31 5.36
CA PRO S 93 48.74 18.83 4.01
C PRO S 93 49.90 19.82 3.91
N ALA T 2 69.48 -3.91 8.15
CA ALA T 2 68.47 -4.11 9.18
C ALA T 2 69.04 -4.87 10.36
N ASP T 3 69.67 -4.15 11.28
CA ASP T 3 70.25 -4.77 12.46
C ASP T 3 69.15 -5.17 13.44
N ALA T 4 69.46 -6.19 14.24
CA ALA T 4 68.50 -6.67 15.23
C ALA T 4 68.35 -5.67 16.38
N LEU T 5 67.24 -5.80 17.09
CA LEU T 5 66.81 -4.78 18.04
C LEU T 5 66.60 -5.39 19.41
N GLY T 6 67.07 -4.67 20.45
CA GLY T 6 66.82 -5.09 21.81
C GLY T 6 66.44 -3.91 22.67
N MET T 7 65.49 -4.09 23.59
CA MET T 7 64.96 -2.99 24.35
C MET T 7 64.69 -3.44 25.78
N ILE T 8 65.03 -2.59 26.75
CA ILE T 8 64.74 -2.82 28.15
C ILE T 8 64.01 -1.59 28.69
N GLU T 9 62.78 -1.78 29.16
CA GLU T 9 62.03 -0.69 29.76
C GLU T 9 62.01 -0.85 31.27
N VAL T 10 62.48 0.16 31.98
CA VAL T 10 62.58 0.14 33.44
C VAL T 10 61.83 1.34 33.98
N ARG T 11 61.02 1.14 35.01
CA ARG T 11 60.45 2.25 35.75
C ARG T 11 61.53 2.78 36.69
N GLY T 12 62.41 3.60 36.14
CA GLY T 12 63.53 4.12 36.90
C GLY T 12 64.81 4.24 36.10
N PHE T 13 65.54 5.34 36.31
CA PHE T 13 66.74 5.60 35.53
C PHE T 13 67.88 4.69 35.91
N VAL T 14 67.94 4.27 37.18
CA VAL T 14 69.07 3.50 37.68
C VAL T 14 69.07 2.10 37.10
N GLY T 15 67.90 1.45 37.10
CA GLY T 15 67.77 0.14 36.47
C GLY T 15 68.01 0.18 34.98
N MET T 16 67.68 1.30 34.34
CA MET T 16 67.92 1.43 32.91
C MET T 16 69.41 1.60 32.61
N VAL T 17 70.13 2.35 33.45
CA VAL T 17 71.57 2.48 33.24
C VAL T 17 72.28 1.17 33.53
N GLU T 18 71.80 0.42 34.54
CA GLU T 18 72.38 -0.90 34.82
C GLU T 18 72.09 -1.89 33.69
N ALA T 19 70.89 -1.81 33.09
CA ALA T 19 70.58 -2.68 31.97
C ALA T 19 71.40 -2.30 30.74
N ALA T 20 71.54 -1.00 30.45
CA ALA T 20 72.37 -0.57 29.32
C ALA T 20 73.85 -0.81 29.56
N ASP T 21 74.26 -0.96 30.82
CA ASP T 21 75.64 -1.33 31.11
C ASP T 21 75.86 -2.83 30.98
N ALA T 22 74.86 -3.64 31.32
CA ALA T 22 75.01 -5.08 31.15
C ALA T 22 74.93 -5.48 29.68
N MET T 23 74.09 -4.80 28.90
CA MET T 23 73.87 -5.20 27.51
C MET T 23 75.09 -4.94 26.65
N VAL T 24 75.77 -3.81 26.83
CA VAL T 24 76.94 -3.52 26.01
C VAL T 24 78.18 -4.28 26.46
N LYS T 25 78.15 -4.87 27.65
CA LYS T 25 79.25 -5.69 28.14
C LYS T 25 79.07 -7.16 27.82
N ALA T 26 77.82 -7.61 27.63
CA ALA T 26 77.60 -9.03 27.34
C ALA T 26 78.06 -9.40 25.94
N ALA T 27 77.69 -8.61 24.94
CA ALA T 27 78.07 -8.88 23.56
C ALA T 27 78.41 -7.57 22.88
N LYS T 28 78.74 -7.63 21.60
CA LYS T 28 79.06 -6.42 20.83
C LYS T 28 77.77 -5.88 20.26
N VAL T 29 77.08 -5.05 21.05
CA VAL T 29 75.89 -4.36 20.61
C VAL T 29 76.18 -2.87 20.65
N GLU T 30 75.31 -2.10 19.99
CA GLU T 30 75.43 -0.65 19.93
C GLU T 30 74.27 -0.04 20.71
N LEU T 31 74.58 0.64 21.81
CA LEU T 31 73.59 1.40 22.56
C LEU T 31 73.37 2.71 21.83
N ILE T 32 72.28 2.80 21.07
CA ILE T 32 72.07 3.99 20.24
C ILE T 32 71.50 5.16 21.04
N GLY T 33 70.92 4.92 22.20
CA GLY T 33 70.39 6.01 22.98
C GLY T 33 69.48 5.52 24.09
N TYR T 34 68.55 6.38 24.47
CA TYR T 34 67.57 6.02 25.49
C TYR T 34 66.34 6.88 25.25
N GLU T 35 65.18 6.34 25.58
CA GLU T 35 63.91 6.98 25.27
C GLU T 35 63.16 7.23 26.56
N LYS T 36 62.82 8.49 26.81
CA LYS T 36 62.05 8.89 27.99
C LYS T 36 60.61 9.06 27.56
N THR T 37 59.76 8.11 27.94
CA THR T 37 58.33 8.24 27.69
C THR T 37 57.60 8.98 28.81
N GLY T 38 58.32 9.40 29.85
CA GLY T 38 57.73 10.18 30.91
C GLY T 38 56.92 9.35 31.88
N GLY T 39 56.73 9.90 33.07
CA GLY T 39 56.05 9.19 34.12
C GLY T 39 56.90 8.18 34.85
N GLY T 40 58.22 8.24 34.68
CA GLY T 40 59.13 7.34 35.36
C GLY T 40 59.64 6.21 34.49
N TYR T 41 59.09 6.02 33.30
CA TYR T 41 59.47 4.92 32.44
C TYR T 41 60.59 5.37 31.51
N VAL T 42 61.67 4.61 31.45
CA VAL T 42 62.76 4.88 30.51
C VAL T 42 63.13 3.59 29.80
N THR T 43 63.43 3.69 28.51
CA THR T 43 63.68 2.54 27.66
C THR T 43 65.07 2.64 27.07
N ALA T 44 65.92 1.66 27.40
CA ALA T 44 67.24 1.55 26.81
C ALA T 44 67.14 0.71 25.56
N VAL T 45 67.76 1.18 24.48
CA VAL T 45 67.70 0.54 23.18
C VAL T 45 69.11 0.14 22.77
N VAL T 46 69.34 -1.16 22.63
CA VAL T 46 70.56 -1.65 22.02
C VAL T 46 70.20 -2.19 20.64
N ARG T 47 71.20 -2.27 19.78
CA ARG T 47 70.96 -2.66 18.40
C ARG T 47 72.19 -3.32 17.83
N GLY T 48 72.03 -4.56 17.38
CA GLY T 48 73.10 -5.34 16.79
C GLY T 48 72.49 -6.60 16.24
N ASP T 49 73.34 -7.44 15.65
CA ASP T 49 72.86 -8.69 15.06
C ASP T 49 72.34 -9.64 16.12
N VAL T 50 71.61 -10.66 15.66
CA VAL T 50 70.66 -11.40 16.51
C VAL T 50 71.39 -12.18 17.59
N ALA T 51 72.55 -12.76 17.25
CA ALA T 51 73.33 -13.50 18.23
C ALA T 51 73.97 -12.61 19.26
N ALA T 52 74.03 -11.30 19.03
CA ALA T 52 74.54 -10.38 20.04
C ALA T 52 73.45 -9.88 20.97
N VAL T 53 72.35 -9.36 20.40
CA VAL T 53 71.31 -8.80 21.25
C VAL T 53 70.53 -9.89 21.97
N LYS T 54 70.49 -11.10 21.41
CA LYS T 54 69.72 -12.17 22.02
C LYS T 54 70.37 -12.68 23.29
N ALA T 55 71.67 -12.44 23.46
CA ALA T 55 72.35 -12.68 24.72
C ALA T 55 72.49 -11.43 25.56
N ALA T 56 72.63 -10.27 24.90
CA ALA T 56 72.82 -9.01 25.61
C ALA T 56 71.57 -8.63 26.39
N THR T 57 70.39 -8.75 25.78
CA THR T 57 69.17 -8.42 26.49
C THR T 57 68.84 -9.41 27.58
N GLU T 58 69.24 -10.68 27.42
CA GLU T 58 69.05 -11.64 28.50
C GLU T 58 69.95 -11.32 29.69
N ALA T 59 71.19 -10.92 29.42
CA ALA T 59 72.06 -10.46 30.50
C ALA T 59 71.54 -9.18 31.13
N GLY T 60 70.93 -8.31 30.32
CA GLY T 60 70.37 -7.07 30.86
C GLY T 60 69.13 -7.32 31.71
N GLN T 61 68.33 -8.30 31.34
CA GLN T 61 67.18 -8.67 32.16
C GLN T 61 67.62 -9.33 33.44
N ARG T 62 68.66 -10.17 33.38
CA ARG T 62 69.13 -10.83 34.58
C ARG T 62 69.88 -9.87 35.50
N ALA T 63 70.40 -8.77 34.95
CA ALA T 63 71.13 -7.80 35.74
C ALA T 63 70.30 -6.57 36.13
N ALA T 64 69.11 -6.39 35.54
CA ALA T 64 68.30 -5.23 35.86
C ALA T 64 67.15 -5.54 36.79
N GLU T 65 66.86 -6.82 37.04
CA GLU T 65 65.89 -7.16 38.07
C GLU T 65 66.49 -7.14 39.46
N ARG T 66 67.82 -7.08 39.57
CA ARG T 66 68.44 -6.97 40.88
C ARG T 66 68.24 -5.60 41.49
N VAL T 67 68.08 -4.57 40.66
CA VAL T 67 68.14 -3.19 41.14
C VAL T 67 66.85 -2.40 40.92
N GLY T 68 66.01 -2.77 39.96
CA GLY T 68 64.88 -1.93 39.64
C GLY T 68 63.70 -2.71 39.11
N GLU T 69 62.65 -1.99 38.79
CA GLU T 69 61.41 -2.58 38.30
C GLU T 69 61.45 -2.59 36.78
N VAL T 70 61.68 -3.77 36.21
CA VAL T 70 61.68 -3.93 34.77
C VAL T 70 60.27 -4.25 34.31
N VAL T 71 59.76 -3.46 33.38
CA VAL T 71 58.40 -3.66 32.88
C VAL T 71 58.39 -4.58 31.67
N ALA T 72 59.27 -4.33 30.70
CA ALA T 72 59.21 -5.05 29.44
C ALA T 72 60.61 -5.37 28.94
N VAL T 73 60.79 -6.59 28.43
CA VAL T 73 62.01 -7.04 27.79
C VAL T 73 61.61 -7.70 26.48
N HIS T 74 62.15 -7.22 25.37
CA HIS T 74 61.78 -7.83 24.10
C HIS T 74 62.88 -7.63 23.07
N VAL T 75 63.02 -8.63 22.20
CA VAL T 75 63.98 -8.63 21.10
C VAL T 75 63.18 -8.72 19.81
N ILE T 76 63.53 -7.88 18.84
CA ILE T 76 63.00 -7.97 17.49
C ILE T 76 64.15 -8.35 16.57
N PRO T 77 64.19 -9.57 16.03
CA PRO T 77 65.40 -10.05 15.35
C PRO T 77 65.65 -9.39 14.01
N ARG T 78 64.61 -8.95 13.32
CA ARG T 78 64.76 -8.14 12.12
C ARG T 78 63.54 -7.26 12.03
N PRO T 79 63.63 -6.00 12.47
CA PRO T 79 62.49 -5.11 12.36
C PRO T 79 62.30 -4.65 10.92
N HIS T 80 61.06 -4.36 10.59
CA HIS T 80 60.72 -3.91 9.24
C HIS T 80 61.30 -2.51 9.01
N VAL T 81 61.49 -2.18 7.73
CA VAL T 81 62.15 -0.93 7.37
C VAL T 81 61.30 0.28 7.71
N ASN T 82 59.97 0.11 7.80
CA ASN T 82 59.11 1.21 8.23
C ASN T 82 59.28 1.50 9.72
N VAL T 83 59.68 0.50 10.50
CA VAL T 83 59.92 0.71 11.93
C VAL T 83 61.18 1.55 12.15
N ASP T 84 62.26 1.21 11.43
CA ASP T 84 63.47 2.02 11.52
C ASP T 84 63.32 3.37 10.83
N ALA T 85 62.40 3.49 9.87
CA ALA T 85 62.21 4.77 9.19
C ALA T 85 61.22 5.68 9.90
N ALA T 86 60.39 5.12 10.77
CA ALA T 86 59.34 5.90 11.42
C ALA T 86 59.49 6.01 12.92
N LEU T 87 60.59 5.54 13.49
CA LEU T 87 60.80 5.61 14.93
C LEU T 87 62.25 5.98 15.22
N PRO T 88 62.52 6.70 16.32
CA PRO T 88 63.92 7.05 16.64
C PRO T 88 64.68 5.88 17.27
N LEU T 89 65.01 4.91 16.43
CA LEU T 89 65.59 3.65 16.86
C LEU T 89 66.99 3.44 16.28
N GLY T 90 67.75 4.53 16.12
CA GLY T 90 69.15 4.44 15.79
C GLY T 90 69.49 4.23 14.33
N ARG T 91 68.52 3.89 13.48
CA ARG T 91 68.79 3.67 12.06
C ARG T 91 67.84 4.50 11.21
N THR T 92 67.74 5.78 11.52
CA THR T 92 67.00 6.68 10.65
C THR T 92 67.95 7.19 9.56
N PRO T 93 67.69 6.89 8.28
CA PRO T 93 68.59 7.23 7.17
C PRO T 93 68.69 8.72 6.90
N ALA U 2 88.29 5.44 32.58
CA ALA U 2 86.99 5.88 33.07
C ALA U 2 86.82 5.54 34.54
N ASP U 3 86.29 6.48 35.31
CA ASP U 3 85.99 6.25 36.71
C ASP U 3 84.63 5.59 36.86
N ALA U 4 84.29 5.28 38.11
CA ALA U 4 83.10 4.51 38.46
C ALA U 4 81.86 5.38 38.39
N LEU U 5 80.77 4.89 38.98
CA LEU U 5 79.48 5.54 38.86
C LEU U 5 78.63 5.22 40.07
N GLY U 6 77.93 6.22 40.60
CA GLY U 6 77.00 6.00 41.69
C GLY U 6 75.70 6.72 41.45
N MET U 7 74.57 6.02 41.56
CA MET U 7 73.29 6.59 41.21
C MET U 7 72.31 6.37 42.35
N ILE U 8 71.55 7.42 42.69
CA ILE U 8 70.49 7.33 43.67
C ILE U 8 69.21 7.80 42.99
N GLU U 9 68.18 6.96 43.01
CA GLU U 9 66.89 7.34 42.48
C GLU U 9 65.94 7.60 43.65
N VAL U 10 65.38 8.80 43.71
CA VAL U 10 64.43 9.16 44.74
C VAL U 10 63.16 9.63 44.05
N ARG U 11 62.01 9.16 44.55
CA ARG U 11 60.72 9.73 44.13
C ARG U 11 60.53 11.01 44.93
N GLY U 12 61.13 12.09 44.43
CA GLY U 12 61.10 13.34 45.14
C GLY U 12 62.42 14.08 45.06
N PHE U 13 62.36 15.40 44.85
CA PHE U 13 63.57 16.19 44.67
C PHE U 13 64.34 16.34 45.97
N VAL U 14 63.63 16.37 47.09
CA VAL U 14 64.24 16.67 48.38
C VAL U 14 65.13 15.53 48.85
N GLY U 15 64.65 14.30 48.70
CA GLY U 15 65.47 13.15 49.03
C GLY U 15 66.68 13.01 48.12
N MET U 16 66.55 13.45 46.87
CA MET U 16 67.70 13.44 45.97
C MET U 16 68.73 14.47 46.39
N VAL U 17 68.30 15.65 46.84
CA VAL U 17 69.27 16.66 47.26
C VAL U 17 69.94 16.24 48.56
N GLU U 18 69.20 15.59 49.46
CA GLU U 18 69.80 15.05 50.68
C GLU U 18 70.81 13.95 50.38
N ALA U 19 70.46 13.04 49.46
CA ALA U 19 71.38 11.96 49.10
C ALA U 19 72.58 12.51 48.35
N ALA U 20 72.39 13.54 47.51
CA ALA U 20 73.50 14.12 46.78
C ALA U 20 74.41 14.96 47.67
N ASP U 21 73.87 15.48 48.79
CA ASP U 21 74.75 16.12 49.76
C ASP U 21 75.53 15.08 50.56
N ALA U 22 74.86 13.99 50.95
CA ALA U 22 75.52 12.96 51.74
C ALA U 22 76.59 12.24 50.96
N MET U 23 76.40 12.08 49.64
CA MET U 23 77.41 11.40 48.83
C MET U 23 78.67 12.23 48.67
N VAL U 24 78.51 13.54 48.44
CA VAL U 24 79.69 14.36 48.27
C VAL U 24 80.33 14.72 49.60
N LYS U 25 79.63 14.54 50.72
CA LYS U 25 80.28 14.73 52.01
C LYS U 25 80.95 13.48 52.53
N ALA U 26 80.42 12.29 52.20
CA ALA U 26 80.97 11.08 52.78
C ALA U 26 82.31 10.69 52.16
N ALA U 27 82.47 10.91 50.86
CA ALA U 27 83.70 10.55 50.17
C ALA U 27 84.12 11.69 49.27
N LYS U 28 85.12 11.43 48.42
CA LYS U 28 85.56 12.39 47.42
C LYS U 28 84.99 11.95 46.08
N VAL U 29 83.75 12.36 45.84
CA VAL U 29 83.08 12.02 44.60
C VAL U 29 82.80 13.32 43.85
N GLU U 30 82.21 13.22 42.67
CA GLU U 30 81.88 14.39 41.86
C GLU U 30 80.43 14.30 41.45
N LEU U 31 79.57 15.09 42.07
CA LEU U 31 78.19 15.20 41.65
C LEU U 31 78.14 15.92 40.31
N ILE U 32 77.92 15.19 39.22
CA ILE U 32 78.00 15.80 37.91
C ILE U 32 76.69 16.41 37.44
N GLY U 33 75.56 15.87 37.91
CA GLY U 33 74.28 16.38 37.48
C GLY U 33 73.16 15.54 38.04
N TYR U 34 72.01 15.60 37.38
CA TYR U 34 70.84 14.85 37.83
C TYR U 34 69.88 14.72 36.66
N GLU U 35 69.21 13.56 36.57
CA GLU U 35 68.34 13.25 35.46
C GLU U 35 66.90 13.20 35.93
N LYS U 36 66.03 13.92 35.24
CA LYS U 36 64.62 14.06 35.58
C LYS U 36 63.81 13.21 34.62
N THR U 37 63.51 11.98 35.01
CA THR U 37 62.82 11.03 34.16
C THR U 37 61.30 11.15 34.24
N GLY U 38 60.78 12.13 34.95
CA GLY U 38 59.34 12.30 35.06
C GLY U 38 58.76 11.43 36.17
N GLY U 39 57.46 11.61 36.38
CA GLY U 39 56.75 10.87 37.40
C GLY U 39 57.18 11.14 38.81
N GLY U 40 57.90 12.24 39.05
CA GLY U 40 58.51 12.49 40.33
C GLY U 40 59.82 11.77 40.57
N TYR U 41 60.28 10.96 39.62
CA TYR U 41 61.54 10.23 39.79
C TYR U 41 62.70 11.12 39.39
N VAL U 42 63.63 11.37 40.31
CA VAL U 42 64.87 12.03 40.00
C VAL U 42 66.02 11.15 40.45
N THR U 43 67.21 11.43 39.92
CA THR U 43 68.35 10.55 40.11
C THR U 43 69.62 11.37 40.25
N ALA U 44 70.20 11.35 41.44
CA ALA U 44 71.52 11.92 41.65
C ALA U 44 72.59 11.00 41.11
N VAL U 45 73.61 11.59 40.50
CA VAL U 45 74.69 10.85 39.87
C VAL U 45 76.02 11.40 40.38
N VAL U 46 76.80 10.55 41.03
CA VAL U 46 78.15 10.89 41.46
C VAL U 46 79.13 10.02 40.70
N ARG U 47 80.39 10.46 40.70
CA ARG U 47 81.39 9.80 39.87
C ARG U 47 82.78 10.01 40.42
N GLY U 48 83.48 8.90 40.66
CA GLY U 48 84.83 8.95 41.18
C GLY U 48 85.37 7.54 41.19
N ASP U 49 86.42 7.30 41.98
CA ASP U 49 86.94 5.95 42.08
C ASP U 49 85.96 5.04 42.86
N VAL U 50 86.19 3.73 42.75
CA VAL U 50 85.14 2.75 43.02
C VAL U 50 84.85 2.64 44.52
N ALA U 51 85.90 2.47 45.32
CA ALA U 51 85.72 2.27 46.75
C ALA U 51 85.23 3.52 47.46
N ALA U 52 85.36 4.69 46.84
CA ALA U 52 84.80 5.89 47.44
C ALA U 52 83.33 6.05 47.09
N VAL U 53 82.96 5.80 45.82
CA VAL U 53 81.56 5.98 45.44
C VAL U 53 80.68 4.89 46.02
N LYS U 54 81.26 3.73 46.38
CA LYS U 54 80.49 2.69 47.05
C LYS U 54 80.06 3.13 48.44
N ALA U 55 81.01 3.64 49.23
CA ALA U 55 80.68 4.18 50.55
C ALA U 55 79.83 5.44 50.46
N ALA U 56 80.01 6.22 49.41
CA ALA U 56 79.21 7.42 49.22
C ALA U 56 77.74 7.07 48.97
N THR U 57 77.48 6.10 48.10
CA THR U 57 76.10 5.70 47.87
C THR U 57 75.52 4.93 49.05
N GLU U 58 76.35 4.26 49.84
CA GLU U 58 75.84 3.68 51.09
C GLU U 58 75.40 4.77 52.07
N ALA U 59 76.18 5.84 52.17
CA ALA U 59 75.76 6.96 53.01
C ALA U 59 74.56 7.69 52.44
N GLY U 60 74.46 7.75 51.12
CA GLY U 60 73.30 8.38 50.51
C GLY U 60 72.03 7.59 50.71
N GLN U 61 72.13 6.25 50.67
CA GLN U 61 70.98 5.41 50.96
C GLN U 61 70.60 5.49 52.43
N ARG U 62 71.60 5.50 53.32
CA ARG U 62 71.32 5.55 54.75
C ARG U 62 70.78 6.91 55.18
N ALA U 63 71.10 7.97 54.44
CA ALA U 63 70.59 9.28 54.78
C ALA U 63 69.30 9.63 54.04
N ALA U 64 69.04 9.02 52.89
CA ALA U 64 67.87 9.34 52.09
C ALA U 64 66.65 8.51 52.45
N GLU U 65 66.78 7.55 53.37
CA GLU U 65 65.63 6.83 53.89
C GLU U 65 64.91 7.57 55.01
N ARG U 66 65.36 8.78 55.35
CA ARG U 66 64.69 9.56 56.37
C ARG U 66 63.72 10.59 55.80
N VAL U 67 63.89 10.97 54.54
CA VAL U 67 63.04 11.99 53.94
C VAL U 67 62.34 11.55 52.67
N GLY U 68 62.84 10.55 51.94
CA GLY U 68 62.33 10.27 50.62
C GLY U 68 62.14 8.79 50.37
N GLU U 69 61.40 8.51 49.29
CA GLU U 69 61.20 7.15 48.80
C GLU U 69 62.38 6.81 47.89
N VAL U 70 63.29 6.00 48.41
CA VAL U 70 64.44 5.53 47.64
C VAL U 70 63.99 4.37 46.78
N VAL U 71 64.23 4.49 45.47
CA VAL U 71 63.86 3.44 44.53
C VAL U 71 65.01 2.47 44.30
N ALA U 72 66.19 2.99 43.99
CA ALA U 72 67.30 2.13 43.63
C ALA U 72 68.62 2.78 44.03
N VAL U 73 69.55 1.97 44.51
CA VAL U 73 70.90 2.39 44.85
C VAL U 73 71.85 1.43 44.15
N HIS U 74 72.74 1.96 43.33
CA HIS U 74 73.59 1.06 42.56
C HIS U 74 74.91 1.71 42.21
N VAL U 75 75.97 0.91 42.22
CA VAL U 75 77.32 1.33 41.86
C VAL U 75 77.77 0.52 40.66
N ILE U 76 78.27 1.20 39.64
CA ILE U 76 78.90 0.58 38.49
C ILE U 76 80.40 0.86 38.58
N PRO U 77 81.25 -0.16 38.69
CA PRO U 77 82.67 0.10 38.97
C PRO U 77 83.44 0.65 37.78
N ARG U 78 83.05 0.30 36.58
CA ARG U 78 83.60 0.92 35.37
C ARG U 78 82.56 0.79 34.28
N PRO U 79 81.80 1.86 34.02
CA PRO U 79 80.84 1.82 32.92
C PRO U 79 81.55 1.78 31.58
N HIS U 80 80.98 1.03 30.65
CA HIS U 80 81.56 0.88 29.32
C HIS U 80 81.48 2.20 28.57
N VAL U 81 82.34 2.34 27.55
CA VAL U 81 82.49 3.61 26.85
C VAL U 81 81.22 3.95 26.05
N ASN U 82 80.44 2.94 25.66
CA ASN U 82 79.17 3.22 25.01
C ASN U 82 78.15 3.77 26.00
N VAL U 83 78.23 3.35 27.27
CA VAL U 83 77.34 3.88 28.29
C VAL U 83 77.68 5.33 28.60
N ASP U 84 78.98 5.64 28.71
CA ASP U 84 79.38 7.02 28.95
C ASP U 84 79.18 7.90 27.72
N ALA U 85 79.07 7.32 26.53
CA ALA U 85 78.87 8.11 25.33
C ALA U 85 77.39 8.38 25.05
N ALA U 86 76.57 7.33 25.02
CA ALA U 86 75.18 7.49 24.61
C ALA U 86 74.31 8.08 25.72
N LEU U 87 74.63 7.80 26.97
CA LEU U 87 73.85 8.25 28.11
C LEU U 87 74.51 9.45 28.78
N PRO U 88 73.74 10.42 29.27
CA PRO U 88 74.34 11.64 29.86
C PRO U 88 74.80 11.43 31.29
N LEU U 89 75.91 10.70 31.45
CA LEU U 89 76.41 10.33 32.76
C LEU U 89 77.69 11.06 33.14
N GLY U 90 77.97 12.20 32.50
CA GLY U 90 79.01 13.10 32.95
C GLY U 90 80.37 12.92 32.33
N ARG U 91 80.55 11.97 31.41
CA ARG U 91 81.84 11.74 30.75
C ARG U 91 81.67 11.63 29.25
N THR U 92 80.90 12.53 28.67
CA THR U 92 80.80 12.59 27.21
C THR U 92 82.03 13.31 26.67
N PRO U 93 82.83 12.66 25.80
CA PRO U 93 84.07 13.25 25.28
C PRO U 93 83.86 14.44 24.36
N ALA V 2 78.68 29.66 52.21
CA ALA V 2 77.94 28.41 52.35
C ALA V 2 76.65 28.63 53.10
N ASP V 3 75.66 29.22 52.42
CA ASP V 3 74.37 29.47 53.01
C ASP V 3 73.61 28.16 53.19
N ALA V 4 72.58 28.21 54.03
CA ALA V 4 71.84 27.00 54.39
C ALA V 4 70.84 26.65 53.29
N LEU V 5 69.91 25.75 53.60
CA LEU V 5 69.00 25.24 52.60
C LEU V 5 67.73 24.71 53.25
N GLY V 6 66.58 25.05 52.68
CA GLY V 6 65.32 24.49 53.13
C GLY V 6 64.43 24.17 51.96
N MET V 7 63.93 22.94 51.87
CA MET V 7 63.19 22.50 50.71
C MET V 7 61.84 21.96 51.14
N ILE V 8 60.78 22.34 50.42
CA ILE V 8 59.44 21.82 50.66
C ILE V 8 58.95 21.22 49.35
N GLU V 9 58.63 19.93 49.36
CA GLU V 9 58.07 19.26 48.20
C GLU V 9 56.58 19.04 48.41
N VAL V 10 55.78 19.50 47.46
CA VAL V 10 54.32 19.40 47.54
C VAL V 10 53.83 18.76 46.25
N ARG V 11 52.91 17.82 46.37
CA ARG V 11 52.19 17.33 45.19
C ARG V 11 51.08 18.32 44.90
N GLY V 12 51.39 19.30 44.04
CA GLY V 12 50.44 20.35 43.75
C GLY V 12 51.08 21.71 43.76
N PHE V 13 50.74 22.54 42.78
CA PHE V 13 51.36 23.86 42.65
C PHE V 13 50.86 24.82 43.73
N VAL V 14 49.60 24.67 44.14
CA VAL V 14 49.00 25.62 45.09
C VAL V 14 49.64 25.48 46.46
N GLY V 15 49.82 24.24 46.92
CA GLY V 15 50.47 24.00 48.20
C GLY V 15 51.92 24.44 48.20
N MET V 16 52.59 24.33 47.06
CA MET V 16 53.97 24.79 46.96
C MET V 16 54.04 26.30 47.01
N VAL V 17 53.10 26.99 46.37
CA VAL V 17 53.10 28.45 46.41
C VAL V 17 52.77 28.95 47.82
N GLU V 18 51.86 28.26 48.52
CA GLU V 18 51.56 28.66 49.88
C GLU V 18 52.72 28.37 50.82
N ALA V 19 53.43 27.27 50.60
CA ALA V 19 54.63 26.99 51.39
C ALA V 19 55.71 28.03 51.14
N ALA V 20 55.93 28.39 49.88
CA ALA V 20 56.95 29.39 49.56
C ALA V 20 56.53 30.78 50.00
N ASP V 21 55.24 31.03 50.20
CA ASP V 21 54.82 32.30 50.78
C ASP V 21 55.06 32.33 52.28
N ALA V 22 54.67 31.25 52.98
CA ALA V 22 54.80 31.22 54.43
C ALA V 22 56.25 31.14 54.87
N MET V 23 57.13 30.55 54.06
CA MET V 23 58.55 30.50 54.42
C MET V 23 59.17 31.89 54.37
N VAL V 24 58.89 32.65 53.31
CA VAL V 24 59.50 33.98 53.22
C VAL V 24 58.79 34.99 54.10
N LYS V 25 57.57 34.69 54.57
CA LYS V 25 56.95 35.55 55.57
C LYS V 25 57.33 35.19 56.99
N ALA V 26 57.84 33.98 57.22
CA ALA V 26 58.17 33.57 58.57
C ALA V 26 59.58 33.93 59.00
N ALA V 27 60.51 34.09 58.06
CA ALA V 27 61.89 34.40 58.43
C ALA V 27 62.55 35.13 57.28
N LYS V 28 63.73 35.68 57.56
CA LYS V 28 64.52 36.40 56.56
C LYS V 28 65.30 35.36 55.75
N VAL V 29 64.62 34.82 54.74
CA VAL V 29 65.20 33.82 53.85
C VAL V 29 65.13 34.35 52.43
N GLU V 30 65.58 33.56 51.46
CA GLU V 30 65.54 33.95 50.06
C GLU V 30 64.94 32.80 49.25
N LEU V 31 63.76 33.04 48.68
CA LEU V 31 63.17 32.09 47.73
C LEU V 31 63.91 32.23 46.42
N ILE V 32 64.72 31.23 46.08
CA ILE V 32 65.54 31.34 44.87
C ILE V 32 64.88 30.73 43.64
N GLY V 33 63.84 29.93 43.81
CA GLY V 33 63.19 29.34 42.65
C GLY V 33 62.22 28.24 43.03
N TYR V 34 62.09 27.28 42.12
CA TYR V 34 61.16 26.16 42.24
C TYR V 34 61.58 25.12 41.22
N GLU V 35 61.31 23.86 41.52
CA GLU V 35 61.74 22.76 40.67
C GLU V 35 60.57 21.85 40.38
N LYS V 36 60.35 21.56 39.09
CA LYS V 36 59.21 20.81 38.59
C LYS V 36 59.71 19.43 38.18
N THR V 37 59.60 18.46 39.08
CA THR V 37 60.12 17.12 38.82
C THR V 37 59.12 16.22 38.10
N GLY V 38 57.99 16.75 37.65
CA GLY V 38 57.05 15.98 36.87
C GLY V 38 56.19 15.08 37.74
N GLY V 39 55.06 14.68 37.17
CA GLY V 39 54.09 13.89 37.90
C GLY V 39 53.28 14.65 38.92
N GLY V 40 53.34 15.98 38.92
CA GLY V 40 52.65 16.81 39.87
C GLY V 40 53.50 17.29 41.02
N TYR V 41 54.66 16.67 41.24
CA TYR V 41 55.52 17.05 42.35
C TYR V 41 56.26 18.33 41.99
N VAL V 42 56.10 19.37 42.80
CA VAL V 42 56.89 20.59 42.66
C VAL V 42 57.50 20.91 44.00
N THR V 43 58.72 21.46 43.96
CA THR V 43 59.50 21.68 45.16
C THR V 43 59.94 23.14 45.22
N ALA V 44 59.66 23.78 46.35
CA ALA V 44 60.12 25.13 46.62
C ALA V 44 61.38 25.10 47.45
N VAL V 45 62.26 26.07 47.21
CA VAL V 45 63.58 26.13 47.81
C VAL V 45 63.78 27.51 48.42
N VAL V 46 64.02 27.55 49.73
CA VAL V 46 64.45 28.76 50.40
C VAL V 46 65.88 28.57 50.87
N ARG V 47 66.54 29.70 51.12
CA ARG V 47 67.98 29.68 51.37
C ARG V 47 68.41 30.91 52.13
N GLY V 48 69.12 30.69 53.22
CA GLY V 48 69.63 31.77 54.07
C GLY V 48 70.61 31.20 55.06
N ASP V 49 70.59 31.67 56.31
CA ASP V 49 71.34 31.03 57.36
C ASP V 49 70.50 29.91 57.98
N VAL V 50 71.05 29.26 59.01
CA VAL V 50 70.54 27.95 59.42
C VAL V 50 69.23 28.08 60.19
N ALA V 51 69.20 28.94 61.20
CA ALA V 51 68.02 29.03 62.06
C ALA V 51 66.84 29.66 61.35
N ALA V 52 67.10 30.57 60.40
CA ALA V 52 66.01 31.20 59.66
C ALA V 52 65.34 30.23 58.72
N VAL V 53 66.12 29.41 57.98
CA VAL V 53 65.47 28.43 57.12
C VAL V 53 64.88 27.29 57.93
N LYS V 54 65.40 27.04 59.13
CA LYS V 54 64.78 26.04 60.00
C LYS V 54 63.40 26.50 60.46
N ALA V 55 63.30 27.75 60.91
CA ALA V 55 62.00 28.31 61.29
C ALA V 55 61.09 28.46 60.07
N ALA V 56 61.67 28.73 58.91
CA ALA V 56 60.89 28.90 57.69
C ALA V 56 60.23 27.59 57.28
N THR V 57 60.99 26.49 57.28
CA THR V 57 60.37 25.21 56.95
C THR V 57 59.43 24.72 58.04
N GLU V 58 59.75 24.99 59.31
CA GLU V 58 58.84 24.61 60.39
C GLU V 58 57.54 25.41 60.38
N ALA V 59 57.53 26.57 59.72
CA ALA V 59 56.25 27.24 59.47
C ALA V 59 55.60 26.82 58.16
N GLY V 60 56.40 26.54 57.14
CA GLY V 60 55.85 26.24 55.83
C GLY V 60 55.23 24.86 55.74
N GLN V 61 55.75 23.89 56.50
CA GLN V 61 55.10 22.60 56.59
C GLN V 61 53.75 22.72 57.28
N ARG V 62 53.66 23.57 58.31
CA ARG V 62 52.41 23.75 59.02
C ARG V 62 51.40 24.53 58.19
N ALA V 63 51.87 25.43 57.34
CA ALA V 63 50.98 26.22 56.51
C ALA V 63 50.69 25.59 55.16
N ALA V 64 51.36 24.51 54.79
CA ALA V 64 51.11 23.87 53.50
C ALA V 64 50.36 22.56 53.60
N GLU V 65 50.12 22.05 54.82
CA GLU V 65 49.33 20.83 54.94
C GLU V 65 47.84 21.08 54.77
N ARG V 66 47.38 22.33 54.87
CA ARG V 66 45.96 22.59 54.68
C ARG V 66 45.58 22.61 53.22
N VAL V 67 46.44 23.14 52.36
CA VAL V 67 46.10 23.38 50.97
C VAL V 67 46.89 22.48 50.02
N GLY V 68 47.29 21.30 50.48
CA GLY V 68 48.01 20.42 49.58
C GLY V 68 48.51 19.18 50.29
N GLU V 69 49.33 18.43 49.56
CA GLU V 69 49.88 17.16 50.02
C GLU V 69 51.39 17.36 50.16
N VAL V 70 51.84 17.52 51.40
CA VAL V 70 53.24 17.80 51.68
C VAL V 70 54.00 16.48 51.75
N VAL V 71 54.93 16.29 50.82
CA VAL V 71 55.64 15.03 50.70
C VAL V 71 56.88 15.02 51.59
N ALA V 72 57.80 15.97 51.35
CA ALA V 72 59.09 15.92 52.01
C ALA V 72 59.47 17.29 52.52
N VAL V 73 59.94 17.35 53.77
CA VAL V 73 60.42 18.58 54.42
C VAL V 73 61.79 18.28 54.99
N HIS V 74 62.80 19.03 54.54
CA HIS V 74 64.13 18.77 55.06
C HIS V 74 64.99 20.03 54.94
N VAL V 75 65.90 20.17 55.90
CA VAL V 75 66.81 21.31 55.99
C VAL V 75 68.22 20.77 56.01
N ILE V 76 69.04 21.23 55.06
CA ILE V 76 70.47 20.91 55.04
C ILE V 76 71.22 22.11 55.58
N PRO V 77 71.76 22.05 56.81
CA PRO V 77 72.30 23.26 57.44
C PRO V 77 73.60 23.76 56.84
N ARG V 78 74.32 22.94 56.10
CA ARG V 78 75.52 23.39 55.38
C ARG V 78 75.72 22.48 54.19
N PRO V 79 75.14 22.82 53.05
CA PRO V 79 75.37 22.01 51.85
C PRO V 79 76.77 22.21 51.30
N HIS V 80 77.28 21.14 50.69
CA HIS V 80 78.63 21.15 50.16
C HIS V 80 78.70 22.01 48.90
N VAL V 81 79.92 22.43 48.54
CA VAL V 81 80.09 23.35 47.42
C VAL V 81 79.78 22.67 46.09
N ASN V 82 79.91 21.34 46.02
CA ASN V 82 79.57 20.64 44.79
C ASN V 82 78.06 20.57 44.60
N VAL V 83 77.29 20.64 45.68
CA VAL V 83 75.84 20.61 45.57
C VAL V 83 75.32 21.92 44.99
N ASP V 84 75.84 23.05 45.47
CA ASP V 84 75.47 24.33 44.88
C ASP V 84 76.06 24.51 43.48
N ALA V 85 77.22 23.91 43.22
CA ALA V 85 77.84 24.06 41.91
C ALA V 85 77.29 23.10 40.87
N ALA V 86 76.54 22.08 41.29
CA ALA V 86 75.99 21.09 40.37
C ALA V 86 74.49 21.26 40.15
N LEU V 87 73.73 21.27 41.20
CA LEU V 87 72.28 21.39 41.25
C LEU V 87 71.88 22.87 41.18
N PRO V 88 70.77 23.21 40.49
CA PRO V 88 70.34 24.62 40.38
C PRO V 88 69.68 25.15 41.66
N LEU V 89 70.51 25.43 42.66
CA LEU V 89 70.05 25.69 44.01
C LEU V 89 70.44 27.08 44.49
N GLY V 90 70.50 28.05 43.58
CA GLY V 90 70.54 29.45 43.95
C GLY V 90 71.90 30.02 44.26
N ARG V 91 72.94 29.20 44.39
CA ARG V 91 74.29 29.69 44.65
C ARG V 91 75.27 29.15 43.63
N THR V 92 74.87 29.19 42.36
CA THR V 92 75.75 28.73 41.30
C THR V 92 76.77 29.81 40.98
N PRO V 93 78.08 29.52 41.05
CA PRO V 93 79.15 30.48 40.77
C PRO V 93 79.19 30.91 39.31
N ALA W 2 51.38 44.85 44.58
CA ALA W 2 51.20 43.43 44.84
C ALA W 2 49.73 43.10 45.05
N ASP W 3 49.03 42.80 43.97
CA ASP W 3 47.63 42.41 44.06
C ASP W 3 47.51 41.01 44.64
N ALA W 4 46.34 40.73 45.21
CA ALA W 4 46.04 39.44 45.81
C ALA W 4 45.99 38.33 44.76
N LEU W 5 46.18 37.10 45.23
CA LEU W 5 46.46 35.96 44.39
C LEU W 5 45.47 34.83 44.68
N GLY W 6 44.91 34.25 43.64
CA GLY W 6 44.02 33.11 43.81
C GLY W 6 44.35 32.04 42.80
N MET W 7 44.27 30.78 43.23
CA MET W 7 44.64 29.67 42.39
C MET W 7 43.64 28.54 42.53
N ILE W 8 43.37 27.87 41.42
CA ILE W 8 42.59 26.64 41.42
C ILE W 8 43.44 25.54 40.80
N GLU W 9 43.65 24.45 41.52
CA GLU W 9 44.34 23.30 40.98
C GLU W 9 43.32 22.22 40.63
N VAL W 10 43.33 21.77 39.38
CA VAL W 10 42.42 20.74 38.91
C VAL W 10 43.27 19.63 38.29
N ARG W 11 42.98 18.38 38.65
CA ARG W 11 43.54 17.25 37.91
C ARG W 11 42.74 17.13 36.63
N GLY W 12 43.15 17.89 35.62
CA GLY W 12 42.41 17.92 34.38
C GLY W 12 42.35 19.30 33.76
N PHE W 13 42.45 19.37 32.44
CA PHE W 13 42.45 20.65 31.76
C PHE W 13 41.06 21.27 31.72
N VAL W 14 40.03 20.43 31.66
CA VAL W 14 38.66 20.92 31.46
C VAL W 14 38.14 21.63 32.70
N GLY W 15 38.35 21.03 33.87
CA GLY W 15 38.00 21.67 35.12
C GLY W 15 38.75 22.96 35.36
N MET W 16 40.00 23.04 34.91
CA MET W 16 40.75 24.27 35.03
C MET W 16 40.21 25.35 34.11
N VAL W 17 39.79 24.98 32.90
CA VAL W 17 39.22 25.99 31.99
C VAL W 17 37.87 26.49 32.51
N GLU W 18 37.07 25.58 33.09
CA GLU W 18 35.81 26.02 33.70
C GLU W 18 36.03 26.91 34.91
N ALA W 19 37.04 26.59 35.73
CA ALA W 19 37.36 27.44 36.87
C ALA W 19 37.88 28.79 36.44
N ALA W 20 38.76 28.82 35.43
CA ALA W 20 39.30 30.08 34.93
C ALA W 20 38.26 30.89 34.18
N ASP W 21 37.20 30.27 33.69
CA ASP W 21 36.08 31.03 33.14
C ASP W 21 35.23 31.62 34.25
N ALA W 22 34.90 30.81 35.25
CA ALA W 22 34.00 31.27 36.30
C ALA W 22 34.65 32.32 37.19
N MET W 23 35.98 32.30 37.32
CA MET W 23 36.64 33.30 38.16
C MET W 23 36.65 34.67 37.49
N VAL W 24 36.89 34.74 36.19
CA VAL W 24 36.85 36.04 35.52
C VAL W 24 35.43 36.48 35.21
N LYS W 25 34.46 35.57 35.23
CA LYS W 25 33.07 36.02 35.14
C LYS W 25 32.53 36.46 36.50
N ALA W 26 33.10 35.93 37.59
CA ALA W 26 32.49 36.14 38.91
C ALA W 26 32.84 37.50 39.49
N ALA W 27 34.08 37.94 39.32
CA ALA W 27 34.52 39.21 39.90
C ALA W 27 35.62 39.80 39.02
N LYS W 28 36.11 40.97 39.42
CA LYS W 28 37.13 41.67 38.64
C LYS W 28 38.51 41.14 39.03
N VAL W 29 38.93 40.10 38.31
CA VAL W 29 40.26 39.51 38.48
C VAL W 29 40.94 39.54 37.12
N GLU W 30 42.17 39.04 37.05
CA GLU W 30 42.89 38.93 35.79
C GLU W 30 43.49 37.53 35.70
N LEU W 31 42.97 36.72 34.78
CA LEU W 31 43.58 35.42 34.49
C LEU W 31 44.92 35.65 33.82
N ILE W 32 46.01 35.35 34.52
CA ILE W 32 47.33 35.63 34.00
C ILE W 32 47.97 34.44 33.29
N GLY W 33 47.55 33.22 33.59
CA GLY W 33 48.12 32.06 32.94
C GLY W 33 47.68 30.79 33.63
N TYR W 34 48.49 29.75 33.45
CA TYR W 34 48.20 28.43 34.01
C TYR W 34 49.50 27.66 34.05
N GLU W 35 49.68 26.85 35.08
CA GLU W 35 50.94 26.15 35.28
C GLU W 35 50.72 24.65 35.11
N LYS W 36 51.48 24.06 34.19
CA LYS W 36 51.42 22.63 33.89
C LYS W 36 52.50 21.92 34.70
N THR W 37 52.13 21.43 35.86
CA THR W 37 53.09 20.73 36.71
C THR W 37 53.29 19.28 36.31
N GLY W 38 52.63 18.81 35.25
CA GLY W 38 52.79 17.44 34.79
C GLY W 38 51.93 16.46 35.55
N GLY W 39 51.56 15.37 34.90
CA GLY W 39 50.75 14.37 35.57
C GLY W 39 49.29 14.70 35.68
N GLY W 40 48.81 15.66 34.90
CA GLY W 40 47.41 16.00 34.86
C GLY W 40 47.01 17.18 35.72
N TYR W 41 47.86 17.59 36.64
CA TYR W 41 47.57 18.74 37.49
C TYR W 41 47.84 20.02 36.72
N VAL W 42 46.85 20.90 36.66
CA VAL W 42 47.05 22.26 36.15
C VAL W 42 46.45 23.22 37.16
N THR W 43 46.86 24.48 37.06
CA THR W 43 46.53 25.46 38.09
C THR W 43 46.19 26.80 37.42
N ALA W 44 44.90 27.12 37.38
CA ALA W 44 44.49 28.44 36.94
C ALA W 44 44.84 29.47 37.99
N VAL W 45 45.38 30.60 37.55
CA VAL W 45 45.87 31.65 38.45
C VAL W 45 45.18 32.95 38.09
N VAL W 46 44.44 33.51 39.04
CA VAL W 46 43.84 34.83 38.88
C VAL W 46 44.47 35.76 39.90
N ARG W 47 44.36 37.06 39.62
CA ARG W 47 45.05 38.05 40.43
C ARG W 47 44.28 39.36 40.44
N GLY W 48 43.96 39.83 41.64
CA GLY W 48 43.23 41.06 41.81
C GLY W 48 43.13 41.38 43.28
N ASP W 49 42.36 42.44 43.59
CA ASP W 49 42.16 42.82 44.98
C ASP W 49 41.39 41.75 45.75
N VAL W 50 41.49 41.82 47.08
CA VAL W 50 41.34 40.63 47.92
C VAL W 50 39.90 40.15 47.96
N ALA W 51 38.95 41.08 48.13
CA ALA W 51 37.56 40.69 48.20
C ALA W 51 36.96 40.39 46.83
N ALA W 52 37.72 40.57 45.76
CA ALA W 52 37.29 40.06 44.46
C ALA W 52 37.85 38.68 44.18
N VAL W 53 39.10 38.40 44.55
CA VAL W 53 39.60 37.05 44.34
C VAL W 53 38.99 36.08 45.32
N LYS W 54 38.55 36.56 46.50
CA LYS W 54 37.86 35.68 47.43
C LYS W 54 36.46 35.33 46.94
N ALA W 55 35.80 36.25 46.24
CA ALA W 55 34.54 35.96 45.59
C ALA W 55 34.71 35.31 44.23
N ALA W 56 35.93 35.27 43.71
CA ALA W 56 36.23 34.62 42.45
C ALA W 56 36.54 33.14 42.64
N THR W 57 37.43 32.81 43.58
CA THR W 57 37.84 31.42 43.73
C THR W 57 36.75 30.55 44.33
N GLU W 58 35.87 31.13 45.15
CA GLU W 58 34.74 30.36 45.66
C GLU W 58 33.78 29.98 44.54
N ALA W 59 33.49 30.93 43.65
CA ALA W 59 32.65 30.62 42.50
C ALA W 59 33.35 29.69 41.53
N GLY W 60 34.67 29.82 41.38
CA GLY W 60 35.41 28.92 40.52
C GLY W 60 35.43 27.50 41.04
N GLN W 61 35.57 27.34 42.36
CA GLN W 61 35.47 26.03 42.97
C GLN W 61 34.06 25.46 42.83
N ARG W 62 33.04 26.29 43.06
CA ARG W 62 31.67 25.81 42.98
C ARG W 62 31.28 25.43 41.55
N ALA W 63 31.89 26.08 40.56
CA ALA W 63 31.62 25.70 39.18
C ALA W 63 32.47 24.51 38.73
N ALA W 64 33.71 24.40 39.20
CA ALA W 64 34.63 23.39 38.72
C ALA W 64 34.54 22.08 39.50
N GLU W 65 33.82 22.03 40.61
CA GLU W 65 33.56 20.74 41.22
C GLU W 65 32.57 19.89 40.43
N ARG W 66 31.78 20.52 39.55
CA ARG W 66 30.82 19.77 38.75
C ARG W 66 31.44 19.12 37.54
N VAL W 67 32.70 19.43 37.21
CA VAL W 67 33.31 18.92 35.99
C VAL W 67 34.57 18.12 36.24
N GLY W 68 35.29 18.32 37.34
CA GLY W 68 36.56 17.65 37.51
C GLY W 68 36.98 17.42 38.95
N GLU W 69 38.24 17.03 39.14
CA GLU W 69 38.78 16.72 40.46
C GLU W 69 39.59 17.94 40.93
N VAL W 70 38.98 18.73 41.82
CA VAL W 70 39.64 19.91 42.36
C VAL W 70 40.54 19.48 43.51
N VAL W 71 41.82 19.80 43.41
CA VAL W 71 42.79 19.44 44.44
C VAL W 71 42.90 20.52 45.50
N ALA W 72 43.10 21.77 45.08
CA ALA W 72 43.37 22.82 46.05
C ALA W 72 42.78 24.14 45.59
N VAL W 73 42.23 24.89 46.54
CA VAL W 73 41.70 26.23 46.33
C VAL W 73 42.28 27.10 47.42
N HIS W 74 43.00 28.15 47.05
CA HIS W 74 43.56 29.01 48.08
C HIS W 74 43.69 30.44 47.59
N VAL W 75 43.50 31.37 48.53
CA VAL W 75 43.62 32.80 48.30
C VAL W 75 44.76 33.32 49.16
N ILE W 76 45.66 34.09 48.56
CA ILE W 76 46.73 34.77 49.28
C ILE W 76 46.46 36.27 49.20
N PRO W 77 46.14 36.94 50.32
CA PRO W 77 45.74 38.35 50.23
C PRO W 77 46.86 39.30 49.88
N ARG W 78 48.07 39.07 50.40
CA ARG W 78 49.21 39.89 50.05
C ARG W 78 50.41 38.95 49.89
N PRO W 79 50.71 38.52 48.67
CA PRO W 79 51.89 37.67 48.47
C PRO W 79 53.15 38.50 48.61
N HIS W 80 54.18 37.86 49.15
CA HIS W 80 55.44 38.55 49.39
C HIS W 80 56.14 38.81 48.06
N VAL W 81 56.99 39.84 48.05
CA VAL W 81 57.60 40.30 46.80
C VAL W 81 58.58 39.28 46.24
N ASN W 82 59.16 38.44 47.11
CA ASN W 82 60.02 37.36 46.62
C ASN W 82 59.20 36.28 45.94
N VAL W 83 57.96 36.08 46.38
CA VAL W 83 57.09 35.10 45.75
C VAL W 83 56.67 35.57 44.36
N ASP W 84 56.33 36.85 44.22
CA ASP W 84 56.01 37.38 42.90
C ASP W 84 57.25 37.55 42.04
N ALA W 85 58.44 37.57 42.63
CA ALA W 85 59.65 37.78 41.85
C ALA W 85 60.28 36.49 41.34
N ALA W 86 60.28 35.43 42.16
CA ALA W 86 60.96 34.21 41.80
C ALA W 86 60.03 33.08 41.36
N LEU W 87 58.78 33.37 41.04
CA LEU W 87 57.82 32.38 40.60
C LEU W 87 57.00 32.94 39.44
N PRO W 88 56.42 32.08 38.59
CA PRO W 88 55.59 32.61 37.48
C PRO W 88 54.15 32.92 37.89
N LEU W 89 53.99 34.03 38.62
CA LEU W 89 52.68 34.41 39.14
C LEU W 89 52.21 35.74 38.56
N GLY W 90 52.70 36.10 37.38
CA GLY W 90 52.13 37.17 36.61
C GLY W 90 52.58 38.58 36.97
N ARG W 91 53.41 38.74 37.99
CA ARG W 91 53.92 40.07 38.36
C ARG W 91 55.43 40.05 38.48
N THR W 92 56.09 39.49 37.48
CA THR W 92 57.54 39.59 37.41
C THR W 92 57.91 41.01 37.01
N PRO W 93 58.68 41.75 37.82
CA PRO W 93 59.01 43.15 37.54
C PRO W 93 59.94 43.31 36.34
N ALA X 2 32.03 36.08 20.27
CA ALA X 2 33.02 35.06 20.51
C ALA X 2 32.43 33.67 20.28
N ASP X 3 33.26 32.77 19.76
CA ASP X 3 32.81 31.41 19.51
C ASP X 3 32.71 30.64 20.81
N ALA X 4 31.99 29.52 20.78
CA ALA X 4 31.74 28.72 21.97
C ALA X 4 32.94 27.85 22.27
N LEU X 5 32.78 26.87 23.16
CA LEU X 5 33.90 26.05 23.58
C LEU X 5 33.42 24.68 23.97
N GLY X 6 33.95 23.64 23.32
CA GLY X 6 33.66 22.28 23.73
C GLY X 6 34.93 21.51 24.00
N MET X 7 35.00 20.84 25.15
CA MET X 7 36.23 20.19 25.58
C MET X 7 35.95 18.76 25.98
N ILE X 8 36.77 17.84 25.48
CA ILE X 8 36.73 16.44 25.85
C ILE X 8 38.10 16.03 26.34
N GLU X 9 38.23 15.75 27.63
CA GLU X 9 39.48 15.28 28.19
C GLU X 9 39.41 13.78 28.42
N VAL X 10 40.38 13.06 27.84
CA VAL X 10 40.44 11.61 27.82
C VAL X 10 41.84 11.21 28.29
N ARG X 11 41.90 10.21 29.17
CA ARG X 11 43.18 9.61 29.58
C ARG X 11 43.63 8.65 28.49
N GLY X 12 44.32 9.18 27.50
CA GLY X 12 44.84 8.39 26.39
C GLY X 12 44.59 9.06 25.05
N PHE X 13 45.53 8.86 24.13
CA PHE X 13 45.49 9.53 22.84
C PHE X 13 44.43 8.95 21.92
N VAL X 14 44.13 7.65 22.06
CA VAL X 14 43.19 6.97 21.17
C VAL X 14 41.78 7.49 21.38
N GLY X 15 41.37 7.58 22.65
CA GLY X 15 40.06 8.13 22.95
C GLY X 15 39.93 9.59 22.58
N MET X 16 41.03 10.34 22.62
CA MET X 16 40.99 11.73 22.20
C MET X 16 40.81 11.85 20.70
N VAL X 17 41.48 10.99 19.93
CA VAL X 17 41.32 11.04 18.48
C VAL X 17 39.92 10.59 18.08
N GLU X 18 39.37 9.59 18.77
CA GLU X 18 38.01 9.16 18.47
C GLU X 18 36.99 10.23 18.85
N ALA X 19 37.20 10.91 19.98
CA ALA X 19 36.31 11.98 20.38
C ALA X 19 36.40 13.17 19.44
N ALA X 20 37.62 13.51 18.99
CA ALA X 20 37.79 14.61 18.05
C ALA X 20 37.17 14.28 16.70
N ASP X 21 37.25 13.02 16.28
CA ASP X 21 36.61 12.58 15.05
C ASP X 21 35.10 12.65 15.15
N ALA X 22 34.53 12.22 16.28
CA ALA X 22 33.08 12.28 16.45
C ALA X 22 32.60 13.73 16.52
N MET X 23 33.39 14.62 17.12
CA MET X 23 33.00 16.02 17.18
C MET X 23 33.06 16.69 15.82
N VAL X 24 34.14 16.47 15.06
CA VAL X 24 34.23 17.15 13.77
C VAL X 24 33.38 16.48 12.69
N LYS X 25 32.86 15.28 12.93
CA LYS X 25 31.88 14.71 12.02
C LYS X 25 30.46 15.07 12.37
N ALA X 26 30.12 15.15 13.67
CA ALA X 26 28.72 15.26 14.05
C ALA X 26 28.19 16.68 14.00
N ALA X 27 29.02 17.67 13.76
CA ALA X 27 28.56 19.06 13.68
C ALA X 27 29.49 19.84 12.78
N LYS X 28 29.31 21.15 12.74
CA LYS X 28 30.18 22.04 12.00
C LYS X 28 30.95 22.88 13.01
N VAL X 29 32.06 22.32 13.49
CA VAL X 29 32.92 23.00 14.45
C VAL X 29 34.32 23.11 13.88
N GLU X 30 35.24 23.68 14.64
CA GLU X 30 36.63 23.84 14.23
C GLU X 30 37.52 23.26 15.31
N LEU X 31 38.10 22.10 15.06
CA LEU X 31 39.09 21.52 15.96
C LEU X 31 40.35 22.36 15.89
N ILE X 32 40.57 23.20 16.91
CA ILE X 32 41.72 24.10 16.86
C ILE X 32 43.00 23.37 17.22
N GLY X 33 42.91 22.30 18.01
CA GLY X 33 44.10 21.59 18.42
C GLY X 33 43.84 20.59 19.51
N TYR X 34 44.80 20.45 20.43
CA TYR X 34 44.73 19.47 21.51
C TYR X 34 45.76 19.86 22.57
N GLU X 35 45.41 19.61 23.82
CA GLU X 35 46.23 20.04 24.95
C GLU X 35 46.71 18.83 25.73
N LYS X 36 48.01 18.80 26.02
CA LYS X 36 48.68 17.67 26.66
C LYS X 36 49.12 18.10 28.06
N THR X 37 48.32 17.75 29.07
CA THR X 37 48.64 18.10 30.43
C THR X 37 49.46 17.04 31.15
N GLY X 38 50.07 16.14 30.41
CA GLY X 38 50.94 15.13 31.00
C GLY X 38 50.16 14.03 31.70
N GLY X 39 50.84 12.91 31.91
CA GLY X 39 50.25 11.80 32.62
C GLY X 39 49.19 11.06 31.84
N GLY X 40 49.16 11.22 30.52
CA GLY X 40 48.20 10.55 29.69
C GLY X 40 46.94 11.34 29.40
N TYR X 41 46.67 12.40 30.14
CA TYR X 41 45.51 13.22 29.90
C TYR X 41 45.73 14.08 28.66
N VAL X 42 44.87 13.92 27.67
CA VAL X 42 44.86 14.82 26.52
C VAL X 42 43.44 15.33 26.32
N THR X 43 43.33 16.62 26.00
CA THR X 43 42.06 17.31 25.88
C THR X 43 41.89 17.80 24.46
N ALA X 44 40.82 17.36 23.81
CA ALA X 44 40.46 17.88 22.50
C ALA X 44 39.54 19.07 22.65
N VAL X 45 39.78 20.11 21.86
CA VAL X 45 39.05 21.35 21.93
C VAL X 45 38.41 21.63 20.58
N VAL X 46 37.08 21.69 20.56
CA VAL X 46 36.37 22.19 19.39
C VAL X 46 35.79 23.54 19.75
N ARG X 47 35.52 24.33 18.71
CA ARG X 47 35.17 25.72 18.91
C ARG X 47 34.34 26.19 17.73
N GLY X 48 33.03 26.27 17.92
CA GLY X 48 32.11 26.82 16.94
C GLY X 48 31.09 27.67 17.67
N ASP X 49 29.82 27.62 17.28
CA ASP X 49 28.78 28.26 18.07
C ASP X 49 28.23 27.25 19.07
N VAL X 50 27.15 27.60 19.77
CA VAL X 50 26.77 26.90 20.98
C VAL X 50 26.10 25.56 20.68
N ALA X 51 25.16 25.55 19.73
CA ALA X 51 24.43 24.32 19.42
C ALA X 51 25.35 23.28 18.79
N ALA X 52 26.28 23.73 17.95
CA ALA X 52 27.19 22.80 17.28
C ALA X 52 28.12 22.14 18.28
N VAL X 53 28.64 22.88 19.25
CA VAL X 53 29.55 22.26 20.19
C VAL X 53 28.78 21.43 21.21
N LYS X 54 27.51 21.75 21.48
CA LYS X 54 26.74 20.89 22.36
C LYS X 54 26.45 19.54 21.70
N ALA X 55 26.06 19.56 20.42
CA ALA X 55 25.84 18.31 19.71
C ALA X 55 27.16 17.54 19.51
N ALA X 56 28.25 18.27 19.31
CA ALA X 56 29.55 17.64 19.11
C ALA X 56 30.03 16.95 20.38
N THR X 57 29.88 17.59 21.53
CA THR X 57 30.30 16.93 22.77
C THR X 57 29.34 15.83 23.19
N GLU X 58 28.06 15.92 22.83
CA GLU X 58 27.17 14.78 23.06
C GLU X 58 27.63 13.57 22.26
N ALA X 59 27.98 13.77 20.98
CA ALA X 59 28.48 12.66 20.19
C ALA X 59 29.86 12.21 20.67
N GLY X 60 30.67 13.13 21.19
CA GLY X 60 31.99 12.76 21.67
C GLY X 60 31.94 11.95 22.95
N GLN X 61 31.01 12.29 23.85
CA GLN X 61 30.83 11.48 25.04
C GLN X 61 30.19 10.14 24.70
N ARG X 62 29.32 10.10 23.69
CA ARG X 62 28.72 8.82 23.34
C ARG X 62 29.70 7.93 22.56
N ALA X 63 30.69 8.51 21.89
CA ALA X 63 31.60 7.74 21.07
C ALA X 63 32.99 7.57 21.67
N ALA X 64 33.29 8.23 22.79
CA ALA X 64 34.59 8.08 23.42
C ALA X 64 34.54 7.19 24.66
N GLU X 65 33.35 6.79 25.11
CA GLU X 65 33.22 5.84 26.20
C GLU X 65 33.32 4.40 25.73
N ARG X 66 33.43 4.16 24.43
CA ARG X 66 33.58 2.82 23.91
C ARG X 66 35.02 2.38 23.75
N VAL X 67 35.96 3.32 23.83
CA VAL X 67 37.36 3.02 23.56
C VAL X 67 38.27 3.22 24.76
N GLY X 68 37.85 3.95 25.78
CA GLY X 68 38.72 4.21 26.91
C GLY X 68 38.08 4.93 28.06
N GLU X 69 38.85 5.78 28.73
CA GLU X 69 38.42 6.48 29.94
C GLU X 69 38.19 7.95 29.61
N VAL X 70 36.93 8.37 29.65
CA VAL X 70 36.59 9.78 29.48
C VAL X 70 36.69 10.47 30.84
N VAL X 71 37.56 11.46 30.93
CA VAL X 71 37.73 12.19 32.19
C VAL X 71 36.66 13.26 32.27
N ALA X 72 36.55 14.10 31.25
CA ALA X 72 35.63 15.22 31.38
C ALA X 72 35.05 15.62 30.03
N VAL X 73 33.79 16.07 30.06
CA VAL X 73 33.05 16.55 28.90
C VAL X 73 32.40 17.87 29.31
N HIS X 74 32.69 18.95 28.59
CA HIS X 74 32.08 20.20 29.01
C HIS X 74 31.92 21.18 27.85
N VAL X 75 30.88 22.00 27.94
CA VAL X 75 30.56 23.05 26.97
C VAL X 75 30.44 24.37 27.71
N ILE X 76 31.22 25.35 27.28
CA ILE X 76 31.07 26.73 27.71
C ILE X 76 30.49 27.52 26.54
N PRO X 77 29.30 28.10 26.66
CA PRO X 77 28.67 28.74 25.49
C PRO X 77 29.32 30.05 25.10
N ARG X 78 29.69 30.88 26.06
CA ARG X 78 30.53 32.05 25.80
C ARG X 78 31.67 32.05 26.80
N PRO X 79 32.89 31.72 26.40
CA PRO X 79 34.02 31.95 27.29
C PRO X 79 34.31 33.43 27.36
N HIS X 80 34.76 33.87 28.53
CA HIS X 80 35.11 35.27 28.72
C HIS X 80 36.36 35.60 27.93
N VAL X 81 36.50 36.88 27.57
CA VAL X 81 37.58 37.30 26.67
C VAL X 81 38.95 37.14 27.33
N ASN X 82 39.03 37.15 28.65
CA ASN X 82 40.29 36.89 29.32
C ASN X 82 40.71 35.43 29.15
N VAL X 83 39.76 34.51 29.06
CA VAL X 83 40.08 33.10 28.89
C VAL X 83 40.65 32.85 27.49
N ASP X 84 40.04 33.43 26.47
CA ASP X 84 40.58 33.30 25.12
C ASP X 84 41.85 34.11 24.94
N ALA X 85 42.08 35.14 25.77
CA ALA X 85 43.28 35.94 25.61
C ALA X 85 44.49 35.28 26.29
N ALA X 86 44.29 34.70 27.47
CA ALA X 86 45.41 34.20 28.25
C ALA X 86 45.64 32.70 28.13
N LEU X 87 44.72 31.97 27.52
CA LEU X 87 44.92 30.54 27.42
C LEU X 87 44.96 30.12 25.95
N PRO X 88 45.72 29.06 25.60
CA PRO X 88 45.76 28.61 24.19
C PRO X 88 44.54 27.79 23.77
N LEU X 89 43.44 28.48 23.53
CA LEU X 89 42.17 27.86 23.18
C LEU X 89 41.72 28.23 21.77
N GLY X 90 42.67 28.54 20.90
CA GLY X 90 42.37 28.72 19.50
C GLY X 90 42.25 30.14 19.03
N ARG X 91 41.58 30.99 19.82
CA ARG X 91 41.35 32.39 19.44
C ARG X 91 42.36 33.32 20.09
N THR X 92 43.57 32.87 20.33
CA THR X 92 44.60 33.70 20.94
C THR X 92 45.07 34.74 19.94
N PRO X 93 44.88 36.05 20.20
CA PRO X 93 45.17 37.12 19.24
C PRO X 93 46.66 37.30 18.95
N ALA Y 2 17.02 38.50 11.45
CA ALA Y 2 15.88 38.07 12.27
C ALA Y 2 16.32 37.01 13.26
N ASP Y 3 17.17 37.40 14.20
CA ASP Y 3 17.64 36.46 15.20
C ASP Y 3 16.55 36.19 16.23
N ALA Y 4 16.74 35.10 16.98
CA ALA Y 4 15.77 34.69 17.98
C ALA Y 4 15.74 35.67 19.14
N LEU Y 5 14.66 35.60 19.91
CA LEU Y 5 14.30 36.61 20.89
C LEU Y 5 14.22 35.98 22.27
N GLY Y 6 14.62 36.73 23.30
CA GLY Y 6 14.44 36.28 24.66
C GLY Y 6 14.10 37.45 25.56
N MET Y 7 13.10 37.27 26.41
CA MET Y 7 12.61 38.35 27.27
C MET Y 7 12.49 37.84 28.69
N ILE Y 8 12.93 38.66 29.64
CA ILE Y 8 12.70 38.39 31.05
C ILE Y 8 11.93 39.56 31.63
N GLU Y 9 10.74 39.28 32.15
CA GLU Y 9 9.93 40.29 32.81
C GLU Y 9 10.03 40.10 34.32
N VAL Y 10 10.51 41.13 35.01
CA VAL Y 10 10.68 41.09 36.45
C VAL Y 10 9.88 42.24 37.04
N ARG Y 11 9.11 41.96 38.08
CA ARG Y 11 8.55 43.04 38.88
C ARG Y 11 9.65 43.59 39.76
N GLY Y 12 10.37 44.60 39.27
CA GLY Y 12 11.51 45.11 39.98
C GLY Y 12 12.69 45.34 39.07
N PHE Y 13 13.39 46.45 39.28
CA PHE Y 13 14.53 46.79 38.44
C PHE Y 13 15.74 45.93 38.76
N VAL Y 14 15.90 45.54 40.03
CA VAL Y 14 17.10 44.82 40.46
C VAL Y 14 17.12 43.41 39.88
N GLY Y 15 15.96 42.74 39.92
CA GLY Y 15 15.87 41.42 39.32
C GLY Y 15 16.05 41.43 37.83
N MET Y 16 15.61 42.50 37.16
CA MET Y 16 15.84 42.62 35.73
C MET Y 16 17.31 42.85 35.43
N VAL Y 17 18.02 43.62 36.26
CA VAL Y 17 19.44 43.85 35.99
C VAL Y 17 20.23 42.57 36.27
N GLU Y 18 19.83 41.80 37.28
CA GLU Y 18 20.47 40.51 37.52
C GLU Y 18 20.20 39.52 36.39
N ALA Y 19 18.98 39.54 35.84
CA ALA Y 19 18.67 38.68 34.70
C ALA Y 19 19.45 39.08 33.46
N ALA Y 20 19.56 40.39 33.21
CA ALA Y 20 20.32 40.86 32.06
C ALA Y 20 21.82 40.63 32.24
N ASP Y 21 22.29 40.57 33.48
CA ASP Y 21 23.69 40.25 33.72
C ASP Y 21 23.95 38.77 33.55
N ALA Y 22 22.98 37.93 33.92
CA ALA Y 22 23.18 36.49 33.77
C ALA Y 22 23.07 36.05 32.32
N MET Y 23 22.21 36.70 31.53
CA MET Y 23 21.98 36.24 30.16
C MET Y 23 23.18 36.51 29.26
N VAL Y 24 23.77 37.70 29.35
CA VAL Y 24 24.90 38.00 28.47
C VAL Y 24 26.18 37.33 28.91
N LYS Y 25 26.24 36.86 30.15
CA LYS Y 25 27.34 36.01 30.57
C LYS Y 25 27.10 34.55 30.23
N ALA Y 26 25.84 34.14 30.06
CA ALA Y 26 25.56 32.73 29.84
C ALA Y 26 25.87 32.29 28.42
N ALA Y 27 25.59 33.10 27.41
CA ALA Y 27 25.76 32.66 26.03
C ALA Y 27 26.06 33.85 25.15
N LYS Y 28 25.98 33.64 23.84
CA LYS Y 28 26.19 34.69 22.84
C LYS Y 28 24.84 35.30 22.53
N VAL Y 29 24.48 36.34 23.29
CA VAL Y 29 23.28 37.12 23.05
C VAL Y 29 23.69 38.58 22.94
N GLU Y 30 22.70 39.44 22.73
CA GLU Y 30 22.94 40.88 22.69
C GLU Y 30 21.77 41.55 23.41
N LEU Y 31 22.04 42.11 24.58
CA LEU Y 31 21.04 42.86 25.32
C LEU Y 31 20.74 44.14 24.57
N ILE Y 32 19.62 44.19 23.87
CA ILE Y 32 19.33 45.37 23.07
C ILE Y 32 18.67 46.46 23.89
N GLY Y 33 17.97 46.10 24.96
CA GLY Y 33 17.35 47.11 25.78
C GLY Y 33 16.39 46.50 26.78
N TYR Y 34 15.47 47.36 27.25
CA TYR Y 34 14.57 47.02 28.34
C TYR Y 34 13.34 47.89 28.20
N GLU Y 35 12.18 47.31 28.43
CA GLU Y 35 10.91 47.98 28.25
C GLU Y 35 10.25 48.18 29.59
N LYS Y 36 9.76 49.39 29.83
CA LYS Y 36 9.21 49.82 31.11
C LYS Y 36 7.72 50.03 30.92
N THR Y 37 6.93 49.00 31.20
CA THR Y 37 5.49 49.09 31.02
C THR Y 37 4.78 49.83 32.14
N GLY Y 38 5.51 50.28 33.16
CA GLY Y 38 4.89 50.98 34.27
C GLY Y 38 4.36 50.04 35.32
N GLY Y 39 4.36 50.51 36.56
CA GLY Y 39 3.84 49.72 37.65
C GLY Y 39 4.80 48.73 38.23
N GLY Y 40 6.08 48.83 37.91
CA GLY Y 40 7.09 47.95 38.46
C GLY Y 40 7.58 46.86 37.55
N TYR Y 41 6.81 46.54 36.50
CA TYR Y 41 7.20 45.51 35.56
C TYR Y 41 8.22 46.09 34.58
N VAL Y 42 9.39 45.47 34.48
CA VAL Y 42 10.34 45.82 33.44
C VAL Y 42 10.81 44.54 32.75
N THR Y 43 11.04 44.64 31.45
CA THR Y 43 11.37 43.47 30.63
C THR Y 43 12.68 43.70 29.92
N ALA Y 44 13.70 42.92 30.27
CA ALA Y 44 14.96 42.94 29.55
C ALA Y 44 14.86 42.06 28.32
N VAL Y 45 15.46 42.50 27.21
CA VAL Y 45 15.38 41.79 25.95
C VAL Y 45 16.78 41.46 25.46
N VAL Y 46 17.07 40.18 25.29
CA VAL Y 46 18.28 39.75 24.61
C VAL Y 46 17.87 39.15 23.27
N ARG Y 47 18.82 39.15 22.34
CA ARG Y 47 18.52 38.73 20.98
C ARG Y 47 19.73 38.04 20.38
N GLY Y 48 19.55 36.80 19.95
CA GLY Y 48 20.61 36.03 19.34
C GLY Y 48 20.05 34.74 18.78
N ASP Y 49 20.94 33.89 18.28
CA ASP Y 49 20.52 32.62 17.72
C ASP Y 49 19.98 31.70 18.82
N VAL Y 50 19.28 30.65 18.38
CA VAL Y 50 18.21 30.07 19.19
C VAL Y 50 18.76 29.30 20.38
N ALA Y 51 19.77 28.46 20.16
CA ALA Y 51 20.32 27.71 21.28
C ALA Y 51 21.16 28.54 22.22
N ALA Y 52 21.51 29.78 21.83
CA ALA Y 52 22.13 30.68 22.79
C ALA Y 52 21.09 31.33 23.68
N VAL Y 53 19.99 31.85 23.10
CA VAL Y 53 18.97 32.47 23.93
C VAL Y 53 18.19 31.44 24.72
N LYS Y 54 18.12 30.19 24.26
CA LYS Y 54 17.38 29.16 24.99
C LYS Y 54 18.16 28.71 26.22
N ALA Y 55 19.48 28.85 26.22
CA ALA Y 55 20.25 28.69 27.43
C ALA Y 55 20.32 29.96 28.24
N ALA Y 56 20.30 31.11 27.57
CA ALA Y 56 20.45 32.40 28.25
C ALA Y 56 19.23 32.72 29.09
N THR Y 57 18.03 32.55 28.54
CA THR Y 57 16.82 32.84 29.31
C THR Y 57 16.62 31.83 30.43
N GLU Y 58 17.08 30.60 30.26
CA GLU Y 58 17.00 29.65 31.37
C GLU Y 58 17.97 30.01 32.48
N ALA Y 59 19.17 30.48 32.12
CA ALA Y 59 20.09 30.95 33.15
C ALA Y 59 19.58 32.22 33.81
N GLY Y 60 18.89 33.08 33.06
CA GLY Y 60 18.34 34.28 33.64
C GLY Y 60 17.14 34.01 34.52
N GLN Y 61 16.34 33.01 34.17
CA GLN Y 61 15.25 32.58 35.04
C GLN Y 61 15.79 31.92 36.30
N ARG Y 62 16.89 31.18 36.18
CA ARG Y 62 17.46 30.54 37.36
C ARG Y 62 18.10 31.56 38.29
N ALA Y 63 18.74 32.59 37.74
CA ALA Y 63 19.41 33.58 38.58
C ALA Y 63 18.42 34.61 39.12
N ALA Y 64 17.46 35.05 38.32
CA ALA Y 64 16.58 36.13 38.70
C ALA Y 64 15.46 35.69 39.64
N GLU Y 65 15.29 34.39 39.87
CA GLU Y 65 14.37 33.96 40.91
C GLU Y 65 14.97 34.04 42.30
N ARG Y 66 16.27 34.30 42.43
CA ARG Y 66 16.86 34.46 43.74
C ARG Y 66 16.65 35.86 44.30
N VAL Y 67 16.37 36.83 43.45
CA VAL Y 67 16.36 38.24 43.89
C VAL Y 67 15.01 38.91 43.70
N GLY Y 68 14.17 38.48 42.76
CA GLY Y 68 12.95 39.21 42.50
C GLY Y 68 11.79 38.35 42.04
N GLU Y 69 10.68 39.00 41.67
CA GLU Y 69 9.48 38.30 41.24
C GLU Y 69 9.51 38.22 39.72
N VAL Y 70 9.88 37.05 39.21
CA VAL Y 70 9.92 36.82 37.77
C VAL Y 70 8.52 36.47 37.29
N VAL Y 71 7.98 37.27 36.39
CA VAL Y 71 6.62 37.07 35.91
C VAL Y 71 6.59 36.14 34.72
N ALA Y 72 7.39 36.40 33.70
CA ALA Y 72 7.32 35.64 32.46
C ALA Y 72 8.70 35.46 31.85
N VAL Y 73 8.96 34.26 31.35
CA VAL Y 73 10.19 33.91 30.65
C VAL Y 73 9.78 33.22 29.36
N HIS Y 74 10.15 33.79 28.22
CA HIS Y 74 9.74 33.18 26.97
C HIS Y 74 10.74 33.46 25.87
N VAL Y 75 10.93 32.47 25.00
CA VAL Y 75 11.82 32.54 23.84
C VAL Y 75 10.97 32.49 22.59
N ILE Y 76 11.25 33.37 21.64
CA ILE Y 76 10.64 33.32 20.32
C ILE Y 76 11.73 32.93 19.32
N PRO Y 77 11.67 31.73 18.74
CA PRO Y 77 12.79 31.27 17.90
C PRO Y 77 12.91 32.00 16.58
N ARG Y 78 11.80 32.41 15.98
CA ARG Y 78 11.82 33.23 14.77
C ARG Y 78 10.72 34.27 14.89
N PRO Y 79 11.05 35.49 15.29
CA PRO Y 79 10.02 36.53 15.34
C PRO Y 79 9.66 36.98 13.93
N HIS Y 80 8.38 37.27 13.73
CA HIS Y 80 7.91 37.71 12.43
C HIS Y 80 8.42 39.12 12.14
N VAL Y 81 8.49 39.46 10.85
CA VAL Y 81 9.09 40.72 10.42
C VAL Y 81 8.25 41.92 10.86
N ASN Y 82 6.94 41.72 11.06
CA ASN Y 82 6.11 42.79 11.57
C ASN Y 82 6.38 43.05 13.05
N VAL Y 83 6.71 41.99 13.80
CA VAL Y 83 7.03 42.15 15.22
C VAL Y 83 8.33 42.90 15.39
N ASP Y 84 9.31 42.61 14.56
CA ASP Y 84 10.57 43.35 14.60
C ASP Y 84 10.41 44.76 14.05
N ALA Y 85 9.45 44.97 13.15
CA ALA Y 85 9.29 46.27 12.51
C ALA Y 85 8.48 47.25 13.33
N ALA Y 86 7.49 46.78 14.09
CA ALA Y 86 6.62 47.66 14.85
C ALA Y 86 6.99 47.74 16.33
N LEU Y 87 7.14 46.59 16.98
CA LEU Y 87 7.48 46.56 18.39
C LEU Y 87 8.96 46.92 18.60
N PRO Y 88 9.33 47.49 19.75
CA PRO Y 88 10.73 47.92 19.94
C PRO Y 88 11.64 46.80 20.44
N LEU Y 89 11.89 45.83 19.57
CA LEU Y 89 12.61 44.62 19.96
C LEU Y 89 13.99 44.54 19.33
N GLY Y 90 14.60 45.68 19.03
CA GLY Y 90 16.01 45.75 18.70
C GLY Y 90 16.33 45.73 17.22
N ARG Y 91 15.41 45.28 16.37
CA ARG Y 91 15.74 45.18 14.95
C ARG Y 91 14.78 45.96 14.07
N THR Y 92 14.52 47.20 14.44
CA THR Y 92 13.80 48.10 13.55
C THR Y 92 14.72 48.46 12.39
N PRO Y 93 14.30 48.24 11.13
CA PRO Y 93 15.13 48.58 9.97
C PRO Y 93 15.33 50.08 9.78
N ALA Z 2 35.56 46.58 35.12
CA ALA Z 2 34.41 47.44 35.32
C ALA Z 2 34.14 47.63 36.80
N ASP Z 3 33.19 48.50 37.12
CA ASP Z 3 32.85 48.78 38.50
C ASP Z 3 31.70 47.90 38.97
N ALA Z 4 31.85 47.36 40.17
CA ALA Z 4 30.83 46.52 40.78
C ALA Z 4 29.58 47.34 41.08
N LEU Z 5 28.45 46.62 41.18
CA LEU Z 5 27.13 47.22 41.07
C LEU Z 5 26.29 46.86 42.28
N GLY Z 6 25.90 47.86 43.06
CA GLY Z 6 25.00 47.64 44.19
C GLY Z 6 23.68 48.34 43.93
N MET Z 7 22.59 47.64 44.22
CA MET Z 7 21.26 48.15 43.92
C MET Z 7 20.33 47.90 45.10
N ILE Z 8 19.55 48.91 45.45
CA ILE Z 8 18.50 48.79 46.46
C ILE Z 8 17.18 49.20 45.82
N GLU Z 9 16.18 48.34 45.92
CA GLU Z 9 14.85 48.67 45.41
C GLU Z 9 13.90 48.90 46.58
N VAL Z 10 13.29 50.07 46.62
CA VAL Z 10 12.39 50.45 47.70
C VAL Z 10 11.08 50.91 47.07
N ARG Z 11 9.96 50.42 47.61
CA ARG Z 11 8.65 50.94 47.23
C ARG Z 11 8.42 52.24 47.99
N GLY Z 12 9.01 53.30 47.47
CA GLY Z 12 8.91 54.62 48.08
C GLY Z 12 10.22 55.38 47.99
N PHE Z 13 10.11 56.71 47.95
CA PHE Z 13 11.28 57.56 47.81
C PHE Z 13 12.01 57.74 49.14
N VAL Z 14 11.30 57.62 50.26
CA VAL Z 14 11.89 57.86 51.57
C VAL Z 14 12.90 56.78 51.91
N GLY Z 15 12.49 55.52 51.77
CA GLY Z 15 13.40 54.41 52.03
C GLY Z 15 14.54 54.36 51.05
N MET Z 16 14.32 54.83 49.82
CA MET Z 16 15.41 54.85 48.85
C MET Z 16 16.43 55.94 49.20
N VAL Z 17 15.97 57.09 49.70
CA VAL Z 17 16.92 58.12 50.13
C VAL Z 17 17.68 57.67 51.36
N GLU Z 18 17.01 56.99 52.30
CA GLU Z 18 17.70 56.46 53.46
C GLU Z 18 18.71 55.37 53.07
N ALA Z 19 18.35 54.52 52.09
CA ALA Z 19 19.25 53.48 51.64
C ALA Z 19 20.46 54.05 50.92
N ALA Z 20 20.24 55.03 50.03
CA ALA Z 20 21.34 55.69 49.33
C ALA Z 20 22.24 56.45 50.28
N ASP Z 21 21.66 57.07 51.31
CA ASP Z 21 22.46 57.73 52.34
C ASP Z 21 23.31 56.74 53.11
N ALA Z 22 22.73 55.60 53.51
CA ALA Z 22 23.48 54.59 54.23
C ALA Z 22 24.59 53.99 53.39
N MET Z 23 24.35 53.83 52.09
CA MET Z 23 25.39 53.27 51.22
C MET Z 23 26.52 54.26 50.97
N VAL Z 24 26.20 55.55 50.78
CA VAL Z 24 27.28 56.51 50.59
C VAL Z 24 27.94 56.92 51.88
N LYS Z 25 27.37 56.56 53.03
CA LYS Z 25 28.07 56.77 54.29
C LYS Z 25 28.94 55.59 54.69
N ALA Z 26 28.46 54.36 54.49
CA ALA Z 26 29.16 53.21 55.06
C ALA Z 26 30.38 52.77 54.25
N ALA Z 27 30.56 53.28 53.03
CA ALA Z 27 31.72 52.87 52.24
C ALA Z 27 32.13 54.03 51.35
N LYS Z 28 33.00 53.74 50.39
CA LYS Z 28 33.48 54.70 49.41
C LYS Z 28 32.98 54.24 48.05
N VAL Z 29 31.76 54.63 47.71
CA VAL Z 29 31.12 54.25 46.46
C VAL Z 29 30.74 55.52 45.72
N GLU Z 30 30.09 55.38 44.57
CA GLU Z 30 29.56 56.50 43.82
C GLU Z 30 28.09 56.26 43.55
N LEU Z 31 27.24 57.06 44.19
CA LEU Z 31 25.81 57.03 43.90
C LEU Z 31 25.59 57.66 42.53
N ILE Z 32 25.35 56.83 41.52
CA ILE Z 32 25.22 57.36 40.17
C ILE Z 32 23.83 57.93 39.91
N GLY Z 33 22.83 57.55 40.70
CA GLY Z 33 21.50 58.07 40.49
C GLY Z 33 20.40 57.21 41.08
N TYR Z 34 19.28 57.12 40.38
CA TYR Z 34 18.10 56.43 40.88
C TYR Z 34 17.20 56.14 39.69
N GLU Z 35 16.61 54.95 39.67
CA GLU Z 35 15.81 54.49 38.55
C GLU Z 35 14.36 54.32 38.97
N LYS Z 36 13.45 54.85 38.16
CA LYS Z 36 12.02 54.92 38.48
C LYS Z 36 11.27 54.01 37.52
N THR Z 37 10.83 52.86 38.02
CA THR Z 37 10.05 51.93 37.22
C THR Z 37 8.55 52.09 37.42
N GLY Z 38 8.12 53.17 38.07
CA GLY Z 38 6.71 53.41 38.30
C GLY Z 38 6.16 52.55 39.42
N GLY Z 39 5.01 52.98 39.94
CA GLY Z 39 4.36 52.24 41.00
C GLY Z 39 5.05 52.33 42.34
N GLY Z 40 5.89 53.36 42.54
CA GLY Z 40 6.60 53.54 43.77
C GLY Z 40 7.93 52.80 43.86
N TYR Z 41 8.15 51.82 43.00
CA TYR Z 41 9.40 51.06 42.98
C TYR Z 41 10.50 51.94 42.41
N VAL Z 42 11.36 52.48 43.28
CA VAL Z 42 12.54 53.19 42.83
C VAL Z 42 13.77 52.42 43.30
N THR Z 43 14.87 52.62 42.59
CA THR Z 43 16.07 51.83 42.81
C THR Z 43 17.29 52.74 42.87
N ALA Z 44 17.94 52.75 44.03
CA ALA Z 44 19.20 53.45 44.21
C ALA Z 44 20.34 52.55 43.75
N VAL Z 45 21.24 53.11 42.96
CA VAL Z 45 22.36 52.36 42.38
C VAL Z 45 23.66 52.99 42.84
N VAL Z 46 24.45 52.23 43.58
CA VAL Z 46 25.82 52.60 43.88
C VAL Z 46 26.74 51.80 42.97
N ARG Z 47 27.87 52.40 42.64
CA ARG Z 47 28.73 51.85 41.60
C ARG Z 47 30.17 51.99 42.05
N GLY Z 48 30.74 50.92 42.58
CA GLY Z 48 32.10 50.95 43.09
C GLY Z 48 32.66 49.55 43.15
N ASP Z 49 33.89 49.44 43.65
CA ASP Z 49 34.57 48.15 43.70
C ASP Z 49 33.91 47.23 44.73
N VAL Z 50 34.28 45.95 44.66
CA VAL Z 50 33.42 44.86 45.12
C VAL Z 50 33.26 44.86 46.64
N ALA Z 51 34.35 45.13 47.36
CA ALA Z 51 34.28 45.18 48.82
C ALA Z 51 33.43 46.35 49.29
N ALA Z 52 33.55 47.49 48.62
CA ALA Z 52 32.83 48.69 49.06
C ALA Z 52 31.33 48.55 48.86
N VAL Z 53 30.91 48.06 47.70
CA VAL Z 53 29.47 47.89 47.49
C VAL Z 53 28.94 46.71 48.29
N LYS Z 54 29.78 45.69 48.52
CA LYS Z 54 29.33 44.52 49.26
C LYS Z 54 29.19 44.82 50.74
N ALA Z 55 29.91 45.83 51.23
CA ALA Z 55 29.72 46.32 52.59
C ALA Z 55 28.77 47.51 52.66
N ALA Z 56 28.46 48.15 51.54
CA ALA Z 56 27.56 49.28 51.54
C ALA Z 56 26.11 48.84 51.46
N THR Z 57 25.82 47.80 50.66
CA THR Z 57 24.45 47.31 50.60
C THR Z 57 24.03 46.59 51.87
N GLU Z 58 24.98 46.12 52.68
CA GLU Z 58 24.64 45.60 54.00
C GLU Z 58 24.02 46.67 54.87
N ALA Z 59 24.69 47.83 54.98
CA ALA Z 59 24.14 48.93 55.75
C ALA Z 59 22.92 49.54 55.08
N GLY Z 60 22.85 49.48 53.75
CA GLY Z 60 21.67 49.97 53.06
C GLY Z 60 20.44 49.14 53.34
N GLN Z 61 20.59 47.82 53.35
CA GLN Z 61 19.47 46.95 53.71
C GLN Z 61 19.15 47.06 55.19
N ARG Z 62 20.15 47.25 56.05
CA ARG Z 62 19.90 47.34 57.48
C ARG Z 62 19.24 48.66 57.85
N ALA Z 63 19.49 49.72 57.09
CA ALA Z 63 18.87 51.00 57.37
C ALA Z 63 17.56 51.22 56.63
N ALA Z 64 17.38 50.58 55.47
CA ALA Z 64 16.17 50.80 54.70
C ALA Z 64 15.02 49.90 55.14
N GLU Z 65 15.29 48.87 55.93
CA GLU Z 65 14.23 48.05 56.50
C GLU Z 65 13.63 48.63 57.77
N ARG Z 66 14.17 49.74 58.26
CA ARG Z 66 13.59 50.41 59.41
C ARG Z 66 12.53 51.44 59.03
N VAL Z 67 12.47 51.83 57.76
CA VAL Z 67 11.62 52.92 57.34
C VAL Z 67 10.51 52.52 56.38
N GLY Z 68 10.63 51.40 55.68
CA GLY Z 68 9.63 51.04 54.70
C GLY Z 68 9.80 49.64 54.15
N GLU Z 69 9.45 49.47 52.89
CA GLU Z 69 9.45 48.18 52.23
C GLU Z 69 10.67 48.07 51.33
N VAL Z 70 11.44 47.00 51.49
CA VAL Z 70 12.62 46.74 50.68
C VAL Z 70 12.34 45.53 49.81
N VAL Z 71 12.35 45.73 48.49
CA VAL Z 71 12.05 44.65 47.56
C VAL Z 71 13.26 43.74 47.40
N ALA Z 72 14.37 44.27 46.91
CA ALA Z 72 15.51 43.45 46.55
C ALA Z 72 16.81 44.18 46.86
N VAL Z 73 17.80 43.41 47.31
CA VAL Z 73 19.16 43.88 47.55
C VAL Z 73 20.10 42.92 46.82
N HIS Z 74 20.97 43.45 45.97
CA HIS Z 74 21.85 42.56 45.24
C HIS Z 74 23.13 43.28 44.82
N VAL Z 75 24.23 42.52 44.80
CA VAL Z 75 25.55 43.01 44.44
C VAL Z 75 26.06 42.17 43.28
N ILE Z 76 26.40 42.83 42.17
CA ILE Z 76 27.04 42.20 41.03
C ILE Z 76 28.52 42.60 41.06
N PRO Z 77 29.44 41.67 41.23
CA PRO Z 77 30.85 42.07 41.41
C PRO Z 77 31.52 42.52 40.13
N ARG Z 78 31.12 42.01 38.98
CA ARG Z 78 31.68 42.45 37.70
C ARG Z 78 30.59 42.34 36.66
N PRO Z 79 29.90 43.42 36.36
CA PRO Z 79 28.88 43.38 35.30
C PRO Z 79 29.54 43.29 33.93
N HIS Z 80 28.89 42.55 33.04
CA HIS Z 80 29.36 42.43 31.67
C HIS Z 80 29.19 43.76 30.96
N VAL Z 81 30.02 43.98 29.93
CA VAL Z 81 30.09 45.28 29.26
C VAL Z 81 28.81 45.58 28.48
N ASN Z 82 28.03 44.56 28.11
CA ASN Z 82 26.75 44.80 27.44
C ASN Z 82 25.73 45.38 28.40
N VAL Z 83 25.82 45.03 29.68
CA VAL Z 83 24.91 45.57 30.69
C VAL Z 83 25.13 47.06 30.85
N ASP Z 84 26.38 47.50 30.82
CA ASP Z 84 26.66 48.93 30.91
C ASP Z 84 26.39 49.63 29.58
N ALA Z 85 26.55 48.92 28.47
CA ALA Z 85 26.33 49.56 27.17
C ALA Z 85 24.86 49.73 26.85
N ALA Z 86 23.99 48.87 27.38
CA ALA Z 86 22.56 48.97 27.10
C ALA Z 86 21.77 49.53 28.27
N LEU Z 87 21.88 48.93 29.44
CA LEU Z 87 21.13 49.42 30.57
C LEU Z 87 21.82 50.64 31.18
N PRO Z 88 21.08 51.67 31.60
CA PRO Z 88 21.69 52.90 32.15
C PRO Z 88 22.09 52.83 33.62
N LEU Z 89 23.28 52.29 33.88
CA LEU Z 89 23.80 52.16 35.23
C LEU Z 89 24.89 53.18 35.52
N GLY Z 90 24.90 54.30 34.82
CA GLY Z 90 25.82 55.38 35.10
C GLY Z 90 27.18 55.27 34.43
N ARG Z 91 27.54 54.10 33.92
CA ARG Z 91 28.83 53.89 33.28
C ARG Z 91 28.68 53.78 31.76
N THR Z 92 27.76 54.54 31.21
CA THR Z 92 27.49 54.50 29.77
C THR Z 92 28.60 55.23 29.02
N PRO Z 93 29.31 54.57 28.10
CA PRO Z 93 30.45 55.16 27.38
C PRO Z 93 30.04 56.28 26.43
N ALA AA 2 25.24 71.70 55.14
CA ALA AA 2 24.59 70.40 55.12
C ALA AA 2 23.39 70.38 56.06
N ASP AA 3 22.29 70.98 55.62
CA ASP AA 3 21.09 71.05 56.44
C ASP AA 3 20.40 69.70 56.49
N ALA AA 4 19.72 69.45 57.60
CA ALA AA 4 19.01 68.20 57.82
C ALA AA 4 17.83 68.05 56.88
N LEU AA 5 17.41 66.81 56.69
CA LEU AA 5 16.46 66.43 55.66
C LEU AA 5 15.20 65.86 56.30
N GLY AA 6 14.03 66.30 55.82
CA GLY AA 6 12.78 65.75 56.28
C GLY AA 6 11.91 65.33 55.12
N MET AA 7 11.36 64.12 55.16
CA MET AA 7 10.60 63.57 54.05
C MET AA 7 9.27 63.05 54.56
N ILE AA 8 8.20 63.36 53.84
CA ILE AA 8 6.87 62.81 54.11
C ILE AA 8 6.39 62.17 52.82
N GLU AA 9 6.14 60.86 52.85
CA GLU AA 9 5.61 60.16 51.69
C GLU AA 9 4.13 59.88 51.91
N VAL AA 10 3.31 60.35 50.99
CA VAL AA 10 1.86 60.20 51.07
C VAL AA 10 1.39 59.50 49.80
N ARG AA 11 0.55 58.48 49.97
CA ARG AA 11 -0.14 57.89 48.84
C ARG AA 11 -1.28 58.81 48.44
N GLY AA 12 -0.98 59.79 47.60
CA GLY AA 12 -1.98 60.78 47.22
C GLY AA 12 -1.41 62.18 47.32
N PHE AA 13 -1.91 63.06 46.46
CA PHE AA 13 -1.36 64.41 46.35
C PHE AA 13 -1.85 65.32 47.47
N VAL AA 14 -3.09 65.12 47.93
CA VAL AA 14 -3.73 66.05 48.84
C VAL AA 14 -3.13 65.96 50.23
N GLY AA 15 -2.90 64.73 50.71
CA GLY AA 15 -2.22 64.56 51.99
C GLY AA 15 -0.80 65.06 51.95
N MET AA 16 -0.14 64.99 50.80
CA MET AA 16 1.20 65.54 50.67
C MET AA 16 1.18 67.06 50.72
N VAL AA 17 0.17 67.70 50.12
CA VAL AA 17 0.12 69.16 50.16
C VAL AA 17 -0.23 69.64 51.56
N GLU AA 18 -1.08 68.91 52.27
CA GLU AA 18 -1.37 69.25 53.66
C GLU AA 18 -0.16 69.05 54.56
N ALA AA 19 0.60 67.98 54.33
CA ALA AA 19 1.84 67.77 55.10
C ALA AA 19 2.87 68.84 54.78
N ALA AA 20 2.97 69.24 53.51
CA ALA AA 20 3.93 70.27 53.13
C ALA AA 20 3.51 71.64 53.65
N ASP AA 21 2.23 71.86 53.88
CA ASP AA 21 1.81 73.09 54.51
C ASP AA 21 2.09 73.08 56.00
N ALA AA 22 1.79 71.96 56.67
CA ALA AA 22 1.99 71.87 58.11
C ALA AA 22 3.46 71.88 58.49
N MET AA 23 4.34 71.38 57.62
CA MET AA 23 5.77 71.43 57.91
C MET AA 23 6.31 72.86 57.88
N VAL AA 24 5.92 73.64 56.87
CA VAL AA 24 6.43 75.00 56.80
C VAL AA 24 5.68 75.93 57.74
N LYS AA 25 4.51 75.57 58.22
CA LYS AA 25 3.86 76.37 59.25
C LYS AA 25 4.30 75.99 60.66
N ALA AA 26 4.81 74.78 60.86
CA ALA AA 26 5.19 74.36 62.20
C ALA AA 26 6.53 74.94 62.61
N ALA AA 27 7.53 74.90 61.74
CA ALA AA 27 8.86 75.36 62.09
C ALA AA 27 9.51 75.99 60.87
N LYS AA 28 10.60 76.72 61.11
CA LYS AA 28 11.30 77.43 60.04
C LYS AA 28 12.10 76.41 59.24
N VAL AA 29 11.41 75.78 58.28
CA VAL AA 29 12.05 74.86 57.35
C VAL AA 29 11.85 75.41 55.95
N GLU AA 30 12.41 74.72 54.95
CA GLU AA 30 12.34 75.17 53.56
C GLU AA 30 11.85 74.01 52.72
N LEU AA 31 10.60 74.08 52.26
CA LEU AA 31 10.07 73.09 51.33
C LEU AA 31 10.73 73.30 49.97
N ILE AA 32 11.71 72.46 49.66
CA ILE AA 32 12.50 72.69 48.45
C ILE AA 32 11.79 72.19 47.21
N GLY AA 33 10.92 71.20 47.35
CA GLY AA 33 10.27 70.63 46.20
C GLY AA 33 9.41 69.44 46.55
N TYR AA 34 9.24 68.51 45.61
CA TYR AA 34 8.42 67.34 45.80
C TYR AA 34 8.83 66.30 44.78
N GLU AA 35 8.63 65.04 45.12
CA GLU AA 35 9.06 63.94 44.27
C GLU AA 35 7.86 63.06 43.94
N LYS AA 36 7.67 62.81 42.66
CA LYS AA 36 6.60 61.94 42.16
C LYS AA 36 7.25 60.65 41.70
N THR AA 37 7.02 59.57 42.43
CA THR AA 37 7.59 58.27 42.09
C THR AA 37 6.59 57.36 41.39
N GLY AA 38 5.45 57.89 40.99
CA GLY AA 38 4.47 57.11 40.24
C GLY AA 38 3.67 56.18 41.13
N GLY AA 39 2.55 55.73 40.59
CA GLY AA 39 1.68 54.83 41.33
C GLY AA 39 0.91 55.48 42.45
N GLY AA 40 0.88 56.80 42.51
CA GLY AA 40 0.16 57.52 43.53
C GLY AA 40 0.98 57.90 44.74
N TYR AA 41 2.23 57.44 44.81
CA TYR AA 41 3.13 57.81 45.90
C TYR AA 41 3.81 59.12 45.53
N VAL AA 42 3.64 60.15 46.36
CA VAL AA 42 4.42 61.36 46.21
C VAL AA 42 5.08 61.66 47.54
N THR AA 43 6.06 62.58 47.51
CA THR AA 43 6.92 62.82 48.66
C THR AA 43 7.22 64.31 48.78
N ALA AA 44 6.84 64.89 49.91
CA ALA AA 44 7.22 66.25 50.23
C ALA AA 44 8.54 66.26 50.96
N VAL AA 45 9.43 67.17 50.55
CA VAL AA 45 10.80 67.22 51.04
C VAL AA 45 11.07 68.60 51.61
N VAL AA 46 11.32 68.67 52.91
CA VAL AA 46 11.77 69.90 53.55
C VAL AA 46 13.20 69.74 53.99
N ARG AA 47 13.83 70.86 54.31
CA ARG AA 47 15.24 70.85 54.64
C ARG AA 47 15.58 72.02 55.54
N GLY AA 48 16.12 71.71 56.71
CA GLY AA 48 16.54 72.68 57.69
C GLY AA 48 17.28 71.95 58.78
N ASP AA 49 17.70 72.70 59.80
CA ASP AA 49 18.46 72.10 60.90
C ASP AA 49 17.61 71.11 61.70
N VAL AA 50 18.30 70.27 62.46
CA VAL AA 50 17.74 68.99 62.93
C VAL AA 50 16.60 69.22 63.92
N ALA AA 51 16.75 70.20 64.81
CA ALA AA 51 15.74 70.46 65.82
C ALA AA 51 14.47 71.02 65.21
N ALA AA 52 14.57 71.73 64.09
CA ALA AA 52 13.38 72.27 63.45
C ALA AA 52 12.66 71.21 62.62
N VAL AA 53 13.42 70.44 61.83
CA VAL AA 53 12.78 69.44 60.98
C VAL AA 53 12.26 68.26 61.78
N LYS AA 54 12.81 68.00 62.97
CA LYS AA 54 12.31 66.95 63.83
C LYS AA 54 10.90 67.27 64.31
N ALA AA 55 10.61 68.55 64.57
CA ALA AA 55 9.26 68.96 64.91
C ALA AA 55 8.39 69.11 63.68
N ALA AA 56 8.98 69.54 62.56
CA ALA AA 56 8.23 69.78 61.33
C ALA AA 56 7.65 68.49 60.78
N THR AA 57 8.45 67.42 60.74
CA THR AA 57 7.94 66.17 60.20
C THR AA 57 6.93 65.51 61.12
N GLU AA 58 7.05 65.72 62.43
CA GLU AA 58 6.05 65.17 63.34
C GLU AA 58 4.72 65.91 63.20
N ALA AA 59 4.77 67.24 63.06
CA ALA AA 59 3.53 67.98 62.86
C ALA AA 59 2.92 67.69 61.49
N GLY AA 60 3.75 67.48 60.48
CA GLY AA 60 3.24 67.12 59.17
C GLY AA 60 2.66 65.72 59.13
N GLN AA 61 3.23 64.80 59.91
CA GLN AA 61 2.63 63.47 60.01
C GLN AA 61 1.32 63.52 60.77
N ARG AA 62 1.23 64.34 61.82
CA ARG AA 62 0.00 64.45 62.57
C ARG AA 62 -1.09 65.15 61.77
N ALA AA 63 -0.72 66.07 60.89
CA ALA AA 63 -1.69 66.74 60.04
C ALA AA 63 -1.97 66.02 58.73
N ALA AA 64 -1.15 65.05 58.36
CA ALA AA 64 -1.35 64.31 57.12
C ALA AA 64 -2.10 62.99 57.32
N GLU AA 65 -2.25 62.54 58.56
CA GLU AA 65 -3.08 61.38 58.83
C GLU AA 65 -4.56 61.74 58.91
N ARG AA 66 -4.90 63.02 59.02
CA ARG AA 66 -6.30 63.41 59.10
C ARG AA 66 -7.01 63.26 57.75
N VAL AA 67 -6.38 63.72 56.68
CA VAL AA 67 -6.98 63.74 55.36
C VAL AA 67 -6.17 62.99 54.33
N GLY AA 68 -5.35 62.02 54.76
CA GLY AA 68 -4.56 61.28 53.81
C GLY AA 68 -4.13 59.91 54.30
N GLU AA 69 -3.12 59.34 53.67
CA GLU AA 69 -2.55 58.06 54.07
C GLU AA 69 -1.04 58.20 54.03
N VAL AA 70 -0.39 58.06 55.18
CA VAL AA 70 1.04 58.30 55.31
C VAL AA 70 1.78 56.99 55.22
N VAL AA 71 2.74 56.90 54.30
CA VAL AA 71 3.51 55.68 54.10
C VAL AA 71 4.75 55.71 54.98
N ALA AA 72 5.58 56.73 54.82
CA ALA AA 72 6.87 56.77 55.51
C ALA AA 72 7.20 58.19 55.95
N VAL AA 73 7.76 58.31 57.15
CA VAL AA 73 8.26 59.55 57.71
C VAL AA 73 9.66 59.29 58.22
N HIS AA 74 10.64 60.02 57.72
CA HIS AA 74 12.00 59.81 58.21
C HIS AA 74 12.77 61.12 58.14
N VAL AA 75 13.67 61.32 59.11
CA VAL AA 75 14.48 62.52 59.23
C VAL AA 75 15.94 62.10 59.19
N ILE AA 76 16.66 62.61 58.18
CA ILE AA 76 18.11 62.39 58.08
C ILE AA 76 18.78 63.64 58.62
N PRO AA 77 19.49 63.57 59.75
CA PRO AA 77 20.10 64.79 60.31
C PRO AA 77 21.29 65.29 59.55
N ARG AA 78 22.11 64.42 58.98
CA ARG AA 78 23.25 64.83 58.17
C ARG AA 78 23.31 63.94 56.94
N PRO AA 79 22.67 64.34 55.84
CA PRO AA 79 22.86 63.62 54.60
C PRO AA 79 24.23 63.93 54.02
N HIS AA 80 24.83 62.92 53.39
CA HIS AA 80 26.15 63.09 52.81
C HIS AA 80 26.05 63.97 51.56
N VAL AA 81 27.19 64.53 51.15
CA VAL AA 81 27.21 65.42 50.01
C VAL AA 81 26.94 64.68 48.70
N ASN AA 82 27.13 63.35 48.68
CA ASN AA 82 26.83 62.57 47.49
C ASN AA 82 25.32 62.47 47.26
N VAL AA 83 24.53 62.43 48.33
CA VAL AA 83 23.08 62.38 48.19
C VAL AA 83 22.56 63.72 47.68
N ASP AA 84 23.06 64.82 48.24
CA ASP AA 84 22.62 66.13 47.78
C ASP AA 84 23.18 66.48 46.41
N ALA AA 85 24.24 65.81 45.96
CA ALA AA 85 24.80 66.10 44.65
C ALA AA 85 24.33 65.15 43.56
N ALA AA 86 23.78 63.99 43.93
CA ALA AA 86 23.35 63.00 42.94
C ALA AA 86 21.84 62.86 42.85
N LEU AA 87 21.16 63.01 43.92
CA LEU AA 87 19.70 62.93 44.01
C LEU AA 87 19.10 64.33 44.10
N PRO AA 88 17.90 64.55 43.53
CA PRO AA 88 17.28 65.89 43.58
C PRO AA 88 16.68 66.25 44.94
N LEU AA 89 17.55 66.71 45.84
CA LEU AA 89 17.16 66.97 47.23
C LEU AA 89 17.38 68.42 47.65
N GLY AA 90 17.47 69.34 46.70
CA GLY AA 90 17.43 70.76 47.00
C GLY AA 90 18.75 71.40 47.35
N ARG AA 91 19.85 70.66 47.34
CA ARG AA 91 21.18 71.24 47.56
C ARG AA 91 22.13 70.80 46.46
N THR AA 92 21.62 70.67 45.25
CA THR AA 92 22.46 70.32 44.12
C THR AA 92 23.27 71.54 43.70
N PRO AA 93 24.61 71.46 43.67
CA PRO AA 93 25.47 72.60 43.35
C PRO AA 93 25.35 73.05 41.88
N ALA BA 2 -1.87 85.17 49.05
CA ALA BA 2 -2.08 83.73 49.00
C ALA BA 2 -3.56 83.38 49.09
N ASP BA 3 -4.15 83.03 47.95
CA ASP BA 3 -5.55 82.67 47.92
C ASP BA 3 -5.77 81.29 48.50
N ALA BA 4 -6.97 81.08 49.04
CA ALA BA 4 -7.35 79.82 49.63
C ALA BA 4 -7.45 78.71 48.59
N LEU BA 5 -7.25 77.49 49.04
CA LEU BA 5 -6.98 76.33 48.21
C LEU BA 5 -7.96 75.20 48.48
N GLY BA 6 -8.43 74.57 47.41
CA GLY BA 6 -9.27 73.38 47.55
C GLY BA 6 -8.81 72.30 46.60
N MET BA 7 -8.83 71.07 47.09
CA MET BA 7 -8.26 69.95 46.35
C MET BA 7 -9.18 68.74 46.46
N ILE BA 8 -9.39 68.04 45.35
CA ILE BA 8 -10.15 66.80 45.34
C ILE BA 8 -9.33 65.73 44.63
N GLU BA 9 -8.95 64.69 45.36
CA GLU BA 9 -8.23 63.56 44.78
C GLU BA 9 -9.20 62.42 44.51
N VAL BA 10 -9.27 61.98 43.26
CA VAL BA 10 -10.16 60.89 42.86
C VAL BA 10 -9.32 59.81 42.19
N ARG BA 11 -9.58 58.56 42.54
CA ARG BA 11 -9.01 57.44 41.78
C ARG BA 11 -9.84 57.26 40.52
N GLY BA 12 -9.57 58.12 39.53
CA GLY BA 12 -10.36 58.09 38.32
C GLY BA 12 -10.57 59.45 37.69
N PHE BA 13 -10.47 59.51 36.36
CA PHE BA 13 -10.56 60.77 35.64
C PHE BA 13 -11.98 61.32 35.67
N VAL BA 14 -12.97 60.42 35.70
CA VAL BA 14 -14.37 60.83 35.59
C VAL BA 14 -14.82 61.57 36.84
N GLY BA 15 -14.52 61.01 38.02
CA GLY BA 15 -14.83 61.69 39.26
C GLY BA 15 -14.08 62.99 39.44
N MET BA 16 -12.88 63.07 38.86
CA MET BA 16 -12.11 64.32 38.92
C MET BA 16 -12.74 65.40 38.05
N VAL BA 17 -13.21 65.03 36.85
CA VAL BA 17 -13.85 66.03 35.99
C VAL BA 17 -15.18 66.46 36.58
N GLU BA 18 -15.93 65.54 37.20
CA GLU BA 18 -17.18 65.91 37.84
C GLU BA 18 -16.94 66.76 39.08
N ALA BA 19 -15.87 66.49 39.83
CA ALA BA 19 -15.54 67.31 40.97
C ALA BA 19 -15.08 68.70 40.56
N ALA BA 20 -14.24 68.78 39.52
CA ALA BA 20 -13.79 70.08 39.03
C ALA BA 20 -14.91 70.86 38.35
N ASP BA 21 -15.94 70.18 37.87
CA ASP BA 21 -17.11 70.89 37.36
C ASP BA 21 -17.99 71.42 38.49
N ALA BA 22 -18.23 70.58 39.52
CA ALA BA 22 -19.08 71.00 40.62
C ALA BA 22 -18.45 72.10 41.45
N MET BA 23 -17.11 72.10 41.57
CA MET BA 23 -16.44 73.14 42.34
C MET BA 23 -16.54 74.49 41.66
N VAL BA 24 -16.41 74.52 40.33
CA VAL BA 24 -16.51 75.81 39.64
C VAL BA 24 -17.95 76.22 39.37
N LYS BA 25 -18.90 75.29 39.49
CA LYS BA 25 -20.31 75.69 39.42
C LYS BA 25 -20.88 76.08 40.78
N ALA BA 26 -20.24 75.68 41.87
CA ALA BA 26 -20.76 76.02 43.19
C ALA BA 26 -20.57 77.50 43.52
N ALA BA 27 -19.32 77.97 43.49
CA ALA BA 27 -19.04 79.37 43.76
C ALA BA 27 -17.95 79.84 42.79
N LYS BA 28 -17.64 81.13 42.86
CA LYS BA 28 -16.64 81.71 41.96
C LYS BA 28 -15.26 81.32 42.45
N VAL BA 29 -14.78 80.18 41.96
CA VAL BA 29 -13.42 79.72 42.24
C VAL BA 29 -12.66 79.72 40.92
N GLU BA 30 -11.38 79.39 40.97
CA GLU BA 30 -10.57 79.26 39.76
C GLU BA 30 -9.95 77.87 39.73
N LEU BA 31 -10.41 77.04 38.80
CA LEU BA 31 -9.76 75.75 38.54
C LEU BA 31 -8.44 76.00 37.85
N ILE BA 32 -7.33 75.82 38.58
CA ILE BA 32 -6.03 76.06 37.96
C ILE BA 32 -5.52 74.84 37.21
N GLY BA 33 -6.00 73.65 37.54
CA GLY BA 33 -5.62 72.48 36.77
C GLY BA 33 -5.79 71.20 37.58
N TYR BA 34 -5.08 70.18 37.13
CA TYR BA 34 -5.19 68.85 37.68
C TYR BA 34 -3.81 68.22 37.69
N GLU BA 35 -3.56 67.39 38.69
CA GLU BA 35 -2.25 66.80 38.90
C GLU BA 35 -2.38 65.29 38.80
N LYS BA 36 -1.54 64.69 37.95
CA LYS BA 36 -1.53 63.25 37.71
C LYS BA 36 -0.37 62.65 38.47
N THR BA 37 -0.64 62.12 39.67
CA THR BA 37 0.36 61.43 40.45
C THR BA 37 0.52 59.97 40.07
N GLY BA 38 -0.14 59.52 39.00
CA GLY BA 38 0.05 58.20 38.49
C GLY BA 38 -0.69 57.14 39.28
N GLY BA 39 -0.87 55.99 38.64
CA GLY BA 39 -1.58 54.90 39.29
C GLY BA 39 -3.07 55.08 39.37
N GLY BA 40 -3.63 56.00 38.58
CA GLY BA 40 -5.05 56.25 38.58
C GLY BA 40 -5.50 57.38 39.45
N TYR BA 41 -4.61 57.95 40.26
CA TYR BA 41 -4.97 59.04 41.16
C TYR BA 41 -4.80 60.36 40.42
N VAL BA 42 -5.89 61.09 40.22
CA VAL BA 42 -5.85 62.42 39.64
C VAL BA 42 -6.47 63.40 40.61
N THR BA 43 -5.88 64.59 40.72
CA THR BA 43 -6.29 65.56 41.72
C THR BA 43 -6.67 66.87 41.06
N ALA BA 44 -7.93 67.26 41.19
CA ALA BA 44 -8.39 68.55 40.71
C ALA BA 44 -8.12 69.61 41.75
N VAL BA 45 -7.59 70.76 41.32
CA VAL BA 45 -7.18 71.82 42.23
C VAL BA 45 -7.91 73.10 41.88
N VAL BA 46 -8.69 73.62 42.82
CA VAL BA 46 -9.34 74.91 42.65
C VAL BA 46 -8.76 75.89 43.67
N ARG BA 47 -9.00 77.17 43.41
CA ARG BA 47 -8.38 78.21 44.22
C ARG BA 47 -9.21 79.49 44.13
N GLY BA 48 -9.51 80.08 45.29
CA GLY BA 48 -10.30 81.30 45.36
C GLY BA 48 -10.16 81.92 46.73
N ASP BA 49 -11.16 82.62 47.23
CA ASP BA 49 -11.12 82.97 48.64
C ASP BA 49 -11.78 81.86 49.46
N VAL BA 50 -11.74 82.02 50.79
CA VAL BA 50 -12.05 80.92 51.70
C VAL BA 50 -13.52 80.54 51.63
N ALA BA 51 -14.40 81.54 51.59
CA ALA BA 51 -15.84 81.29 51.59
C ALA BA 51 -16.33 80.69 50.28
N ALA BA 52 -15.56 80.80 49.21
CA ALA BA 52 -15.94 80.18 47.95
C ALA BA 52 -15.45 78.74 47.87
N VAL BA 53 -14.17 78.50 48.19
CA VAL BA 53 -13.65 77.15 48.06
C VAL BA 53 -14.14 76.24 49.17
N LYS BA 54 -14.53 76.77 50.32
CA LYS BA 54 -15.00 75.90 51.39
C LYS BA 54 -16.39 75.38 51.10
N ALA BA 55 -17.17 76.09 50.29
CA ALA BA 55 -18.43 75.57 49.77
C ALA BA 55 -18.24 74.77 48.50
N ALA BA 56 -17.26 75.15 47.67
CA ALA BA 56 -17.00 74.45 46.43
C ALA BA 56 -16.51 73.03 46.68
N THR BA 57 -15.62 72.84 47.67
CA THR BA 57 -15.13 71.50 47.97
C THR BA 57 -16.20 70.64 48.61
N GLU BA 58 -17.13 71.23 49.37
CA GLU BA 58 -18.27 70.46 49.86
C GLU BA 58 -19.15 69.99 48.72
N ALA BA 59 -19.43 70.88 47.76
CA ALA BA 59 -20.22 70.49 46.60
C ALA BA 59 -19.50 69.45 45.76
N GLY BA 60 -18.18 69.56 45.63
CA GLY BA 60 -17.43 68.60 44.83
C GLY BA 60 -17.28 67.26 45.52
N GLN BA 61 -17.18 67.25 46.85
CA GLN BA 61 -17.16 66.01 47.60
C GLN BA 61 -18.51 65.31 47.51
N ARG BA 62 -19.60 66.08 47.59
CA ARG BA 62 -20.92 65.48 47.52
C ARG BA 62 -21.29 65.07 46.10
N ALA BA 63 -20.68 65.67 45.08
CA ALA BA 63 -20.98 65.35 43.70
C ALA BA 63 -19.98 64.40 43.05
N ALA BA 64 -18.84 64.13 43.69
CA ALA BA 64 -17.86 63.21 43.15
C ALA BA 64 -17.89 61.85 43.82
N GLU BA 65 -18.59 61.71 44.94
CA GLU BA 65 -18.81 60.39 45.52
C GLU BA 65 -19.96 59.64 44.86
N ARG BA 66 -20.62 60.24 43.89
CA ARG BA 66 -21.66 59.52 43.17
C ARG BA 66 -21.08 58.61 42.10
N VAL BA 67 -19.91 58.95 41.54
CA VAL BA 67 -19.40 58.27 40.37
C VAL BA 67 -18.04 57.62 40.58
N GLY BA 68 -17.26 58.02 41.58
CA GLY BA 68 -15.90 57.52 41.68
C GLY BA 68 -15.41 57.43 43.11
N GLU BA 69 -14.25 56.81 43.25
CA GLU BA 69 -13.62 56.61 44.55
C GLU BA 69 -12.86 57.89 44.92
N VAL BA 70 -13.46 58.70 45.78
CA VAL BA 70 -12.83 59.93 46.23
C VAL BA 70 -11.92 59.59 47.40
N VAL BA 71 -10.61 59.79 47.21
CA VAL BA 71 -9.66 59.41 48.26
C VAL BA 71 -9.59 60.47 49.34
N ALA BA 72 -9.32 61.72 48.96
CA ALA BA 72 -9.05 62.76 49.94
C ALA BA 72 -9.78 64.05 49.54
N VAL BA 73 -10.24 64.79 50.54
CA VAL BA 73 -10.88 66.09 50.36
C VAL BA 73 -10.30 67.02 51.41
N HIS BA 74 -9.69 68.13 50.99
CA HIS BA 74 -9.13 69.03 51.98
C HIS BA 74 -9.06 70.45 51.45
N VAL BA 75 -9.17 71.41 52.37
CA VAL BA 75 -9.10 72.83 52.10
C VAL BA 75 -7.94 73.40 52.91
N ILE BA 76 -7.14 74.25 52.29
CA ILE BA 76 -6.11 75.01 52.98
C ILE BA 76 -6.44 76.49 52.84
N PRO BA 77 -6.98 77.13 53.89
CA PRO BA 77 -7.50 78.49 53.74
C PRO BA 77 -6.44 79.55 53.54
N ARG BA 78 -5.22 79.32 54.01
CA ARG BA 78 -4.10 80.22 53.72
C ARG BA 78 -2.86 79.37 53.61
N PRO BA 79 -2.52 78.92 52.41
CA PRO BA 79 -1.26 78.19 52.24
C PRO BA 79 -0.08 79.15 52.37
N HIS BA 80 0.99 78.65 52.95
CA HIS BA 80 2.20 79.43 53.13
C HIS BA 80 2.83 79.72 51.77
N VAL BA 81 3.64 80.77 51.72
CA VAL BA 81 4.19 81.24 50.46
C VAL BA 81 5.19 80.23 49.88
N ASN BA 82 5.81 79.41 50.73
CA ASN BA 82 6.71 78.37 50.24
C ASN BA 82 5.94 77.23 49.60
N VAL BA 83 4.69 76.99 50.04
CA VAL BA 83 3.88 75.94 49.45
C VAL BA 83 3.49 76.31 48.03
N ASP BA 84 3.02 77.53 47.82
CA ASP BA 84 2.73 77.99 46.47
C ASP BA 84 4.00 78.22 45.65
N ALA BA 85 5.14 78.41 46.31
CA ALA BA 85 6.37 78.60 45.56
C ALA BA 85 6.95 77.29 45.04
N ALA BA 86 6.89 76.23 45.84
CA ALA BA 86 7.51 74.98 45.46
C ALA BA 86 6.55 74.03 44.74
N LEU BA 87 5.43 73.76 45.35
CA LEU BA 87 4.45 72.82 44.81
C LEU BA 87 3.70 73.47 43.63
N PRO BA 88 3.22 72.65 42.65
CA PRO BA 88 2.59 73.23 41.45
C PRO BA 88 1.12 73.62 41.63
N LEU BA 89 0.91 74.81 42.17
CA LEU BA 89 -0.44 75.26 42.50
C LEU BA 89 -0.92 76.41 41.63
N GLY BA 90 -0.22 76.70 40.53
CA GLY BA 90 -0.66 77.74 39.63
C GLY BA 90 -0.48 79.16 40.13
N ARG BA 91 0.25 79.35 41.23
CA ARG BA 91 0.53 80.67 41.77
C ARG BA 91 2.02 80.85 42.01
N THR BA 92 2.84 80.42 41.06
CA THR BA 92 4.27 80.67 41.15
C THR BA 92 4.55 82.10 40.74
N PRO BA 93 5.14 82.92 41.62
CA PRO BA 93 5.38 84.35 41.37
C PRO BA 93 6.37 84.64 40.25
N ALA CA 2 -19.42 74.57 23.36
CA ALA CA 2 -19.60 74.11 24.73
C ALA CA 2 -20.73 73.09 24.84
N ASP CA 3 -20.64 72.04 24.03
CA ASP CA 3 -21.64 70.99 24.06
C ASP CA 3 -21.42 70.08 25.28
N ALA CA 4 -22.38 69.20 25.49
CA ALA CA 4 -22.36 68.27 26.61
C ALA CA 4 -21.23 67.25 26.47
N LEU CA 5 -20.90 66.65 27.60
CA LEU CA 5 -19.71 65.82 27.76
C LEU CA 5 -20.10 64.44 28.21
N GLY CA 6 -19.53 63.42 27.58
CA GLY CA 6 -19.73 62.06 28.05
C GLY CA 6 -18.41 61.37 28.25
N MET CA 7 -18.22 60.69 29.37
CA MET CA 7 -16.95 60.07 29.70
C MET CA 7 -17.16 58.64 30.17
N ILE CA 8 -16.37 57.73 29.62
CA ILE CA 8 -16.35 56.34 30.06
C ILE CA 8 -14.93 56.02 30.51
N GLU CA 9 -14.77 55.71 31.79
CA GLU CA 9 -13.47 55.29 32.32
C GLU CA 9 -13.47 53.80 32.51
N VAL CA 10 -12.56 53.12 31.82
CA VAL CA 10 -12.40 51.67 31.87
C VAL CA 10 -10.96 51.36 32.29
N ARG CA 11 -10.80 50.36 33.16
CA ARG CA 11 -9.48 49.83 33.48
C ARG CA 11 -9.07 48.91 32.34
N GLY CA 12 -8.44 49.47 31.32
CA GLY CA 12 -8.04 48.70 30.18
C GLY CA 12 -8.28 49.44 28.88
N PHE CA 13 -7.32 49.36 27.97
CA PHE CA 13 -7.42 50.07 26.70
C PHE CA 13 -8.49 49.47 25.80
N VAL CA 14 -8.72 48.16 25.92
CA VAL CA 14 -9.65 47.46 25.05
C VAL CA 14 -11.08 47.84 25.36
N GLY CA 15 -11.44 47.88 26.65
CA GLY CA 15 -12.76 48.32 27.04
C GLY CA 15 -13.02 49.77 26.68
N MET CA 16 -11.97 50.60 26.71
CA MET CA 16 -12.12 52.00 26.32
C MET CA 16 -12.37 52.13 24.82
N VAL CA 17 -11.66 51.33 24.00
CA VAL CA 17 -11.87 51.42 22.55
C VAL CA 17 -13.24 50.86 22.17
N GLU CA 18 -13.68 49.80 22.86
CA GLU CA 18 -15.02 49.26 22.60
C GLU CA 18 -16.10 50.24 23.03
N ALA CA 19 -15.93 50.90 24.18
CA ALA CA 19 -16.90 51.89 24.61
C ALA CA 19 -16.89 53.11 23.70
N ALA CA 20 -15.72 53.49 23.17
CA ALA CA 20 -15.65 54.61 22.25
C ALA CA 20 -16.34 54.30 20.94
N ASP CA 21 -16.19 53.07 20.44
CA ASP CA 21 -16.87 52.66 19.22
C ASP CA 21 -18.38 52.61 19.43
N ALA CA 22 -18.81 52.13 20.61
CA ALA CA 22 -20.24 52.10 20.90
C ALA CA 22 -20.81 53.49 21.03
N MET CA 23 -20.04 54.43 21.60
CA MET CA 23 -20.54 55.80 21.74
C MET CA 23 -20.63 56.50 20.40
N VAL CA 24 -19.64 56.31 19.53
CA VAL CA 24 -19.72 56.98 18.24
C VAL CA 24 -20.69 56.29 17.29
N LYS CA 25 -21.06 55.03 17.55
CA LYS CA 25 -22.10 54.41 16.74
C LYS CA 25 -23.49 54.57 17.33
N ALA CA 26 -23.62 55.02 18.57
CA ALA CA 26 -24.94 55.16 19.15
C ALA CA 26 -25.63 56.43 18.67
N ALA CA 27 -24.92 57.55 18.65
CA ALA CA 27 -25.50 58.82 18.26
C ALA CA 27 -24.42 59.71 17.67
N LYS CA 28 -24.81 60.92 17.29
CA LYS CA 28 -23.87 61.88 16.70
C LYS CA 28 -23.10 62.52 17.83
N VAL CA 29 -22.00 61.87 18.21
CA VAL CA 29 -21.08 62.43 19.18
C VAL CA 29 -19.74 62.60 18.49
N GLU CA 30 -18.83 63.30 19.15
CA GLU CA 30 -17.49 63.50 18.62
C GLU CA 30 -16.51 62.94 19.64
N LEU CA 31 -15.91 61.80 19.32
CA LEU CA 31 -14.81 61.27 20.10
C LEU CA 31 -13.61 62.19 19.89
N ILE CA 32 -13.32 63.03 20.87
CA ILE CA 32 -12.28 64.02 20.68
C ILE CA 32 -10.90 63.50 21.06
N GLY CA 33 -10.83 62.53 21.96
CA GLY CA 33 -9.55 62.01 22.40
C GLY CA 33 -9.71 60.94 23.45
N TYR CA 34 -8.69 60.78 24.29
CA TYR CA 34 -8.70 59.74 25.32
C TYR CA 34 -7.64 60.12 26.34
N GLU CA 35 -7.92 59.81 27.61
CA GLU CA 35 -7.06 60.23 28.70
C GLU CA 35 -6.47 59.02 29.40
N LYS CA 36 -5.15 59.05 29.60
CA LYS CA 36 -4.40 57.97 30.22
C LYS CA 36 -3.94 58.44 31.59
N THR CA 37 -4.68 58.07 32.63
CA THR CA 37 -4.35 58.53 33.97
C THR CA 37 -3.45 57.58 34.73
N GLY CA 38 -2.83 56.62 34.04
CA GLY CA 38 -1.86 55.75 34.68
C GLY CA 38 -2.48 54.60 35.46
N GLY CA 39 -1.79 53.47 35.51
CA GLY CA 39 -2.31 52.32 36.21
C GLY CA 39 -3.36 51.55 35.46
N GLY CA 40 -3.47 51.74 34.15
CA GLY CA 40 -4.45 51.03 33.36
C GLY CA 40 -5.79 51.72 33.25
N TYR CA 41 -6.06 52.73 34.06
CA TYR CA 41 -7.29 53.49 33.98
C TYR CA 41 -7.21 54.44 32.79
N VAL CA 42 -7.91 54.12 31.71
CA VAL CA 42 -8.01 55.06 30.60
C VAL CA 42 -9.46 55.47 30.47
N THR CA 43 -9.67 56.57 29.75
CA THR CA 43 -11.00 57.18 29.68
C THR CA 43 -11.27 57.68 28.27
N ALA CA 44 -12.34 57.20 27.66
CA ALA CA 44 -12.84 57.73 26.41
C ALA CA 44 -13.75 58.92 26.68
N VAL CA 45 -13.67 59.91 25.80
CA VAL CA 45 -14.37 61.18 25.95
C VAL CA 45 -15.11 61.47 24.65
N VAL CA 46 -16.43 61.63 24.73
CA VAL CA 46 -17.22 62.07 23.60
C VAL CA 46 -17.86 63.40 23.96
N ARG CA 47 -18.29 64.11 22.93
CA ARG CA 47 -18.83 65.45 23.15
C ARG CA 47 -19.88 65.78 22.10
N GLY CA 48 -21.01 66.27 22.57
CA GLY CA 48 -22.13 66.60 21.71
C GLY CA 48 -23.31 66.98 22.58
N ASP CA 49 -24.48 67.16 21.95
CA ASP CA 49 -25.67 67.58 22.68
C ASP CA 49 -26.13 66.48 23.65
N VAL CA 50 -27.02 66.88 24.57
CA VAL CA 50 -27.10 66.26 25.89
C VAL CA 50 -27.70 64.86 25.82
N ALA CA 51 -28.85 64.72 25.16
CA ALA CA 51 -29.49 63.41 25.12
C ALA CA 51 -28.75 62.45 24.22
N ALA CA 52 -28.07 62.97 23.19
CA ALA CA 52 -27.27 62.12 22.31
C ALA CA 52 -26.08 61.53 23.04
N VAL CA 53 -25.37 62.35 23.84
CA VAL CA 53 -24.25 61.79 24.58
C VAL CA 53 -24.72 60.96 25.76
N LYS CA 54 -25.94 61.19 26.25
CA LYS CA 54 -26.47 60.35 27.31
C LYS CA 54 -26.77 58.95 26.79
N ALA CA 55 -27.45 58.86 25.64
CA ALA CA 55 -27.68 57.56 25.01
C ALA CA 55 -26.40 56.92 24.53
N ALA CA 56 -25.41 57.74 24.13
CA ALA CA 56 -24.12 57.22 23.73
C ALA CA 56 -23.40 56.56 24.88
N THR CA 57 -23.35 57.22 26.03
CA THR CA 57 -22.66 56.61 27.18
C THR CA 57 -23.44 55.43 27.75
N GLU CA 58 -24.77 55.42 27.62
CA GLU CA 58 -25.51 54.22 28.03
C GLU CA 58 -25.20 53.03 27.12
N ALA CA 59 -25.12 53.26 25.81
CA ALA CA 59 -24.70 52.21 24.90
C ALA CA 59 -23.25 51.80 25.13
N GLY CA 60 -22.38 52.74 25.48
CA GLY CA 60 -20.99 52.45 25.74
C GLY CA 60 -20.79 51.63 26.98
N GLN CA 61 -21.56 51.91 28.03
CA GLN CA 61 -21.52 51.08 29.23
C GLN CA 61 -22.11 49.70 28.97
N ARG CA 62 -23.23 49.64 28.24
CA ARG CA 62 -23.88 48.36 27.96
C ARG CA 62 -23.04 47.48 27.05
N ALA CA 63 -22.18 48.07 26.21
CA ALA CA 63 -21.25 47.27 25.43
C ALA CA 63 -19.91 47.03 26.13
N ALA CA 64 -19.54 47.90 27.08
CA ALA CA 64 -18.24 47.81 27.72
C ALA CA 64 -18.26 47.02 29.02
N GLU CA 65 -19.43 46.57 29.47
CA GLU CA 65 -19.54 45.60 30.56
C GLU CA 65 -19.34 44.17 30.08
N ARG CA 66 -18.79 43.98 28.88
CA ARG CA 66 -18.59 42.68 28.29
C ARG CA 66 -17.12 42.29 28.17
N VAL CA 67 -16.23 43.26 27.95
CA VAL CA 67 -14.82 42.99 27.79
C VAL CA 67 -13.95 43.76 28.77
N GLY CA 68 -14.54 44.37 29.80
CA GLY CA 68 -13.73 45.11 30.75
C GLY CA 68 -14.49 45.47 32.00
N GLU CA 69 -13.75 45.89 33.02
CA GLU CA 69 -14.33 46.37 34.25
C GLU CA 69 -14.52 47.88 34.12
N VAL CA 70 -15.76 48.30 33.89
CA VAL CA 70 -16.07 49.71 33.73
C VAL CA 70 -15.93 50.40 35.07
N VAL CA 71 -14.99 51.34 35.16
CA VAL CA 71 -14.81 52.09 36.40
C VAL CA 71 -15.93 53.11 36.56
N ALA CA 72 -16.14 53.94 35.54
CA ALA CA 72 -17.10 55.02 35.73
C ALA CA 72 -17.73 55.44 34.42
N VAL CA 73 -18.94 55.98 34.52
CA VAL CA 73 -19.73 56.47 33.39
C VAL CA 73 -20.35 57.79 33.82
N HIS CA 74 -20.17 58.86 33.05
CA HIS CA 74 -20.82 60.10 33.45
C HIS CA 74 -21.13 60.97 32.25
N VAL CA 75 -22.16 61.80 32.39
CA VAL CA 75 -22.54 62.82 31.42
C VAL CA 75 -22.67 64.15 32.14
N ILE CA 76 -21.97 65.17 31.64
CA ILE CA 76 -22.07 66.53 32.13
C ILE CA 76 -22.85 67.34 31.09
N PRO CA 77 -23.98 67.96 31.46
CA PRO CA 77 -24.84 68.58 30.43
C PRO CA 77 -24.27 69.86 29.84
N ARG CA 78 -23.73 70.74 30.67
CA ARG CA 78 -23.09 71.97 30.19
C ARG CA 78 -21.83 72.15 31.01
N PRO CA 79 -20.69 71.65 30.51
CA PRO CA 79 -19.44 71.84 31.25
C PRO CA 79 -19.01 73.30 31.23
N HIS CA 80 -18.53 73.76 32.37
CA HIS CA 80 -18.22 75.17 32.56
C HIS CA 80 -17.00 75.56 31.72
N VAL CA 81 -16.89 76.85 31.43
CA VAL CA 81 -15.86 77.33 30.51
C VAL CA 81 -14.46 77.18 31.13
N ASN CA 82 -14.36 77.21 32.46
CA ASN CA 82 -13.08 76.98 33.10
C ASN CA 82 -12.68 75.52 33.04
N VAL CA 83 -13.66 74.60 33.01
CA VAL CA 83 -13.36 73.18 32.84
C VAL CA 83 -12.82 72.92 31.45
N ASP CA 84 -13.39 73.57 30.43
CA ASP CA 84 -12.87 73.40 29.08
C ASP CA 84 -11.54 74.13 28.90
N ALA CA 85 -11.28 75.17 29.69
CA ALA CA 85 -10.04 75.91 29.54
C ALA CA 85 -8.88 75.22 30.24
N ALA CA 86 -9.12 74.60 31.39
CA ALA CA 86 -8.04 74.00 32.16
C ALA CA 86 -7.84 72.52 31.81
N LEU CA 87 -8.89 71.74 31.90
CA LEU CA 87 -8.79 70.32 31.62
C LEU CA 87 -8.79 70.07 30.10
N PRO CA 88 -8.04 69.07 29.62
CA PRO CA 88 -8.00 68.76 28.18
C PRO CA 88 -9.20 67.95 27.69
N LEU CA 89 -10.30 68.65 27.43
CA LEU CA 89 -11.56 68.01 27.08
C LEU CA 89 -12.05 68.40 25.69
N GLY CA 90 -11.13 68.78 24.81
CA GLY CA 90 -11.45 68.90 23.40
C GLY CA 90 -12.07 70.20 22.95
N ARG CA 91 -12.18 71.20 23.83
CA ARG CA 91 -12.69 72.51 23.46
C ARG CA 91 -11.81 73.61 23.99
N THR CA 92 -10.50 73.42 23.92
CA THR CA 92 -9.58 74.46 24.33
C THR CA 92 -9.57 75.57 23.29
N PRO CA 93 -9.87 76.84 23.66
CA PRO CA 93 -9.96 77.95 22.71
C PRO CA 93 -8.62 78.33 22.08
N ALA DA 2 -13.79 50.27 5.93
CA ALA DA 2 -12.74 50.40 6.93
C ALA DA 2 -12.23 49.03 7.37
N ASP DA 3 -10.95 48.96 7.68
CA ASP DA 3 -10.35 47.72 8.15
C ASP DA 3 -10.84 47.41 9.56
N ALA DA 4 -10.74 46.13 9.93
CA ALA DA 4 -11.27 45.63 11.19
C ALA DA 4 -10.30 45.95 12.33
N LEU DA 5 -10.53 45.34 13.49
CA LEU DA 5 -9.70 45.65 14.65
C LEU DA 5 -9.64 44.45 15.58
N GLY DA 6 -8.45 44.11 16.05
CA GLY DA 6 -8.32 43.05 17.03
C GLY DA 6 -7.30 43.41 18.09
N MET DA 7 -7.71 43.44 19.34
CA MET DA 7 -6.88 43.92 20.43
C MET DA 7 -6.72 42.85 21.48
N ILE DA 8 -5.48 42.67 21.94
CA ILE DA 8 -5.15 41.77 23.03
C ILE DA 8 -4.45 42.61 24.10
N GLU DA 9 -5.08 42.74 25.27
CA GLU DA 9 -4.50 43.47 26.38
C GLU DA 9 -3.99 42.48 27.41
N VAL DA 10 -2.68 42.53 27.66
CA VAL DA 10 -1.99 41.61 28.57
C VAL DA 10 -1.28 42.45 29.62
N ARG DA 11 -1.33 41.99 30.87
CA ARG DA 11 -0.52 42.59 31.93
C ARG DA 11 0.87 41.98 31.85
N GLY DA 12 1.74 42.63 31.09
CA GLY DA 12 3.09 42.12 30.93
C GLY DA 12 3.56 42.25 29.50
N PHE DA 13 4.80 42.69 29.31
CA PHE DA 13 5.31 42.93 27.97
C PHE DA 13 5.59 41.64 27.24
N VAL DA 14 5.96 40.58 27.97
CA VAL DA 14 6.28 39.30 27.33
C VAL DA 14 5.02 38.65 26.76
N GLY DA 15 3.92 38.71 27.52
CA GLY DA 15 2.66 38.20 27.00
C GLY DA 15 2.17 38.99 25.81
N MET DA 16 2.41 40.29 25.78
CA MET DA 16 1.99 41.09 24.65
C MET DA 16 2.85 40.80 23.42
N VAL DA 17 4.14 40.55 23.60
CA VAL DA 17 4.99 40.26 22.45
C VAL DA 17 4.66 38.88 21.89
N GLU DA 18 4.38 37.90 22.77
CA GLU DA 18 3.98 36.59 22.28
C GLU DA 18 2.61 36.62 21.62
N ALA DA 19 1.70 37.44 22.15
CA ALA DA 19 0.39 37.60 21.53
C ALA DA 19 0.52 38.26 20.16
N ALA DA 20 1.29 39.34 20.07
CA ALA DA 20 1.46 40.04 18.80
C ALA DA 20 2.29 39.24 17.80
N ASP DA 21 3.04 38.25 18.28
CA ASP DA 21 3.74 37.38 17.34
C ASP DA 21 2.82 36.27 16.82
N ALA DA 22 2.04 35.65 17.71
CA ALA DA 22 1.15 34.60 17.25
C ALA DA 22 -0.06 35.15 16.53
N MET DA 23 -0.35 36.45 16.64
CA MET DA 23 -1.41 37.00 15.80
C MET DA 23 -0.94 37.19 14.36
N VAL DA 24 0.29 37.66 14.15
CA VAL DA 24 0.74 37.84 12.79
C VAL DA 24 1.22 36.53 12.17
N LYS DA 25 1.53 35.51 12.98
CA LYS DA 25 1.87 34.21 12.40
C LYS DA 25 0.65 33.37 12.03
N ALA DA 26 -0.54 33.73 12.50
CA ALA DA 26 -1.71 32.90 12.29
C ALA DA 26 -2.76 33.54 11.39
N ALA DA 27 -2.45 34.69 10.79
CA ALA DA 27 -3.37 35.35 9.87
C ALA DA 27 -2.57 36.32 9.01
N LYS DA 28 -3.26 36.95 8.07
CA LYS DA 28 -2.69 38.05 7.29
C LYS DA 28 -3.24 39.34 7.88
N VAL DA 29 -2.62 39.77 8.98
CA VAL DA 29 -3.01 41.00 9.66
C VAL DA 29 -1.83 41.96 9.63
N GLU DA 30 -2.01 43.15 10.18
CA GLU DA 30 -0.96 44.15 10.23
C GLU DA 30 -0.80 44.61 11.68
N LEU DA 31 0.30 44.23 12.31
CA LEU DA 31 0.62 44.72 13.64
C LEU DA 31 1.02 46.18 13.51
N ILE DA 32 0.10 47.08 13.83
CA ILE DA 32 0.36 48.50 13.62
C ILE DA 32 1.12 49.13 14.78
N GLY DA 33 0.97 48.60 15.99
CA GLY DA 33 1.67 49.17 17.12
C GLY DA 33 1.33 48.50 18.44
N TYR DA 34 1.37 49.27 19.52
CA TYR DA 34 1.15 48.77 20.86
C TYR DA 34 0.88 49.97 21.75
N GLU DA 35 0.04 49.77 22.76
CA GLU DA 35 -0.35 50.86 23.64
C GLU DA 35 0.00 50.52 25.07
N LYS DA 36 0.65 51.47 25.75
CA LYS DA 36 1.16 51.30 27.11
C LYS DA 36 0.32 52.18 28.02
N THR DA 37 -0.73 51.62 28.60
CA THR DA 37 -1.63 52.40 29.46
C THR DA 37 -1.15 52.49 30.90
N GLY DA 38 0.07 52.06 31.19
CA GLY DA 38 0.63 52.19 32.52
C GLY DA 38 0.14 51.10 33.46
N GLY DA 39 0.94 50.88 34.51
CA GLY DA 39 0.60 49.86 35.47
C GLY DA 39 0.80 48.45 34.99
N GLY DA 40 1.61 48.25 33.96
CA GLY DA 40 1.88 46.94 33.42
C GLY DA 40 0.98 46.51 32.29
N TYR DA 41 -0.10 47.23 32.02
CA TYR DA 41 -1.04 46.84 30.98
C TYR DA 41 -0.53 47.31 29.63
N VAL DA 42 -0.32 46.38 28.71
CA VAL DA 42 0.06 46.71 27.35
C VAL DA 42 -0.87 46.00 26.39
N THR DA 43 -1.25 46.69 25.32
CA THR DA 43 -2.24 46.21 24.38
C THR DA 43 -1.61 46.11 23.00
N ALA DA 44 -1.68 44.92 22.41
CA ALA DA 44 -1.27 44.71 21.03
C ALA DA 44 -2.47 44.82 20.11
N VAL DA 45 -2.28 45.49 18.98
CA VAL DA 45 -3.34 45.79 18.04
C VAL DA 45 -2.98 45.21 16.68
N VAL DA 46 -3.85 44.34 16.16
CA VAL DA 46 -3.74 43.89 14.78
C VAL DA 46 -4.96 44.38 14.03
N ARG DA 47 -4.83 44.37 12.71
CA ARG DA 47 -5.81 45.05 11.88
C ARG DA 47 -5.85 44.44 10.49
N GLY DA 48 -7.05 44.18 10.00
CA GLY DA 48 -7.24 43.53 8.71
C GLY DA 48 -8.70 43.16 8.55
N ASP DA 49 -8.99 42.33 7.56
CA ASP DA 49 -10.35 41.89 7.35
C ASP DA 49 -10.82 40.97 8.48
N VAL DA 50 -12.13 40.74 8.53
CA VAL DA 50 -12.81 40.39 9.78
C VAL DA 50 -12.46 38.97 10.22
N ALA DA 51 -12.50 38.02 9.28
CA ALA DA 51 -12.21 36.63 9.63
C ALA DA 51 -10.74 36.44 9.99
N ALA DA 52 -9.86 37.22 9.36
CA ALA DA 52 -8.43 37.10 9.65
C ALA DA 52 -8.12 37.62 11.05
N VAL DA 53 -8.69 38.76 11.44
CA VAL DA 53 -8.39 39.27 12.77
C VAL DA 53 -9.12 38.46 13.84
N LYS DA 54 -10.24 37.82 13.47
CA LYS DA 54 -10.91 36.95 14.43
C LYS DA 54 -10.07 35.71 14.70
N ALA DA 55 -9.53 35.09 13.62
CA ALA DA 55 -8.65 33.95 13.80
C ALA DA 55 -7.34 34.35 14.47
N ALA DA 56 -6.88 35.57 14.22
CA ALA DA 56 -5.63 36.04 14.82
C ALA DA 56 -5.77 36.22 16.32
N THR DA 57 -6.87 36.83 16.77
CA THR DA 57 -7.07 36.98 18.21
C THR DA 57 -7.38 35.64 18.87
N GLU DA 58 -8.10 34.75 18.18
CA GLU DA 58 -8.36 33.42 18.74
C GLU DA 58 -7.11 32.54 18.77
N ALA DA 59 -6.06 32.90 18.04
CA ALA DA 59 -4.78 32.23 18.22
C ALA DA 59 -3.90 32.94 19.23
N GLY DA 60 -3.96 34.27 19.28
CA GLY DA 60 -3.11 35.02 20.19
C GLY DA 60 -3.52 34.87 21.63
N GLN DA 61 -4.83 34.73 21.89
CA GLN DA 61 -5.28 34.39 23.23
C GLN DA 61 -4.80 33.00 23.63
N ARG DA 62 -4.86 32.05 22.69
CA ARG DA 62 -4.45 30.68 23.00
C ARG DA 62 -2.94 30.59 23.21
N ALA DA 63 -2.18 31.50 22.63
CA ALA DA 63 -0.74 31.50 22.82
C ALA DA 63 -0.30 32.29 24.06
N ALA DA 64 -0.93 33.42 24.33
CA ALA DA 64 -0.43 34.31 25.38
C ALA DA 64 -0.94 33.96 26.77
N GLU DA 65 -1.92 33.06 26.89
CA GLU DA 65 -2.34 32.64 28.22
C GLU DA 65 -1.33 31.73 28.90
N ARG DA 66 -0.43 31.10 28.13
CA ARG DA 66 0.58 30.25 28.73
C ARG DA 66 1.72 31.07 29.33
N VAL DA 67 2.07 32.19 28.71
CA VAL DA 67 3.25 32.95 29.08
C VAL DA 67 2.89 34.28 29.75
N GLY DA 68 1.66 34.45 30.19
CA GLY DA 68 1.29 35.69 30.83
C GLY DA 68 -0.13 35.68 31.32
N GLU DA 69 -0.63 36.89 31.61
CA GLU DA 69 -1.97 37.09 32.14
C GLU DA 69 -2.77 37.86 31.09
N VAL DA 70 -3.56 37.14 30.30
CA VAL DA 70 -4.37 37.75 29.27
C VAL DA 70 -5.59 38.40 29.91
N VAL DA 71 -5.72 39.70 29.75
CA VAL DA 71 -6.80 40.46 30.38
C VAL DA 71 -7.96 40.66 29.42
N ALA DA 72 -7.69 41.07 28.19
CA ALA DA 72 -8.78 41.37 27.28
C ALA DA 72 -8.49 40.88 25.87
N VAL DA 73 -9.52 40.33 25.23
CA VAL DA 73 -9.44 39.80 23.87
C VAL DA 73 -10.67 40.30 23.13
N HIS DA 74 -10.47 41.12 22.09
CA HIS DA 74 -11.67 41.68 21.46
C HIS DA 74 -11.45 41.96 19.98
N VAL DA 75 -12.52 41.83 19.21
CA VAL DA 75 -12.54 42.09 17.77
C VAL DA 75 -13.69 43.02 17.47
N ILE DA 76 -13.40 44.12 16.77
CA ILE DA 76 -14.41 45.03 16.24
C ILE DA 76 -14.39 44.89 14.72
N PRO DA 77 -15.47 44.38 14.11
CA PRO DA 77 -15.41 44.06 12.68
C PRO DA 77 -15.40 45.27 11.77
N ARG DA 78 -16.20 46.29 12.07
CA ARG DA 78 -16.22 47.51 11.26
C ARG DA 78 -16.30 48.68 12.22
N PRO DA 79 -15.15 49.22 12.63
CA PRO DA 79 -15.17 50.38 13.52
C PRO DA 79 -15.56 51.63 12.77
N HIS DA 80 -16.21 52.54 13.49
CA HIS DA 80 -16.60 53.81 12.92
C HIS DA 80 -15.36 54.67 12.70
N VAL DA 81 -15.45 55.58 11.72
CA VAL DA 81 -14.28 56.31 11.25
C VAL DA 81 -13.78 57.31 12.30
N ASN DA 82 -14.62 57.68 13.26
CA ASN DA 82 -14.19 58.58 14.32
C ASN DA 82 -13.20 57.90 15.27
N VAL DA 83 -13.31 56.58 15.41
CA VAL DA 83 -12.37 55.84 16.26
C VAL DA 83 -10.99 55.81 15.63
N ASP DA 84 -10.92 55.55 14.32
CA ASP DA 84 -9.65 55.57 13.62
C ASP DA 84 -9.10 56.98 13.46
N ALA DA 85 -9.95 58.00 13.47
CA ALA DA 85 -9.50 59.37 13.34
C ALA DA 85 -9.22 60.05 14.67
N ALA DA 86 -9.55 59.41 15.78
CA ALA DA 86 -9.32 59.99 17.11
C ALA DA 86 -8.27 59.23 17.91
N LEU DA 87 -8.34 57.91 17.91
CA LEU DA 87 -7.49 57.00 18.66
C LEU DA 87 -6.33 56.51 17.78
N PRO DA 88 -5.13 56.34 18.34
CA PRO DA 88 -3.95 55.93 17.53
C PRO DA 88 -3.95 54.44 17.20
N LEU DA 89 -4.86 54.06 16.30
CA LEU DA 89 -5.15 52.66 16.02
C LEU DA 89 -4.82 52.26 14.59
N GLY DA 90 -3.76 52.85 14.02
CA GLY DA 90 -3.19 52.39 12.78
C GLY DA 90 -3.82 52.95 11.52
N ARG DA 91 -4.97 53.59 11.60
CA ARG DA 91 -5.62 54.16 10.42
C ARG DA 91 -5.94 55.62 10.63
N THR DA 92 -4.97 56.38 11.12
CA THR DA 92 -5.14 57.82 11.22
C THR DA 92 -4.76 58.47 9.89
N PRO DA 93 -5.66 59.24 9.25
CA PRO DA 93 -5.37 59.89 7.97
C PRO DA 93 -4.32 60.99 8.08
N ALA EA 2 -22.27 36.27 -6.03
CA ALA EA 2 -23.30 35.77 -5.12
C ALA EA 2 -22.83 35.88 -3.67
N ASP EA 3 -23.27 36.93 -3.00
CA ASP EA 3 -22.86 37.15 -1.63
C ASP EA 3 -23.67 36.28 -0.67
N ALA EA 4 -23.12 36.09 0.52
CA ALA EA 4 -23.77 35.32 1.57
C ALA EA 4 -25.00 36.04 2.11
N LEU EA 5 -25.86 35.26 2.75
CA LEU EA 5 -27.17 35.71 3.18
C LEU EA 5 -27.26 35.75 4.69
N GLY EA 6 -27.88 36.79 5.22
CA GLY EA 6 -28.15 36.84 6.65
C GLY EA 6 -29.59 37.23 6.91
N MET EA 7 -30.30 36.42 7.70
CA MET EA 7 -31.72 36.62 7.93
C MET EA 7 -32.00 36.61 9.41
N ILE EA 8 -32.72 37.61 9.90
CA ILE EA 8 -33.12 37.70 11.29
C ILE EA 8 -34.63 37.81 11.33
N GLU EA 9 -35.29 36.82 11.93
CA GLU EA 9 -36.73 36.83 12.05
C GLU EA 9 -37.11 37.22 13.46
N VAL EA 10 -37.92 38.28 13.58
CA VAL EA 10 -38.36 38.80 14.86
C VAL EA 10 -39.88 38.81 14.86
N ARG EA 11 -40.48 38.31 15.94
CA ARG EA 11 -41.92 38.47 16.15
C ARG EA 11 -42.14 39.90 16.65
N GLY EA 12 -42.20 40.82 15.70
CA GLY EA 12 -42.29 42.22 16.04
C GLY EA 12 -41.47 43.10 15.12
N PHE EA 13 -42.01 44.26 14.78
CA PHE EA 13 -41.33 45.15 13.86
C PHE EA 13 -40.15 45.85 14.52
N VAL EA 14 -40.28 46.14 15.82
CA VAL EA 14 -39.29 46.98 16.51
C VAL EA 14 -37.99 46.22 16.70
N GLY EA 15 -38.08 44.96 17.13
CA GLY EA 15 -36.90 44.13 17.24
C GLY EA 15 -36.23 43.87 15.91
N MET EA 16 -37.01 43.82 14.83
CA MET EA 16 -36.44 43.65 13.51
C MET EA 16 -35.71 44.90 13.06
N VAL EA 17 -36.25 46.08 13.36
CA VAL EA 17 -35.58 47.33 12.97
C VAL EA 17 -34.29 47.51 13.75
N GLU EA 18 -34.31 47.17 15.05
CA GLU EA 18 -33.08 47.24 15.84
C GLU EA 18 -32.08 46.19 15.38
N ALA EA 19 -32.54 45.01 14.97
CA ALA EA 19 -31.65 43.99 14.43
C ALA EA 19 -31.01 44.44 13.12
N ALA EA 20 -31.80 45.08 12.26
CA ALA EA 20 -31.26 45.56 10.99
C ALA EA 20 -30.26 46.69 11.20
N ASP EA 21 -30.54 47.58 12.16
CA ASP EA 21 -29.62 48.66 12.47
C ASP EA 21 -28.31 48.13 13.06
N ALA EA 22 -28.40 47.15 13.96
CA ALA EA 22 -27.20 46.56 14.54
C ALA EA 22 -26.40 45.78 13.49
N MET EA 23 -27.07 45.13 12.54
CA MET EA 23 -26.35 44.43 11.48
C MET EA 23 -25.62 45.39 10.57
N VAL EA 24 -26.30 46.47 10.13
CA VAL EA 24 -25.64 47.39 9.21
C VAL EA 24 -24.64 48.30 9.90
N LYS EA 25 -24.68 48.40 11.23
CA LYS EA 25 -23.59 49.07 11.94
C LYS EA 25 -22.51 48.11 12.39
N ALA EA 26 -22.74 46.80 12.31
CA ALA EA 26 -21.74 45.85 12.80
C ALA EA 26 -20.65 45.59 11.78
N ALA EA 27 -21.03 45.30 10.53
CA ALA EA 27 -20.05 44.97 9.51
C ALA EA 27 -20.44 45.71 8.24
N LYS EA 28 -19.80 45.35 7.13
CA LYS EA 28 -20.12 45.97 5.84
C LYS EA 28 -21.09 45.04 5.11
N VAL EA 29 -22.38 45.21 5.41
CA VAL EA 29 -23.43 44.44 4.75
C VAL EA 29 -24.32 45.40 4.00
N GLU EA 30 -25.34 44.87 3.33
CA GLU EA 30 -26.34 45.69 2.65
C GLU EA 30 -27.72 45.18 3.05
N LEU EA 31 -28.44 45.97 3.83
CA LEU EA 31 -29.82 45.66 4.17
C LEU EA 31 -30.67 45.78 2.91
N ILE EA 32 -31.08 44.65 2.34
CA ILE EA 32 -31.84 44.73 1.11
C ILE EA 32 -33.33 44.88 1.36
N GLY EA 33 -33.81 44.53 2.55
CA GLY EA 33 -35.21 44.73 2.85
C GLY EA 33 -35.67 43.79 3.95
N TYR EA 34 -36.98 43.53 3.93
CA TYR EA 34 -37.60 42.75 4.99
C TYR EA 34 -38.84 42.08 4.42
N GLU EA 35 -39.25 41.00 5.07
CA GLU EA 35 -40.39 40.21 4.64
C GLU EA 35 -41.41 40.14 5.76
N LYS EA 36 -42.69 40.31 5.38
CA LYS EA 36 -43.83 40.32 6.30
C LYS EA 36 -44.65 39.07 6.03
N THR EA 37 -44.42 38.03 6.81
CA THR EA 37 -45.09 36.75 6.60
C THR EA 37 -46.40 36.63 7.37
N GLY EA 38 -46.91 37.73 7.92
CA GLY EA 38 -48.15 37.70 8.64
C GLY EA 38 -48.01 37.14 10.04
N GLY EA 39 -49.01 37.45 10.87
CA GLY EA 39 -49.01 36.97 12.24
C GLY EA 39 -48.02 37.65 13.15
N GLY EA 40 -47.46 38.78 12.73
CA GLY EA 40 -46.50 39.51 13.54
C GLY EA 40 -45.06 39.12 13.32
N TYR EA 41 -44.79 38.15 12.46
CA TYR EA 41 -43.42 37.76 12.13
C TYR EA 41 -42.92 38.64 11.00
N VAL EA 42 -41.77 39.28 11.20
CA VAL EA 42 -41.09 39.94 10.10
C VAL EA 42 -39.65 39.46 10.08
N THR EA 43 -38.98 39.68 8.96
CA THR EA 43 -37.65 39.13 8.74
C THR EA 43 -36.79 40.16 8.04
N ALA EA 44 -35.76 40.64 8.73
CA ALA EA 44 -34.75 41.49 8.10
C ALA EA 44 -33.77 40.64 7.31
N VAL EA 45 -33.40 41.12 6.12
CA VAL EA 45 -32.50 40.39 5.26
C VAL EA 45 -31.33 41.29 4.88
N VAL EA 46 -30.11 40.89 5.24
CA VAL EA 46 -28.91 41.55 4.78
C VAL EA 46 -28.14 40.58 3.91
N ARG EA 47 -27.18 41.12 3.16
CA ARG EA 47 -26.45 40.29 2.20
C ARG EA 47 -25.05 40.84 2.01
N GLY EA 48 -24.06 39.98 2.23
CA GLY EA 48 -22.66 40.31 2.07
C GLY EA 48 -21.86 39.04 2.25
N ASP EA 49 -20.54 39.16 2.13
CA ASP EA 49 -19.68 37.99 2.22
C ASP EA 49 -19.70 37.40 3.64
N VAL EA 50 -19.22 36.15 3.73
CA VAL EA 50 -19.52 35.29 4.88
C VAL EA 50 -18.88 35.84 6.15
N ALA EA 51 -17.69 36.44 6.02
CA ALA EA 51 -16.99 36.97 7.18
C ALA EA 51 -17.71 38.16 7.77
N ALA EA 52 -18.31 39.00 6.92
CA ALA EA 52 -19.04 40.15 7.43
C ALA EA 52 -20.37 39.73 8.03
N VAL EA 53 -21.14 38.92 7.31
CA VAL EA 53 -22.49 38.61 7.75
C VAL EA 53 -22.53 37.63 8.91
N LYS EA 54 -21.48 36.82 9.09
CA LYS EA 54 -21.44 35.92 10.24
C LYS EA 54 -21.28 36.70 11.54
N ALA EA 55 -20.53 37.81 11.51
CA ALA EA 55 -20.44 38.68 12.67
C ALA EA 55 -21.63 39.61 12.76
N ALA EA 56 -22.20 39.99 11.61
CA ALA EA 56 -23.32 40.92 11.58
C ALA EA 56 -24.56 40.29 12.17
N THR EA 57 -24.86 39.04 11.81
CA THR EA 57 -26.04 38.39 12.38
C THR EA 57 -25.87 38.08 13.86
N GLU EA 58 -24.65 37.81 14.31
CA GLU EA 58 -24.44 37.60 15.74
C GLU EA 58 -24.60 38.89 16.52
N ALA EA 59 -24.13 40.01 15.97
CA ALA EA 59 -24.35 41.29 16.64
C ALA EA 59 -25.82 41.69 16.60
N GLY EA 60 -26.52 41.35 15.52
CA GLY EA 60 -27.94 41.63 15.44
C GLY EA 60 -28.76 40.78 16.39
N GLN EA 61 -28.34 39.53 16.61
CA GLN EA 61 -29.04 38.70 17.58
C GLN EA 61 -28.74 39.15 19.00
N ARG EA 62 -27.51 39.58 19.27
CA ARG EA 62 -27.18 40.03 20.61
C ARG EA 62 -27.82 41.38 20.91
N ALA EA 63 -28.11 42.18 19.89
CA ALA EA 63 -28.78 43.46 20.09
C ALA EA 63 -30.27 43.40 19.80
N ALA EA 64 -30.81 42.26 19.41
CA ALA EA 64 -32.23 42.11 19.13
C ALA EA 64 -32.98 41.30 20.18
N GLU EA 65 -32.26 40.63 21.08
CA GLU EA 65 -32.92 39.94 22.17
C GLU EA 65 -33.37 40.90 23.25
N ARG EA 66 -32.64 41.99 23.46
CA ARG EA 66 -32.94 42.93 24.53
C ARG EA 66 -33.97 43.98 24.11
N VAL EA 67 -34.58 43.82 22.93
CA VAL EA 67 -35.63 44.71 22.46
C VAL EA 67 -36.92 43.95 22.20
N GLY EA 68 -36.88 42.98 21.31
CA GLY EA 68 -38.05 42.21 20.92
C GLY EA 68 -37.87 40.75 21.25
N GLU EA 69 -38.43 39.90 20.40
CA GLU EA 69 -38.38 38.45 20.56
C GLU EA 69 -37.82 37.84 19.29
N VAL EA 70 -36.63 37.26 19.38
CA VAL EA 70 -35.95 36.70 18.23
C VAL EA 70 -36.42 35.27 18.04
N VAL EA 71 -36.84 34.93 16.81
CA VAL EA 71 -37.32 33.59 16.52
C VAL EA 71 -36.20 32.78 15.88
N ALA EA 72 -35.68 33.23 14.75
CA ALA EA 72 -34.69 32.46 14.00
C ALA EA 72 -33.55 33.36 13.52
N VAL EA 73 -32.34 32.83 13.58
CA VAL EA 73 -31.13 33.49 13.08
C VAL EA 73 -30.36 32.45 12.28
N HIS EA 74 -30.11 32.74 11.00
CA HIS EA 74 -29.40 31.78 10.18
C HIS EA 74 -28.65 32.48 9.07
N VAL EA 75 -27.48 31.93 8.72
CA VAL EA 75 -26.59 32.49 7.72
C VAL EA 75 -26.38 31.45 6.63
N ILE EA 76 -26.68 31.82 5.39
CA ILE EA 76 -26.47 30.96 4.24
C ILE EA 76 -25.24 31.48 3.49
N PRO EA 77 -24.14 30.73 3.49
CA PRO EA 77 -22.89 31.28 2.93
C PRO EA 77 -22.88 31.39 1.42
N ARG EA 78 -23.51 30.46 0.71
CA ARG EA 78 -23.73 30.57 -0.72
C ARG EA 78 -25.16 30.17 -1.04
N PRO EA 79 -26.04 31.12 -1.29
CA PRO EA 79 -27.34 30.76 -1.84
C PRO EA 79 -27.21 30.37 -3.30
N HIS EA 80 -28.07 29.46 -3.73
CA HIS EA 80 -28.05 29.08 -5.13
C HIS EA 80 -28.70 30.17 -5.96
N VAL EA 81 -28.45 30.15 -7.27
CA VAL EA 81 -28.99 31.19 -8.15
C VAL EA 81 -30.50 31.07 -8.29
N ASN EA 82 -31.06 29.89 -8.05
CA ASN EA 82 -32.51 29.71 -8.16
C ASN EA 82 -33.23 30.38 -7.00
N VAL EA 83 -32.62 30.40 -5.82
CA VAL EA 83 -33.23 31.09 -4.68
C VAL EA 83 -33.22 32.60 -4.91
N ASP EA 84 -32.13 33.13 -5.46
CA ASP EA 84 -32.06 34.55 -5.73
C ASP EA 84 -32.95 34.96 -6.90
N ALA EA 85 -33.24 34.02 -7.82
CA ALA EA 85 -34.12 34.33 -8.93
C ALA EA 85 -35.59 34.18 -8.59
N ALA EA 86 -35.94 33.24 -7.71
CA ALA EA 86 -37.33 32.93 -7.46
C ALA EA 86 -37.90 33.66 -6.25
N LEU EA 87 -37.17 33.68 -5.17
CA LEU EA 87 -37.55 34.30 -3.92
C LEU EA 87 -37.02 35.73 -3.84
N PRO EA 88 -37.74 36.66 -3.19
CA PRO EA 88 -37.29 38.07 -3.09
C PRO EA 88 -36.17 38.29 -2.08
N LEU EA 89 -34.93 38.04 -2.52
CA LEU EA 89 -33.77 38.14 -1.65
C LEU EA 89 -32.78 39.20 -2.13
N GLY EA 90 -33.25 40.20 -2.86
CA GLY EA 90 -32.43 41.36 -3.16
C GLY EA 90 -31.38 41.18 -4.24
N ARG EA 91 -31.38 40.06 -4.95
CA ARG EA 91 -30.51 39.88 -6.11
C ARG EA 91 -31.30 39.33 -7.29
N THR EA 92 -32.45 39.92 -7.53
CA THR EA 92 -33.25 39.52 -8.67
C THR EA 92 -32.65 40.11 -9.95
N PRO EA 93 -32.33 39.29 -10.97
CA PRO EA 93 -31.72 39.77 -12.22
C PRO EA 93 -32.64 40.67 -13.04
N ALA FA 2 -30.35 62.49 9.06
CA ALA FA 2 -30.63 61.28 9.81
C ALA FA 2 -31.26 61.63 11.16
N ASP FA 3 -32.58 61.77 11.17
CA ASP FA 3 -33.30 62.07 12.40
C ASP FA 3 -33.42 60.82 13.25
N ALA FA 4 -33.57 61.02 14.56
CA ALA FA 4 -33.67 59.92 15.49
C ALA FA 4 -35.02 59.24 15.38
N LEU FA 5 -35.09 58.00 15.84
CA LEU FA 5 -36.20 57.10 15.59
C LEU FA 5 -36.83 56.65 16.90
N GLY FA 6 -38.15 56.56 16.93
CA GLY FA 6 -38.85 55.99 18.06
C GLY FA 6 -39.98 55.12 17.60
N MET FA 7 -40.21 53.98 18.27
CA MET FA 7 -41.24 53.04 17.83
C MET FA 7 -41.93 52.47 19.05
N ILE FA 8 -43.25 52.32 18.96
CA ILE FA 8 -44.03 51.62 19.98
C ILE FA 8 -44.83 50.53 19.28
N GLU FA 9 -44.59 49.28 19.65
CA GLU FA 9 -45.34 48.17 19.10
C GLU FA 9 -46.36 47.71 20.12
N VAL FA 10 -47.63 47.70 19.72
CA VAL FA 10 -48.72 47.35 20.60
C VAL FA 10 -49.48 46.21 19.95
N ARG FA 11 -49.82 45.19 20.74
CA ARG FA 11 -50.77 44.18 20.29
C ARG FA 11 -52.16 44.79 20.45
N GLY FA 12 -52.55 45.59 19.48
CA GLY FA 12 -53.80 46.32 19.57
C GLY FA 12 -53.74 47.69 18.94
N PHE FA 13 -54.79 48.05 18.20
CA PHE FA 13 -54.82 49.32 17.51
C PHE FA 13 -55.05 50.49 18.46
N VAL FA 14 -55.80 50.25 19.54
CA VAL FA 14 -56.16 51.32 20.46
C VAL FA 14 -54.95 51.79 21.25
N GLY FA 15 -54.18 50.84 21.76
CA GLY FA 15 -52.94 51.19 22.44
C GLY FA 15 -51.93 51.86 21.53
N MET FA 16 -51.94 51.50 20.25
CA MET FA 16 -51.04 52.14 19.30
C MET FA 16 -51.46 53.57 19.00
N VAL FA 17 -52.77 53.83 18.90
CA VAL FA 17 -53.21 55.21 18.68
C VAL FA 17 -52.98 56.05 19.93
N GLU FA 18 -53.16 55.46 21.12
CA GLU FA 18 -52.84 56.18 22.35
C GLU FA 18 -51.35 56.49 22.48
N ALA FA 19 -50.50 55.53 22.08
CA ALA FA 19 -49.06 55.77 22.10
C ALA FA 19 -48.66 56.82 21.07
N ALA FA 20 -49.21 56.75 19.86
CA ALA FA 20 -48.93 57.74 18.83
C ALA FA 20 -49.49 59.10 19.18
N ASP FA 21 -50.50 59.17 20.03
CA ASP FA 21 -50.99 60.46 20.49
C ASP FA 21 -50.09 61.04 21.57
N ALA FA 22 -49.69 60.22 22.54
CA ALA FA 22 -48.87 60.73 23.64
C ALA FA 22 -47.47 61.10 23.17
N MET FA 23 -46.94 60.39 22.16
CA MET FA 23 -45.61 60.71 21.67
C MET FA 23 -45.56 62.06 20.98
N VAL FA 24 -46.60 62.41 20.22
CA VAL FA 24 -46.61 63.73 19.58
C VAL FA 24 -47.14 64.81 20.49
N LYS FA 25 -47.82 64.46 21.59
CA LYS FA 25 -48.16 65.46 22.59
C LYS FA 25 -47.01 65.79 23.53
N ALA FA 26 -46.04 64.88 23.69
CA ALA FA 26 -44.96 65.11 24.65
C ALA FA 26 -43.97 66.14 24.14
N ALA FA 27 -43.30 65.85 23.03
CA ALA FA 27 -42.29 66.75 22.48
C ALA FA 27 -42.58 66.94 21.00
N LYS FA 28 -41.80 67.81 20.35
CA LYS FA 28 -41.98 68.07 18.92
C LYS FA 28 -41.34 66.93 18.15
N VAL FA 29 -42.11 65.89 17.90
CA VAL FA 29 -41.68 64.78 17.06
C VAL FA 29 -42.57 64.75 15.83
N GLU FA 30 -42.31 63.83 14.91
CA GLU FA 30 -43.11 63.65 13.71
C GLU FA 30 -43.59 62.22 13.65
N LEU FA 31 -44.88 62.00 13.85
CA LEU FA 31 -45.48 60.70 13.62
C LEU FA 31 -45.56 60.47 12.12
N ILE FA 32 -44.61 59.71 11.57
CA ILE FA 32 -44.62 59.51 10.13
C ILE FA 32 -45.59 58.44 9.70
N GLY FA 33 -45.98 57.54 10.60
CA GLY FA 33 -47.02 56.58 10.25
C GLY FA 33 -47.00 55.38 11.18
N TYR FA 34 -47.62 54.31 10.70
CA TYR FA 34 -47.78 53.09 11.47
C TYR FA 34 -47.61 51.91 10.54
N GLU FA 35 -47.05 50.83 11.08
CA GLU FA 35 -46.74 49.63 10.30
C GLU FA 35 -47.56 48.48 10.85
N LYS FA 36 -48.30 47.81 9.97
CA LYS FA 36 -49.15 46.69 10.31
C LYS FA 36 -48.43 45.40 9.93
N THR FA 37 -47.76 44.77 10.89
CA THR FA 37 -47.16 43.47 10.61
C THR FA 37 -48.17 42.33 10.65
N GLY FA 38 -49.42 42.61 11.01
CA GLY FA 38 -50.45 41.59 11.00
C GLY FA 38 -50.48 40.77 12.28
N GLY FA 39 -51.59 40.07 12.47
CA GLY FA 39 -51.75 39.25 13.66
C GLY FA 39 -52.05 40.02 14.92
N GLY FA 40 -52.51 41.26 14.81
CA GLY FA 40 -52.82 42.07 15.95
C GLY FA 40 -51.72 43.04 16.35
N TYR FA 41 -50.52 42.89 15.81
CA TYR FA 41 -49.41 43.74 16.16
C TYR FA 41 -49.39 44.94 15.24
N VAL FA 42 -49.37 46.15 15.81
CA VAL FA 42 -49.20 47.37 15.03
C VAL FA 42 -48.14 48.24 15.69
N THR FA 43 -47.31 48.88 14.88
CA THR FA 43 -46.17 49.65 15.37
C THR FA 43 -46.29 51.09 14.94
N ALA FA 44 -46.45 51.99 15.91
CA ALA FA 44 -46.42 53.41 15.64
C ALA FA 44 -44.99 53.89 15.58
N VAL FA 45 -44.67 54.71 14.57
CA VAL FA 45 -43.32 55.20 14.36
C VAL FA 45 -43.32 56.71 14.46
N VAL FA 46 -42.58 57.24 15.42
CA VAL FA 46 -42.31 58.66 15.47
C VAL FA 46 -40.85 58.90 15.12
N ARG FA 47 -40.55 60.11 14.70
CA ARG FA 47 -39.22 60.43 14.24
C ARG FA 47 -38.91 61.90 14.51
N GLY FA 48 -37.77 62.13 15.14
CA GLY FA 48 -37.33 63.47 15.43
C GLY FA 48 -35.97 63.38 16.09
N ASP FA 49 -35.42 64.55 16.44
CA ASP FA 49 -34.11 64.60 17.08
C ASP FA 49 -34.16 63.96 18.46
N VAL FA 50 -32.96 63.62 18.98
CA VAL FA 50 -32.81 62.61 20.04
C VAL FA 50 -33.46 63.08 21.33
N ALA FA 51 -33.32 64.37 21.65
CA ALA FA 51 -33.92 64.89 22.88
C ALA FA 51 -35.43 64.95 22.81
N ALA FA 52 -36.03 64.88 21.63
CA ALA FA 52 -37.48 64.86 21.51
C ALA FA 52 -38.03 63.44 21.62
N VAL FA 53 -37.51 62.51 20.81
CA VAL FA 53 -38.03 61.15 20.83
C VAL FA 53 -37.63 60.41 22.10
N LYS FA 54 -36.52 60.80 22.75
CA LYS FA 54 -36.08 60.10 23.94
C LYS FA 54 -36.98 60.36 25.12
N ALA FA 55 -37.76 61.45 25.09
CA ALA FA 55 -38.83 61.68 26.05
C ALA FA 55 -40.20 61.31 25.51
N ALA FA 56 -40.38 61.41 24.19
CA ALA FA 56 -41.67 61.11 23.58
C ALA FA 56 -42.01 59.62 23.71
N THR FA 57 -41.03 58.76 23.43
CA THR FA 57 -41.28 57.32 23.55
C THR FA 57 -41.47 56.90 24.99
N GLU FA 58 -40.86 57.61 25.94
CA GLU FA 58 -41.12 57.32 27.35
C GLU FA 58 -42.54 57.71 27.74
N ALA FA 59 -43.01 58.87 27.25
CA ALA FA 59 -44.40 59.27 27.50
C ALA FA 59 -45.38 58.31 26.84
N GLY FA 60 -45.05 57.83 25.64
CA GLY FA 60 -45.89 56.86 24.97
C GLY FA 60 -45.90 55.50 25.65
N GLN FA 61 -44.77 55.12 26.24
CA GLN FA 61 -44.72 53.88 27.02
C GLN FA 61 -45.52 54.00 28.32
N ARG FA 62 -45.54 55.20 28.91
CA ARG FA 62 -46.38 55.40 30.08
C ARG FA 62 -47.86 55.35 29.71
N ALA FA 63 -48.24 56.01 28.63
CA ALA FA 63 -49.66 56.10 28.28
C ALA FA 63 -50.17 54.85 27.59
N ALA FA 64 -49.29 54.03 27.04
CA ALA FA 64 -49.74 52.85 26.31
C ALA FA 64 -49.89 51.62 27.19
N GLU FA 65 -49.12 51.55 28.28
CA GLU FA 65 -49.27 50.43 29.20
C GLU FA 65 -50.46 50.58 30.14
N ARG FA 66 -51.16 51.71 30.09
CA ARG FA 66 -52.40 51.83 30.84
C ARG FA 66 -53.57 51.19 30.10
N VAL FA 67 -53.47 51.10 28.77
CA VAL FA 67 -54.63 50.77 27.95
C VAL FA 67 -54.47 49.46 27.17
N GLY FA 68 -53.25 49.01 26.87
CA GLY FA 68 -53.09 47.87 26.00
C GLY FA 68 -51.77 47.18 26.25
N GLU FA 69 -51.57 46.07 25.54
CA GLU FA 69 -50.39 45.24 25.69
C GLU FA 69 -49.28 45.78 24.81
N VAL FA 70 -48.18 46.19 25.43
CA VAL FA 70 -47.04 46.74 24.72
C VAL FA 70 -46.00 45.65 24.57
N VAL FA 71 -45.55 45.42 23.34
CA VAL FA 71 -44.59 44.36 23.07
C VAL FA 71 -43.16 44.89 23.16
N ALA FA 72 -42.85 45.96 22.45
CA ALA FA 72 -41.48 46.45 22.39
C ALA FA 72 -41.47 47.97 22.35
N VAL FA 73 -40.49 48.56 23.03
CA VAL FA 73 -40.25 50.00 23.05
C VAL FA 73 -38.76 50.19 22.80
N HIS FA 74 -38.41 50.97 21.78
CA HIS FA 74 -37.00 51.17 21.52
C HIS FA 74 -36.77 52.49 20.79
N VAL FA 75 -35.62 53.08 21.06
CA VAL FA 75 -35.17 54.34 20.44
C VAL FA 75 -33.87 54.05 19.71
N ILE FA 76 -33.77 54.53 18.48
CA ILE FA 76 -32.52 54.50 17.74
C ILE FA 76 -32.09 55.95 17.52
N PRO FA 77 -31.02 56.42 18.15
CA PRO FA 77 -30.67 57.85 18.04
C PRO FA 77 -30.14 58.24 16.68
N ARG FA 78 -29.40 57.37 16.03
CA ARG FA 78 -29.09 57.56 14.62
C ARG FA 78 -29.28 56.26 13.87
N PRO FA 79 -30.34 56.14 13.07
CA PRO FA 79 -30.41 55.01 12.14
C PRO FA 79 -29.39 55.19 11.03
N HIS FA 80 -28.83 54.08 10.57
CA HIS FA 80 -27.92 54.12 9.46
C HIS FA 80 -28.68 54.45 8.18
N VAL FA 81 -27.94 54.93 7.18
CA VAL FA 81 -28.58 55.38 5.94
C VAL FA 81 -29.15 54.20 5.16
N ASN FA 82 -28.63 52.99 5.36
CA ASN FA 82 -29.21 51.82 4.73
C ASN FA 82 -30.54 51.44 5.39
N VAL FA 83 -30.72 51.77 6.67
CA VAL FA 83 -31.98 51.49 7.34
C VAL FA 83 -33.08 52.41 6.82
N ASP FA 84 -32.76 53.70 6.68
CA ASP FA 84 -33.74 54.63 6.13
C ASP FA 84 -33.92 54.45 4.62
N ALA FA 85 -32.97 53.82 3.95
CA ALA FA 85 -33.11 53.55 2.52
C ALA FA 85 -33.77 52.23 2.22
N ALA FA 86 -33.82 51.30 3.19
CA ALA FA 86 -34.38 49.98 2.96
C ALA FA 86 -35.66 49.71 3.71
N LEU FA 87 -36.04 50.56 4.63
CA LEU FA 87 -37.25 50.36 5.39
C LEU FA 87 -38.19 51.57 5.21
N PRO FA 88 -39.52 51.36 5.20
CA PRO FA 88 -40.45 52.49 5.03
C PRO FA 88 -40.64 53.27 6.31
N LEU FA 89 -39.61 54.03 6.67
CA LEU FA 89 -39.49 54.66 7.98
C LEU FA 89 -39.42 56.17 7.87
N GLY FA 90 -40.17 56.74 6.92
CA GLY FA 90 -40.36 58.17 6.84
C GLY FA 90 -39.24 58.97 6.23
N ARG FA 91 -38.08 58.37 5.99
CA ARG FA 91 -36.96 59.06 5.37
C ARG FA 91 -36.42 58.28 4.19
N THR FA 92 -37.33 57.84 3.32
CA THR FA 92 -36.91 57.24 2.07
C THR FA 92 -36.68 58.35 1.04
N PRO FA 93 -35.43 58.54 0.57
CA PRO FA 93 -35.06 59.67 -0.29
C PRO FA 93 -35.69 59.62 -1.69
N ALA GA 2 -62.43 67.49 14.08
CA ALA GA 2 -61.26 67.50 14.96
C ALA GA 2 -61.69 67.36 16.42
N ASP GA 3 -62.82 66.69 16.64
CA ASP GA 3 -63.33 66.49 17.99
C ASP GA 3 -62.68 65.26 18.62
N ALA GA 4 -63.23 64.87 19.77
CA ALA GA 4 -62.72 63.75 20.55
C ALA GA 4 -62.94 62.42 19.84
N LEU GA 5 -62.21 61.43 20.30
CA LEU GA 5 -62.10 60.13 19.67
C LEU GA 5 -62.53 59.04 20.64
N GLY GA 6 -63.22 58.02 20.14
CA GLY GA 6 -63.54 56.87 20.96
C GLY GA 6 -63.24 55.59 20.21
N MET GA 7 -62.47 54.69 20.81
CA MET GA 7 -62.03 53.49 20.12
C MET GA 7 -62.34 52.27 20.96
N ILE GA 8 -62.97 51.28 20.36
CA ILE GA 8 -63.23 49.99 20.99
C ILE GA 8 -62.50 48.94 20.18
N GLU GA 9 -61.73 48.09 20.85
CA GLU GA 9 -61.06 46.98 20.18
C GLU GA 9 -61.68 45.67 20.66
N VAL GA 10 -62.13 44.87 19.70
CA VAL GA 10 -62.72 43.57 20.01
C VAL GA 10 -61.97 42.51 19.23
N ARG GA 11 -61.63 41.40 19.89
CA ARG GA 11 -61.16 40.22 19.17
C ARG GA 11 -62.38 39.56 18.54
N GLY GA 12 -62.72 40.01 17.34
CA GLY GA 12 -63.91 39.50 16.69
C GLY GA 12 -64.77 40.59 16.11
N PHE GA 13 -65.33 40.34 14.93
CA PHE GA 13 -66.09 41.35 14.20
C PHE GA 13 -67.43 41.63 14.86
N VAL GA 14 -68.02 40.62 15.50
CA VAL GA 14 -69.40 40.73 15.99
C VAL GA 14 -69.47 41.62 17.23
N GLY GA 15 -68.52 41.47 18.15
CA GLY GA 15 -68.47 42.36 19.29
C GLY GA 15 -68.16 43.79 18.91
N MET GA 16 -67.38 43.98 17.84
CA MET GA 16 -67.11 45.32 17.35
C MET GA 16 -68.37 45.95 16.76
N VAL GA 17 -69.17 45.17 16.03
CA VAL GA 17 -70.39 45.74 15.47
C VAL GA 17 -71.41 46.01 16.57
N GLU GA 18 -71.45 45.17 17.61
CA GLU GA 18 -72.34 45.44 18.73
C GLU GA 18 -71.92 46.70 19.50
N ALA GA 19 -70.61 46.88 19.71
CA ALA GA 19 -70.13 48.08 20.38
C ALA GA 19 -70.36 49.32 19.51
N ALA GA 20 -70.19 49.18 18.19
CA ALA GA 20 -70.42 50.32 17.30
C ALA GA 20 -71.90 50.65 17.19
N ASP GA 21 -72.77 49.68 17.40
CA ASP GA 21 -74.19 49.97 17.46
C ASP GA 21 -74.58 50.61 18.78
N ALA GA 22 -73.93 50.23 19.87
CA ALA GA 22 -74.24 50.83 21.17
C ALA GA 22 -73.74 52.27 21.24
N MET GA 23 -72.58 52.56 20.64
CA MET GA 23 -71.99 53.88 20.77
C MET GA 23 -72.79 54.93 20.01
N VAL GA 24 -73.27 54.62 18.81
CA VAL GA 24 -74.02 55.60 18.04
C VAL GA 24 -75.45 55.77 18.53
N LYS GA 25 -75.91 54.89 19.41
CA LYS GA 25 -77.22 55.05 20.04
C LYS GA 25 -77.15 55.70 21.41
N ALA GA 26 -76.05 55.54 22.12
CA ALA GA 26 -75.95 56.11 23.46
C ALA GA 26 -75.74 57.62 23.42
N ALA GA 27 -75.06 58.12 22.40
CA ALA GA 27 -74.82 59.55 22.26
C ALA GA 27 -74.90 59.92 20.79
N LYS GA 28 -74.71 61.20 20.50
CA LYS GA 28 -74.63 61.68 19.13
C LYS GA 28 -73.17 61.67 18.72
N VAL GA 29 -72.70 60.49 18.37
CA VAL GA 29 -71.33 60.31 17.90
C VAL GA 29 -71.38 59.89 16.45
N GLU GA 30 -70.23 59.87 15.80
CA GLU GA 30 -70.14 59.53 14.39
C GLU GA 30 -69.18 58.35 14.23
N LEU GA 31 -69.73 57.17 13.97
CA LEU GA 31 -68.92 56.02 13.59
C LEU GA 31 -68.34 56.28 12.21
N ILE GA 32 -67.06 56.59 12.15
CA ILE GA 32 -66.47 56.96 10.87
C ILE GA 32 -65.94 55.77 10.08
N GLY GA 33 -65.67 54.65 10.75
CA GLY GA 33 -65.14 53.49 10.06
C GLY GA 33 -64.72 52.43 11.06
N TYR GA 34 -63.83 51.56 10.61
CA TYR GA 34 -63.35 50.47 11.46
C TYR GA 34 -62.01 50.03 10.93
N GLU GA 35 -61.15 49.55 11.83
CA GLU GA 35 -59.78 49.21 11.48
C GLU GA 35 -59.54 47.72 11.72
N LYS GA 36 -58.94 47.07 10.73
CA LYS GA 36 -58.65 45.64 10.75
C LYS GA 36 -57.14 45.47 10.82
N THR GA 37 -56.63 45.14 12.00
CA THR GA 37 -55.20 44.99 12.19
C THR GA 37 -54.73 43.54 12.07
N GLY GA 38 -55.60 42.65 11.64
CA GLY GA 38 -55.22 41.25 11.47
C GLY GA 38 -55.23 40.49 12.78
N GLY GA 39 -55.28 39.17 12.66
CA GLY GA 39 -55.36 38.33 13.84
C GLY GA 39 -56.69 38.36 14.55
N GLY GA 40 -57.73 38.86 13.90
CA GLY GA 40 -59.04 38.94 14.49
C GLY GA 40 -59.30 40.19 15.29
N TYR GA 41 -58.27 40.94 15.65
CA TYR GA 41 -58.44 42.20 16.37
C TYR GA 41 -59.01 43.26 15.43
N VAL GA 42 -60.22 43.72 15.69
CA VAL GA 42 -60.79 44.82 14.92
C VAL GA 42 -61.15 45.94 15.88
N THR GA 43 -61.32 47.14 15.33
CA THR GA 43 -61.50 48.33 16.14
C THR GA 43 -62.59 49.21 15.56
N ALA GA 44 -63.63 49.46 16.37
CA ALA GA 44 -64.63 50.46 16.05
C ALA GA 44 -64.14 51.84 16.49
N VAL GA 45 -64.37 52.83 15.63
CA VAL GA 45 -63.91 54.18 15.86
C VAL GA 45 -65.10 55.13 15.73
N VAL GA 46 -65.43 55.82 16.82
CA VAL GA 46 -66.43 56.87 16.81
C VAL GA 46 -65.74 58.19 17.08
N ARG GA 47 -66.44 59.28 16.74
CA ARG GA 47 -65.82 60.59 16.87
C ARG GA 47 -66.85 61.66 17.13
N GLY GA 48 -66.61 62.44 18.17
CA GLY GA 48 -67.52 63.51 18.56
C GLY GA 48 -66.97 64.18 19.80
N ASP GA 49 -67.75 65.10 20.38
CA ASP GA 49 -67.30 65.83 21.54
C ASP GA 49 -67.15 64.92 22.77
N VAL GA 50 -66.44 65.43 23.78
CA VAL GA 50 -65.74 64.58 24.75
C VAL GA 50 -66.73 63.88 25.68
N ALA GA 51 -67.63 64.65 26.28
CA ALA GA 51 -68.57 64.08 27.25
C ALA GA 51 -69.60 63.19 26.60
N ALA GA 52 -69.78 63.29 25.28
CA ALA GA 52 -70.66 62.35 24.59
C ALA GA 52 -69.94 61.04 24.28
N VAL GA 53 -68.71 61.12 23.76
CA VAL GA 53 -68.00 59.91 23.38
C VAL GA 53 -67.54 59.13 24.59
N LYS GA 54 -67.40 59.77 25.75
CA LYS GA 54 -67.04 59.03 26.95
C LYS GA 54 -68.17 58.11 27.39
N ALA GA 55 -69.39 58.63 27.49
CA ALA GA 55 -70.55 57.81 27.80
C ALA GA 55 -70.87 56.83 26.67
N ALA GA 56 -70.57 57.21 25.43
CA ALA GA 56 -70.79 56.32 24.30
C ALA GA 56 -69.90 55.09 24.38
N THR GA 57 -68.61 55.29 24.64
CA THR GA 57 -67.72 54.14 24.75
C THR GA 57 -67.94 53.35 26.04
N GLU GA 58 -68.45 53.99 27.09
CA GLU GA 58 -68.84 53.21 28.27
C GLU GA 58 -70.01 52.30 27.96
N ALA GA 59 -71.02 52.80 27.24
CA ALA GA 59 -72.12 51.94 26.84
C ALA GA 59 -71.69 50.89 25.82
N GLY GA 60 -70.70 51.23 24.99
CA GLY GA 60 -70.19 50.27 24.03
C GLY GA 60 -69.44 49.14 24.71
N GLN GA 61 -68.63 49.44 25.72
CA GLN GA 61 -67.95 48.42 26.49
C GLN GA 61 -68.95 47.55 27.26
N ARG GA 62 -69.93 48.19 27.90
CA ARG GA 62 -70.91 47.45 28.68
C ARG GA 62 -71.82 46.60 27.80
N ALA GA 63 -72.00 46.97 26.54
CA ALA GA 63 -72.76 46.12 25.63
C ALA GA 63 -71.90 45.04 24.99
N ALA GA 64 -70.61 45.31 24.76
CA ALA GA 64 -69.74 44.35 24.09
C ALA GA 64 -69.09 43.36 25.04
N GLU GA 65 -69.24 43.54 26.36
CA GLU GA 65 -68.81 42.49 27.28
C GLU GA 65 -69.73 41.28 27.30
N ARG GA 66 -70.86 41.32 26.59
CA ARG GA 66 -71.77 40.19 26.57
C ARG GA 66 -71.53 39.23 25.40
N VAL GA 67 -70.84 39.68 24.36
CA VAL GA 67 -70.65 38.85 23.18
C VAL GA 67 -69.19 38.61 22.83
N GLY GA 68 -68.26 39.46 23.24
CA GLY GA 68 -66.92 39.35 22.70
C GLY GA 68 -65.83 39.67 23.70
N GLU GA 69 -64.60 39.38 23.28
CA GLU GA 69 -63.40 39.68 24.06
C GLU GA 69 -63.01 41.13 23.77
N VAL GA 70 -63.33 42.02 24.68
CA VAL GA 70 -62.95 43.42 24.55
C VAL GA 70 -61.51 43.57 25.00
N VAL GA 71 -60.66 44.01 24.09
CA VAL GA 71 -59.25 44.22 24.42
C VAL GA 71 -59.06 45.54 25.15
N ALA GA 72 -59.47 46.64 24.53
CA ALA GA 72 -59.18 47.96 25.08
C ALA GA 72 -60.33 48.92 24.78
N VAL GA 73 -60.58 49.81 25.72
CA VAL GA 73 -61.56 50.88 25.60
C VAL GA 73 -60.89 52.16 26.02
N HIS GA 74 -60.84 53.15 25.12
CA HIS GA 74 -60.10 54.36 25.46
C HIS GA 74 -60.64 55.54 24.67
N VAL GA 75 -60.57 56.72 25.29
CA VAL GA 75 -61.08 57.97 24.75
C VAL GA 75 -59.93 58.97 24.72
N ILE GA 76 -59.74 59.61 23.58
CA ILE GA 76 -58.76 60.68 23.43
C ILE GA 76 -59.55 62.01 23.36
N PRO GA 77 -59.29 62.95 24.26
CA PRO GA 77 -60.12 64.17 24.29
C PRO GA 77 -59.85 65.11 23.14
N ARG GA 78 -58.59 65.36 22.81
CA ARG GA 78 -58.22 66.19 21.66
C ARG GA 78 -57.06 65.49 20.97
N PRO GA 79 -57.30 64.75 19.90
CA PRO GA 79 -56.20 64.15 19.16
C PRO GA 79 -55.40 65.22 18.42
N HIS GA 80 -54.09 65.05 18.44
CA HIS GA 80 -53.19 66.03 17.85
C HIS GA 80 -53.32 65.98 16.33
N VAL GA 81 -52.91 67.07 15.68
CA VAL GA 81 -53.08 67.18 14.23
C VAL GA 81 -52.17 66.19 13.49
N ASN GA 82 -51.03 65.83 14.09
CA ASN GA 82 -50.18 64.82 13.49
C ASN GA 82 -50.75 63.41 13.67
N VAL GA 83 -51.68 63.22 14.61
CA VAL GA 83 -52.35 61.93 14.72
C VAL GA 83 -53.39 61.78 13.63
N ASP GA 84 -54.18 62.83 13.40
CA ASP GA 84 -55.21 62.77 12.37
C ASP GA 84 -54.63 62.84 10.96
N ALA GA 85 -53.44 63.42 10.80
CA ALA GA 85 -52.85 63.52 9.47
C ALA GA 85 -52.29 62.19 8.97
N ALA GA 86 -51.75 61.36 9.86
CA ALA GA 86 -51.09 60.12 9.46
C ALA GA 86 -51.98 58.91 9.65
N LEU GA 87 -52.46 58.70 10.87
CA LEU GA 87 -53.31 57.56 11.15
C LEU GA 87 -54.70 57.77 10.54
N PRO GA 88 -55.37 56.71 10.08
CA PRO GA 88 -56.71 56.84 9.45
C PRO GA 88 -57.86 56.92 10.45
N LEU GA 89 -58.09 58.11 10.99
CA LEU GA 89 -59.10 58.29 12.02
C LEU GA 89 -60.28 59.17 11.56
N GLY GA 90 -60.45 59.33 10.26
CA GLY GA 90 -61.64 59.97 9.74
C GLY GA 90 -61.63 61.49 9.72
N ARG GA 91 -60.50 62.12 9.98
CA ARG GA 91 -60.36 63.56 9.88
C ARG GA 91 -59.16 63.94 9.03
N THR GA 92 -58.87 63.14 8.01
CA THR GA 92 -57.78 63.47 7.10
C THR GA 92 -58.22 64.61 6.18
N PRO GA 93 -57.53 65.77 6.21
CA PRO GA 93 -57.94 66.96 5.45
C PRO GA 93 -57.83 66.79 3.93
N ALA HA 2 -85.11 50.28 8.09
CA ALA HA 2 -83.91 49.69 8.65
C ALA HA 2 -84.16 48.26 9.11
N ASP HA 3 -83.67 47.31 8.32
CA ASP HA 3 -83.85 45.90 8.63
C ASP HA 3 -82.93 45.48 9.77
N ALA HA 4 -83.21 44.31 10.33
CA ALA HA 4 -82.50 43.80 11.50
C ALA HA 4 -81.15 43.22 11.08
N LEU HA 5 -80.49 42.52 12.00
CA LEU HA 5 -79.13 42.06 11.75
C LEU HA 5 -78.88 40.76 12.47
N GLY HA 6 -78.26 39.79 11.79
CA GLY HA 6 -77.84 38.57 12.45
C GLY HA 6 -76.42 38.19 12.05
N MET HA 7 -75.51 38.13 13.00
CA MET HA 7 -74.10 37.91 12.71
C MET HA 7 -73.61 36.64 13.39
N ILE HA 8 -72.91 35.81 12.64
CA ILE HA 8 -72.26 34.61 13.16
C ILE HA 8 -70.78 34.71 12.83
N GLU HA 9 -69.93 34.70 13.84
CA GLU HA 9 -68.48 34.68 13.65
C GLU HA 9 -67.94 33.33 14.04
N VAL HA 10 -67.33 32.63 13.08
CA VAL HA 10 -66.78 31.30 13.26
C VAL HA 10 -65.30 31.36 12.89
N ARG HA 11 -64.47 30.69 13.68
CA ARG HA 11 -63.05 30.54 13.33
C ARG HA 11 -62.94 29.42 12.31
N GLY HA 12 -62.90 29.78 11.03
CA GLY HA 12 -62.82 28.78 9.98
C GLY HA 12 -63.88 29.00 8.92
N PHE HA 13 -63.48 28.86 7.66
CA PHE HA 13 -64.37 29.16 6.53
C PHE HA 13 -65.51 28.16 6.43
N VAL HA 14 -65.28 26.91 6.83
CA VAL HA 14 -66.27 25.85 6.65
C VAL HA 14 -67.44 26.06 7.60
N GLY HA 15 -67.16 26.39 8.85
CA GLY HA 15 -68.22 26.66 9.80
C GLY HA 15 -69.03 27.89 9.43
N MET HA 16 -68.37 28.88 8.83
CA MET HA 16 -69.09 30.07 8.36
C MET HA 16 -69.98 29.74 7.19
N VAL HA 17 -69.54 28.89 6.27
CA VAL HA 17 -70.38 28.54 5.13
C VAL HA 17 -71.56 27.68 5.58
N GLU HA 18 -71.35 26.79 6.55
CA GLU HA 18 -72.46 25.97 7.05
C GLU HA 18 -73.46 26.81 7.82
N ALA HA 19 -72.99 27.77 8.63
CA ALA HA 19 -73.89 28.69 9.30
C ALA HA 19 -74.65 29.56 8.32
N ALA HA 20 -73.96 30.06 7.29
CA ALA HA 20 -74.61 30.90 6.29
C ALA HA 20 -75.55 30.13 5.41
N ASP HA 21 -75.40 28.82 5.31
CA ASP HA 21 -76.37 28.01 4.60
C ASP HA 21 -77.58 27.71 5.46
N ALA HA 22 -77.37 27.39 6.73
CA ALA HA 22 -78.49 27.05 7.60
C ALA HA 22 -79.34 28.27 7.94
N MET HA 23 -78.73 29.46 7.97
CA MET HA 23 -79.52 30.66 8.22
C MET HA 23 -80.47 30.96 7.06
N VAL HA 24 -79.97 30.89 5.82
CA VAL HA 24 -80.85 31.16 4.70
C VAL HA 24 -81.78 30.00 4.38
N LYS HA 25 -81.51 28.80 4.91
CA LYS HA 25 -82.49 27.73 4.80
C LYS HA 25 -83.47 27.70 5.97
N ALA HA 26 -83.24 28.48 7.01
CA ALA HA 26 -84.13 28.49 8.17
C ALA HA 26 -85.19 29.58 8.12
N ALA HA 27 -84.92 30.70 7.44
CA ALA HA 27 -85.85 31.81 7.42
C ALA HA 27 -85.63 32.63 6.16
N LYS HA 28 -86.58 33.51 5.88
CA LYS HA 28 -86.49 34.43 4.75
C LYS HA 28 -85.58 35.59 5.17
N VAL HA 29 -84.28 35.35 5.05
CA VAL HA 29 -83.26 36.35 5.36
C VAL HA 29 -82.47 36.63 4.10
N GLU HA 30 -81.49 37.51 4.19
CA GLU HA 30 -80.64 37.84 3.05
C GLU HA 30 -79.18 37.77 3.49
N LEU HA 31 -78.46 36.77 3.02
CA LEU HA 31 -77.02 36.68 3.23
C LEU HA 31 -76.36 37.74 2.36
N ILE HA 32 -75.98 38.86 2.96
CA ILE HA 32 -75.43 39.96 2.18
C ILE HA 32 -73.94 39.83 1.92
N GLY HA 33 -73.21 39.09 2.75
CA GLY HA 33 -71.79 38.95 2.53
C GLY HA 33 -71.05 38.18 3.60
N TYR HA 34 -69.77 38.50 3.76
CA TYR HA 34 -68.90 37.82 4.70
C TYR HA 34 -67.72 38.74 4.97
N GLU HA 35 -67.19 38.68 6.19
CA GLU HA 35 -66.11 39.55 6.60
C GLU HA 35 -64.94 38.71 7.11
N LYS HA 36 -63.75 39.02 6.61
CA LYS HA 36 -62.54 38.25 6.89
C LYS HA 36 -61.61 39.10 7.75
N THR HA 37 -61.73 38.95 9.07
CA THR HA 37 -60.95 39.77 9.99
C THR HA 37 -59.57 39.20 10.30
N GLY HA 38 -59.14 38.18 9.58
CA GLY HA 38 -57.81 37.63 9.76
C GLY HA 38 -57.70 36.72 10.96
N GLY HA 39 -56.70 35.84 10.92
CA GLY HA 39 -56.53 34.86 11.97
C GLY HA 39 -57.50 33.72 11.93
N GLY HA 40 -58.16 33.50 10.79
CA GLY HA 40 -59.14 32.44 10.67
C GLY HA 40 -60.55 32.85 11.03
N TYR HA 41 -60.75 34.01 11.63
CA TYR HA 41 -62.07 34.47 12.01
C TYR HA 41 -62.79 35.00 10.79
N VAL HA 42 -63.88 34.34 10.40
CA VAL HA 42 -64.72 34.81 9.32
C VAL HA 42 -66.15 34.92 9.83
N THR HA 43 -66.86 35.93 9.35
CA THR HA 43 -68.16 36.30 9.90
C THR HA 43 -69.19 36.37 8.77
N ALA HA 44 -70.28 35.61 8.94
CA ALA HA 44 -71.42 35.65 8.04
C ALA HA 44 -72.49 36.55 8.59
N VAL HA 45 -73.19 37.23 7.69
CA VAL HA 45 -74.16 38.26 8.02
C VAL HA 45 -75.46 37.98 7.29
N VAL HA 46 -76.55 37.82 8.02
CA VAL HA 46 -77.88 37.76 7.43
C VAL HA 46 -78.66 38.99 7.86
N ARG HA 47 -79.69 39.30 7.09
CA ARG HA 47 -80.42 40.54 7.30
C ARG HA 47 -81.87 40.39 6.86
N GLY HA 48 -82.78 40.72 7.76
CA GLY HA 48 -84.19 40.66 7.47
C GLY HA 48 -84.97 41.19 8.65
N ASP HA 49 -86.27 40.88 8.68
CA ASP HA 49 -87.05 41.29 9.84
C ASP HA 49 -86.67 40.44 11.07
N VAL HA 50 -87.09 40.92 12.24
CA VAL HA 50 -86.44 40.60 13.50
C VAL HA 50 -86.63 39.14 13.88
N ALA HA 51 -87.86 38.62 13.71
CA ALA HA 51 -88.13 37.23 14.06
C ALA HA 51 -87.41 36.26 13.15
N ALA HA 52 -87.24 36.63 11.88
CA ALA HA 52 -86.59 35.73 10.92
C ALA HA 52 -85.10 35.61 11.21
N VAL HA 53 -84.42 36.72 11.49
CA VAL HA 53 -83.00 36.61 11.79
C VAL HA 53 -82.79 36.05 13.19
N LYS HA 54 -83.74 36.26 14.10
CA LYS HA 54 -83.63 35.67 15.43
C LYS HA 54 -83.78 34.17 15.38
N ALA HA 55 -84.62 33.65 14.48
CA ALA HA 55 -84.67 32.21 14.28
C ALA HA 55 -83.49 31.70 13.46
N ALA HA 56 -82.99 32.53 12.55
CA ALA HA 56 -81.92 32.10 11.65
C ALA HA 56 -80.62 31.91 12.40
N THR HA 57 -80.27 32.85 13.29
CA THR HA 57 -79.03 32.67 14.05
C THR HA 57 -79.13 31.51 15.04
N GLU HA 58 -80.31 31.29 15.62
CA GLU HA 58 -80.50 30.16 16.51
C GLU HA 58 -80.49 28.83 15.77
N ALA HA 59 -80.74 28.83 14.46
CA ALA HA 59 -80.50 27.62 13.69
C ALA HA 59 -79.05 27.51 13.25
N GLY HA 60 -78.43 28.65 12.91
CA GLY HA 60 -77.09 28.63 12.35
C GLY HA 60 -76.03 28.31 13.37
N GLN HA 61 -76.23 28.72 14.62
CA GLN HA 61 -75.33 28.31 15.69
C GLN HA 61 -75.40 26.81 15.92
N ARG HA 62 -76.61 26.26 15.94
CA ARG HA 62 -76.78 24.82 16.17
C ARG HA 62 -76.26 24.01 15.00
N ALA HA 63 -76.22 24.60 13.80
CA ALA HA 63 -75.60 23.91 12.68
C ALA HA 63 -74.08 24.02 12.69
N ALA HA 64 -73.55 25.19 13.00
CA ALA HA 64 -72.12 25.42 12.91
C ALA HA 64 -71.34 24.97 14.14
N GLU HA 65 -72.02 24.58 15.22
CA GLU HA 65 -71.29 24.00 16.35
C GLU HA 65 -70.74 22.62 16.05
N ARG HA 66 -71.25 21.94 15.02
CA ARG HA 66 -70.71 20.62 14.69
C ARG HA 66 -69.44 20.72 13.87
N VAL HA 67 -69.45 21.52 12.80
CA VAL HA 67 -68.36 21.54 11.84
C VAL HA 67 -67.43 22.72 12.04
N GLY HA 68 -67.37 23.28 13.23
CA GLY HA 68 -66.49 24.40 13.44
C GLY HA 68 -66.46 24.84 14.88
N GLU HA 69 -65.85 25.99 15.09
CA GLU HA 69 -65.69 26.61 16.40
C GLU HA 69 -66.45 27.93 16.38
N VAL HA 70 -67.68 27.92 16.88
CA VAL HA 70 -68.52 29.11 16.86
C VAL HA 70 -68.03 30.09 17.91
N VAL HA 71 -67.53 31.24 17.47
CA VAL HA 71 -67.03 32.24 18.39
C VAL HA 71 -68.15 33.17 18.86
N ALA HA 72 -68.93 33.72 17.95
CA ALA HA 72 -69.90 34.73 18.35
C ALA HA 72 -71.21 34.57 17.57
N VAL HA 73 -72.31 34.79 18.26
CA VAL HA 73 -73.66 34.75 17.69
C VAL HA 73 -74.41 35.95 18.23
N HIS HA 74 -74.89 36.84 17.37
CA HIS HA 74 -75.62 37.98 17.91
C HIS HA 74 -76.66 38.49 16.92
N VAL HA 75 -77.73 39.05 17.46
CA VAL HA 75 -78.84 39.63 16.71
C VAL HA 75 -79.01 41.06 17.17
N ILE HA 76 -79.12 41.99 16.22
CA ILE HA 76 -79.44 43.37 16.50
C ILE HA 76 -80.80 43.67 15.87
N PRO HA 77 -81.85 43.90 16.65
CA PRO HA 77 -83.19 44.04 16.08
C PRO HA 77 -83.42 45.35 15.35
N ARG HA 78 -82.64 46.39 15.64
CA ARG HA 78 -82.81 47.68 14.98
C ARG HA 78 -81.47 48.39 15.02
N PRO HA 79 -80.62 48.15 14.03
CA PRO HA 79 -79.34 48.86 13.99
C PRO HA 79 -79.53 50.30 13.54
N HIS HA 80 -78.75 51.19 14.14
CA HIS HA 80 -78.83 52.61 13.84
C HIS HA 80 -78.28 52.87 12.45
N VAL HA 81 -78.71 53.98 11.85
CA VAL HA 81 -78.43 54.26 10.44
C VAL HA 81 -76.94 54.55 10.20
N ASN HA 82 -76.21 54.97 11.24
CA ASN HA 82 -74.78 55.17 11.09
C ASN HA 82 -74.04 53.84 10.97
N VAL HA 83 -74.60 52.78 11.54
CA VAL HA 83 -73.98 51.46 11.45
C VAL HA 83 -74.11 50.91 10.04
N ASP HA 84 -75.30 51.02 9.44
CA ASP HA 84 -75.46 50.60 8.06
C ASP HA 84 -74.77 51.54 7.08
N ALA HA 85 -74.56 52.80 7.44
CA ALA HA 85 -73.91 53.73 6.54
C ALA HA 85 -72.38 53.70 6.65
N ALA HA 86 -71.84 53.21 7.75
CA ALA HA 86 -70.40 53.19 7.95
C ALA HA 86 -69.77 51.83 7.68
N LEU HA 87 -70.37 50.80 8.14
CA LEU HA 87 -69.90 49.42 8.03
C LEU HA 87 -70.47 48.77 6.76
N PRO HA 88 -69.72 47.88 6.11
CA PRO HA 88 -70.22 47.21 4.89
C PRO HA 88 -71.20 46.08 5.22
N LEU HA 89 -72.40 46.47 5.63
CA LEU HA 89 -73.38 45.57 6.21
C LEU HA 89 -74.66 45.50 5.39
N GLY HA 90 -74.51 45.47 4.06
CA GLY HA 90 -75.60 45.14 3.17
C GLY HA 90 -76.47 46.29 2.74
N ARG HA 91 -76.73 47.27 3.61
CA ARG HA 91 -77.67 48.32 3.24
C ARG HA 91 -76.98 49.68 3.14
N THR HA 92 -75.80 49.73 2.55
CA THR HA 92 -75.11 50.99 2.37
C THR HA 92 -75.74 51.75 1.21
N PRO HA 93 -76.21 52.99 1.44
CA PRO HA 93 -76.86 53.81 0.40
C PRO HA 93 -75.89 54.25 -0.71
N ALA IA 2 -76.65 24.36 -9.40
CA ALA IA 2 -76.50 24.22 -7.96
C ALA IA 2 -75.96 22.84 -7.61
N ASP IA 3 -74.72 22.58 -7.98
CA ASP IA 3 -74.09 21.31 -7.65
C ASP IA 3 -73.71 21.29 -6.17
N ALA IA 4 -73.57 20.08 -5.64
CA ALA IA 4 -73.22 19.89 -4.24
C ALA IA 4 -71.81 20.39 -3.96
N LEU IA 5 -71.56 20.66 -2.68
CA LEU IA 5 -70.40 21.41 -2.25
C LEU IA 5 -69.60 20.62 -1.21
N GLY IA 6 -68.29 20.63 -1.35
CA GLY IA 6 -67.43 19.99 -0.37
C GLY IA 6 -66.24 20.86 -0.06
N MET IA 7 -65.87 20.96 1.21
CA MET IA 7 -64.80 21.84 1.63
C MET IA 7 -63.88 21.09 2.58
N ILE IA 8 -62.58 21.30 2.43
CA ILE IA 8 -61.60 20.81 3.39
C ILE IA 8 -60.81 22.01 3.89
N GLU IA 9 -60.88 22.26 5.19
CA GLU IA 9 -60.09 23.32 5.82
C GLU IA 9 -58.88 22.68 6.51
N VAL IA 10 -57.70 23.15 6.15
CA VAL IA 10 -56.45 22.66 6.72
C VAL IA 10 -55.71 23.85 7.30
N ARG IA 11 -55.21 23.71 8.53
CA ARG IA 11 -54.25 24.69 9.03
C ARG IA 11 -52.91 24.39 8.37
N GLY IA 12 -52.69 24.96 7.20
CA GLY IA 12 -51.51 24.64 6.43
C GLY IA 12 -51.81 24.51 4.97
N PHE IA 13 -50.91 25.03 4.13
CA PHE IA 13 -51.14 24.99 2.70
C PHE IA 13 -50.90 23.60 2.13
N VAL IA 14 -49.98 22.85 2.74
CA VAL IA 14 -49.54 21.57 2.18
C VAL IA 14 -50.63 20.51 2.34
N GLY IA 15 -51.23 20.45 3.53
CA GLY IA 15 -52.35 19.54 3.75
C GLY IA 15 -53.55 19.87 2.88
N MET IA 16 -53.75 21.15 2.58
CA MET IA 16 -54.84 21.53 1.70
C MET IA 16 -54.55 21.12 0.26
N VAL IA 17 -53.29 21.23 -0.18
CA VAL IA 17 -52.97 20.79 -1.55
C VAL IA 17 -53.08 19.28 -1.67
N GLU IA 18 -52.69 18.55 -0.62
CA GLU IA 18 -52.88 17.10 -0.61
C GLU IA 18 -54.36 16.72 -0.63
N ALA IA 19 -55.18 17.45 0.13
CA ALA IA 19 -56.62 17.19 0.14
C ALA IA 19 -57.25 17.53 -1.20
N ALA IA 20 -56.84 18.64 -1.82
CA ALA IA 20 -57.40 19.04 -3.10
C ALA IA 20 -56.94 18.13 -4.22
N ASP IA 21 -55.78 17.47 -4.06
CA ASP IA 21 -55.38 16.47 -5.03
C ASP IA 21 -56.19 15.19 -4.86
N ALA IA 22 -56.35 14.74 -3.60
CA ALA IA 22 -57.04 13.48 -3.36
C ALA IA 22 -58.52 13.57 -3.66
N MET IA 23 -59.12 14.76 -3.53
CA MET IA 23 -60.54 14.90 -3.85
C MET IA 23 -60.80 14.82 -5.35
N VAL IA 24 -59.94 15.44 -6.16
CA VAL IA 24 -60.16 15.38 -7.60
C VAL IA 24 -59.62 14.10 -8.22
N LYS IA 25 -58.77 13.35 -7.51
CA LYS IA 25 -58.44 12.02 -7.99
C LYS IA 25 -59.49 11.00 -7.60
N ALA IA 26 -60.10 11.18 -6.42
CA ALA IA 26 -60.94 10.14 -5.84
C ALA IA 26 -62.33 10.05 -6.43
N ALA IA 27 -62.84 11.11 -7.06
CA ALA IA 27 -64.18 11.08 -7.62
C ALA IA 27 -64.27 12.06 -8.78
N LYS IA 28 -65.49 12.34 -9.21
CA LYS IA 28 -65.76 13.26 -10.32
C LYS IA 28 -66.26 14.57 -9.74
N VAL IA 29 -65.30 15.41 -9.33
CA VAL IA 29 -65.57 16.71 -8.74
C VAL IA 29 -64.81 17.76 -9.54
N GLU IA 30 -64.92 19.01 -9.10
CA GLU IA 30 -64.20 20.11 -9.74
C GLU IA 30 -63.63 21.00 -8.66
N LEU IA 31 -62.30 21.06 -8.57
CA LEU IA 31 -61.65 21.99 -7.65
C LEU IA 31 -61.84 23.39 -8.19
N ILE IA 32 -62.78 24.14 -7.63
CA ILE IA 32 -63.03 25.47 -8.15
C ILE IA 32 -62.09 26.51 -7.55
N GLY IA 33 -61.53 26.26 -6.37
CA GLY IA 33 -60.59 27.20 -5.80
C GLY IA 33 -60.33 26.92 -4.34
N TYR IA 34 -59.78 27.93 -3.67
CA TYR IA 34 -59.33 27.80 -2.30
C TYR IA 34 -59.42 29.18 -1.66
N GLU IA 35 -59.77 29.20 -0.38
CA GLU IA 35 -59.95 30.45 0.34
C GLU IA 35 -58.87 30.58 1.40
N LYS IA 36 -58.28 31.77 1.48
CA LYS IA 36 -57.21 32.11 2.42
C LYS IA 36 -57.81 33.03 3.48
N THR IA 37 -58.31 32.44 4.55
CA THR IA 37 -58.90 33.25 5.62
C THR IA 37 -57.86 33.91 6.50
N GLY IA 38 -56.59 33.57 6.35
CA GLY IA 38 -55.55 34.16 7.17
C GLY IA 38 -55.34 33.41 8.47
N GLY IA 39 -54.10 33.46 8.96
CA GLY IA 39 -53.77 32.72 10.15
C GLY IA 39 -53.46 31.26 9.91
N GLY IA 40 -53.08 30.90 8.69
CA GLY IA 40 -52.73 29.54 8.36
C GLY IA 40 -53.87 28.68 7.90
N TYR IA 41 -55.10 29.05 8.20
CA TYR IA 41 -56.27 28.29 7.76
C TYR IA 41 -56.49 28.54 6.28
N VAL IA 42 -56.50 27.48 5.48
CA VAL IA 42 -56.95 27.60 4.09
C VAL IA 42 -57.99 26.53 3.85
N THR IA 43 -58.80 26.75 2.80
CA THR IA 43 -59.93 25.85 2.54
C THR IA 43 -60.02 25.55 1.06
N ALA IA 44 -59.82 24.28 0.71
CA ALA IA 44 -60.05 23.84 -0.66
C ALA IA 44 -61.53 23.55 -0.86
N VAL IA 45 -62.05 23.95 -2.01
CA VAL IA 45 -63.47 23.78 -2.31
C VAL IA 45 -63.60 22.95 -3.58
N VAL IA 46 -64.28 21.81 -3.46
CA VAL IA 46 -64.66 21.01 -4.62
C VAL IA 46 -66.18 21.09 -4.77
N ARG IA 47 -66.64 20.83 -5.98
CA ARG IA 47 -68.05 21.01 -6.30
C ARG IA 47 -68.49 20.01 -7.35
N GLY IA 48 -69.50 19.21 -7.01
CA GLY IA 48 -70.04 18.24 -7.94
C GLY IA 48 -71.26 17.59 -7.32
N ASP IA 49 -71.77 16.57 -7.99
CA ASP IA 49 -72.95 15.87 -7.47
C ASP IA 49 -72.62 15.10 -6.21
N VAL IA 50 -73.68 14.73 -5.47
CA VAL IA 50 -73.60 14.55 -4.02
C VAL IA 50 -72.77 13.33 -3.65
N ALA IA 51 -72.94 12.22 -4.36
CA ALA IA 51 -72.16 11.03 -4.05
C ALA IA 51 -70.69 11.20 -4.42
N ALA IA 52 -70.40 12.02 -5.43
CA ALA IA 52 -69.01 12.27 -5.79
C ALA IA 52 -68.31 13.11 -4.73
N VAL IA 53 -68.94 14.18 -4.24
CA VAL IA 53 -68.28 14.97 -3.21
C VAL IA 53 -68.28 14.23 -1.88
N LYS IA 54 -69.23 13.34 -1.66
CA LYS IA 54 -69.21 12.57 -0.42
C LYS IA 54 -68.15 11.48 -0.46
N ALA IA 55 -67.85 10.93 -1.64
CA ALA IA 55 -66.72 10.03 -1.78
C ALA IA 55 -65.41 10.77 -1.98
N ALA IA 56 -65.46 12.08 -2.21
CA ALA IA 56 -64.25 12.88 -2.39
C ALA IA 56 -63.73 13.42 -1.07
N THR IA 57 -64.62 13.98 -0.24
CA THR IA 57 -64.15 14.58 1.01
C THR IA 57 -63.71 13.53 2.02
N GLU IA 58 -64.25 12.33 1.95
CA GLU IA 58 -63.80 11.26 2.83
C GLU IA 58 -62.37 10.86 2.49
N ALA IA 59 -62.06 10.73 1.21
CA ALA IA 59 -60.69 10.43 0.80
C ALA IA 59 -59.76 11.61 1.03
N GLY IA 60 -60.27 12.83 0.92
CA GLY IA 60 -59.45 14.00 1.21
C GLY IA 60 -59.12 14.11 2.68
N GLN IA 61 -60.07 13.80 3.54
CA GLN IA 61 -59.80 13.74 4.98
C GLN IA 61 -58.85 12.59 5.31
N ARG IA 62 -58.98 11.47 4.60
CA ARG IA 62 -58.13 10.32 4.89
C ARG IA 62 -56.69 10.57 4.45
N ALA IA 63 -56.51 11.31 3.36
CA ALA IA 63 -55.16 11.59 2.88
C ALA IA 63 -54.54 12.79 3.59
N ALA IA 64 -55.34 13.79 3.94
CA ALA IA 64 -54.82 15.02 4.49
C ALA IA 64 -54.53 14.96 5.98
N GLU IA 65 -55.01 13.94 6.69
CA GLU IA 65 -54.62 13.78 8.09
C GLU IA 65 -53.21 13.23 8.26
N ARG IA 66 -52.65 12.61 7.22
CA ARG IA 66 -51.28 12.12 7.31
C ARG IA 66 -50.26 13.23 7.15
N VAL IA 67 -50.67 14.42 6.71
CA VAL IA 67 -49.74 15.49 6.41
C VAL IA 67 -49.98 16.76 7.22
N GLY IA 68 -51.19 17.01 7.72
CA GLY IA 68 -51.45 18.26 8.37
C GLY IA 68 -52.56 18.24 9.40
N GLU IA 69 -53.03 19.42 9.79
CA GLU IA 69 -54.06 19.57 10.80
C GLU IA 69 -55.37 19.93 10.11
N VAL IA 70 -56.21 18.91 9.90
CA VAL IA 70 -57.51 19.10 9.27
C VAL IA 70 -58.47 19.65 10.31
N VAL IA 71 -59.00 20.85 10.06
CA VAL IA 71 -59.92 21.47 10.99
C VAL IA 71 -61.33 20.97 10.76
N ALA IA 72 -61.85 21.14 9.55
CA ALA IA 72 -63.24 20.81 9.27
C ALA IA 72 -63.39 20.06 7.96
N VAL IA 73 -64.33 19.13 7.93
CA VAL IA 73 -64.72 18.39 6.74
C VAL IA 73 -66.23 18.43 6.66
N HIS IA 74 -66.77 19.05 5.62
CA HIS IA 74 -68.23 19.09 5.53
C HIS IA 74 -68.68 19.08 4.08
N VAL IA 75 -69.82 18.43 3.85
CA VAL IA 75 -70.45 18.32 2.54
C VAL IA 75 -71.82 18.97 2.62
N ILE IA 76 -72.09 19.90 1.73
CA ILE IA 76 -73.41 20.52 1.60
C ILE IA 76 -74.08 19.93 0.38
N PRO IA 77 -75.16 19.16 0.52
CA PRO IA 77 -75.73 18.46 -0.65
C PRO IA 77 -76.41 19.37 -1.63
N ARG IA 78 -76.99 20.47 -1.19
CA ARG IA 78 -77.54 21.48 -2.08
C ARG IA 78 -77.46 22.81 -1.37
N PRO IA 79 -76.48 23.65 -1.73
CA PRO IA 79 -76.41 24.97 -1.12
C PRO IA 79 -77.50 25.87 -1.67
N HIS IA 80 -78.01 26.74 -0.80
CA HIS IA 80 -79.03 27.68 -1.22
C HIS IA 80 -78.43 28.72 -2.17
N VAL IA 81 -79.29 29.27 -3.03
CA VAL IA 81 -78.82 30.11 -4.14
C VAL IA 81 -78.22 31.42 -3.64
N ASN IA 82 -78.61 31.87 -2.45
CA ASN IA 82 -78.01 33.07 -1.88
C ASN IA 82 -76.58 32.80 -1.43
N VAL IA 83 -76.29 31.57 -1.01
CA VAL IA 83 -74.93 31.20 -0.61
C VAL IA 83 -74.01 31.17 -1.82
N ASP IA 84 -74.48 30.58 -2.93
CA ASP IA 84 -73.69 30.60 -4.14
C ASP IA 84 -73.63 31.99 -4.77
N ALA IA 85 -74.57 32.87 -4.46
CA ALA IA 85 -74.58 34.20 -5.05
C ALA IA 85 -73.75 35.21 -4.29
N ALA IA 86 -73.65 35.09 -2.97
CA ALA IA 86 -72.93 36.07 -2.16
C ALA IA 86 -71.52 35.62 -1.80
N LEU IA 87 -71.31 34.36 -1.58
CA LEU IA 87 -70.02 33.84 -1.18
C LEU IA 87 -69.22 33.36 -2.38
N PRO IA 88 -67.87 33.36 -2.33
CA PRO IA 88 -67.07 32.94 -3.50
C PRO IA 88 -66.89 31.42 -3.61
N LEU IA 89 -67.97 30.75 -4.01
CA LEU IA 89 -68.01 29.30 -4.00
C LEU IA 89 -68.13 28.71 -5.41
N GLY IA 90 -67.67 29.47 -6.41
CA GLY IA 90 -67.50 28.93 -7.74
C GLY IA 90 -68.70 28.99 -8.65
N ARG IA 91 -69.88 29.34 -8.15
CA ARG IA 91 -71.08 29.42 -8.99
C ARG IA 91 -71.73 30.78 -8.86
N THR IA 92 -70.93 31.82 -8.96
CA THR IA 92 -71.47 33.17 -9.04
C THR IA 92 -72.08 33.36 -10.43
N PRO IA 93 -73.38 33.66 -10.53
CA PRO IA 93 -74.08 33.79 -11.83
C PRO IA 93 -73.59 34.99 -12.66
N ALA JA 2 -47.32 15.58 -16.36
CA ALA JA 2 -47.27 16.66 -15.39
C ALA JA 2 -46.02 16.56 -14.54
N ASP JA 3 -45.52 17.72 -14.10
CA ASP JA 3 -44.31 17.78 -13.31
C ASP JA 3 -44.64 17.55 -11.84
N ALA JA 4 -43.81 16.78 -11.16
CA ALA JA 4 -44.09 16.39 -9.79
C ALA JA 4 -43.86 17.52 -8.82
N LEU JA 5 -44.57 17.47 -7.70
CA LEU JA 5 -44.76 18.59 -6.78
C LEU JA 5 -44.10 18.27 -5.45
N GLY JA 6 -43.34 19.22 -4.91
CA GLY JA 6 -42.76 19.07 -3.59
C GLY JA 6 -42.98 20.31 -2.77
N MET JA 7 -43.48 20.17 -1.55
CA MET JA 7 -43.89 21.31 -0.76
C MET JA 7 -43.32 21.20 0.64
N ILE JA 8 -42.74 22.31 1.12
CA ILE JA 8 -42.22 22.40 2.49
C ILE JA 8 -42.89 23.61 3.14
N GLU JA 9 -43.72 23.36 4.15
CA GLU JA 9 -44.37 24.42 4.89
C GLU JA 9 -43.64 24.63 6.21
N VAL JA 10 -43.14 25.83 6.41
CA VAL JA 10 -42.36 26.22 7.59
C VAL JA 10 -43.02 27.44 8.21
N ARG JA 11 -43.15 27.43 9.53
CA ARG JA 11 -43.63 28.60 10.28
C ARG JA 11 -42.47 29.57 10.43
N GLY JA 12 -42.29 30.40 9.42
CA GLY JA 12 -41.23 31.40 9.42
C GLY JA 12 -40.48 31.46 8.11
N PHE JA 13 -40.06 32.66 7.75
CA PHE JA 13 -39.44 32.89 6.45
C PHE JA 13 -38.03 32.35 6.38
N VAL JA 14 -37.33 32.32 7.51
CA VAL JA 14 -35.93 31.88 7.53
C VAL JA 14 -35.82 30.40 7.25
N GLY JA 15 -36.67 29.61 7.89
CA GLY JA 15 -36.69 28.18 7.62
C GLY JA 15 -37.14 27.84 6.21
N MET JA 16 -38.00 28.67 5.63
CA MET JA 16 -38.42 28.45 4.25
C MET JA 16 -37.28 28.75 3.28
N VAL JA 17 -36.52 29.82 3.53
CA VAL JA 17 -35.40 30.12 2.63
C VAL JA 17 -34.31 29.07 2.76
N GLU JA 18 -34.07 28.57 3.97
CA GLU JA 18 -33.11 27.49 4.13
C GLU JA 18 -33.59 26.20 3.49
N ALA JA 19 -34.89 25.91 3.57
CA ALA JA 19 -35.43 24.71 2.94
C ALA JA 19 -35.38 24.80 1.42
N ALA JA 20 -35.67 25.99 0.86
CA ALA JA 20 -35.58 26.18 -0.57
C ALA JA 20 -34.13 26.10 -1.05
N ASP JA 21 -33.20 26.62 -0.26
CA ASP JA 21 -31.79 26.54 -0.59
C ASP JA 21 -31.29 25.10 -0.54
N ALA JA 22 -31.84 24.29 0.36
CA ALA JA 22 -31.47 22.88 0.38
C ALA JA 22 -32.07 22.14 -0.80
N MET JA 23 -33.32 22.47 -1.18
CA MET JA 23 -34.01 21.73 -2.23
C MET JA 23 -33.41 22.03 -3.60
N VAL JA 24 -33.15 23.29 -3.92
CA VAL JA 24 -32.66 23.60 -5.25
C VAL JA 24 -31.20 23.22 -5.45
N LYS JA 25 -30.49 22.89 -4.38
CA LYS JA 25 -29.12 22.39 -4.49
C LYS JA 25 -29.05 20.88 -4.45
N ALA JA 26 -29.96 20.23 -3.73
CA ALA JA 26 -29.90 18.79 -3.58
C ALA JA 26 -30.40 18.04 -4.80
N ALA JA 27 -31.09 18.72 -5.71
CA ALA JA 27 -31.64 18.05 -6.88
C ALA JA 27 -31.67 19.05 -8.03
N LYS JA 28 -32.42 18.72 -9.07
CA LYS JA 28 -32.60 19.59 -10.23
C LYS JA 28 -34.10 19.83 -10.38
N VAL JA 29 -34.60 20.82 -9.65
CA VAL JA 29 -36.01 21.16 -9.63
C VAL JA 29 -36.17 22.61 -10.06
N GLU JA 30 -37.41 23.08 -10.16
CA GLU JA 30 -37.70 24.46 -10.49
C GLU JA 30 -38.47 25.06 -9.31
N LEU JA 31 -37.81 25.89 -8.52
CA LEU JA 31 -38.47 26.63 -7.46
C LEU JA 31 -39.36 27.67 -8.10
N ILE JA 32 -40.66 27.40 -8.14
CA ILE JA 32 -41.56 28.30 -8.86
C ILE JA 32 -41.94 29.51 -8.01
N GLY JA 33 -41.95 29.37 -6.69
CA GLY JA 33 -42.31 30.49 -5.85
C GLY JA 33 -42.44 30.15 -4.38
N TYR JA 34 -43.40 30.77 -3.72
CA TYR JA 34 -43.62 30.61 -2.29
C TYR JA 34 -45.01 31.12 -1.98
N GLU JA 35 -45.70 30.44 -1.07
CA GLU JA 35 -47.10 30.75 -0.76
C GLU JA 35 -47.20 31.19 0.69
N LYS JA 36 -47.91 32.31 0.92
CA LYS JA 36 -48.02 32.93 2.22
C LYS JA 36 -49.47 32.80 2.68
N THR JA 37 -49.70 31.94 3.67
CA THR JA 37 -51.05 31.72 4.19
C THR JA 37 -51.28 32.44 5.52
N GLY JA 38 -50.46 33.43 5.84
CA GLY JA 38 -50.64 34.21 7.04
C GLY JA 38 -50.22 33.46 8.30
N GLY JA 39 -49.99 34.24 9.36
CA GLY JA 39 -49.60 33.64 10.61
C GLY JA 39 -48.21 33.05 10.64
N GLY JA 40 -47.34 33.47 9.72
CA GLY JA 40 -46.00 32.96 9.66
C GLY JA 40 -45.82 31.71 8.85
N TYR JA 41 -46.89 31.03 8.47
CA TYR JA 41 -46.79 29.84 7.64
C TYR JA 41 -46.45 30.25 6.22
N VAL JA 42 -45.23 29.95 5.78
CA VAL JA 42 -44.86 30.13 4.39
C VAL JA 42 -44.45 28.78 3.83
N THR JA 43 -44.83 28.53 2.58
CA THR JA 43 -44.65 27.23 1.95
C THR JA 43 -43.80 27.40 0.70
N ALA JA 44 -42.64 26.76 0.69
CA ALA JA 44 -41.82 26.69 -0.50
C ALA JA 44 -42.31 25.55 -1.39
N VAL JA 45 -42.39 25.81 -2.69
CA VAL JA 45 -42.88 24.86 -3.66
C VAL JA 45 -41.80 24.64 -4.71
N VAL JA 46 -41.30 23.42 -4.79
CA VAL JA 46 -40.43 23.01 -5.88
C VAL JA 46 -41.22 22.07 -6.77
N ARG JA 47 -40.77 21.96 -8.01
CA ARG JA 47 -41.52 21.19 -9.00
C ARG JA 47 -40.58 20.67 -10.05
N GLY JA 48 -40.41 19.35 -10.07
CA GLY JA 48 -39.50 18.70 -11.00
C GLY JA 48 -40.10 17.43 -11.57
N ASP JA 49 -39.42 16.31 -11.44
CA ASP JA 49 -40.04 15.01 -11.63
C ASP JA 49 -39.95 14.22 -10.34
N VAL JA 50 -40.45 12.99 -10.37
CA VAL JA 50 -40.71 12.21 -9.16
C VAL JA 50 -39.42 11.84 -8.46
N ALA JA 51 -38.35 11.62 -9.22
CA ALA JA 51 -37.05 11.31 -8.62
C ALA JA 51 -36.47 12.54 -7.93
N ALA JA 52 -36.68 13.72 -8.51
CA ALA JA 52 -35.97 14.90 -8.04
C ALA JA 52 -36.60 15.47 -6.78
N VAL JA 53 -37.92 15.62 -6.75
CA VAL JA 53 -38.55 16.30 -5.62
C VAL JA 53 -38.53 15.42 -4.38
N LYS JA 54 -38.52 14.09 -4.55
CA LYS JA 54 -38.49 13.21 -3.40
C LYS JA 54 -37.14 13.25 -2.70
N ALA JA 55 -36.08 13.52 -3.45
CA ALA JA 55 -34.76 13.71 -2.86
C ALA JA 55 -34.50 15.16 -2.49
N ALA JA 56 -35.26 16.09 -3.05
CA ALA JA 56 -35.10 17.49 -2.67
C ALA JA 56 -35.74 17.77 -1.31
N THR JA 57 -36.95 17.27 -1.10
CA THR JA 57 -37.63 17.52 0.16
C THR JA 57 -37.02 16.74 1.32
N GLU JA 58 -36.26 15.67 1.06
CA GLU JA 58 -35.50 15.04 2.14
C GLU JA 58 -34.46 15.98 2.69
N ALA JA 59 -33.68 16.62 1.80
CA ALA JA 59 -32.71 17.61 2.27
C ALA JA 59 -33.39 18.85 2.82
N GLY JA 60 -34.57 19.18 2.30
CA GLY JA 60 -35.31 20.30 2.86
C GLY JA 60 -35.78 20.06 4.28
N GLN JA 61 -36.32 18.87 4.54
CA GLN JA 61 -36.71 18.49 5.90
C GLN JA 61 -35.49 18.34 6.80
N ARG JA 62 -34.36 17.89 6.25
CA ARG JA 62 -33.18 17.71 7.08
C ARG JA 62 -32.50 19.04 7.39
N ALA JA 63 -32.63 20.04 6.51
CA ALA JA 63 -31.97 21.31 6.72
C ALA JA 63 -32.87 22.38 7.32
N ALA JA 64 -34.19 22.20 7.28
CA ALA JA 64 -35.08 23.19 7.86
C ALA JA 64 -35.45 22.89 9.31
N GLU JA 65 -35.16 21.69 9.80
CA GLU JA 65 -35.37 21.39 11.20
C GLU JA 65 -34.27 21.96 12.09
N ARG JA 66 -33.14 22.34 11.53
CA ARG JA 66 -32.07 22.94 12.32
C ARG JA 66 -32.31 24.42 12.59
N VAL JA 67 -33.22 25.05 11.88
CA VAL JA 67 -33.39 26.50 11.96
C VAL JA 67 -34.72 26.92 12.54
N GLY JA 68 -35.73 26.06 12.56
CA GLY JA 68 -37.03 26.47 13.05
C GLY JA 68 -38.05 25.35 13.18
N GLU JA 69 -39.30 25.65 12.82
CA GLU JA 69 -40.40 24.72 12.96
C GLU JA 69 -40.87 24.29 11.58
N VAL JA 70 -40.73 23.01 11.28
CA VAL JA 70 -41.23 22.44 10.03
C VAL JA 70 -42.66 21.98 10.28
N VAL JA 71 -43.61 22.60 9.57
CA VAL JA 71 -45.00 22.22 9.71
C VAL JA 71 -45.26 20.99 8.86
N ALA JA 72 -44.89 21.04 7.58
CA ALA JA 72 -45.25 19.93 6.71
C ALA JA 72 -44.23 19.72 5.61
N VAL JA 73 -44.07 18.47 5.20
CA VAL JA 73 -43.19 18.04 4.11
C VAL JA 73 -43.97 17.05 3.27
N HIS JA 74 -44.14 17.33 1.97
CA HIS JA 74 -44.89 16.36 1.19
C HIS JA 74 -44.48 16.38 -0.28
N VAL JA 75 -44.62 15.22 -0.92
CA VAL JA 75 -44.30 15.00 -2.33
C VAL JA 75 -45.51 14.38 -3.00
N ILE JA 76 -45.99 15.00 -4.07
CA ILE JA 76 -47.03 14.44 -4.93
C ILE JA 76 -46.38 14.10 -6.27
N PRO JA 77 -46.35 12.82 -6.65
CA PRO JA 77 -45.61 12.46 -7.87
C PRO JA 77 -46.30 12.87 -9.16
N ARG JA 78 -47.62 12.98 -9.16
CA ARG JA 78 -48.35 13.46 -10.33
C ARG JA 78 -49.58 14.17 -9.84
N PRO JA 79 -49.55 15.50 -9.78
CA PRO JA 79 -50.75 16.25 -9.42
C PRO JA 79 -51.75 16.21 -10.55
N HIS JA 80 -53.03 16.14 -10.19
CA HIS JA 80 -54.09 16.10 -11.18
C HIS JA 80 -54.19 17.45 -11.88
N VAL JA 81 -54.74 17.43 -13.10
CA VAL JA 81 -54.70 18.61 -13.96
C VAL JA 81 -55.59 19.72 -13.42
N ASN JA 82 -56.62 19.37 -12.64
CA ASN JA 82 -57.45 20.40 -12.01
C ASN JA 82 -56.68 21.12 -10.91
N VAL JA 83 -55.76 20.42 -10.24
CA VAL JA 83 -54.98 21.03 -9.18
C VAL JA 83 -54.01 22.06 -9.75
N ASP JA 84 -53.34 21.72 -10.85
CA ASP JA 84 -52.47 22.70 -11.49
C ASP JA 84 -53.25 23.75 -12.25
N ALA JA 85 -54.52 23.49 -12.55
CA ALA JA 85 -55.31 24.50 -13.26
C ALA JA 85 -55.89 25.54 -12.31
N ALA JA 86 -56.36 25.13 -11.14
CA ALA JA 86 -57.04 26.04 -10.23
C ALA JA 86 -56.15 26.56 -9.12
N LEU JA 87 -55.25 25.75 -8.59
CA LEU JA 87 -54.35 26.24 -7.56
C LEU JA 87 -53.08 26.80 -8.18
N PRO JA 88 -52.55 27.92 -7.69
CA PRO JA 88 -51.30 28.49 -8.22
C PRO JA 88 -50.04 27.78 -7.73
N LEU JA 89 -49.72 26.66 -8.40
CA LEU JA 89 -48.59 25.82 -8.03
C LEU JA 89 -47.54 25.77 -9.12
N GLY JA 90 -47.44 26.82 -9.93
CA GLY JA 90 -46.36 27.00 -10.88
C GLY JA 90 -46.74 26.79 -12.32
N ARG JA 91 -47.54 25.77 -12.63
CA ARG JA 91 -47.90 25.43 -14.00
C ARG JA 91 -49.26 25.95 -14.39
N THR JA 92 -49.63 27.12 -13.87
CA THR JA 92 -50.91 27.73 -14.18
C THR JA 92 -50.90 28.23 -15.62
N PRO JA 93 -51.79 27.73 -16.51
CA PRO JA 93 -51.78 28.05 -17.94
C PRO JA 93 -52.16 29.49 -18.23
N ALA KA 2 -35.72 4.00 -24.32
CA ALA KA 2 -35.94 2.80 -23.53
C ALA KA 2 -36.23 3.14 -22.08
N ASP KA 3 -37.47 3.55 -21.82
CA ASP KA 3 -37.88 3.88 -20.46
C ASP KA 3 -38.05 2.61 -19.64
N ALA KA 4 -38.33 2.81 -18.35
CA ALA KA 4 -38.46 1.70 -17.42
C ALA KA 4 -39.75 0.94 -17.66
N LEU KA 5 -40.03 -0.02 -16.78
CA LEU KA 5 -41.12 -0.94 -17.02
C LEU KA 5 -41.76 -1.36 -15.70
N GLY KA 6 -43.09 -1.42 -15.67
CA GLY KA 6 -43.78 -1.95 -14.52
C GLY KA 6 -44.91 -2.85 -14.95
N MET KA 7 -45.05 -4.02 -14.31
CA MET KA 7 -46.04 -5.00 -14.72
C MET KA 7 -46.78 -5.51 -13.51
N ILE KA 8 -48.10 -5.54 -13.60
CA ILE KA 8 -48.94 -6.12 -12.56
C ILE KA 8 -49.75 -7.22 -13.19
N GLU KA 9 -49.53 -8.46 -12.76
CA GLU KA 9 -50.31 -9.60 -13.23
C GLU KA 9 -51.37 -9.91 -12.18
N VAL KA 10 -52.63 -9.91 -12.61
CA VAL KA 10 -53.75 -10.19 -11.73
C VAL KA 10 -54.54 -11.34 -12.34
N ARG KA 11 -54.89 -12.32 -11.51
CA ARG KA 11 -55.84 -13.34 -11.94
C ARG KA 11 -57.23 -12.75 -11.88
N GLY KA 12 -57.65 -12.12 -12.97
CA GLY KA 12 -58.94 -11.44 -13.03
C GLY KA 12 -58.82 -10.08 -13.66
N PHE KA 13 -59.86 -9.70 -14.39
CA PHE KA 13 -59.85 -8.42 -15.10
C PHE KA 13 -60.03 -7.24 -14.17
N VAL KA 14 -60.79 -7.43 -13.08
CA VAL KA 14 -61.18 -6.32 -12.22
C VAL KA 14 -59.98 -5.82 -11.41
N GLY KA 15 -59.19 -6.74 -10.85
CA GLY KA 15 -58.00 -6.34 -10.14
C GLY KA 15 -56.95 -5.71 -11.04
N MET KA 16 -56.90 -6.14 -12.30
CA MET KA 16 -55.97 -5.53 -13.24
C MET KA 16 -56.40 -4.11 -13.59
N VAL KA 17 -57.71 -3.87 -13.73
CA VAL KA 17 -58.16 -2.52 -14.04
C VAL KA 17 -57.98 -1.60 -12.83
N GLU KA 18 -58.16 -2.13 -11.61
CA GLU KA 18 -57.89 -1.33 -10.42
C GLU KA 18 -56.41 -1.02 -10.27
N ALA KA 19 -55.54 -1.98 -10.61
CA ALA KA 19 -54.10 -1.71 -10.56
C ALA KA 19 -53.68 -0.71 -11.62
N ALA KA 20 -54.24 -0.81 -12.82
CA ALA KA 20 -53.92 0.13 -13.89
C ALA KA 20 -54.50 1.52 -13.61
N ASP KA 21 -55.56 1.59 -12.81
CA ASP KA 21 -56.07 2.90 -12.41
C ASP KA 21 -55.27 3.48 -11.25
N ALA KA 22 -54.69 2.63 -10.41
CA ALA KA 22 -53.88 3.15 -9.31
C ALA KA 22 -52.51 3.61 -9.78
N MET KA 23 -51.92 2.91 -10.75
CA MET KA 23 -50.55 3.21 -11.16
C MET KA 23 -50.47 4.54 -11.92
N VAL KA 24 -51.42 4.80 -12.81
CA VAL KA 24 -51.35 6.05 -13.58
C VAL KA 24 -51.77 7.26 -12.77
N LYS KA 25 -52.39 7.06 -11.62
CA LYS KA 25 -52.62 8.16 -10.69
C LYS KA 25 -51.44 8.35 -9.75
N ALA KA 26 -50.74 7.27 -9.38
CA ALA KA 26 -49.72 7.38 -8.36
C ALA KA 26 -48.44 8.03 -8.86
N ALA KA 27 -48.20 8.03 -10.16
CA ALA KA 27 -47.00 8.67 -10.73
C ALA KA 27 -47.27 8.96 -12.20
N LYS KA 28 -46.28 9.56 -12.87
CA LYS KA 28 -46.38 9.83 -14.30
C LYS KA 28 -45.86 8.62 -15.06
N VAL KA 29 -46.77 7.68 -15.32
CA VAL KA 29 -46.47 6.52 -16.14
C VAL KA 29 -47.44 6.54 -17.32
N GLU KA 30 -47.21 5.66 -18.28
CA GLU KA 30 -48.07 5.53 -19.44
C GLU KA 30 -48.55 4.10 -19.54
N LEU KA 31 -49.84 3.88 -19.25
CA LEU KA 31 -50.44 2.56 -19.45
C LEU KA 31 -50.51 2.26 -20.93
N ILE KA 32 -49.63 1.38 -21.41
CA ILE KA 32 -49.58 1.12 -22.84
C ILE KA 32 -50.53 0.01 -23.27
N GLY KA 33 -50.89 -0.90 -22.37
CA GLY KA 33 -51.76 -2.00 -22.76
C GLY KA 33 -51.91 -3.01 -21.65
N TYR KA 34 -52.19 -4.25 -22.07
CA TYR KA 34 -52.54 -5.34 -21.18
C TYR KA 34 -52.45 -6.63 -22.00
N GLU KA 35 -51.98 -7.70 -21.38
CA GLU KA 35 -51.69 -8.93 -22.11
C GLU KA 35 -52.53 -10.06 -21.55
N LYS KA 36 -53.35 -10.66 -22.40
CA LYS KA 36 -54.31 -11.70 -22.01
C LYS KA 36 -53.67 -13.05 -22.30
N THR KA 37 -52.96 -13.59 -21.32
CA THR KA 37 -52.30 -14.88 -21.49
C THR KA 37 -53.25 -16.07 -21.38
N GLY KA 38 -54.52 -15.83 -21.06
CA GLY KA 38 -55.48 -16.90 -20.95
C GLY KA 38 -55.50 -17.51 -19.56
N GLY KA 39 -56.66 -18.08 -19.21
CA GLY KA 39 -56.83 -18.67 -17.91
C GLY KA 39 -57.06 -17.69 -16.80
N GLY KA 40 -57.38 -16.44 -17.12
CA GLY KA 40 -57.67 -15.42 -16.13
C GLY KA 40 -56.53 -14.49 -15.81
N TYR KA 41 -55.32 -14.82 -16.22
CA TYR KA 41 -54.16 -13.99 -15.94
C TYR KA 41 -54.11 -12.85 -16.95
N VAL KA 42 -54.09 -11.62 -16.45
CA VAL KA 42 -53.90 -10.45 -17.31
C VAL KA 42 -52.85 -9.56 -16.67
N THR KA 43 -52.01 -8.94 -17.50
CA THR KA 43 -50.85 -8.19 -17.03
C THR KA 43 -50.93 -6.76 -17.53
N ALA KA 44 -51.22 -5.83 -16.63
CA ALA KA 44 -51.17 -4.42 -16.95
C ALA KA 44 -49.73 -3.96 -17.00
N VAL KA 45 -49.40 -3.16 -18.01
CA VAL KA 45 -48.04 -2.70 -18.26
C VAL KA 45 -48.02 -1.18 -18.23
N VAL KA 46 -47.24 -0.61 -17.32
CA VAL KA 46 -47.00 0.83 -17.30
C VAL KA 46 -45.54 1.08 -17.63
N ARG KA 47 -45.25 2.31 -18.01
CA ARG KA 47 -43.94 2.64 -18.54
C ARG KA 47 -43.58 4.09 -18.24
N GLY KA 48 -42.41 4.29 -17.65
CA GLY KA 48 -41.92 5.62 -17.36
C GLY KA 48 -40.55 5.51 -16.74
N ASP KA 49 -40.01 6.65 -16.31
CA ASP KA 49 -38.73 6.63 -15.60
C ASP KA 49 -38.89 5.93 -14.25
N VAL KA 50 -37.74 5.49 -13.70
CA VAL KA 50 -37.74 4.37 -12.76
C VAL KA 50 -38.36 4.76 -11.43
N ALA KA 51 -38.09 5.98 -10.96
CA ALA KA 51 -38.69 6.41 -9.70
C ALA KA 51 -40.18 6.71 -9.82
N ALA KA 52 -40.72 6.76 -11.04
CA ALA KA 52 -42.16 6.82 -11.20
C ALA KA 52 -42.77 5.43 -11.19
N VAL KA 53 -42.17 4.47 -11.92
CA VAL KA 53 -42.78 3.16 -11.99
C VAL KA 53 -42.57 2.38 -10.70
N LYS KA 54 -41.50 2.66 -9.96
CA LYS KA 54 -41.24 1.96 -8.72
C LYS KA 54 -42.14 2.47 -7.60
N ALA KA 55 -42.54 3.73 -7.67
CA ALA KA 55 -43.56 4.26 -6.77
C ALA KA 55 -44.97 4.05 -7.30
N ALA KA 56 -45.11 3.63 -8.55
CA ALA KA 56 -46.42 3.35 -9.11
C ALA KA 56 -46.84 1.90 -8.89
N THR KA 57 -45.95 0.94 -9.11
CA THR KA 57 -46.32 -0.46 -8.96
C THR KA 57 -46.51 -0.84 -7.51
N GLU KA 58 -45.86 -0.16 -6.58
CA GLU KA 58 -46.11 -0.45 -5.17
C GLU KA 58 -47.50 0.01 -4.75
N ALA KA 59 -47.92 1.20 -5.23
CA ALA KA 59 -49.27 1.66 -4.96
C ALA KA 59 -50.30 0.82 -5.71
N GLY KA 60 -49.95 0.34 -6.89
CA GLY KA 60 -50.85 -0.53 -7.63
C GLY KA 60 -51.01 -1.89 -6.97
N GLN KA 61 -49.92 -2.43 -6.41
CA GLN KA 61 -50.01 -3.66 -5.64
C GLN KA 61 -50.84 -3.47 -4.38
N ARG KA 62 -50.63 -2.37 -3.67
CA ARG KA 62 -51.38 -2.12 -2.45
C ARG KA 62 -52.85 -1.88 -2.73
N ALA KA 63 -53.18 -1.32 -3.89
CA ALA KA 63 -54.58 -1.14 -4.25
C ALA KA 63 -55.21 -2.44 -4.74
N ALA KA 64 -54.48 -3.21 -5.55
CA ALA KA 64 -55.03 -4.41 -6.16
C ALA KA 64 -55.02 -5.62 -5.26
N GLU KA 65 -54.37 -5.56 -4.09
CA GLU KA 65 -54.55 -6.63 -3.12
C GLU KA 65 -55.93 -6.58 -2.47
N ARG KA 66 -56.61 -5.44 -2.49
CA ARG KA 66 -57.93 -5.37 -1.89
C ARG KA 66 -59.01 -5.99 -2.77
N VAL KA 67 -58.73 -6.22 -4.05
CA VAL KA 67 -59.81 -6.60 -4.97
C VAL KA 67 -59.58 -7.96 -5.60
N GLY KA 68 -58.33 -8.40 -5.72
CA GLY KA 68 -58.07 -9.61 -6.47
C GLY KA 68 -56.83 -10.39 -6.08
N GLU KA 69 -56.47 -11.37 -6.92
CA GLU KA 69 -55.30 -12.22 -6.68
C GLU KA 69 -54.15 -11.67 -7.52
N VAL KA 70 -53.28 -10.91 -6.87
CA VAL KA 70 -52.08 -10.38 -7.51
C VAL KA 70 -51.03 -11.49 -7.56
N VAL KA 71 -50.63 -11.87 -8.75
CA VAL KA 71 -49.65 -12.94 -8.91
C VAL KA 71 -48.24 -12.40 -8.77
N ALA KA 72 -47.91 -11.38 -9.57
CA ALA KA 72 -46.54 -10.89 -9.62
C ALA KA 72 -46.52 -9.38 -9.75
N VAL KA 73 -45.54 -8.77 -9.09
CA VAL KA 73 -45.26 -7.33 -9.18
C VAL KA 73 -43.77 -7.20 -9.42
N HIS KA 74 -43.39 -6.62 -10.56
CA HIS KA 74 -41.96 -6.48 -10.82
C HIS KA 74 -41.71 -5.25 -11.68
N VAL KA 75 -40.57 -4.61 -11.41
CA VAL KA 75 -40.11 -3.42 -12.12
C VAL KA 75 -38.82 -3.76 -12.83
N ILE KA 76 -38.72 -3.40 -14.10
CA ILE KA 76 -37.50 -3.54 -14.88
C ILE KA 76 -36.99 -2.13 -15.19
N PRO KA 77 -35.87 -1.70 -14.58
CA PRO KA 77 -35.46 -0.30 -14.75
C PRO KA 77 -34.91 0.03 -16.12
N ARG KA 78 -34.19 -0.91 -16.74
CA ARG KA 78 -33.70 -0.73 -18.11
C ARG KA 78 -33.92 -2.03 -18.86
N PRO KA 79 -35.04 -2.15 -19.56
CA PRO KA 79 -35.24 -3.33 -20.40
C PRO KA 79 -34.33 -3.27 -21.62
N HIS KA 80 -33.82 -4.44 -22.01
CA HIS KA 80 -32.92 -4.55 -23.13
C HIS KA 80 -33.66 -4.26 -24.43
N VAL KA 81 -32.91 -3.85 -25.45
CA VAL KA 81 -33.51 -3.39 -26.70
C VAL KA 81 -34.19 -4.56 -27.45
N ASN KA 82 -33.72 -5.78 -27.23
CA ASN KA 82 -34.39 -6.94 -27.82
C ASN KA 82 -35.71 -7.22 -27.11
N VAL KA 83 -35.79 -6.96 -25.81
CA VAL KA 83 -37.02 -7.18 -25.07
C VAL KA 83 -38.09 -6.18 -25.49
N ASP KA 84 -37.70 -4.92 -25.69
CA ASP KA 84 -38.65 -3.94 -26.20
C ASP KA 84 -38.97 -4.17 -27.66
N ALA KA 85 -38.06 -4.77 -28.42
CA ALA KA 85 -38.28 -4.95 -29.86
C ALA KA 85 -39.07 -6.18 -30.22
N ALA KA 86 -39.02 -7.23 -29.40
CA ALA KA 86 -39.67 -8.49 -29.74
C ALA KA 86 -40.97 -8.73 -29.00
N LEU KA 87 -41.06 -8.31 -27.80
CA LEU KA 87 -42.22 -8.48 -26.95
C LEU KA 87 -43.16 -7.28 -27.05
N PRO KA 88 -44.47 -7.45 -26.80
CA PRO KA 88 -45.40 -6.30 -26.92
C PRO KA 88 -45.45 -5.46 -25.65
N LEU KA 89 -44.36 -4.73 -25.38
CA LEU KA 89 -44.23 -3.97 -24.15
C LEU KA 89 -44.27 -2.46 -24.39
N GLY KA 90 -44.81 -2.03 -25.53
CA GLY KA 90 -45.17 -0.64 -25.74
C GLY KA 90 -44.22 0.18 -26.57
N ARG KA 91 -42.96 -0.23 -26.72
CA ARG KA 91 -41.98 0.58 -27.42
C ARG KA 91 -41.35 -0.21 -28.55
N THR KA 92 -42.16 -0.87 -29.35
CA THR KA 92 -41.69 -1.50 -30.56
C THR KA 92 -41.39 -0.42 -31.59
N PRO KA 93 -40.16 -0.34 -32.13
CA PRO KA 93 -39.82 0.68 -33.12
C PRO KA 93 -40.52 0.47 -34.47
N ALA LA 2 -64.86 11.93 -17.02
CA ALA LA 2 -65.14 10.55 -17.39
C ALA LA 2 -66.22 9.95 -16.50
N ASP LA 3 -66.90 8.94 -17.00
CA ASP LA 3 -67.98 8.31 -16.25
C ASP LA 3 -67.43 7.25 -15.31
N ALA LA 4 -68.09 7.10 -14.17
CA ALA LA 4 -67.71 6.13 -13.16
C ALA LA 4 -67.84 4.70 -13.67
N LEU LA 5 -67.07 3.80 -13.07
CA LEU LA 5 -66.83 2.47 -13.60
C LEU LA 5 -67.24 1.41 -12.59
N GLY LA 6 -67.99 0.43 -13.03
CA GLY LA 6 -68.37 -0.69 -12.17
C GLY LA 6 -68.19 -2.00 -12.92
N MET LA 7 -67.64 -2.99 -12.22
CA MET LA 7 -67.27 -4.25 -12.84
C MET LA 7 -67.64 -5.40 -11.93
N ILE LA 8 -68.16 -6.47 -12.53
CA ILE LA 8 -68.43 -7.73 -11.82
C ILE LA 8 -67.70 -8.83 -12.57
N GLU LA 9 -66.80 -9.53 -11.90
CA GLU LA 9 -66.13 -10.68 -12.49
C GLU LA 9 -66.80 -11.95 -11.99
N VAL LA 10 -67.24 -12.80 -12.91
CA VAL LA 10 -67.92 -14.05 -12.59
C VAL LA 10 -67.22 -15.17 -13.33
N ARG LA 11 -66.92 -16.25 -12.62
CA ARG LA 11 -66.43 -17.48 -13.25
C ARG LA 11 -67.64 -18.22 -13.82
N GLY LA 12 -68.05 -17.80 -15.01
CA GLY LA 12 -69.20 -18.38 -15.68
C GLY LA 12 -70.03 -17.31 -16.37
N PHE LA 13 -70.64 -17.69 -17.49
CA PHE LA 13 -71.42 -16.74 -18.27
C PHE LA 13 -72.78 -16.47 -17.66
N VAL LA 14 -73.34 -17.46 -16.94
CA VAL LA 14 -74.68 -17.34 -16.40
C VAL LA 14 -74.73 -16.30 -15.29
N GLY LA 15 -73.77 -16.40 -14.35
CA GLY LA 15 -73.69 -15.41 -13.29
C GLY LA 15 -73.34 -14.03 -13.80
N MET LA 16 -72.62 -13.95 -14.92
CA MET LA 16 -72.32 -12.65 -15.50
C MET LA 16 -73.56 -12.03 -16.11
N VAL LA 17 -74.40 -12.84 -16.77
CA VAL LA 17 -75.65 -12.31 -17.32
C VAL LA 17 -76.60 -11.88 -16.20
N GLU LA 18 -76.64 -12.66 -15.12
CA GLU LA 18 -77.47 -12.28 -13.97
C GLU LA 18 -76.96 -11.00 -13.31
N ALA LA 19 -75.64 -10.85 -13.20
CA ALA LA 19 -75.07 -9.64 -12.63
C ALA LA 19 -75.33 -8.43 -13.50
N ALA LA 20 -75.16 -8.57 -14.82
CA ALA LA 20 -75.44 -7.48 -15.74
C ALA LA 20 -76.90 -7.09 -15.75
N ASP LA 21 -77.80 -8.06 -15.64
CA ASP LA 21 -79.22 -7.78 -15.53
C ASP LA 21 -79.56 -7.03 -14.26
N ALA LA 22 -79.00 -7.46 -13.13
CA ALA LA 22 -79.25 -6.77 -11.87
C ALA LA 22 -78.70 -5.36 -11.87
N MET LA 23 -77.54 -5.15 -12.51
CA MET LA 23 -76.97 -3.81 -12.56
C MET LA 23 -77.77 -2.89 -13.46
N VAL LA 24 -78.21 -3.36 -14.63
CA VAL LA 24 -78.98 -2.47 -15.51
C VAL LA 24 -80.43 -2.35 -15.08
N LYS LA 25 -80.90 -3.17 -14.15
CA LYS LA 25 -82.22 -2.94 -13.57
C LYS LA 25 -82.17 -2.02 -12.36
N ALA LA 26 -81.16 -2.17 -11.51
CA ALA LA 26 -81.19 -1.48 -10.22
C ALA LA 26 -80.85 -0.01 -10.30
N ALA LA 27 -80.27 0.46 -11.41
CA ALA LA 27 -79.91 1.87 -11.52
C ALA LA 27 -79.97 2.28 -12.98
N LYS LA 28 -79.59 3.53 -13.24
CA LYS LA 28 -79.54 4.07 -14.59
C LYS LA 28 -78.08 4.12 -15.04
N VAL LA 29 -77.60 2.98 -15.51
CA VAL LA 29 -76.21 2.84 -15.96
C VAL LA 29 -76.24 2.40 -17.42
N GLU LA 30 -75.06 2.20 -18.00
CA GLU LA 30 -74.94 1.75 -19.39
C GLU LA 30 -74.04 0.52 -19.43
N LEU LA 31 -74.63 -0.63 -19.74
CA LEU LA 31 -73.85 -1.84 -19.96
C LEU LA 31 -73.12 -1.72 -21.29
N ILE LA 32 -71.82 -1.50 -21.24
CA ILE LA 32 -71.07 -1.25 -22.46
C ILE LA 32 -70.57 -2.53 -23.11
N GLY LA 33 -70.35 -3.58 -22.33
CA GLY LA 33 -69.84 -4.81 -22.92
C GLY LA 33 -69.51 -5.84 -21.86
N TYR LA 34 -68.54 -6.70 -22.19
CA TYR LA 34 -68.12 -7.78 -21.32
C TYR LA 34 -66.76 -8.27 -21.80
N GLU LA 35 -65.89 -8.60 -20.87
CA GLU LA 35 -64.51 -8.95 -21.20
C GLU LA 35 -64.24 -10.39 -20.82
N LYS LA 36 -63.62 -11.12 -21.74
CA LYS LA 36 -63.42 -12.57 -21.65
C LYS LA 36 -61.94 -12.86 -21.45
N THR LA 37 -61.52 -12.97 -20.20
CA THR LA 37 -60.12 -13.22 -19.88
C THR LA 37 -59.77 -14.70 -19.84
N GLY LA 38 -60.62 -15.55 -20.40
CA GLY LA 38 -60.31 -16.97 -20.47
C GLY LA 38 -60.56 -17.69 -19.16
N GLY LA 39 -60.78 -19.00 -19.29
CA GLY LA 39 -60.97 -19.83 -18.11
C GLY LA 39 -62.28 -19.63 -17.41
N GLY LA 40 -63.30 -19.12 -18.10
CA GLY LA 40 -64.59 -18.87 -17.51
C GLY LA 40 -64.74 -17.53 -16.83
N TYR LA 41 -63.64 -16.83 -16.55
CA TYR LA 41 -63.68 -15.52 -15.93
C TYR LA 41 -64.16 -14.50 -16.94
N VAL LA 42 -65.44 -14.16 -16.89
CA VAL LA 42 -65.99 -13.09 -17.72
C VAL LA 42 -66.40 -11.94 -16.83
N THR LA 43 -66.19 -10.72 -17.30
CA THR LA 43 -66.38 -9.51 -16.51
C THR LA 43 -67.40 -8.62 -17.17
N ALA LA 44 -68.51 -8.39 -16.48
CA ALA LA 44 -69.52 -7.43 -16.93
C ALA LA 44 -69.12 -6.04 -16.49
N VAL LA 45 -69.21 -5.09 -17.40
CA VAL LA 45 -68.78 -3.72 -17.17
C VAL LA 45 -69.96 -2.79 -17.37
N VAL LA 46 -70.37 -2.12 -16.31
CA VAL LA 46 -71.32 -1.02 -16.40
C VAL LA 46 -70.55 0.27 -16.17
N ARG LA 47 -71.10 1.36 -16.68
CA ARG LA 47 -70.40 2.62 -16.63
C ARG LA 47 -71.40 3.77 -16.60
N GLY LA 48 -71.41 4.49 -15.49
CA GLY LA 48 -72.30 5.61 -15.29
C GLY LA 48 -71.82 6.42 -14.12
N ASP LA 49 -72.62 7.40 -13.72
CA ASP LA 49 -72.23 8.27 -12.61
C ASP LA 49 -72.23 7.50 -11.29
N VAL LA 50 -71.58 8.10 -10.28
CA VAL LA 50 -70.97 7.37 -9.18
C VAL LA 50 -72.00 6.67 -8.30
N ALA LA 51 -73.09 7.37 -7.98
CA ALA LA 51 -74.15 6.78 -7.16
C ALA LA 51 -74.84 5.64 -7.89
N ALA LA 52 -74.99 5.75 -9.20
CA ALA LA 52 -75.69 4.71 -9.96
C ALA LA 52 -74.89 3.43 -10.00
N VAL LA 53 -73.59 3.50 -10.28
CA VAL LA 53 -72.81 2.27 -10.32
C VAL LA 53 -72.54 1.76 -8.91
N LYS LA 54 -72.50 2.67 -7.92
CA LYS LA 54 -72.26 2.25 -6.55
C LYS LA 54 -73.48 1.57 -5.96
N ALA LA 55 -74.66 1.86 -6.51
CA ALA LA 55 -75.87 1.12 -6.14
C ALA LA 55 -76.18 -0.03 -7.08
N ALA LA 56 -75.55 -0.06 -8.25
CA ALA LA 56 -75.76 -1.14 -9.20
C ALA LA 56 -74.89 -2.36 -8.90
N THR LA 57 -73.63 -2.14 -8.53
CA THR LA 57 -72.77 -3.28 -8.20
C THR LA 57 -73.17 -3.92 -6.87
N GLU LA 58 -73.86 -3.20 -5.99
CA GLU LA 58 -74.43 -3.83 -4.79
C GLU LA 58 -75.46 -4.88 -5.18
N ALA LA 59 -76.39 -4.51 -6.06
CA ALA LA 59 -77.39 -5.48 -6.50
C ALA LA 59 -76.77 -6.56 -7.37
N GLY LA 60 -75.72 -6.24 -8.11
CA GLY LA 60 -75.03 -7.24 -8.90
C GLY LA 60 -74.33 -8.28 -8.05
N GLN LA 61 -73.71 -7.84 -6.95
CA GLN LA 61 -73.10 -8.78 -6.01
C GLN LA 61 -74.16 -9.56 -5.26
N ARG LA 62 -75.28 -8.92 -4.91
CA ARG LA 62 -76.30 -9.61 -4.14
C ARG LA 62 -77.09 -10.60 -5.00
N ALA LA 63 -77.15 -10.38 -6.31
CA ALA LA 63 -77.85 -11.30 -7.19
C ALA LA 63 -76.94 -12.36 -7.79
N ALA LA 64 -75.70 -12.02 -8.11
CA ALA LA 64 -74.80 -12.97 -8.76
C ALA LA 64 -74.17 -13.95 -7.79
N GLU LA 65 -74.28 -13.72 -6.49
CA GLU LA 65 -73.84 -14.72 -5.52
C GLU LA 65 -74.90 -15.77 -5.24
N ARG LA 66 -76.07 -15.68 -5.87
CA ARG LA 66 -77.09 -16.71 -5.73
C ARG LA 66 -76.99 -17.78 -6.80
N VAL LA 67 -76.34 -17.51 -7.91
CA VAL LA 67 -76.34 -18.42 -9.05
C VAL LA 67 -74.97 -19.00 -9.36
N GLY LA 68 -73.90 -18.43 -8.83
CA GLY LA 68 -72.57 -18.90 -9.17
C GLY LA 68 -71.49 -18.35 -8.28
N GLU LA 69 -70.33 -18.06 -8.88
CA GLU LA 69 -69.14 -17.64 -8.17
C GLU LA 69 -68.78 -16.23 -8.59
N VAL LA 70 -68.60 -15.34 -7.62
CA VAL LA 70 -68.25 -13.95 -7.88
C VAL LA 70 -66.83 -13.73 -7.39
N VAL LA 71 -65.97 -13.25 -8.28
CA VAL LA 71 -64.56 -13.07 -7.99
C VAL LA 71 -64.33 -11.72 -7.33
N ALA LA 72 -64.70 -10.65 -8.03
CA ALA LA 72 -64.39 -9.30 -7.56
C ALA LA 72 -65.50 -8.34 -7.93
N VAL LA 73 -65.84 -7.47 -6.98
CA VAL LA 73 -66.81 -6.41 -7.16
C VAL LA 73 -66.11 -5.11 -6.83
N HIS LA 74 -66.07 -4.18 -7.77
CA HIS LA 74 -65.34 -2.95 -7.49
C HIS LA 74 -65.90 -1.79 -8.30
N VAL LA 75 -65.88 -0.61 -7.69
CA VAL LA 75 -66.37 0.63 -8.29
C VAL LA 75 -65.25 1.65 -8.31
N ILE LA 76 -64.95 2.18 -9.48
CA ILE LA 76 -64.00 3.27 -9.66
C ILE LA 76 -64.80 4.54 -9.95
N PRO LA 77 -64.75 5.56 -9.09
CA PRO LA 77 -65.59 6.74 -9.31
C PRO LA 77 -65.10 7.63 -10.44
N ARG LA 78 -63.79 7.83 -10.55
CA ARG LA 78 -63.21 8.54 -11.69
C ARG LA 78 -62.06 7.70 -12.23
N PRO LA 79 -62.26 7.00 -13.34
CA PRO LA 79 -61.12 6.37 -14.00
C PRO LA 79 -60.28 7.44 -14.67
N HIS LA 80 -58.97 7.24 -14.63
CA HIS LA 80 -58.07 8.17 -15.29
C HIS LA 80 -58.23 8.07 -16.80
N VAL LA 81 -57.86 9.14 -17.50
CA VAL LA 81 -58.09 9.20 -18.95
C VAL LA 81 -57.20 8.20 -19.69
N ASN LA 82 -56.07 7.82 -19.10
CA ASN LA 82 -55.23 6.80 -19.71
C ASN LA 82 -55.88 5.42 -19.60
N VAL LA 83 -56.66 5.19 -18.55
CA VAL LA 83 -57.33 3.90 -18.36
C VAL LA 83 -58.37 3.68 -19.43
N ASP LA 84 -59.21 4.68 -19.68
CA ASP LA 84 -60.19 4.57 -20.75
C ASP LA 84 -59.54 4.67 -22.12
N ALA LA 85 -58.36 5.30 -22.23
CA ALA LA 85 -57.71 5.43 -23.52
C ALA LA 85 -57.01 4.14 -23.96
N ALA LA 86 -56.49 3.37 -23.03
CA ALA LA 86 -55.75 2.16 -23.37
C ALA LA 86 -56.54 0.88 -23.16
N LEU LA 87 -57.22 0.76 -22.09
CA LEU LA 87 -58.00 -0.44 -21.81
C LEU LA 87 -59.38 -0.34 -22.43
N PRO LA 88 -59.99 -1.47 -22.86
CA PRO LA 88 -61.33 -1.40 -23.50
C PRO LA 88 -62.49 -1.36 -22.50
N LEU LA 89 -62.73 -0.18 -21.94
CA LEU LA 89 -63.74 -0.01 -20.92
C LEU LA 89 -64.90 0.86 -21.39
N GLY LA 90 -65.08 0.98 -22.70
CA GLY LA 90 -66.28 1.57 -23.25
C GLY LA 90 -66.12 2.97 -23.80
N ARG LA 91 -65.15 3.73 -23.32
CA ARG LA 91 -65.00 5.14 -23.70
C ARG LA 91 -63.76 5.36 -24.54
N THR LA 92 -63.48 4.43 -25.45
CA THR LA 92 -62.35 4.58 -26.36
C THR LA 92 -62.68 5.62 -27.43
N PRO LA 93 -61.95 6.74 -27.50
CA PRO LA 93 -62.29 7.86 -28.39
C PRO LA 93 -62.14 7.53 -29.88
N ALA MA 2 -90.20 -9.00 -25.29
CA ALA MA 2 -89.16 -9.34 -24.33
C ALA MA 2 -89.41 -10.74 -23.76
N ASP MA 3 -88.85 -11.74 -24.43
CA ASP MA 3 -89.05 -13.12 -24.00
C ASP MA 3 -88.08 -13.48 -22.90
N ALA MA 4 -88.49 -14.43 -22.07
CA ALA MA 4 -87.69 -14.89 -20.93
C ALA MA 4 -86.46 -15.65 -21.40
N LEU MA 5 -85.48 -15.74 -20.49
CA LEU MA 5 -84.16 -16.24 -20.80
C LEU MA 5 -83.88 -17.52 -20.03
N GLY MA 6 -83.28 -18.51 -20.68
CA GLY MA 6 -82.87 -19.71 -20.00
C GLY MA 6 -81.44 -20.09 -20.34
N MET MA 7 -80.61 -20.32 -19.33
CA MET MA 7 -79.18 -20.54 -19.55
C MET MA 7 -78.74 -21.79 -18.83
N ILE MA 8 -77.97 -22.63 -19.51
CA ILE MA 8 -77.37 -23.82 -18.93
C ILE MA 8 -75.87 -23.74 -19.18
N GLU MA 9 -75.08 -23.65 -18.12
CA GLU MA 9 -73.63 -23.64 -18.26
C GLU MA 9 -73.09 -25.02 -17.92
N VAL MA 10 -72.36 -25.61 -18.87
CA VAL MA 10 -71.81 -26.95 -18.74
C VAL MA 10 -70.31 -26.85 -18.92
N ARG MA 11 -69.55 -27.50 -18.04
CA ARG MA 11 -68.12 -27.67 -18.22
C ARG MA 11 -67.92 -28.77 -19.24
N GLY MA 12 -67.97 -28.40 -20.51
CA GLY MA 12 -67.83 -29.37 -21.58
C GLY MA 12 -68.90 -29.20 -22.64
N PHE MA 13 -68.54 -29.54 -23.88
CA PHE MA 13 -69.40 -29.29 -25.02
C PHE MA 13 -70.53 -30.30 -25.10
N VAL MA 14 -70.28 -31.55 -24.67
CA VAL MA 14 -71.22 -32.64 -24.91
C VAL MA 14 -72.45 -32.50 -24.01
N GLY MA 15 -72.22 -32.18 -22.72
CA GLY MA 15 -73.32 -31.92 -21.82
C GLY MA 15 -74.11 -30.69 -22.22
N MET MA 16 -73.45 -29.70 -22.85
CA MET MA 16 -74.16 -28.54 -23.34
C MET MA 16 -75.06 -28.88 -24.51
N VAL MA 17 -74.59 -29.74 -25.43
CA VAL MA 17 -75.42 -30.12 -26.57
C VAL MA 17 -76.60 -30.96 -26.11
N GLU MA 18 -76.38 -31.86 -25.15
CA GLU MA 18 -77.49 -32.64 -24.60
C GLU MA 18 -78.47 -31.76 -23.84
N ALA MA 19 -77.98 -30.74 -23.13
CA ALA MA 19 -78.86 -29.81 -22.44
C ALA MA 19 -79.68 -28.98 -23.43
N ALA MA 20 -79.05 -28.55 -24.52
CA ALA MA 20 -79.78 -27.79 -25.53
C ALA MA 20 -80.83 -28.63 -26.22
N ASP MA 21 -80.52 -29.89 -26.50
CA ASP MA 21 -81.50 -30.78 -27.12
C ASP MA 21 -82.65 -31.07 -26.18
N ALA MA 22 -82.36 -31.27 -24.88
CA ALA MA 22 -83.42 -31.51 -23.91
C ALA MA 22 -84.30 -30.28 -23.71
N MET MA 23 -83.72 -29.09 -23.77
CA MET MA 23 -84.51 -27.87 -23.66
C MET MA 23 -85.41 -27.69 -24.87
N VAL MA 24 -84.88 -27.87 -26.08
CA VAL MA 24 -85.72 -27.65 -27.26
C VAL MA 24 -86.69 -28.78 -27.52
N LYS MA 25 -86.50 -29.94 -26.89
CA LYS MA 25 -87.50 -30.99 -26.97
C LYS MA 25 -88.51 -30.93 -25.83
N ALA MA 26 -88.18 -30.27 -24.72
CA ALA MA 26 -89.09 -30.25 -23.58
C ALA MA 26 -90.27 -29.33 -23.84
N ALA MA 27 -90.03 -28.04 -24.04
CA ALA MA 27 -91.10 -27.08 -24.25
C ALA MA 27 -90.82 -26.30 -25.53
N LYS MA 28 -91.78 -25.46 -25.93
CA LYS MA 28 -91.64 -24.69 -27.15
C LYS MA 28 -90.77 -23.47 -26.86
N VAL MA 29 -89.45 -23.71 -26.90
CA VAL MA 29 -88.45 -22.68 -26.71
C VAL MA 29 -87.65 -22.57 -27.99
N GLU MA 30 -86.66 -21.68 -28.00
CA GLU MA 30 -85.85 -21.46 -29.20
C GLU MA 30 -84.40 -21.29 -28.77
N LEU MA 31 -83.58 -22.30 -29.08
CA LEU MA 31 -82.15 -22.21 -28.85
C LEU MA 31 -81.56 -21.19 -29.82
N ILE MA 32 -81.16 -20.03 -29.30
CA ILE MA 32 -80.71 -18.95 -30.18
C ILE MA 32 -79.22 -19.02 -30.47
N GLY MA 33 -78.44 -19.60 -29.58
CA GLY MA 33 -77.00 -19.67 -29.79
C GLY MA 33 -76.31 -20.37 -28.64
N TYR MA 34 -75.03 -20.07 -28.46
CA TYR MA 34 -74.24 -20.68 -27.40
C TYR MA 34 -73.01 -19.80 -27.18
N GLU MA 35 -72.52 -19.81 -25.96
CA GLU MA 35 -71.42 -18.93 -25.58
C GLU MA 35 -70.24 -19.75 -25.10
N LYS MA 36 -69.07 -19.48 -25.67
CA LYS MA 36 -67.82 -20.14 -25.32
C LYS MA 36 -66.98 -19.14 -24.56
N THR MA 37 -66.91 -19.30 -23.24
CA THR MA 37 -66.16 -18.39 -22.38
C THR MA 37 -64.77 -18.88 -22.07
N GLY MA 38 -64.30 -19.94 -22.73
CA GLY MA 38 -62.96 -20.43 -22.54
C GLY MA 38 -62.78 -21.25 -21.28
N GLY MA 39 -61.79 -22.14 -21.28
CA GLY MA 39 -61.54 -22.96 -20.12
C GLY MA 39 -62.50 -24.12 -19.95
N GLY MA 40 -63.20 -24.52 -21.00
CA GLY MA 40 -64.10 -25.64 -20.95
C GLY MA 40 -65.52 -25.30 -20.57
N TYR MA 41 -65.79 -24.08 -20.15
CA TYR MA 41 -67.13 -23.65 -19.78
C TYR MA 41 -67.84 -23.15 -21.03
N VAL MA 42 -68.91 -23.85 -21.44
CA VAL MA 42 -69.76 -23.35 -22.51
C VAL MA 42 -71.16 -23.21 -21.97
N THR MA 43 -72.00 -22.49 -22.71
CA THR MA 43 -73.31 -22.10 -22.20
C THR MA 43 -74.35 -22.19 -23.31
N ALA MA 44 -75.35 -23.02 -23.12
CA ALA MA 44 -76.51 -23.08 -24.00
C ALA MA 44 -77.52 -22.05 -23.55
N VAL MA 45 -78.07 -21.30 -24.51
CA VAL MA 45 -78.97 -20.19 -24.23
C VAL MA 45 -80.24 -20.37 -25.04
N VAL MA 46 -81.36 -20.58 -24.35
CA VAL MA 46 -82.66 -20.64 -24.98
C VAL MA 46 -83.46 -19.42 -24.56
N ARG MA 47 -84.57 -19.19 -25.27
CA ARG MA 47 -85.36 -17.99 -25.03
C ARG MA 47 -86.81 -18.22 -25.42
N GLY MA 48 -87.70 -17.93 -24.48
CA GLY MA 48 -89.13 -18.07 -24.69
C GLY MA 48 -89.82 -17.58 -23.44
N ASP MA 49 -91.16 -17.64 -23.46
CA ASP MA 49 -91.94 -17.17 -22.33
C ASP MA 49 -91.72 -18.05 -21.10
N VAL MA 50 -92.08 -17.50 -19.93
CA VAL MA 50 -91.56 -17.98 -18.66
C VAL MA 50 -92.07 -19.37 -18.34
N ALA MA 51 -93.32 -19.66 -18.69
CA ALA MA 51 -93.89 -20.99 -18.45
C ALA MA 51 -93.22 -22.05 -19.30
N ALA MA 52 -92.65 -21.68 -20.45
CA ALA MA 52 -91.95 -22.66 -21.27
C ALA MA 52 -90.52 -22.87 -20.77
N VAL MA 53 -89.76 -21.79 -20.58
CA VAL MA 53 -88.36 -21.94 -20.23
C VAL MA 53 -88.17 -22.41 -18.80
N LYS MA 54 -89.16 -22.21 -17.93
CA LYS MA 54 -89.05 -22.70 -16.55
C LYS MA 54 -89.06 -24.21 -16.51
N ALA MA 55 -89.84 -24.84 -17.39
CA ALA MA 55 -89.80 -26.30 -17.51
C ALA MA 55 -88.65 -26.76 -18.39
N ALA MA 56 -88.26 -25.94 -19.38
CA ALA MA 56 -87.21 -26.31 -20.31
C ALA MA 56 -85.86 -26.40 -19.63
N THR MA 57 -85.51 -25.41 -18.82
CA THR MA 57 -84.21 -25.44 -18.16
C THR MA 57 -84.15 -26.53 -17.09
N GLU MA 58 -85.27 -26.85 -16.45
CA GLU MA 58 -85.26 -27.93 -15.47
C GLU MA 58 -85.12 -29.28 -16.15
N ALA MA 59 -85.75 -29.47 -17.30
CA ALA MA 59 -85.56 -30.71 -18.06
C ALA MA 59 -84.16 -30.80 -18.62
N GLY MA 60 -83.57 -29.67 -19.03
CA GLY MA 60 -82.20 -29.68 -19.50
C GLY MA 60 -81.20 -29.94 -18.40
N GLN MA 61 -81.48 -29.48 -17.18
CA GLN MA 61 -80.61 -29.79 -16.05
C GLN MA 61 -80.74 -31.25 -15.66
N ARG MA 62 -81.96 -31.79 -15.70
CA ARG MA 62 -82.14 -33.21 -15.36
C ARG MA 62 -81.53 -34.12 -16.41
N ALA MA 63 -81.51 -33.69 -17.68
CA ALA MA 63 -80.91 -34.50 -18.73
C ALA MA 63 -79.46 -34.17 -18.99
N ALA MA 64 -78.90 -33.14 -18.35
CA ALA MA 64 -77.51 -32.78 -18.54
C ALA MA 64 -76.61 -33.21 -17.41
N GLU MA 65 -77.17 -33.70 -16.31
CA GLU MA 65 -76.36 -34.31 -15.26
C GLU MA 65 -76.03 -35.76 -15.56
N ARG MA 66 -76.70 -36.37 -16.56
CA ARG MA 66 -76.41 -37.76 -16.89
C ARG MA 66 -75.06 -37.90 -17.56
N VAL MA 67 -74.69 -36.94 -18.41
CA VAL MA 67 -73.46 -37.05 -19.19
C VAL MA 67 -72.48 -35.92 -18.94
N GLY MA 68 -72.89 -34.80 -18.36
CA GLY MA 68 -71.97 -33.70 -18.19
C GLY MA 68 -71.89 -33.20 -16.77
N GLU MA 69 -71.13 -32.12 -16.56
CA GLU MA 69 -71.03 -31.47 -15.26
C GLU MA 69 -71.67 -30.10 -15.37
N VAL MA 70 -72.81 -29.92 -14.70
CA VAL MA 70 -73.60 -28.69 -14.81
C VAL MA 70 -73.15 -27.73 -13.73
N VAL MA 71 -72.86 -26.48 -14.13
CA VAL MA 71 -72.37 -25.48 -13.20
C VAL MA 71 -73.52 -24.60 -12.72
N ALA MA 72 -74.21 -23.95 -13.66
CA ALA MA 72 -75.21 -22.96 -13.30
C ALA MA 72 -76.44 -23.10 -14.17
N VAL MA 73 -77.60 -23.03 -13.53
CA VAL MA 73 -78.91 -23.04 -14.19
C VAL MA 73 -79.71 -21.86 -13.65
N HIS MA 74 -80.15 -20.96 -14.52
CA HIS MA 74 -80.89 -19.80 -14.06
C HIS MA 74 -81.83 -19.31 -15.15
N VAL MA 75 -82.99 -18.82 -14.73
CA VAL MA 75 -84.03 -18.35 -15.63
C VAL MA 75 -84.32 -16.89 -15.30
N ILE MA 76 -84.19 -16.03 -16.31
CA ILE MA 76 -84.49 -14.61 -16.18
C ILE MA 76 -85.83 -14.36 -16.87
N PRO MA 77 -86.90 -14.04 -16.13
CA PRO MA 77 -88.22 -13.89 -16.78
C PRO MA 77 -88.34 -12.65 -17.63
N ARG MA 78 -87.80 -11.52 -17.18
CA ARG MA 78 -87.78 -10.28 -17.97
C ARG MA 78 -86.37 -9.73 -17.96
N PRO MA 79 -85.56 -10.06 -18.94
CA PRO MA 79 -84.27 -9.38 -19.08
C PRO MA 79 -84.49 -7.99 -19.64
N HIS MA 80 -83.66 -7.05 -19.20
CA HIS MA 80 -83.80 -5.68 -19.63
C HIS MA 80 -83.33 -5.54 -21.07
N VAL MA 81 -83.78 -4.48 -21.74
CA VAL MA 81 -83.41 -4.25 -23.12
C VAL MA 81 -81.92 -3.90 -23.26
N ASN MA 82 -81.29 -3.44 -22.17
CA ASN MA 82 -79.86 -3.16 -22.20
C ASN MA 82 -79.05 -4.44 -22.32
N VAL MA 83 -79.50 -5.51 -21.66
CA VAL MA 83 -78.80 -6.79 -21.76
C VAL MA 83 -78.96 -7.39 -23.15
N ASP MA 84 -80.14 -7.30 -23.72
CA ASP MA 84 -80.34 -7.80 -25.08
C ASP MA 84 -79.67 -6.93 -26.13
N ALA MA 85 -79.38 -5.67 -25.81
CA ALA MA 85 -78.71 -4.79 -26.76
C ALA MA 85 -77.19 -4.82 -26.62
N ALA MA 86 -76.66 -5.17 -25.45
CA ALA MA 86 -75.21 -5.17 -25.24
C ALA MA 86 -74.59 -6.56 -25.36
N LEU MA 87 -75.04 -7.49 -24.57
CA LEU MA 87 -74.58 -8.86 -24.51
C LEU MA 87 -75.21 -9.68 -25.63
N PRO MA 88 -74.49 -10.69 -26.17
CA PRO MA 88 -75.04 -11.49 -27.29
C PRO MA 88 -76.07 -12.54 -26.86
N LEU MA 89 -77.32 -12.11 -26.69
CA LEU MA 89 -78.38 -12.98 -26.21
C LEU MA 89 -79.47 -13.24 -27.24
N GLY MA 90 -79.17 -13.05 -28.52
CA GLY MA 90 -80.09 -13.42 -29.56
C GLY MA 90 -81.27 -12.50 -29.79
N ARG MA 91 -81.29 -11.33 -29.16
CA ARG MA 91 -82.30 -10.31 -29.41
C ARG MA 91 -81.66 -8.96 -29.64
N THR MA 92 -80.50 -8.94 -30.28
CA THR MA 92 -79.86 -7.68 -30.61
C THR MA 92 -80.52 -7.11 -31.85
N PRO MA 93 -81.12 -5.90 -31.80
CA PRO MA 93 -81.87 -5.32 -32.92
C PRO MA 93 -80.99 -4.94 -34.10
N ALA NA 2 -82.50 -35.23 -40.41
CA ALA NA 2 -81.64 -35.03 -39.24
C ALA NA 2 -80.95 -36.33 -38.86
N ASP NA 3 -79.68 -36.45 -39.23
CA ASP NA 3 -78.91 -37.64 -38.91
C ASP NA 3 -78.52 -37.64 -37.44
N ALA NA 4 -78.38 -38.85 -36.90
CA ALA NA 4 -78.03 -39.04 -35.50
C ALA NA 4 -76.61 -38.56 -35.23
N LEU NA 5 -76.35 -38.29 -33.95
CA LEU NA 5 -75.18 -37.55 -33.52
C LEU NA 5 -74.38 -38.34 -32.50
N GLY NA 6 -73.06 -38.31 -32.62
CA GLY NA 6 -72.20 -38.88 -31.60
C GLY NA 6 -71.08 -37.94 -31.23
N MET NA 7 -70.82 -37.77 -29.94
CA MET NA 7 -69.85 -36.80 -29.46
C MET NA 7 -68.93 -37.44 -28.43
N ILE NA 8 -67.64 -37.13 -28.51
CA ILE NA 8 -66.66 -37.58 -27.53
C ILE NA 8 -65.88 -36.37 -27.04
N GLU NA 9 -65.99 -36.09 -25.75
CA GLU NA 9 -65.21 -35.03 -25.13
C GLU NA 9 -64.01 -35.62 -24.44
N VAL NA 10 -62.82 -35.19 -24.84
CA VAL NA 10 -61.57 -35.65 -24.25
C VAL NA 10 -60.81 -34.42 -23.76
N ARG NA 11 -60.26 -34.50 -22.54
CA ARG NA 11 -59.32 -33.49 -22.08
C ARG NA 11 -57.97 -33.79 -22.73
N GLY NA 12 -57.83 -33.32 -23.97
CA GLY NA 12 -56.60 -33.57 -24.71
C GLY NA 12 -56.82 -33.90 -26.16
N PHE NA 13 -55.91 -33.42 -27.02
CA PHE NA 13 -56.06 -33.58 -28.46
C PHE NA 13 -55.85 -35.01 -28.91
N VAL NA 14 -54.99 -35.75 -28.20
CA VAL NA 14 -54.57 -37.08 -28.64
C VAL NA 14 -55.71 -38.07 -28.49
N GLY NA 15 -56.38 -38.06 -27.34
CA GLY NA 15 -57.53 -38.91 -27.14
C GLY NA 15 -58.69 -38.57 -28.05
N MET NA 16 -58.79 -37.31 -28.45
CA MET NA 16 -59.83 -36.91 -29.40
C MET NA 16 -59.53 -37.45 -30.79
N VAL NA 17 -58.26 -37.41 -31.22
CA VAL NA 17 -57.91 -37.96 -32.52
C VAL NA 17 -58.09 -39.47 -32.54
N GLU NA 18 -57.73 -40.14 -31.43
CA GLU NA 18 -57.93 -41.58 -31.35
C GLU NA 18 -59.42 -41.94 -31.32
N ALA NA 19 -60.23 -41.13 -30.64
CA ALA NA 19 -61.66 -41.38 -30.60
C ALA NA 19 -62.30 -41.16 -31.96
N ALA NA 20 -61.88 -40.09 -32.66
CA ALA NA 20 -62.40 -39.84 -34.01
C ALA NA 20 -61.99 -40.93 -34.98
N ASP NA 21 -60.76 -41.44 -34.85
CA ASP NA 21 -60.30 -42.52 -35.70
C ASP NA 21 -61.07 -43.81 -35.44
N ALA NA 22 -61.31 -44.14 -34.16
CA ALA NA 22 -62.08 -45.33 -33.83
C ALA NA 22 -63.53 -45.20 -34.27
N MET NA 23 -64.10 -44.00 -34.21
CA MET NA 23 -65.48 -43.81 -34.65
C MET NA 23 -65.61 -43.93 -36.16
N VAL NA 24 -64.65 -43.40 -36.92
CA VAL NA 24 -64.76 -43.51 -38.36
C VAL NA 24 -64.27 -44.84 -38.90
N LYS NA 25 -63.57 -45.64 -38.09
CA LYS NA 25 -63.22 -46.99 -38.51
C LYS NA 25 -64.23 -48.04 -38.06
N ALA NA 26 -65.02 -47.75 -37.03
CA ALA NA 26 -65.94 -48.76 -36.52
C ALA NA 26 -67.14 -48.94 -37.45
N ALA NA 27 -67.68 -47.85 -37.98
CA ALA NA 27 -68.83 -47.94 -38.87
C ALA NA 27 -68.78 -46.76 -39.85
N LYS NA 28 -69.75 -46.72 -40.75
CA LYS NA 28 -69.80 -45.67 -41.76
C LYS NA 28 -70.45 -44.43 -41.18
N VAL NA 29 -69.61 -43.53 -40.66
CA VAL NA 29 -70.07 -42.26 -40.11
C VAL NA 29 -69.38 -41.14 -40.89
N GLU NA 30 -69.63 -39.90 -40.49
CA GLU NA 30 -68.96 -38.75 -41.08
C GLU NA 30 -68.42 -37.88 -39.95
N LEU NA 31 -67.10 -37.80 -39.83
CA LEU NA 31 -66.46 -36.90 -38.89
C LEU NA 31 -66.56 -35.49 -39.46
N ILE NA 32 -67.56 -34.72 -39.02
CA ILE NA 32 -67.78 -33.41 -39.61
C ILE NA 32 -66.90 -32.32 -39.02
N GLY NA 33 -66.08 -32.63 -38.03
CA GLY NA 33 -65.18 -31.65 -37.49
C GLY NA 33 -64.87 -31.94 -36.03
N TYR NA 34 -64.45 -30.89 -35.33
CA TYR NA 34 -64.10 -31.00 -33.92
C TYR NA 34 -64.22 -29.62 -33.31
N GLU NA 35 -64.61 -29.58 -32.04
CA GLU NA 35 -64.92 -28.32 -31.37
C GLU NA 35 -63.97 -28.14 -30.20
N LYS NA 36 -63.26 -27.02 -30.20
CA LYS NA 36 -62.29 -26.66 -29.16
C LYS NA 36 -62.96 -25.67 -28.22
N THR NA 37 -63.43 -26.15 -27.08
CA THR NA 37 -63.99 -25.25 -26.08
C THR NA 37 -62.92 -24.56 -25.24
N GLY NA 38 -61.67 -24.90 -25.42
CA GLY NA 38 -60.61 -24.21 -24.70
C GLY NA 38 -60.38 -24.77 -23.32
N GLY NA 39 -59.14 -24.66 -22.86
CA GLY NA 39 -58.79 -25.23 -21.58
C GLY NA 39 -58.51 -26.71 -21.61
N GLY NA 40 -58.13 -27.25 -22.77
CA GLY NA 40 -57.82 -28.64 -22.90
C GLY NA 40 -58.97 -29.53 -23.32
N TYR NA 41 -60.20 -29.08 -23.15
CA TYR NA 41 -61.36 -29.88 -23.50
C TYR NA 41 -61.63 -29.75 -24.99
N VAL NA 42 -61.53 -30.85 -25.72
CA VAL NA 42 -61.88 -30.87 -27.14
C VAL NA 42 -62.95 -31.93 -27.35
N THR NA 43 -63.72 -31.77 -28.42
CA THR NA 43 -64.87 -32.62 -28.68
C THR NA 43 -64.86 -33.09 -30.13
N ALA NA 44 -64.78 -34.40 -30.32
CA ALA NA 44 -64.94 -35.00 -31.63
C ALA NA 44 -66.40 -35.26 -31.91
N VAL NA 45 -66.83 -34.95 -33.12
CA VAL NA 45 -68.23 -35.04 -33.51
C VAL NA 45 -68.35 -35.92 -34.74
N VAL NA 46 -69.10 -37.01 -34.64
CA VAL NA 46 -69.45 -37.80 -35.80
C VAL NA 46 -70.96 -37.73 -35.97
N ARG NA 47 -71.41 -38.03 -37.18
CA ARG NA 47 -72.82 -37.90 -37.50
C ARG NA 47 -73.20 -38.85 -38.63
N GLY NA 48 -74.27 -39.59 -38.39
CA GLY NA 48 -74.73 -40.60 -39.33
C GLY NA 48 -75.95 -41.27 -38.76
N ASP NA 49 -76.39 -42.36 -39.39
CA ASP NA 49 -77.55 -43.06 -38.89
C ASP NA 49 -77.24 -43.78 -37.58
N VAL NA 50 -78.31 -44.17 -36.87
CA VAL NA 50 -78.24 -44.47 -35.44
C VAL NA 50 -77.42 -45.72 -35.18
N ALA NA 51 -77.64 -46.76 -35.99
CA ALA NA 51 -76.96 -48.04 -35.78
C ALA NA 51 -75.48 -47.95 -36.10
N ALA NA 52 -75.05 -46.94 -36.86
CA ALA NA 52 -73.63 -46.75 -37.11
C ALA NA 52 -72.99 -45.89 -36.02
N VAL NA 53 -73.63 -44.77 -35.65
CA VAL NA 53 -73.01 -43.87 -34.69
C VAL NA 53 -73.04 -44.43 -33.28
N LYS NA 54 -73.98 -45.32 -32.95
CA LYS NA 54 -73.98 -45.86 -31.59
C LYS NA 54 -72.83 -46.86 -31.41
N ALA NA 55 -72.60 -47.71 -32.41
CA ALA NA 55 -71.43 -48.59 -32.38
C ALA NA 55 -70.14 -47.81 -32.50
N ALA NA 56 -70.16 -46.69 -33.23
CA ALA NA 56 -68.98 -45.83 -33.34
C ALA NA 56 -68.63 -45.21 -31.99
N THR NA 57 -69.63 -44.69 -31.29
CA THR NA 57 -69.36 -44.07 -29.98
C THR NA 57 -69.01 -45.10 -28.92
N GLU NA 58 -69.55 -46.32 -29.01
CA GLU NA 58 -69.10 -47.38 -28.11
C GLU NA 58 -67.64 -47.72 -28.36
N ALA NA 59 -67.24 -47.81 -29.63
CA ALA NA 59 -65.84 -48.06 -29.95
C ALA NA 59 -64.96 -46.89 -29.55
N GLY NA 60 -65.48 -45.67 -29.64
CA GLY NA 60 -64.69 -44.51 -29.28
C GLY NA 60 -64.50 -44.37 -27.78
N GLN NA 61 -65.53 -44.71 -27.00
CA GLN NA 61 -65.38 -44.74 -25.56
C GLN NA 61 -64.43 -45.85 -25.13
N ARG NA 62 -64.49 -47.00 -25.80
CA ARG NA 62 -63.63 -48.11 -25.42
C ARG NA 62 -62.19 -47.91 -25.91
N ALA NA 63 -61.96 -47.08 -26.92
CA ALA NA 63 -60.63 -46.88 -27.47
C ALA NA 63 -60.00 -45.55 -27.10
N ALA NA 64 -60.75 -44.63 -26.49
CA ALA NA 64 -60.17 -43.37 -26.04
C ALA NA 64 -59.88 -43.34 -24.56
N GLU NA 65 -60.33 -44.35 -23.80
CA GLU NA 65 -59.92 -44.49 -22.42
C GLU NA 65 -58.56 -45.17 -22.28
N ARG NA 66 -57.92 -45.56 -23.37
CA ARG NA 66 -56.59 -46.11 -23.31
C ARG NA 66 -55.51 -45.05 -23.25
N VAL NA 67 -55.78 -43.85 -23.78
CA VAL NA 67 -54.75 -42.83 -23.90
C VAL NA 67 -55.10 -41.51 -23.21
N GLY NA 68 -56.36 -41.20 -22.99
CA GLY NA 68 -56.73 -39.87 -22.55
C GLY NA 68 -57.81 -39.87 -21.48
N GLU NA 69 -58.12 -38.67 -21.00
CA GLU NA 69 -59.14 -38.47 -19.98
C GLU NA 69 -60.45 -38.15 -20.69
N VAL NA 70 -61.28 -39.17 -20.85
CA VAL NA 70 -62.58 -38.99 -21.50
C VAL NA 70 -63.56 -38.43 -20.49
N VAL NA 71 -64.07 -37.23 -20.76
CA VAL NA 71 -65.02 -36.61 -19.84
C VAL NA 71 -66.43 -37.11 -20.12
N ALA NA 72 -66.89 -36.99 -21.36
CA ALA NA 72 -68.28 -37.26 -21.68
C ALA NA 72 -68.37 -38.06 -22.97
N VAL NA 73 -69.30 -39.03 -22.98
CA VAL NA 73 -69.66 -39.80 -24.17
C VAL NA 73 -71.17 -39.78 -24.26
N HIS NA 74 -71.72 -39.27 -25.36
CA HIS NA 74 -73.17 -39.25 -25.48
C HIS NA 74 -73.59 -39.31 -26.94
N VAL NA 75 -74.70 -39.97 -27.17
CA VAL NA 75 -75.31 -40.12 -28.49
C VAL NA 75 -76.65 -39.40 -28.45
N ILE NA 76 -76.99 -38.74 -29.55
CA ILE NA 76 -78.35 -38.20 -29.70
C ILE NA 76 -78.94 -38.82 -30.96
N PRO NA 77 -79.89 -39.75 -30.84
CA PRO NA 77 -80.38 -40.47 -32.02
C PRO NA 77 -81.21 -39.62 -32.97
N ARG NA 78 -81.84 -38.56 -32.49
CA ARG NA 78 -82.52 -37.61 -33.37
C ARG NA 78 -82.33 -36.23 -32.76
N PRO NA 79 -81.31 -35.50 -33.20
CA PRO NA 79 -81.17 -34.11 -32.75
C PRO NA 79 -82.24 -33.24 -33.38
N HIS NA 80 -82.79 -32.34 -32.58
CA HIS NA 80 -83.87 -31.47 -33.03
C HIS NA 80 -83.34 -30.47 -34.05
N VAL NA 81 -84.25 -29.93 -34.87
CA VAL NA 81 -83.85 -29.10 -35.99
C VAL NA 81 -83.27 -27.77 -35.52
N ASN NA 82 -83.66 -27.30 -34.33
CA ASN NA 82 -83.08 -26.06 -33.80
C ASN NA 82 -81.67 -26.31 -33.29
N VAL NA 83 -81.36 -27.52 -32.85
CA VAL NA 83 -80.01 -27.86 -32.40
C VAL NA 83 -79.05 -27.81 -33.58
N ASP NA 84 -79.41 -28.44 -34.70
CA ASP NA 84 -78.58 -28.38 -35.88
C ASP NA 84 -78.62 -27.02 -36.56
N ALA NA 85 -79.64 -26.21 -36.28
CA ALA NA 85 -79.69 -24.87 -36.85
C ALA NA 85 -78.82 -23.87 -36.09
N ALA NA 86 -78.73 -24.00 -34.76
CA ALA NA 86 -78.02 -23.03 -33.94
C ALA NA 86 -76.59 -23.49 -33.63
N LEU NA 87 -76.46 -24.67 -33.03
CA LEU NA 87 -75.15 -25.18 -32.66
C LEU NA 87 -74.38 -25.65 -33.90
N PRO NA 88 -73.04 -25.58 -33.88
CA PRO NA 88 -72.25 -25.95 -35.08
C PRO NA 88 -72.02 -27.45 -35.23
N LEU NA 89 -73.03 -28.15 -35.72
CA LEU NA 89 -72.98 -29.59 -35.83
C LEU NA 89 -72.92 -30.07 -37.27
N GLY NA 90 -72.46 -29.22 -38.19
CA GLY NA 90 -72.19 -29.66 -39.54
C GLY NA 90 -73.41 -29.85 -40.43
N ARG NA 91 -74.61 -29.51 -39.97
CA ARG NA 91 -75.81 -29.60 -40.78
C ARG NA 91 -76.56 -28.28 -40.77
N THR NA 92 -75.82 -27.19 -40.94
CA THR NA 92 -76.46 -25.89 -41.06
C THR NA 92 -77.04 -25.75 -42.46
N PRO NA 93 -78.35 -25.54 -42.61
CA PRO NA 93 -79.04 -25.52 -43.91
C PRO NA 93 -78.64 -24.35 -44.81
N ALA OA 2 -50.73 -40.41 -47.23
CA ALA OA 2 -51.55 -40.95 -46.14
C ALA OA 2 -50.75 -41.94 -45.31
N ASP OA 3 -49.64 -41.49 -44.74
CA ASP OA 3 -48.81 -42.35 -43.91
C ASP OA 3 -49.35 -42.39 -42.50
N ALA OA 4 -48.56 -42.95 -41.59
CA ALA OA 4 -48.94 -43.15 -40.21
C ALA OA 4 -48.94 -41.84 -39.42
N LEU OA 5 -49.11 -41.95 -38.12
CA LEU OA 5 -49.30 -40.77 -37.30
C LEU OA 5 -48.70 -40.97 -35.92
N GLY OA 6 -47.95 -39.98 -35.44
CA GLY OA 6 -47.49 -40.01 -34.07
C GLY OA 6 -47.81 -38.69 -33.39
N MET OA 7 -48.40 -38.74 -32.21
CA MET OA 7 -48.79 -37.53 -31.51
C MET OA 7 -48.27 -37.57 -30.08
N ILE OA 8 -47.73 -36.44 -29.64
CA ILE OA 8 -47.30 -36.25 -28.27
C ILE OA 8 -48.03 -35.04 -27.72
N GLU OA 9 -48.82 -35.23 -26.67
CA GLU OA 9 -49.46 -34.13 -25.98
C GLU OA 9 -48.71 -33.87 -24.69
N VAL OA 10 -48.20 -32.65 -24.54
CA VAL OA 10 -47.47 -32.21 -23.36
C VAL OA 10 -48.18 -30.98 -22.80
N ARG OA 11 -48.35 -30.95 -21.48
CA ARG OA 11 -48.80 -29.75 -20.79
C ARG OA 11 -47.60 -28.82 -20.68
N GLY OA 12 -47.40 -28.01 -21.71
CA GLY OA 12 -46.26 -27.12 -21.73
C GLY OA 12 -45.54 -27.10 -23.05
N PHE OA 13 -45.16 -25.91 -23.51
CA PHE OA 13 -44.58 -25.75 -24.84
C PHE OA 13 -43.17 -26.33 -24.91
N VAL OA 14 -42.44 -26.27 -23.80
CA VAL OA 14 -41.04 -26.69 -23.76
C VAL OA 14 -40.91 -28.21 -23.94
N GLY OA 15 -41.73 -28.96 -23.21
CA GLY OA 15 -41.72 -30.40 -23.35
C GLY OA 15 -42.16 -30.86 -24.72
N MET OA 16 -43.06 -30.10 -25.35
CA MET OA 16 -43.49 -30.43 -26.71
C MET OA 16 -42.37 -30.18 -27.71
N VAL OA 17 -41.62 -29.08 -27.55
CA VAL OA 17 -40.52 -28.82 -28.49
C VAL OA 17 -39.39 -29.83 -28.29
N GLU OA 18 -39.14 -30.22 -27.04
CA GLU OA 18 -38.14 -31.26 -26.78
C GLU OA 18 -38.57 -32.61 -27.34
N ALA OA 19 -39.85 -32.96 -27.19
CA ALA OA 19 -40.35 -34.20 -27.75
C ALA OA 19 -40.33 -34.18 -29.27
N ALA OA 20 -40.60 -33.02 -29.87
CA ALA OA 20 -40.56 -32.91 -31.32
C ALA OA 20 -39.15 -33.04 -31.86
N ASP OA 21 -38.17 -32.45 -31.16
CA ASP OA 21 -36.77 -32.61 -31.56
C ASP OA 21 -36.31 -34.05 -31.42
N ALA OA 22 -36.75 -34.73 -30.35
CA ALA OA 22 -36.40 -36.14 -30.18
C ALA OA 22 -37.05 -37.01 -31.23
N MET OA 23 -38.29 -36.70 -31.63
CA MET OA 23 -38.95 -37.49 -32.66
C MET OA 23 -38.30 -37.30 -34.02
N VAL OA 24 -37.93 -36.07 -34.37
CA VAL OA 24 -37.31 -35.89 -35.68
C VAL OA 24 -35.85 -36.32 -35.68
N LYS OA 25 -35.21 -36.47 -34.51
CA LYS OA 25 -33.88 -37.05 -34.49
C LYS OA 25 -33.88 -38.56 -34.38
N ALA OA 26 -35.00 -39.16 -33.98
CA ALA OA 26 -35.02 -40.61 -33.82
C ALA OA 26 -35.08 -41.32 -35.17
N ALA OA 27 -36.13 -41.08 -35.94
CA ALA OA 27 -36.31 -41.74 -37.22
C ALA OA 27 -36.63 -40.71 -38.28
N LYS OA 28 -36.76 -41.17 -39.52
CA LYS OA 28 -37.13 -40.28 -40.63
C LYS OA 28 -38.62 -40.02 -40.52
N VAL OA 29 -38.98 -39.00 -39.75
CA VAL OA 29 -40.37 -38.60 -39.64
C VAL OA 29 -40.49 -37.18 -40.15
N GLU OA 30 -41.70 -36.65 -40.15
CA GLU OA 30 -41.95 -35.28 -40.59
C GLU OA 30 -42.84 -34.59 -39.56
N LEU OA 31 -42.25 -33.70 -38.77
CA LEU OA 31 -43.04 -32.83 -37.91
C LEU OA 31 -43.82 -31.86 -38.79
N ILE OA 32 -45.12 -32.09 -38.92
CA ILE OA 32 -45.91 -31.26 -39.82
C ILE OA 32 -46.41 -29.99 -39.14
N GLY OA 33 -46.57 -30.01 -37.82
CA GLY OA 33 -47.06 -28.85 -37.11
C GLY OA 33 -47.22 -29.09 -35.63
N TYR OA 34 -48.16 -28.39 -35.02
CA TYR OA 34 -48.40 -28.49 -33.58
C TYR OA 34 -49.77 -27.89 -33.32
N GLU OA 35 -50.47 -28.46 -32.35
CA GLU OA 35 -51.84 -28.06 -32.06
C GLU OA 35 -51.94 -27.55 -30.64
N LYS OA 36 -52.64 -26.43 -30.47
CA LYS OA 36 -52.77 -25.71 -29.21
C LYS OA 36 -54.24 -25.78 -28.80
N THR OA 37 -54.58 -26.68 -27.88
CA THR OA 37 -55.97 -26.87 -27.50
C THR OA 37 -56.36 -26.09 -26.25
N GLY OA 38 -55.52 -25.14 -25.83
CA GLY OA 38 -55.87 -24.31 -24.69
C GLY OA 38 -55.60 -24.97 -23.36
N GLY OA 39 -55.39 -24.13 -22.35
CA GLY OA 39 -55.05 -24.65 -21.04
C GLY OA 39 -53.63 -25.15 -20.91
N GLY OA 40 -52.76 -24.80 -21.85
CA GLY OA 40 -51.39 -25.23 -21.81
C GLY OA 40 -51.11 -26.58 -22.45
N TYR OA 41 -52.14 -27.25 -22.96
CA TYR OA 41 -51.95 -28.54 -23.63
C TYR OA 41 -51.56 -28.28 -25.08
N VAL OA 42 -50.30 -28.54 -25.41
CA VAL OA 42 -49.88 -28.48 -26.80
C VAL OA 42 -49.56 -29.90 -27.26
N THR OA 43 -49.56 -30.08 -28.57
CA THR OA 43 -49.42 -31.42 -29.15
C THR OA 43 -48.54 -31.36 -30.39
N ALA OA 44 -47.42 -32.06 -30.34
CA ALA OA 44 -46.57 -32.24 -31.51
C ALA OA 44 -47.06 -33.42 -32.34
N VAL OA 45 -46.96 -33.29 -33.66
CA VAL OA 45 -47.48 -34.26 -34.60
C VAL OA 45 -46.39 -34.62 -35.59
N VAL OA 46 -45.99 -35.90 -35.62
CA VAL OA 46 -45.06 -36.40 -36.61
C VAL OA 46 -45.79 -37.38 -37.52
N ARG OA 47 -45.19 -37.62 -38.68
CA ARG OA 47 -45.88 -38.39 -39.70
C ARG OA 47 -44.89 -39.07 -40.64
N GLY OA 48 -45.08 -40.37 -40.82
CA GLY OA 48 -44.19 -41.17 -41.64
C GLY OA 48 -44.64 -42.60 -41.57
N ASP OA 49 -43.78 -43.52 -42.00
CA ASP OA 49 -44.13 -44.94 -41.93
C ASP OA 49 -44.16 -45.42 -40.48
N VAL OA 50 -44.75 -46.60 -40.27
CA VAL OA 50 -45.41 -46.92 -39.01
C VAL OA 50 -44.40 -47.22 -37.91
N ALA OA 51 -43.46 -48.12 -38.17
CA ALA OA 51 -42.50 -48.48 -37.13
C ALA OA 51 -41.53 -47.34 -36.85
N ALA OA 52 -41.27 -46.49 -37.85
CA ALA OA 52 -40.40 -45.34 -37.65
C ALA OA 52 -41.05 -44.32 -36.73
N VAL OA 53 -42.34 -44.03 -36.92
CA VAL OA 53 -42.98 -43.09 -36.02
C VAL OA 53 -43.28 -43.73 -34.67
N LYS OA 54 -43.36 -45.06 -34.61
CA LYS OA 54 -43.51 -45.74 -33.32
C LYS OA 54 -42.25 -45.58 -32.48
N ALA OA 55 -41.08 -45.86 -33.08
CA ALA OA 55 -39.82 -45.63 -32.39
C ALA OA 55 -39.57 -44.16 -32.13
N ALA OA 56 -40.06 -43.29 -33.02
CA ALA OA 56 -39.90 -41.85 -32.82
C ALA OA 56 -40.69 -41.36 -31.61
N THR OA 57 -41.93 -41.80 -31.46
CA THR OA 57 -42.70 -41.38 -30.30
C THR OA 57 -42.22 -42.04 -29.02
N GLU OA 58 -41.65 -43.25 -29.10
CA GLU OA 58 -41.02 -43.82 -27.91
C GLU OA 58 -39.80 -43.01 -27.48
N ALA OA 59 -38.99 -42.56 -28.44
CA ALA OA 59 -37.86 -41.71 -28.11
C ALA OA 59 -38.31 -40.34 -27.61
N GLY OA 60 -39.42 -39.83 -28.16
CA GLY OA 60 -39.92 -38.54 -27.72
C GLY OA 60 -40.50 -38.58 -26.31
N GLN OA 61 -41.17 -39.68 -25.95
CA GLN OA 61 -41.63 -39.85 -24.59
C GLN OA 61 -40.47 -40.06 -23.63
N ARG OA 62 -39.45 -40.82 -24.05
CA ARG OA 62 -38.31 -41.09 -23.17
C ARG OA 62 -37.46 -39.85 -22.97
N ALA OA 63 -37.43 -38.93 -23.94
CA ALA OA 63 -36.70 -37.69 -23.77
C ALA OA 63 -37.56 -36.55 -23.25
N ALA OA 64 -38.88 -36.71 -23.21
CA ALA OA 64 -39.76 -35.64 -22.75
C ALA OA 64 -40.28 -35.85 -21.34
N GLU OA 65 -39.86 -36.92 -20.67
CA GLU OA 65 -40.15 -37.09 -19.25
C GLU OA 65 -39.10 -36.44 -18.36
N ARG OA 66 -38.21 -35.63 -18.93
CA ARG OA 66 -37.22 -34.91 -18.15
C ARG OA 66 -37.61 -33.47 -17.86
N VAL OA 67 -38.36 -32.83 -18.76
CA VAL OA 67 -38.66 -31.42 -18.61
C VAL OA 67 -40.14 -31.13 -18.49
N GLY OA 68 -41.03 -32.03 -18.92
CA GLY OA 68 -42.45 -31.71 -18.94
C GLY OA 68 -43.29 -32.89 -18.48
N GLU OA 69 -44.55 -32.59 -18.20
CA GLU OA 69 -45.54 -33.60 -17.86
C GLU OA 69 -46.17 -34.07 -19.17
N VAL OA 70 -45.76 -35.24 -19.63
CA VAL OA 70 -46.28 -35.79 -20.88
C VAL OA 70 -47.70 -36.28 -20.65
N VAL OA 71 -48.66 -35.62 -21.28
CA VAL OA 71 -50.05 -36.01 -21.12
C VAL OA 71 -50.33 -37.30 -21.88
N ALA OA 72 -49.95 -37.35 -23.15
CA ALA OA 72 -50.34 -38.50 -23.95
C ALA OA 72 -49.33 -38.78 -25.06
N VAL OA 73 -49.21 -40.06 -25.41
CA VAL OA 73 -48.38 -40.55 -26.50
C VAL OA 73 -49.21 -41.52 -27.32
N HIS OA 74 -49.29 -41.32 -28.63
CA HIS OA 74 -50.04 -42.30 -29.40
C HIS OA 74 -49.53 -42.41 -30.83
N VAL OA 75 -49.70 -43.60 -31.40
CA VAL OA 75 -49.37 -43.91 -32.79
C VAL OA 75 -50.62 -44.46 -33.46
N ILE OA 76 -50.97 -43.89 -34.60
CA ILE OA 76 -52.05 -44.40 -35.44
C ILE OA 76 -51.44 -44.95 -36.72
N PRO OA 77 -51.61 -46.25 -37.02
CA PRO OA 77 -50.90 -46.85 -38.15
C PRO OA 77 -51.37 -46.38 -39.51
N ARG OA 78 -52.67 -46.36 -39.73
CA ARG OA 78 -53.26 -45.87 -40.98
C ARG OA 78 -54.46 -45.04 -40.59
N PRO OA 79 -54.29 -43.72 -40.45
CA PRO OA 79 -55.44 -42.86 -40.16
C PRO OA 79 -56.36 -42.77 -41.36
N HIS OA 80 -57.66 -42.81 -41.09
CA HIS OA 80 -58.67 -42.89 -42.12
C HIS OA 80 -58.75 -41.56 -42.88
N VAL OA 81 -59.29 -41.63 -44.10
CA VAL OA 81 -59.32 -40.46 -44.98
C VAL OA 81 -60.23 -39.37 -44.41
N ASN OA 82 -61.26 -39.74 -43.64
CA ASN OA 82 -62.10 -38.74 -43.03
C ASN OA 82 -61.47 -38.12 -41.79
N VAL OA 83 -60.39 -38.71 -41.26
CA VAL OA 83 -59.63 -38.06 -40.22
C VAL OA 83 -58.71 -36.99 -40.81
N ASP OA 84 -58.04 -37.31 -41.93
CA ASP OA 84 -57.19 -36.33 -42.58
C ASP OA 84 -57.99 -35.24 -43.28
N ALA OA 85 -59.25 -35.50 -43.62
CA ALA OA 85 -60.05 -34.50 -44.30
C ALA OA 85 -60.55 -33.42 -43.34
N ALA OA 86 -60.90 -33.79 -42.12
CA ALA OA 86 -61.47 -32.85 -41.15
C ALA OA 86 -60.46 -32.35 -40.15
N LEU OA 87 -59.79 -33.25 -39.46
CA LEU OA 87 -58.81 -32.85 -38.45
C LEU OA 87 -57.54 -32.33 -39.12
N PRO OA 88 -56.88 -31.31 -38.55
CA PRO OA 88 -55.67 -30.72 -39.16
C PRO OA 88 -54.39 -31.49 -38.88
N LEU OA 89 -54.19 -32.57 -39.62
CA LEU OA 89 -53.08 -33.48 -39.36
C LEU OA 89 -52.10 -33.53 -40.52
N GLY OA 90 -51.97 -32.43 -41.25
CA GLY OA 90 -50.90 -32.27 -42.23
C GLY OA 90 -51.07 -33.00 -43.54
N ARG OA 91 -52.20 -33.66 -43.77
CA ARG OA 91 -52.45 -34.33 -45.03
C ARG OA 91 -53.82 -33.95 -45.59
N THR OA 92 -54.17 -32.67 -45.52
CA THR OA 92 -55.40 -32.20 -46.13
C THR OA 92 -55.21 -32.12 -47.65
N PRO OA 93 -56.01 -32.84 -48.45
CA PRO OA 93 -55.84 -32.89 -49.91
C PRO OA 93 -56.13 -31.57 -50.62
N ALA PA 2 -26.97 -25.26 -37.57
CA ALA PA 2 -28.13 -24.58 -37.00
C ALA PA 2 -27.79 -23.99 -35.64
N ASP PA 3 -28.39 -22.84 -35.33
CA ASP PA 3 -28.21 -22.22 -34.04
C ASP PA 3 -28.93 -23.02 -32.96
N ALA PA 4 -28.50 -22.82 -31.72
CA ALA PA 4 -28.99 -23.58 -30.58
C ALA PA 4 -30.37 -23.07 -30.16
N LEU PA 5 -30.85 -23.54 -29.01
CA LEU PA 5 -32.19 -23.17 -28.57
C LEU PA 5 -32.25 -23.14 -27.06
N GLY PA 6 -32.84 -22.07 -26.51
CA GLY PA 6 -33.10 -22.03 -25.08
C GLY PA 6 -34.51 -21.56 -24.80
N MET PA 7 -35.26 -22.30 -23.99
CA MET PA 7 -36.67 -22.01 -23.76
C MET PA 7 -36.95 -21.96 -22.27
N ILE PA 8 -37.68 -20.94 -21.84
CA ILE PA 8 -38.16 -20.79 -20.47
C ILE PA 8 -39.67 -20.69 -20.52
N GLU PA 9 -40.36 -21.63 -19.91
CA GLU PA 9 -41.81 -21.59 -19.83
C GLU PA 9 -42.22 -21.23 -18.41
N VAL PA 10 -42.96 -20.13 -18.28
CA VAL PA 10 -43.38 -19.58 -16.99
C VAL PA 10 -44.89 -19.43 -17.02
N ARG PA 11 -45.55 -19.80 -15.92
CA ARG PA 11 -46.96 -19.52 -15.75
C ARG PA 11 -47.10 -18.09 -15.27
N GLY PA 12 -47.29 -17.18 -16.21
CA GLY PA 12 -47.38 -15.78 -15.87
C GLY PA 12 -46.53 -14.92 -16.79
N PHE PA 13 -47.08 -13.79 -17.21
CA PHE PA 13 -46.40 -12.96 -18.20
C PHE PA 13 -45.24 -12.19 -17.59
N VAL PA 14 -45.33 -11.85 -16.30
CA VAL PA 14 -44.29 -11.04 -15.66
C VAL PA 14 -43.01 -11.85 -15.50
N GLY PA 15 -43.15 -13.10 -15.06
CA GLY PA 15 -41.99 -13.97 -14.96
C GLY PA 15 -41.35 -14.25 -16.30
N MET PA 16 -42.16 -14.33 -17.35
CA MET PA 16 -41.61 -14.54 -18.69
C MET PA 16 -40.87 -13.31 -19.18
N VAL PA 17 -41.37 -12.11 -18.88
CA VAL PA 17 -40.67 -10.91 -19.30
C VAL PA 17 -39.36 -10.75 -18.53
N GLU PA 18 -39.36 -11.10 -17.25
CA GLU PA 18 -38.11 -11.03 -16.48
C GLU PA 18 -37.12 -12.09 -16.93
N ALA PA 19 -37.60 -13.28 -17.31
CA ALA PA 19 -36.73 -14.31 -17.84
C ALA PA 19 -36.16 -13.90 -19.20
N ALA PA 20 -37.00 -13.35 -20.07
CA ALA PA 20 -36.54 -12.91 -21.38
C ALA PA 20 -35.66 -11.67 -21.30
N ASP PA 21 -35.70 -10.95 -20.19
CA ASP PA 21 -34.78 -9.84 -20.00
C ASP PA 21 -33.44 -10.32 -19.48
N ALA PA 22 -33.44 -11.20 -18.48
CA ALA PA 22 -32.18 -11.67 -17.93
C ALA PA 22 -31.49 -12.67 -18.84
N MET PA 23 -32.18 -13.26 -19.81
CA MET PA 23 -31.48 -14.08 -20.78
C MET PA 23 -30.66 -13.24 -21.75
N VAL PA 24 -31.24 -12.14 -22.25
CA VAL PA 24 -30.49 -11.33 -23.20
C VAL PA 24 -29.48 -10.42 -22.50
N LYS PA 25 -29.66 -10.16 -21.21
CA LYS PA 25 -28.65 -9.36 -20.50
C LYS PA 25 -27.44 -10.16 -20.06
N ALA PA 26 -27.61 -11.45 -19.77
CA ALA PA 26 -26.52 -12.24 -19.24
C ALA PA 26 -25.81 -13.07 -20.30
N ALA PA 27 -26.12 -12.87 -21.58
CA ALA PA 27 -25.49 -13.61 -22.66
C ALA PA 27 -25.69 -12.84 -23.95
N LYS PA 28 -25.09 -13.35 -25.03
CA LYS PA 28 -25.30 -12.82 -26.37
C LYS PA 28 -26.21 -13.77 -27.12
N VAL PA 29 -27.51 -13.59 -26.90
CA VAL PA 29 -28.53 -14.42 -27.53
C VAL PA 29 -29.45 -13.51 -28.32
N GLU PA 30 -30.47 -14.08 -28.95
CA GLU PA 30 -31.48 -13.31 -29.67
C GLU PA 30 -32.85 -13.76 -29.21
N LEU PA 31 -33.59 -12.88 -28.56
CA LEU PA 31 -34.98 -13.15 -28.20
C LEU PA 31 -35.81 -13.08 -29.45
N ILE PA 32 -36.19 -14.23 -29.99
CA ILE PA 32 -36.87 -14.23 -31.29
C ILE PA 32 -38.37 -14.00 -31.13
N GLY PA 33 -38.94 -14.38 -29.98
CA GLY PA 33 -40.36 -14.21 -29.79
C GLY PA 33 -40.86 -14.72 -28.46
N TYR PA 34 -42.12 -15.15 -28.43
CA TYR PA 34 -42.77 -15.65 -27.22
C TYR PA 34 -43.96 -16.46 -27.68
N GLU PA 35 -44.35 -17.45 -26.87
CA GLU PA 35 -45.44 -18.33 -27.24
C GLU PA 35 -46.48 -18.37 -26.13
N LYS PA 36 -47.73 -18.12 -26.49
CA LYS PA 36 -48.86 -18.07 -25.58
C LYS PA 36 -49.68 -19.35 -25.79
N THR PA 37 -49.41 -20.37 -24.98
CA THR PA 37 -50.10 -21.65 -25.13
C THR PA 37 -51.39 -21.72 -24.34
N GLY PA 38 -51.91 -20.60 -23.86
CA GLY PA 38 -53.17 -20.59 -23.15
C GLY PA 38 -53.05 -21.05 -21.71
N GLY PA 39 -54.01 -20.62 -20.91
CA GLY PA 39 -54.04 -21.02 -19.52
C GLY PA 39 -53.03 -20.32 -18.63
N GLY PA 40 -52.42 -19.24 -19.11
CA GLY PA 40 -51.43 -18.52 -18.35
C GLY PA 40 -49.99 -18.88 -18.67
N TYR PA 41 -49.77 -19.97 -19.41
CA TYR PA 41 -48.42 -20.40 -19.73
C TYR PA 41 -47.89 -19.57 -20.89
N VAL PA 42 -46.71 -18.98 -20.70
CA VAL PA 42 -46.02 -18.26 -21.76
C VAL PA 42 -44.56 -18.69 -21.77
N THR PA 43 -44.01 -18.81 -22.97
CA THR PA 43 -42.66 -19.34 -23.17
C THR PA 43 -41.82 -18.32 -23.89
N ALA PA 44 -40.70 -17.95 -23.28
CA ALA PA 44 -39.70 -17.10 -23.91
C ALA PA 44 -38.63 -17.96 -24.55
N VAL PA 45 -38.17 -17.55 -25.73
CA VAL PA 45 -37.28 -18.34 -26.56
C VAL PA 45 -36.08 -17.49 -26.96
N VAL PA 46 -34.88 -17.94 -26.61
CA VAL PA 46 -33.66 -17.29 -27.05
C VAL PA 46 -32.86 -18.27 -27.89
N ARG PA 47 -31.88 -17.73 -28.60
CA ARG PA 47 -31.20 -18.50 -29.63
C ARG PA 47 -29.84 -17.89 -29.93
N GLY PA 48 -28.84 -18.75 -30.08
CA GLY PA 48 -27.48 -18.30 -30.33
C GLY PA 48 -26.60 -19.51 -30.57
N ASP PA 49 -25.40 -19.48 -29.98
CA ASP PA 49 -24.63 -20.70 -29.88
C ASP PA 49 -24.88 -21.36 -28.52
N VAL PA 50 -24.25 -22.51 -28.30
CA VAL PA 50 -24.70 -23.45 -27.27
C VAL PA 50 -24.38 -22.93 -25.87
N ALA PA 51 -23.15 -22.46 -25.66
CA ALA PA 51 -22.75 -22.01 -24.33
C ALA PA 51 -23.47 -20.72 -23.94
N ALA PA 52 -23.75 -19.85 -24.91
CA ALA PA 52 -24.44 -18.60 -24.60
C ALA PA 52 -25.89 -18.85 -24.20
N VAL PA 53 -26.59 -19.74 -24.90
CA VAL PA 53 -27.98 -19.99 -24.52
C VAL PA 53 -28.05 -20.83 -23.26
N LYS PA 54 -27.02 -21.64 -22.99
CA LYS PA 54 -26.98 -22.38 -21.74
C LYS PA 54 -26.80 -21.45 -20.56
N ALA PA 55 -25.87 -20.49 -20.69
CA ALA PA 55 -25.67 -19.48 -19.65
C ALA PA 55 -26.88 -18.58 -19.51
N ALA PA 56 -27.56 -18.30 -20.64
CA ALA PA 56 -28.73 -17.43 -20.63
C ALA PA 56 -29.89 -18.08 -19.89
N THR PA 57 -30.14 -19.36 -20.15
CA THR PA 57 -31.21 -20.04 -19.42
C THR PA 57 -30.85 -20.27 -17.96
N GLU PA 58 -29.57 -20.55 -17.67
CA GLU PA 58 -29.17 -20.72 -16.27
C GLU PA 58 -29.19 -19.41 -15.50
N ALA PA 59 -29.17 -18.27 -16.19
CA ALA PA 59 -29.40 -17.00 -15.51
C ALA PA 59 -30.88 -16.62 -15.46
N GLY PA 60 -31.64 -16.96 -16.51
CA GLY PA 60 -33.04 -16.61 -16.56
C GLY PA 60 -33.88 -17.41 -15.60
N GLN PA 61 -33.49 -18.66 -15.33
CA GLN PA 61 -34.15 -19.43 -14.27
C GLN PA 61 -33.86 -18.83 -12.91
N ARG PA 62 -32.61 -18.41 -12.68
CA ARG PA 62 -32.23 -17.84 -11.39
C ARG PA 62 -32.89 -16.49 -11.17
N ALA PA 63 -33.20 -15.77 -12.24
CA ALA PA 63 -33.85 -14.48 -12.10
C ALA PA 63 -35.36 -14.57 -12.08
N ALA PA 64 -35.96 -15.51 -12.79
CA ALA PA 64 -37.42 -15.55 -12.90
C ALA PA 64 -38.08 -16.37 -11.82
N GLU PA 65 -37.33 -17.12 -11.01
CA GLU PA 65 -37.93 -17.81 -9.88
C GLU PA 65 -38.22 -16.88 -8.72
N ARG PA 66 -37.65 -15.68 -8.72
CA ARG PA 66 -37.96 -14.73 -7.65
C ARG PA 66 -39.28 -14.01 -7.91
N VAL PA 67 -39.64 -13.80 -9.18
CA VAL PA 67 -40.79 -12.96 -9.53
C VAL PA 67 -41.91 -13.74 -10.17
N GLY PA 68 -41.81 -15.06 -10.23
CA GLY PA 68 -42.84 -15.84 -10.88
C GLY PA 68 -42.76 -17.30 -10.52
N GLU PA 69 -43.41 -18.11 -11.34
CA GLU PA 69 -43.48 -19.55 -11.17
C GLU PA 69 -42.88 -20.19 -12.40
N VAL PA 70 -41.61 -20.57 -12.33
CA VAL PA 70 -40.92 -21.12 -13.48
C VAL PA 70 -41.30 -22.58 -13.64
N VAL PA 71 -41.85 -22.93 -14.80
CA VAL PA 71 -42.34 -24.27 -15.05
C VAL PA 71 -41.32 -25.13 -15.79
N ALA PA 72 -40.64 -24.59 -16.80
CA ALA PA 72 -39.69 -25.40 -17.53
C ALA PA 72 -38.50 -24.56 -18.01
N VAL PA 73 -37.31 -25.17 -17.99
CA VAL PA 73 -36.07 -24.55 -18.42
C VAL PA 73 -35.33 -25.58 -19.26
N HIS PA 74 -35.06 -25.27 -20.53
CA HIS PA 74 -34.42 -26.29 -21.34
C HIS PA 74 -33.57 -25.67 -22.45
N VAL PA 75 -32.52 -26.42 -22.83
CA VAL PA 75 -31.60 -26.04 -23.89
C VAL PA 75 -31.48 -27.22 -24.85
N ILE PA 76 -31.66 -26.96 -26.14
CA ILE PA 76 -31.39 -27.91 -27.20
C ILE PA 76 -30.17 -27.41 -27.98
N PRO PA 77 -29.03 -28.10 -27.92
CA PRO PA 77 -27.81 -27.53 -28.49
C PRO PA 77 -27.78 -27.50 -30.01
N ARG PA 78 -28.38 -28.48 -30.67
CA ARG PA 78 -28.42 -28.50 -32.13
C ARG PA 78 -29.78 -29.04 -32.54
N PRO PA 79 -30.78 -28.18 -32.64
CA PRO PA 79 -32.10 -28.65 -33.07
C PRO PA 79 -32.11 -28.96 -34.55
N HIS PA 80 -32.89 -29.98 -34.90
CA HIS PA 80 -32.97 -30.45 -36.27
C HIS PA 80 -33.72 -29.43 -37.12
N VAL PA 81 -33.44 -29.46 -38.44
CA VAL PA 81 -33.98 -28.46 -39.35
C VAL PA 81 -35.49 -28.58 -39.51
N ASN PA 82 -36.06 -29.76 -39.23
CA ASN PA 82 -37.50 -29.91 -39.26
C ASN PA 82 -38.18 -29.14 -38.13
N VAL PA 83 -37.51 -29.02 -36.99
CA VAL PA 83 -38.07 -28.27 -35.87
C VAL PA 83 -38.14 -26.79 -36.19
N ASP PA 84 -37.06 -26.23 -36.73
CA ASP PA 84 -37.07 -24.82 -37.13
C ASP PA 84 -37.94 -24.58 -38.35
N ALA PA 85 -38.18 -25.61 -39.17
CA ALA PA 85 -39.03 -25.43 -40.34
C ALA PA 85 -40.51 -25.60 -40.04
N ALA PA 86 -40.86 -26.28 -38.95
CA ALA PA 86 -42.27 -26.50 -38.61
C ALA PA 86 -42.78 -25.58 -37.52
N LEU PA 87 -42.05 -25.41 -36.47
CA LEU PA 87 -42.39 -24.63 -35.31
C LEU PA 87 -41.96 -23.18 -35.49
N PRO PA 88 -42.69 -22.21 -34.91
CA PRO PA 88 -42.33 -20.78 -35.08
C PRO PA 88 -41.21 -20.37 -34.13
N LEU PA 89 -40.02 -20.89 -34.38
CA LEU PA 89 -38.91 -20.86 -33.43
C LEU PA 89 -37.73 -20.05 -33.96
N GLY PA 90 -38.01 -18.94 -34.62
CA GLY PA 90 -37.00 -17.95 -34.93
C GLY PA 90 -36.25 -18.15 -36.22
N ARG PA 91 -36.13 -19.38 -36.71
CA ARG PA 91 -35.32 -19.65 -37.89
C ARG PA 91 -36.15 -20.36 -38.96
N THR PA 92 -37.33 -19.84 -39.22
CA THR PA 92 -38.12 -20.34 -40.34
C THR PA 92 -37.60 -19.75 -41.63
N PRO PA 93 -37.19 -20.56 -42.63
CA PRO PA 93 -36.65 -20.07 -43.89
C PRO PA 93 -37.69 -19.34 -44.74
#